data_8K9E
#
_entry.id   8K9E
#
_cell.length_a   1.00
_cell.length_b   1.00
_cell.length_c   1.00
_cell.angle_alpha   90.00
_cell.angle_beta   90.00
_cell.angle_gamma   90.00
#
_symmetry.space_group_name_H-M   'P 1'
#
loop_
_entity.id
_entity.type
_entity.pdbx_description
1 polymer 'Cytochrome c7-like domain-containing protein'
2 polymer 'Fe-S-cluster-containing hydrogenase components 1-like protein'
3 polymer 'Polysulphide reductase NrfD'
4 polymer 'Quinol:cytochrome c oxidoreductase membrane protein'
5 polymer 'Cytochrome c domain-containing protein'
6 polymer 'Quinol:cytochrome c oxidoreductase quinone-binding subunit 2'
7 polymer 'Uncharacterized protein'
8 polymer unknown
9 non-polymer 'HEME C'
10 non-polymer 'IRON/SULFUR CLUSTER'
11 non-polymer 'FE3-S4 CLUSTER'
12 non-polymer '[(2S)-2-octadecanoyloxypropyl] octadecanoate'
13 non-polymer '[(2~{R})-3-[2-azanylethoxy(oxidanyl)phosphoryl]oxy-2-tetradecanoyloxy-propyl] hexadecanoate'
14 non-polymer '[(2~{R})-3-[2-azanylethoxy(oxidanyl)phosphoryl]oxy-2-pentadecanoyloxy-propyl] pentadecanoate'
15 non-polymer '1,3-bis(13-methyltetradecanoyloxy)propan-2-yl pentadecanoate'
#
loop_
_entity_poly.entity_id
_entity_poly.type
_entity_poly.pdbx_seq_one_letter_code
_entity_poly.pdbx_strand_id
1 'polypeptide(L)'
;MAQIFPRNANLLSRLSIFALVLLVVEGILILGVYFRSNYFRQVNVAIEQPVAFSHQLHVNVVGIDCRYCHTSVDQSYFAN
IPATETCMTCHSQIKTYSPLLEKVRESYATGKPIEWVKVYDLPNFVYFNHSIHVNKGIGCSTCHGQVNNMPVVWQQQALY
MGWCLNCHRNPELYVRPREEVYNMDYVPPSNQLEIGRQLVAEYGIMPPDQLTNCYVCHR
;
A
2 'polypeptide(L)'
;MTQQQPDLEAIRAQLRDARGPQFWRSLDQLADAPAFRELIEREFPRGASELEDGISRRTFLKLMGASLALAGVTACTYQP
RQYIAPFDRQPEGRVPGIPQYFASTLTLGGYGTGVLVRSNEGRPTKVEGNPRHPASLGGTDLFAQAEILTMYDPDRSTTV
LRQGVPSTWAEFTTTLGNALTAARATQGAGVRLLTTTITSPSLAAQIEQFLQAYPQARWYQYEPINRDNVVAGARLAFGR
DVTTRYDLSAAQVVVSLDADFLAPGPGFVAYARAFAERRKVRKDSTTMNRLYVVEASPSTTGTAADHRLPLRADAIAAFT
GALANELGVGGAPATLSPKAEEFLRAIARDLEEHRGQSVVIAGDQQPPIVHALAHLINAELGNVGQTVFYHEPVEARPTN
QTEELVALVSEMAAGRVETLIMIGGNPVYNAPGDLRFADRMASVPLTIHLSQFVDETSARATWHIPQAHPLESWGDARAF
DGTASIVQPLIEPLYGGKTANELLAAMLGQPEAESYDLVRSFWLEQIGETGWQVALANGVIAETVAPVIEPTLNEGAIRA
TPIPQPGDGVEIVFRPDPSLFDGFYANNGWLQELPRPLTKLVWDNAALMSPRTAIKLLGLPFNADRLIGTEADDRERQQY
LEQLSKVNGTIARIEYRGGIIEIPIWLLPGHAEDSITLNLGYGRTHAGRVGNNVGIDVYPIRTSDSPWFGAGARVTNTGR
TYLLVSTQDHWTLEGRDIYRVGEFKKFKEDPKYIAKEVYQEEYGRETPNYQSLQPGDDYTGRNAWGMTINLNACIGCNAC
VVACQAENNIAVVGKDQVSRGREMHWIRIDRYFAGEDLDNPSIYMMPVNCMQCEKAPCEVVCPVAATVHDYEGLNNMVYN
RCVGTKYCSNNCPYKVRRFNFLQYSDTTTETFKLAFNPDVTVRIRGVMEKCTYCVQRISGARIAAKRAAVQAGQSSYVIS
DGAIQTACEQACPTGAIVFGDINDSNSRVAKWKAEGHNYGLLGFLNTVPRTTYLARVRNPSEELEKVEG
;
B
3 'polypeptide(L)'
;MAQAQPLRTRPQDDGEAYLLPGETYTSISAKIGDVPLTPPLKTPKGWLAGFSVAFFMLMIFFVSVTWLFIRGVGIWGINI
PVGWGMDIINFVWWIGIGHAGTLISAILLLLNQGWRNSINRFAEAMTLFAVACAGLYPILHLGRPWLFYWLIPYPNTHGM
WPQFRSALAWDVFAISTYATVSLVFWLVGLIPDFATLRDRAKNIWVKRLYGIAALGWRGSARHWHRYEMASILLAGLSTP
LVVSVHSIISLDFAISQVPGWQVTVFPPYFVAGAVFAGFAMVLLLMIPVRTFYGFENYITLHHLDVMAKVMLTTGMIVVY
GYFMEVFASLYSGNEFEEYLLYNRLFGPSSWAYWGLLFCNAVAIQPLWFKKVRQNIPALLIISLIVSVGMWLERYVIIVI
SLERDFLPSSWDIYIPTIWDWSLYIGTFGLFFTLLFLFIRVLPMINIFEMRLFLYQETEKAKQRAGHGAHGHGHEQSPAH
GAATAD
;
C
4 'polypeptide(L)'
;MRNDVYGVMAEFPTPEALIEATRKAKAAGYTKMDAFSPFPIEEVIEEIAHGDTGVPRLVLLFGLIGAASGFILQYIGNLV
DYPLNVGGRPLDITNWPAMIPITFESGILLASFAAAIGMIVLNGLPSPYHPVFNVPRFQYASQDAFFLCIEATDPLFDRS
RTSQFLRSLNPMQVSEVAY
;
D
5 'polypeptide(L)'
;MQKPRLTSRMIRFGWVGLLVLLLTACHQDMYDQQKYTTYEPSSFFADGRSSRPNVPGTTPFEVVKTDEFLYTGLIDGQEV
DAMPFPVTKDLLLRGQLKYNIYCAVCHGEAGYGASMVAERGGIVPANFHQQRLREAPLSHFFVVITNGVYRGDPENGGYQ
SMYGYASRITPEDRWAIAAYIRALQLSQNATIDDVPPDQRAQLGN
;
E
6 'polypeptide(L)'
;MATTSISQTRIPQLGQVQMLGLAAAVIGIGVLAAGYFLSPTSFFESYIYGYYVAMTIPLGCLGFLMVQHLTGGAWGVTVR
RMLEAGAATLPIMGLLFIPIALGYFDTYKALGLEHPLYEWANPEVVTPGGAEFDPIIAHKVPWLSPLWVTARIAIFFIIW
SALALTLRAWSRQQDAGGDAKKLATRMRRLSGIGVALFVITVTFFSFDVAMSLDPHWFSTIYGAHYMANAGLMTLAFLAL
MMSRVRDAALFREYVSVKPIHDIGKLIFAFTVLWTYMSYGQLVIIWSGDVAEFTPWYVHRTQHGWVFVALALMLFAFALP
FFVLLFRGTKRNLNTLATIAGWIVVMRFVDMAWIILPEFREHLWDIAITDVAAPIGLIGLVIALFAANVQQAPLLPLRDP
NMEQLQNSGHH
;
F
7 'polypeptide(L)'
;MSYRPNYSASRYTAGRPAQPVRTARTMAEPSLSRLMIAGLMVFLVLSLVVLLAGRLPFTPQPAPVTGNTYRTYVNDARTL
LNSYGYTMEGKVHIPIDRAMDLIVERGLPVRE
;
G
8 'polypeptide(L)' MQPEWSGDPEVKPVFLAVTLTGMVAFLLMVWLFAFYW I
#
loop_
_chem_comp.id
_chem_comp.type
_chem_comp.name
_chem_comp.formula
EL6 non-polymer '[(2S)-2-octadecanoyloxypropyl] octadecanoate' 'C39 H76 O4'
F3S non-polymer 'FE3-S4 CLUSTER' 'Fe3 S4'
HEC non-polymer 'HEME C' 'C34 H34 Fe N4 O4'
JL3 non-polymer '[(2~{R})-3-[2-azanylethoxy(oxidanyl)phosphoryl]oxy-2-pentadecanoyloxy-propyl] pentadecanoate' 'C35 H70 N O8 P'
JLQ non-polymer '[(2~{R})-3-[2-azanylethoxy(oxidanyl)phosphoryl]oxy-2-tetradecanoyloxy-propyl] hexadecanoate' 'C35 H70 N O8 P'
JM9 non-polymer '1,3-bis(13-methyltetradecanoyloxy)propan-2-yl pentadecanoate' 'C48 H92 O6'
SF4 non-polymer 'IRON/SULFUR CLUSTER' 'Fe4 S4'
#
# COMPACT_ATOMS: atom_id res chain seq x y z
N ALA A 2 -58.14 -17.21 8.81
CA ALA A 2 -59.58 -16.94 8.80
C ALA A 2 -59.95 -15.97 9.90
N GLN A 3 -59.10 -15.87 10.92
CA GLN A 3 -59.39 -15.00 12.05
C GLN A 3 -59.31 -13.53 11.65
N ILE A 4 -58.22 -13.14 10.97
CA ILE A 4 -57.98 -11.74 10.65
C ILE A 4 -57.61 -11.54 9.18
N PHE A 5 -57.65 -12.59 8.37
CA PHE A 5 -57.23 -12.46 6.98
C PHE A 5 -58.28 -13.01 6.04
N PRO A 6 -58.41 -12.45 4.84
CA PRO A 6 -59.31 -13.02 3.84
C PRO A 6 -58.73 -14.27 3.19
N ARG A 7 -59.55 -14.91 2.36
CA ARG A 7 -59.14 -16.17 1.75
C ARG A 7 -58.00 -15.97 0.76
N ASN A 8 -58.00 -14.86 0.02
CA ASN A 8 -57.00 -14.65 -1.03
C ASN A 8 -55.67 -14.16 -0.48
N ALA A 9 -55.52 -14.05 0.83
CA ALA A 9 -54.27 -13.58 1.41
C ALA A 9 -53.12 -14.52 1.10
N ASN A 10 -53.41 -15.81 0.96
CA ASN A 10 -52.38 -16.79 0.64
C ASN A 10 -51.74 -16.47 -0.70
N LEU A 11 -52.58 -16.34 -1.72
CA LEU A 11 -52.11 -16.00 -3.05
C LEU A 11 -51.44 -14.63 -3.06
N LEU A 12 -52.01 -13.66 -2.34
CA LEU A 12 -51.42 -12.33 -2.30
C LEU A 12 -50.01 -12.36 -1.71
N SER A 13 -49.81 -13.13 -0.64
CA SER A 13 -48.49 -13.19 -0.02
C SER A 13 -47.48 -13.87 -0.95
N ARG A 14 -47.87 -14.99 -1.55
CA ARG A 14 -46.93 -15.67 -2.46
C ARG A 14 -46.59 -14.78 -3.66
N LEU A 15 -47.60 -14.12 -4.24
CA LEU A 15 -47.35 -13.22 -5.35
C LEU A 15 -46.51 -12.02 -4.93
N SER A 16 -46.68 -11.54 -3.70
CA SER A 16 -45.86 -10.44 -3.21
C SER A 16 -44.40 -10.84 -3.12
N ILE A 17 -44.13 -12.05 -2.63
CA ILE A 17 -42.74 -12.52 -2.58
C ILE A 17 -42.17 -12.63 -3.99
N PHE A 18 -42.95 -13.22 -4.90
CA PHE A 18 -42.49 -13.37 -6.28
C PHE A 18 -42.20 -12.01 -6.93
N ALA A 19 -43.11 -11.05 -6.73
CA ALA A 19 -42.94 -9.73 -7.31
C ALA A 19 -41.75 -9.00 -6.69
N LEU A 20 -41.50 -9.20 -5.40
CA LEU A 20 -40.34 -8.58 -4.76
C LEU A 20 -39.05 -9.11 -5.37
N VAL A 21 -38.96 -10.41 -5.60
CA VAL A 21 -37.76 -10.96 -6.24
C VAL A 21 -37.62 -10.43 -7.65
N LEU A 22 -38.72 -10.38 -8.41
CA LEU A 22 -38.66 -9.83 -9.76
C LEU A 22 -38.22 -8.38 -9.75
N LEU A 23 -38.68 -7.60 -8.77
CA LEU A 23 -38.33 -6.19 -8.70
C LEU A 23 -36.84 -6.01 -8.37
N VAL A 24 -36.30 -6.85 -7.49
CA VAL A 24 -34.88 -6.77 -7.20
C VAL A 24 -34.06 -7.08 -8.45
N VAL A 25 -34.43 -8.14 -9.17
CA VAL A 25 -33.73 -8.49 -10.41
C VAL A 25 -33.83 -7.35 -11.42
N GLU A 26 -35.02 -6.75 -11.53
CA GLU A 26 -35.22 -5.66 -12.48
C GLU A 26 -34.39 -4.45 -12.11
N GLY A 27 -34.29 -4.13 -10.82
CA GLY A 27 -33.46 -3.01 -10.40
C GLY A 27 -32.00 -3.22 -10.75
N ILE A 28 -31.50 -4.44 -10.49
CA ILE A 28 -30.12 -4.76 -10.86
C ILE A 28 -29.92 -4.60 -12.36
N LEU A 29 -30.88 -5.09 -13.15
CA LEU A 29 -30.77 -5.02 -14.61
C LEU A 29 -30.77 -3.57 -15.08
N ILE A 30 -31.63 -2.74 -14.51
CA ILE A 30 -31.69 -1.33 -14.92
C ILE A 30 -30.38 -0.63 -14.58
N LEU A 31 -29.84 -0.89 -13.39
CA LEU A 31 -28.57 -0.27 -13.02
C LEU A 31 -27.47 -0.66 -14.00
N GLY A 32 -27.35 -1.96 -14.29
CA GLY A 32 -26.33 -2.40 -15.23
C GLY A 32 -26.49 -1.78 -16.61
N VAL A 33 -27.73 -1.77 -17.12
CA VAL A 33 -27.97 -1.24 -18.45
C VAL A 33 -27.67 0.25 -18.50
N TYR A 34 -28.08 0.99 -17.47
CA TYR A 34 -27.81 2.44 -17.42
C TYR A 34 -26.29 2.66 -17.47
N PHE A 35 -25.54 1.91 -16.67
CA PHE A 35 -24.10 2.12 -16.63
C PHE A 35 -23.40 1.58 -17.87
N ARG A 36 -24.09 0.79 -18.70
CA ARG A 36 -23.54 0.33 -19.97
C ARG A 36 -24.28 0.92 -21.17
N SER A 37 -24.96 2.05 -20.99
CA SER A 37 -25.79 2.60 -22.05
C SER A 37 -24.97 3.49 -22.99
N ASN A 38 -25.55 3.78 -24.15
CA ASN A 38 -24.90 4.69 -25.09
C ASN A 38 -25.01 6.14 -24.67
N TYR A 39 -26.12 6.51 -24.03
CA TYR A 39 -26.28 7.89 -23.56
C TYR A 39 -25.26 8.21 -22.47
N PHE A 40 -25.04 7.27 -21.55
CA PHE A 40 -24.08 7.49 -20.47
C PHE A 40 -22.67 7.67 -21.01
N ARG A 41 -22.25 6.79 -21.92
CA ARG A 41 -20.88 6.82 -22.42
C ARG A 41 -20.73 7.67 -23.68
N GLN A 42 -21.81 8.27 -24.17
CA GLN A 42 -21.80 9.15 -25.33
C GLN A 42 -21.26 8.43 -26.56
N VAL A 43 -21.95 7.35 -26.93
CA VAL A 43 -21.60 6.53 -28.08
C VAL A 43 -22.67 6.71 -29.15
N ASN A 44 -22.23 6.82 -30.40
CA ASN A 44 -23.11 7.01 -31.56
C ASN A 44 -23.87 8.32 -31.50
N VAL A 45 -23.37 9.29 -30.74
CA VAL A 45 -23.97 10.62 -30.66
C VAL A 45 -23.03 11.57 -31.40
N ALA A 46 -23.54 12.16 -32.48
CA ALA A 46 -22.74 13.08 -33.29
C ALA A 46 -22.61 14.41 -32.55
N ILE A 47 -21.46 14.62 -31.90
CA ILE A 47 -21.25 15.85 -31.15
C ILE A 47 -21.10 17.02 -32.11
N GLU A 48 -21.89 18.06 -31.89
CA GLU A 48 -21.85 19.24 -32.76
C GLU A 48 -20.60 20.06 -32.48
N GLN A 49 -19.94 20.49 -33.54
CA GLN A 49 -18.66 21.18 -33.46
C GLN A 49 -18.82 22.67 -33.74
N PRO A 50 -17.92 23.50 -33.22
CA PRO A 50 -18.06 24.95 -33.42
C PRO A 50 -18.01 25.40 -34.88
N VAL A 51 -17.27 24.70 -35.74
CA VAL A 51 -17.07 25.16 -37.11
C VAL A 51 -17.71 24.22 -38.12
N ALA A 52 -18.31 23.13 -37.67
CA ALA A 52 -19.02 22.19 -38.55
C ALA A 52 -18.09 21.62 -39.62
N PHE A 53 -17.04 20.96 -39.17
CA PHE A 53 -16.12 20.30 -40.08
C PHE A 53 -16.65 18.91 -40.44
N SER A 54 -16.55 18.55 -41.71
CA SER A 54 -17.07 17.29 -42.23
C SER A 54 -15.92 16.46 -42.77
N HIS A 55 -15.62 15.33 -42.12
CA HIS A 55 -14.58 14.44 -42.63
C HIS A 55 -14.97 13.82 -43.96
N GLN A 56 -16.28 13.63 -44.20
CA GLN A 56 -16.72 13.02 -45.44
C GLN A 56 -16.33 13.86 -46.65
N LEU A 57 -16.50 15.18 -46.55
CA LEU A 57 -16.19 16.05 -47.69
C LEU A 57 -14.69 16.07 -47.96
N HIS A 58 -13.88 16.26 -46.92
CA HIS A 58 -12.46 16.47 -47.14
C HIS A 58 -11.73 15.16 -47.46
N VAL A 59 -12.19 14.05 -46.88
CA VAL A 59 -11.49 12.78 -47.10
C VAL A 59 -12.07 12.05 -48.30
N ASN A 60 -13.38 11.79 -48.29
CA ASN A 60 -13.98 10.96 -49.33
C ASN A 60 -14.15 11.72 -50.65
N VAL A 61 -14.37 13.03 -50.60
CA VAL A 61 -14.63 13.78 -51.82
C VAL A 61 -13.38 14.53 -52.27
N VAL A 62 -12.85 15.40 -51.41
CA VAL A 62 -11.65 16.16 -51.76
C VAL A 62 -10.41 15.27 -51.79
N GLY A 63 -10.37 14.22 -50.99
CA GLY A 63 -9.26 13.29 -51.03
C GLY A 63 -7.99 13.78 -50.38
N ILE A 64 -8.02 13.97 -49.06
CA ILE A 64 -6.87 14.41 -48.29
C ILE A 64 -6.47 13.29 -47.34
N ASP A 65 -5.16 13.03 -47.25
CA ASP A 65 -4.67 11.98 -46.39
C ASP A 65 -4.87 12.33 -44.92
N CYS A 66 -4.93 11.29 -44.08
CA CYS A 66 -5.09 11.50 -42.65
C CYS A 66 -3.92 12.27 -42.06
N ARG A 67 -2.70 11.92 -42.48
CA ARG A 67 -1.49 12.54 -41.93
C ARG A 67 -1.30 13.99 -42.39
N TYR A 68 -2.10 14.47 -43.34
CA TYR A 68 -2.05 15.88 -43.68
C TYR A 68 -2.54 16.76 -42.54
N CYS A 69 -3.52 16.28 -41.78
CA CYS A 69 -4.07 17.00 -40.64
C CYS A 69 -3.55 16.46 -39.32
N HIS A 70 -3.71 15.15 -39.08
CA HIS A 70 -3.25 14.51 -37.86
C HIS A 70 -1.81 14.06 -38.08
N THR A 71 -0.90 15.04 -38.12
CA THR A 71 0.45 14.80 -38.62
C THR A 71 1.33 14.04 -37.63
N SER A 72 0.98 14.04 -36.35
CA SER A 72 1.83 13.42 -35.32
C SER A 72 1.34 12.05 -34.89
N VAL A 73 0.47 11.40 -35.68
CA VAL A 73 -0.15 10.17 -35.24
C VAL A 73 0.85 9.03 -35.16
N ASP A 74 1.81 8.96 -36.08
CA ASP A 74 2.73 7.84 -36.15
C ASP A 74 4.05 8.09 -35.42
N GLN A 75 4.21 9.22 -34.75
CA GLN A 75 5.48 9.56 -34.13
C GLN A 75 5.37 9.82 -32.63
N SER A 76 4.22 10.24 -32.14
CA SER A 76 4.02 10.53 -30.72
C SER A 76 2.73 9.89 -30.24
N TYR A 77 2.47 10.03 -28.94
CA TYR A 77 1.24 9.48 -28.36
C TYR A 77 0.01 10.27 -28.75
N PHE A 78 0.20 11.45 -29.36
CA PHE A 78 -0.87 12.40 -29.62
C PHE A 78 -1.07 12.56 -31.12
N ALA A 79 -2.31 12.44 -31.58
CA ALA A 79 -2.64 12.73 -32.97
C ALA A 79 -2.94 14.22 -33.08
N ASN A 80 -2.03 14.95 -33.72
CA ASN A 80 -2.10 16.40 -33.77
C ASN A 80 -3.43 16.88 -34.33
N ILE A 81 -4.19 17.59 -33.51
CA ILE A 81 -5.39 18.27 -34.01
C ILE A 81 -4.96 19.44 -34.89
N PRO A 82 -5.54 19.61 -36.07
CA PRO A 82 -5.01 20.60 -37.02
C PRO A 82 -5.02 22.02 -36.48
N ALA A 83 -3.97 22.77 -36.82
CA ALA A 83 -3.93 24.19 -36.53
C ALA A 83 -4.72 24.95 -37.58
N THR A 84 -5.06 26.21 -37.26
CA THR A 84 -5.78 27.04 -38.20
C THR A 84 -4.96 27.30 -39.46
N GLU A 85 -3.63 27.16 -39.34
CA GLU A 85 -2.74 27.34 -40.52
C GLU A 85 -3.12 26.33 -41.59
N THR A 86 -3.30 25.05 -41.21
CA THR A 86 -3.66 24.04 -42.19
C THR A 86 -5.04 24.28 -42.77
N CYS A 87 -5.94 24.84 -41.97
CA CYS A 87 -7.27 25.18 -42.46
C CYS A 87 -7.18 26.29 -43.51
N MET A 88 -6.29 27.25 -43.29
CA MET A 88 -6.21 28.43 -44.16
C MET A 88 -5.42 28.18 -45.43
N THR A 89 -4.67 27.08 -45.52
CA THR A 89 -3.88 26.84 -46.73
C THR A 89 -4.76 26.55 -47.94
N CYS A 90 -6.01 26.14 -47.71
CA CYS A 90 -6.98 25.96 -48.79
C CYS A 90 -8.04 27.04 -48.79
N HIS A 91 -8.49 27.48 -47.63
CA HIS A 91 -9.64 28.37 -47.52
C HIS A 91 -9.25 29.84 -47.57
N SER A 92 -7.97 30.15 -47.77
CA SER A 92 -7.59 31.51 -48.12
C SER A 92 -8.10 31.87 -49.51
N GLN A 93 -8.33 30.85 -50.35
CA GLN A 93 -8.81 31.03 -51.70
C GLN A 93 -10.13 30.31 -51.94
N ILE A 94 -10.30 29.11 -51.36
CA ILE A 94 -11.51 28.33 -51.60
C ILE A 94 -12.58 28.71 -50.60
N LYS A 95 -13.79 28.98 -51.11
CA LYS A 95 -14.96 29.27 -50.28
C LYS A 95 -14.70 30.43 -49.33
N THR A 96 -13.95 31.42 -49.80
CA THR A 96 -13.74 32.62 -49.01
C THR A 96 -15.03 33.44 -48.96
N TYR A 97 -15.15 34.28 -47.91
CA TYR A 97 -16.39 35.08 -47.72
C TYR A 97 -17.57 34.13 -47.55
N SER A 98 -17.41 33.10 -46.72
CA SER A 98 -18.51 32.13 -46.44
C SER A 98 -18.88 32.21 -44.96
N PRO A 99 -20.18 32.33 -44.60
CA PRO A 99 -20.58 32.51 -43.19
C PRO A 99 -20.21 31.31 -42.29
N LEU A 100 -20.02 30.13 -42.86
CA LEU A 100 -19.75 28.92 -42.03
C LEU A 100 -18.24 28.71 -41.90
N LEU A 101 -17.44 29.61 -42.47
CA LEU A 101 -15.96 29.55 -42.30
C LEU A 101 -15.54 30.85 -41.60
N GLU A 102 -16.50 31.56 -41.01
CA GLU A 102 -16.21 32.86 -40.35
C GLU A 102 -15.36 32.63 -39.09
N LYS A 103 -15.74 31.69 -38.23
CA LYS A 103 -14.96 31.37 -37.04
C LYS A 103 -13.51 31.07 -37.40
N VAL A 104 -13.29 30.26 -38.44
CA VAL A 104 -11.93 29.98 -38.87
C VAL A 104 -11.22 31.28 -39.26
N ARG A 105 -11.87 32.10 -40.07
CA ARG A 105 -11.31 33.40 -40.41
C ARG A 105 -11.23 34.33 -39.22
N GLU A 106 -12.04 34.10 -38.19
CA GLU A 106 -11.86 34.83 -36.94
C GLU A 106 -10.52 34.47 -36.30
N SER A 107 -10.15 33.20 -36.37
CA SER A 107 -8.80 32.79 -36.00
C SER A 107 -7.85 33.15 -37.14
N TYR A 108 -6.55 32.95 -36.89
CA TYR A 108 -5.48 33.27 -37.83
C TYR A 108 -5.36 34.78 -38.05
N ALA A 109 -6.28 35.54 -37.48
CA ALA A 109 -6.12 36.98 -37.40
C ALA A 109 -5.84 37.41 -35.96
N THR A 110 -6.57 36.84 -35.02
CA THR A 110 -6.24 36.88 -33.61
C THR A 110 -5.71 35.52 -33.19
N GLY A 111 -4.97 35.50 -32.09
CA GLY A 111 -4.36 34.26 -31.65
C GLY A 111 -5.32 33.26 -31.02
N LYS A 112 -6.61 33.60 -30.93
CA LYS A 112 -7.56 32.73 -30.26
C LYS A 112 -7.69 31.41 -31.00
N PRO A 113 -7.76 30.29 -30.29
CA PRO A 113 -7.91 28.99 -30.94
C PRO A 113 -9.36 28.67 -31.22
N ILE A 114 -9.59 27.55 -31.91
CA ILE A 114 -10.98 27.07 -32.16
C ILE A 114 -11.22 25.96 -31.14
N GLU A 115 -12.20 26.10 -30.25
CA GLU A 115 -12.37 25.09 -29.18
C GLU A 115 -13.18 23.90 -29.70
N TRP A 116 -12.51 22.86 -30.20
CA TRP A 116 -13.22 21.64 -30.67
C TRP A 116 -13.70 20.87 -29.44
N VAL A 117 -14.76 20.07 -29.57
CA VAL A 117 -15.23 19.23 -28.43
C VAL A 117 -14.61 17.85 -28.58
N LYS A 118 -13.91 17.36 -27.56
CA LYS A 118 -13.21 16.06 -27.65
C LYS A 118 -14.25 14.93 -27.71
N VAL A 119 -14.23 14.12 -28.78
CA VAL A 119 -15.16 13.00 -28.92
C VAL A 119 -14.63 11.78 -28.17
N TYR A 120 -13.42 11.35 -28.50
CA TYR A 120 -12.77 10.23 -27.80
C TYR A 120 -12.00 10.79 -26.62
N ASP A 121 -12.54 10.50 -25.41
CA ASP A 121 -11.95 11.06 -24.17
C ASP A 121 -11.59 9.95 -23.18
N LEU A 122 -10.36 9.98 -22.66
CA LEU A 122 -9.87 9.04 -21.68
C LEU A 122 -9.62 9.75 -20.35
N PRO A 123 -9.86 9.09 -19.22
CA PRO A 123 -9.86 9.75 -17.91
C PRO A 123 -8.49 10.04 -17.30
N ASN A 124 -7.53 10.43 -18.15
CA ASN A 124 -6.23 10.97 -17.71
C ASN A 124 -5.47 10.05 -16.76
N PHE A 125 -5.89 8.81 -16.61
CA PHE A 125 -5.01 7.80 -16.02
C PHE A 125 -4.82 6.60 -16.93
N VAL A 126 -4.97 6.77 -18.24
CA VAL A 126 -4.93 5.63 -19.16
C VAL A 126 -3.68 5.64 -20.04
N TYR A 127 -3.22 6.82 -20.46
CA TYR A 127 -1.95 6.99 -21.16
C TYR A 127 -1.87 6.12 -22.42
N PHE A 128 -2.73 6.49 -23.36
CA PHE A 128 -2.77 5.78 -24.66
C PHE A 128 -1.65 6.31 -25.54
N ASN A 129 -1.29 5.56 -26.57
CA ASN A 129 -0.23 5.93 -27.52
C ASN A 129 -0.63 5.48 -28.91
N HIS A 130 -0.87 6.43 -29.82
CA HIS A 130 -1.12 6.07 -31.22
C HIS A 130 0.12 5.54 -31.92
N SER A 131 1.31 6.07 -31.59
CA SER A 131 2.54 5.69 -32.34
C SER A 131 2.74 4.17 -32.37
N ILE A 132 2.98 3.53 -31.21
CA ILE A 132 3.29 2.07 -31.20
C ILE A 132 2.15 1.29 -31.89
N HIS A 133 0.89 1.60 -31.55
CA HIS A 133 -0.28 0.92 -32.13
C HIS A 133 -0.21 0.95 -33.67
N VAL A 134 -0.20 2.14 -34.27
CA VAL A 134 -0.19 2.28 -35.74
C VAL A 134 1.01 1.51 -36.30
N ASN A 135 2.21 1.75 -35.77
CA ASN A 135 3.44 1.10 -36.29
C ASN A 135 3.32 -0.43 -36.19
N LYS A 136 2.50 -0.95 -35.26
CA LYS A 136 2.45 -2.42 -35.07
C LYS A 136 1.33 -3.03 -35.91
N GLY A 137 0.84 -2.32 -36.93
CA GLY A 137 -0.16 -2.89 -37.84
C GLY A 137 -1.59 -2.73 -37.37
N ILE A 138 -1.96 -1.58 -36.81
CA ILE A 138 -3.38 -1.33 -36.41
C ILE A 138 -3.81 0.02 -37.02
N GLY A 139 -4.99 0.08 -37.63
CA GLY A 139 -5.45 1.34 -38.27
C GLY A 139 -6.67 1.93 -37.60
N CYS A 140 -6.99 3.19 -37.88
CA CYS A 140 -8.14 3.90 -37.25
C CYS A 140 -9.44 3.49 -37.95
N SER A 141 -9.69 2.20 -38.12
CA SER A 141 -10.96 1.67 -38.71
C SER A 141 -11.37 0.53 -37.79
N THR A 142 -10.41 -0.26 -37.35
CA THR A 142 -10.68 -1.34 -36.35
C THR A 142 -10.36 -0.69 -35.01
N CYS A 143 -10.18 0.62 -34.99
CA CYS A 143 -9.70 1.27 -33.75
C CYS A 143 -10.51 2.54 -33.50
N HIS A 144 -11.22 3.03 -34.54
CA HIS A 144 -11.96 4.32 -34.47
C HIS A 144 -13.28 4.24 -35.29
N GLY A 145 -13.24 3.79 -36.55
CA GLY A 145 -14.49 3.67 -37.37
C GLY A 145 -14.33 4.18 -38.81
N GLN A 146 -15.37 4.15 -39.68
CA GLN A 146 -15.15 4.77 -41.01
C GLN A 146 -15.24 6.29 -40.90
N VAL A 147 -14.19 6.93 -40.37
CA VAL A 147 -14.17 8.41 -40.22
C VAL A 147 -14.11 9.04 -41.62
N ASN A 148 -13.66 8.29 -42.62
CA ASN A 148 -13.65 8.79 -44.01
C ASN A 148 -15.07 9.19 -44.44
N ASN A 149 -16.09 8.47 -43.97
CA ASN A 149 -17.49 8.76 -44.35
C ASN A 149 -18.26 9.28 -43.14
N MET A 150 -17.68 10.21 -42.38
CA MET A 150 -18.35 10.71 -41.15
C MET A 150 -18.52 12.24 -41.25
N PRO A 151 -19.69 12.76 -41.69
CA PRO A 151 -19.93 14.21 -41.70
C PRO A 151 -19.73 14.76 -40.28
N VAL A 152 -20.27 14.09 -39.26
CA VAL A 152 -20.03 14.51 -37.85
C VAL A 152 -19.42 13.31 -37.12
N VAL A 153 -18.21 13.48 -36.56
CA VAL A 153 -17.51 12.33 -35.91
C VAL A 153 -18.27 11.89 -34.65
N TRP A 154 -18.55 10.58 -34.53
CA TRP A 154 -19.21 10.05 -33.31
C TRP A 154 -18.29 9.00 -32.68
N GLN A 155 -18.50 8.68 -31.40
CA GLN A 155 -17.70 7.61 -30.76
C GLN A 155 -18.27 6.26 -31.23
N GLN A 156 -17.45 5.45 -31.91
CA GLN A 156 -17.97 4.17 -32.47
C GLN A 156 -18.22 3.18 -31.34
N GLN A 157 -17.33 3.14 -30.35
CA GLN A 157 -17.47 2.19 -29.22
C GLN A 157 -17.02 2.90 -27.92
N ALA A 158 -17.52 2.44 -26.78
CA ALA A 158 -17.06 3.01 -25.49
C ALA A 158 -15.67 2.43 -25.20
N LEU A 159 -14.71 3.28 -24.83
CA LEU A 159 -13.32 2.81 -24.58
C LEU A 159 -13.25 2.13 -23.21
N TYR A 160 -13.83 0.93 -23.08
CA TYR A 160 -13.81 0.17 -21.80
C TYR A 160 -12.42 -0.44 -21.56
N MET A 161 -12.11 -0.77 -20.30
CA MET A 161 -10.82 -1.47 -20.00
C MET A 161 -10.86 -2.83 -20.69
N GLY A 162 -12.03 -3.49 -20.69
CA GLY A 162 -12.18 -4.80 -21.35
C GLY A 162 -11.95 -4.72 -22.84
N TRP A 163 -12.43 -3.66 -23.49
CA TRP A 163 -12.23 -3.50 -24.95
C TRP A 163 -10.73 -3.51 -25.27
N CYS A 164 -9.95 -2.70 -24.57
CA CYS A 164 -8.47 -2.64 -24.77
C CYS A 164 -7.86 -4.02 -24.48
N LEU A 165 -8.31 -4.67 -23.41
CA LEU A 165 -7.69 -5.96 -22.98
C LEU A 165 -8.08 -7.10 -23.93
N ASN A 166 -9.25 -7.03 -24.57
CA ASN A 166 -9.68 -8.08 -25.53
C ASN A 166 -8.66 -8.16 -26.66
N CYS A 167 -8.24 -7.02 -27.19
CA CYS A 167 -7.33 -6.99 -28.36
C CYS A 167 -5.88 -7.08 -27.90
N HIS A 168 -5.55 -6.55 -26.73
CA HIS A 168 -4.17 -6.71 -26.20
C HIS A 168 -3.91 -8.22 -25.99
N ARG A 169 -4.94 -8.98 -25.58
CA ARG A 169 -4.81 -10.46 -25.37
C ARG A 169 -4.89 -11.23 -26.70
N ASN A 170 -5.88 -10.95 -27.54
CA ASN A 170 -6.06 -11.62 -28.86
C ASN A 170 -5.78 -10.62 -30.00
N PRO A 171 -4.51 -10.24 -30.27
CA PRO A 171 -4.22 -9.24 -31.31
C PRO A 171 -4.19 -9.82 -32.72
N GLU A 172 -4.39 -11.14 -32.86
CA GLU A 172 -4.28 -11.81 -34.19
C GLU A 172 -5.59 -11.67 -34.97
N LEU A 173 -6.64 -11.12 -34.34
CA LEU A 173 -7.95 -10.98 -35.02
C LEU A 173 -8.10 -9.54 -35.50
N TYR A 174 -7.13 -8.68 -35.20
CA TYR A 174 -7.28 -7.24 -35.55
C TYR A 174 -6.02 -6.72 -36.27
N VAL A 175 -4.88 -7.41 -36.13
CA VAL A 175 -3.62 -6.91 -36.75
C VAL A 175 -3.73 -6.95 -38.27
N ARG A 176 -3.22 -5.92 -38.95
CA ARG A 176 -3.32 -5.84 -40.44
C ARG A 176 -1.90 -5.68 -41.00
N PRO A 177 -1.65 -5.89 -42.31
CA PRO A 177 -0.29 -5.82 -42.83
C PRO A 177 0.12 -4.36 -43.11
N ARG A 178 0.36 -3.59 -42.05
CA ARG A 178 0.67 -2.14 -42.21
C ARG A 178 -0.38 -1.53 -43.14
N GLU A 179 0.00 -0.52 -43.95
CA GLU A 179 -1.02 0.18 -44.77
C GLU A 179 -2.18 0.57 -43.85
N GLU A 180 -1.89 0.81 -42.57
CA GLU A 180 -2.94 1.16 -41.59
C GLU A 180 -3.42 2.60 -41.81
N VAL A 181 -2.54 3.47 -42.30
CA VAL A 181 -2.94 4.88 -42.60
C VAL A 181 -3.58 4.92 -43.98
N TYR A 182 -3.23 3.97 -44.86
CA TYR A 182 -3.86 3.88 -46.21
C TYR A 182 -5.38 3.96 -46.03
N ASN A 183 -6.10 4.54 -47.00
CA ASN A 183 -7.57 4.77 -46.84
C ASN A 183 -8.17 3.54 -46.17
N MET A 184 -9.01 3.76 -45.16
CA MET A 184 -9.55 2.63 -44.36
C MET A 184 -10.64 2.02 -45.24
N ASP A 185 -10.30 1.67 -46.49
CA ASP A 185 -11.25 0.93 -47.34
C ASP A 185 -10.78 -0.52 -47.21
N TYR A 186 -9.75 -0.73 -46.37
CA TYR A 186 -9.19 -2.09 -46.16
C TYR A 186 -10.24 -2.99 -45.49
N VAL A 187 -10.51 -4.15 -46.08
CA VAL A 187 -11.42 -5.11 -45.47
C VAL A 187 -10.60 -6.33 -45.05
N PRO A 188 -10.75 -6.83 -43.82
CA PRO A 188 -9.98 -8.00 -43.40
C PRO A 188 -10.34 -9.21 -44.24
N PRO A 189 -9.36 -10.04 -44.58
CA PRO A 189 -9.62 -11.22 -45.42
C PRO A 189 -10.36 -12.30 -44.64
N SER A 190 -10.83 -13.29 -45.40
CA SER A 190 -11.54 -14.41 -44.78
C SER A 190 -10.63 -15.20 -43.86
N ASN A 191 -9.39 -15.44 -44.27
CA ASN A 191 -8.42 -16.13 -43.43
C ASN A 191 -7.67 -15.14 -42.55
N GLN A 192 -8.45 -14.42 -41.73
CA GLN A 192 -7.87 -13.41 -40.86
C GLN A 192 -7.02 -14.03 -39.77
N LEU A 193 -7.37 -15.24 -39.32
CA LEU A 193 -6.67 -15.85 -38.20
C LEU A 193 -5.23 -16.19 -38.58
N GLU A 194 -5.02 -16.81 -39.74
CA GLU A 194 -3.69 -17.21 -40.15
C GLU A 194 -2.81 -16.00 -40.42
N ILE A 195 -3.33 -15.02 -41.15
CA ILE A 195 -2.57 -13.81 -41.44
C ILE A 195 -2.26 -13.06 -40.15
N GLY A 196 -3.22 -13.01 -39.23
CA GLY A 196 -2.99 -12.35 -37.96
C GLY A 196 -1.91 -13.01 -37.14
N ARG A 197 -1.92 -14.35 -37.09
CA ARG A 197 -0.87 -15.06 -36.38
C ARG A 197 0.50 -14.81 -37.01
N GLN A 198 0.55 -14.83 -38.35
CA GLN A 198 1.82 -14.58 -39.03
C GLN A 198 2.33 -13.17 -38.76
N LEU A 199 1.43 -12.18 -38.76
CA LEU A 199 1.84 -10.81 -38.50
C LEU A 199 2.25 -10.62 -37.05
N VAL A 200 1.58 -11.32 -36.11
CA VAL A 200 1.98 -11.25 -34.71
C VAL A 200 3.39 -11.81 -34.54
N ALA A 201 3.66 -12.93 -35.21
CA ALA A 201 5.01 -13.50 -35.16
C ALA A 201 6.04 -12.56 -35.78
N GLU A 202 5.70 -11.94 -36.91
CA GLU A 202 6.66 -11.10 -37.63
C GLU A 202 6.97 -9.81 -36.87
N TYR A 203 5.92 -9.13 -36.39
CA TYR A 203 6.12 -7.85 -35.72
C TYR A 203 6.66 -8.03 -34.31
N GLY A 204 6.58 -9.23 -33.76
CA GLY A 204 7.06 -9.47 -32.42
C GLY A 204 6.18 -8.92 -31.32
N ILE A 205 4.86 -8.95 -31.52
CA ILE A 205 3.94 -8.47 -30.49
C ILE A 205 4.02 -9.39 -29.27
N MET A 206 4.16 -8.79 -28.10
CA MET A 206 4.39 -9.55 -26.89
C MET A 206 3.13 -10.34 -26.49
N PRO A 207 3.29 -11.45 -25.78
CA PRO A 207 2.13 -12.24 -25.37
C PRO A 207 1.33 -11.52 -24.29
N PRO A 208 0.12 -11.99 -23.99
CA PRO A 208 -0.69 -11.34 -22.95
C PRO A 208 -0.04 -11.32 -21.57
N ASP A 209 1.05 -12.07 -21.37
CA ASP A 209 1.75 -12.01 -20.09
C ASP A 209 2.28 -10.61 -19.80
N GLN A 210 2.62 -9.88 -20.86
CA GLN A 210 3.19 -8.54 -20.72
C GLN A 210 2.21 -7.43 -21.08
N LEU A 211 1.35 -7.65 -22.09
CA LEU A 211 0.49 -6.58 -22.56
C LEU A 211 -0.69 -6.31 -21.63
N THR A 212 -0.95 -7.19 -20.67
CA THR A 212 -2.04 -6.99 -19.72
C THR A 212 -1.56 -6.48 -18.37
N ASN A 213 -0.30 -6.05 -18.26
CA ASN A 213 0.21 -5.52 -17.01
C ASN A 213 -0.38 -4.13 -16.75
N CYS A 214 -0.43 -3.77 -15.46
CA CYS A 214 -1.06 -2.52 -15.07
C CYS A 214 -0.30 -1.31 -15.62
N TYR A 215 1.01 -1.27 -15.40
CA TYR A 215 1.79 -0.11 -15.83
C TYR A 215 2.00 -0.04 -17.34
N VAL A 216 1.35 -0.90 -18.11
CA VAL A 216 1.26 -0.66 -19.55
C VAL A 216 0.36 0.53 -19.82
N CYS A 217 -0.82 0.56 -19.20
CA CYS A 217 -1.77 1.66 -19.39
C CYS A 217 -1.65 2.69 -18.27
N HIS A 218 -1.90 2.27 -17.04
CA HIS A 218 -1.98 3.20 -15.91
C HIS A 218 -0.60 3.52 -15.37
N ARG A 219 -0.40 4.77 -14.94
CA ARG A 219 0.91 5.20 -14.36
C ARG A 219 0.64 6.20 -13.23
N CYS B 76 -27.36 12.06 -16.61
CA CYS B 76 -25.95 12.26 -16.15
C CYS B 76 -25.00 11.57 -17.13
N THR B 77 -23.74 12.03 -17.22
CA THR B 77 -22.88 11.42 -18.27
C THR B 77 -21.53 11.06 -17.64
N TYR B 78 -20.81 10.10 -18.23
CA TYR B 78 -19.51 9.63 -17.66
C TYR B 78 -18.56 10.79 -17.38
N GLN B 79 -18.50 11.80 -18.26
CA GLN B 79 -17.48 12.87 -18.09
C GLN B 79 -17.93 14.23 -18.67
N PRO B 80 -17.29 15.39 -18.34
CA PRO B 80 -17.64 16.70 -18.89
C PRO B 80 -17.20 16.85 -20.36
N ARG B 81 -17.62 17.93 -21.03
CA ARG B 81 -17.36 18.10 -22.49
C ARG B 81 -15.86 18.02 -22.84
N GLN B 82 -14.97 18.43 -21.94
CA GLN B 82 -13.50 18.32 -22.18
C GLN B 82 -13.13 18.92 -23.54
N TYR B 83 -13.49 20.18 -23.80
CA TYR B 83 -13.09 20.90 -25.04
C TYR B 83 -11.57 20.83 -25.25
N ILE B 84 -11.13 20.87 -26.51
CA ILE B 84 -9.67 20.83 -26.82
C ILE B 84 -9.30 22.06 -27.65
N ALA B 85 -8.25 22.78 -27.25
CA ALA B 85 -7.83 24.01 -27.98
C ALA B 85 -6.48 23.77 -28.65
N PRO B 86 -6.39 23.88 -30.00
CA PRO B 86 -5.13 23.66 -30.72
C PRO B 86 -4.39 24.97 -31.00
N PHE B 87 -3.31 24.90 -31.79
CA PHE B 87 -2.56 26.10 -32.14
C PHE B 87 -3.20 26.83 -33.31
N ASP B 88 -2.73 28.05 -33.55
CA ASP B 88 -3.08 28.76 -34.77
C ASP B 88 -1.93 28.71 -35.78
N ARG B 89 -0.70 28.66 -35.29
CA ARG B 89 0.48 28.46 -36.13
C ARG B 89 1.41 27.51 -35.40
N GLN B 90 1.70 26.37 -36.01
CA GLN B 90 2.48 25.34 -35.36
C GLN B 90 3.92 25.80 -35.15
N PRO B 91 4.51 25.53 -33.98
CA PRO B 91 5.96 25.70 -33.82
C PRO B 91 6.71 24.80 -34.79
N GLU B 92 7.79 25.33 -35.35
CA GLU B 92 8.47 24.65 -36.46
C GLU B 92 9.12 23.35 -36.00
N GLY B 93 9.91 23.39 -34.93
CA GLY B 93 10.69 22.24 -34.51
C GLY B 93 10.02 21.34 -33.50
N ARG B 94 8.74 21.51 -33.22
CA ARG B 94 8.06 20.79 -32.16
C ARG B 94 7.12 19.74 -32.74
N VAL B 95 7.22 18.52 -32.23
CA VAL B 95 6.25 17.45 -32.50
C VAL B 95 5.35 17.34 -31.27
N PRO B 96 4.03 17.50 -31.42
CA PRO B 96 3.15 17.54 -30.25
C PRO B 96 3.26 16.26 -29.42
N GLY B 97 3.29 16.43 -28.10
CA GLY B 97 3.38 15.31 -27.19
C GLY B 97 4.77 14.76 -26.98
N ILE B 98 5.78 15.33 -27.61
CA ILE B 98 7.17 14.90 -27.46
C ILE B 98 7.93 16.00 -26.72
N PRO B 99 8.40 15.75 -25.50
CA PRO B 99 9.18 16.78 -24.80
C PRO B 99 10.51 17.05 -25.46
N GLN B 100 11.01 18.27 -25.27
CA GLN B 100 12.31 18.66 -25.76
C GLN B 100 13.21 19.02 -24.59
N TYR B 101 14.51 19.12 -24.86
CA TYR B 101 15.50 19.45 -23.85
C TYR B 101 16.33 20.63 -24.33
N PHE B 102 16.56 21.60 -23.43
CA PHE B 102 17.31 22.83 -23.80
C PHE B 102 18.43 23.06 -22.79
N ALA B 103 19.56 23.63 -23.24
CA ALA B 103 20.71 23.81 -22.33
C ALA B 103 20.69 25.23 -21.75
N SER B 104 20.71 25.34 -20.41
CA SER B 104 20.67 26.65 -19.74
C SER B 104 21.58 26.59 -18.51
N THR B 105 21.82 27.72 -17.86
CA THR B 105 22.76 27.75 -16.70
C THR B 105 22.03 28.25 -15.45
N LEU B 106 22.18 27.58 -14.32
CA LEU B 106 21.59 28.04 -13.04
C LEU B 106 22.73 28.36 -12.06
N THR B 107 22.69 29.54 -11.42
CA THR B 107 23.81 29.97 -10.52
C THR B 107 23.34 29.94 -9.06
N LEU B 108 24.14 29.33 -8.17
CA LEU B 108 23.79 29.30 -6.73
C LEU B 108 24.51 30.44 -5.99
N GLY B 109 25.83 30.54 -6.17
CA GLY B 109 26.62 31.60 -5.50
C GLY B 109 27.08 32.63 -6.50
N GLY B 110 26.42 32.69 -7.66
CA GLY B 110 26.87 33.58 -8.74
C GLY B 110 27.76 32.81 -9.70
N TYR B 111 28.07 31.55 -9.37
CA TYR B 111 28.88 30.69 -10.26
C TYR B 111 27.92 29.79 -11.05
N GLY B 112 27.96 29.85 -12.38
CA GLY B 112 27.01 29.10 -13.21
C GLY B 112 27.20 27.59 -13.20
N THR B 113 26.10 26.83 -13.18
CA THR B 113 26.18 25.35 -13.29
C THR B 113 25.30 24.95 -14.47
N GLY B 114 25.85 24.24 -15.45
CA GLY B 114 25.07 23.91 -16.67
C GLY B 114 23.96 22.93 -16.38
N VAL B 115 22.76 23.21 -16.91
CA VAL B 115 21.59 22.32 -16.65
C VAL B 115 20.86 22.02 -17.97
N LEU B 116 20.32 20.82 -18.09
CA LEU B 116 19.51 20.47 -19.29
C LEU B 116 18.06 20.42 -18.80
N VAL B 117 17.18 21.25 -19.34
CA VAL B 117 15.80 21.30 -18.76
C VAL B 117 14.75 20.82 -19.75
N ARG B 118 13.87 19.91 -19.31
CA ARG B 118 12.81 19.34 -20.19
C ARG B 118 11.69 20.37 -20.38
N SER B 119 11.30 20.63 -21.63
CA SER B 119 10.19 21.56 -21.94
C SER B 119 9.02 20.74 -22.44
N ASN B 120 8.06 20.40 -21.58
CA ASN B 120 6.95 19.50 -22.03
C ASN B 120 6.27 20.09 -23.26
N GLU B 121 5.72 21.31 -23.14
CA GLU B 121 4.96 21.90 -24.28
C GLU B 121 5.35 23.37 -24.42
N GLY B 122 6.59 23.71 -24.10
CA GLY B 122 7.04 25.11 -24.15
C GLY B 122 7.13 25.64 -22.73
N ARG B 123 6.84 24.78 -21.75
CA ARG B 123 6.91 25.18 -20.33
C ARG B 123 7.98 24.31 -19.63
N PRO B 124 8.93 24.89 -18.88
CA PRO B 124 9.91 24.10 -18.14
C PRO B 124 9.23 23.21 -17.11
N THR B 125 9.70 21.97 -16.96
CA THR B 125 9.03 21.02 -16.02
C THR B 125 10.05 20.20 -15.22
N LYS B 126 11.23 19.91 -15.78
CA LYS B 126 12.22 19.05 -15.07
C LYS B 126 13.64 19.49 -15.39
N VAL B 127 14.43 19.81 -14.37
CA VAL B 127 15.82 20.23 -14.55
C VAL B 127 16.72 19.01 -14.36
N GLU B 128 17.69 18.86 -15.25
CA GLU B 128 18.68 17.79 -15.15
C GLU B 128 20.07 18.40 -15.34
N GLY B 129 21.08 17.54 -15.40
CA GLY B 129 22.44 17.99 -15.56
C GLY B 129 22.92 17.91 -17.00
N ASN B 130 23.93 18.71 -17.33
CA ASN B 130 24.49 18.76 -18.66
C ASN B 130 25.76 17.93 -18.69
N PRO B 131 25.78 16.78 -19.38
CA PRO B 131 26.99 15.93 -19.36
C PRO B 131 28.23 16.61 -19.91
N ARG B 132 28.09 17.59 -20.78
CA ARG B 132 29.24 18.26 -21.38
C ARG B 132 29.68 19.51 -20.61
N HIS B 133 29.00 19.80 -19.50
CA HIS B 133 29.33 21.01 -18.70
C HIS B 133 30.24 20.62 -17.53
N PRO B 134 31.44 21.23 -17.38
CA PRO B 134 32.30 20.95 -16.22
C PRO B 134 31.56 21.39 -14.96
N ALA B 135 31.58 20.59 -13.89
CA ALA B 135 30.91 20.89 -12.61
C ALA B 135 29.41 20.53 -12.67
N SER B 136 28.97 19.85 -13.73
CA SER B 136 27.56 19.38 -13.77
C SER B 136 27.48 18.17 -14.69
N LEU B 137 28.34 17.17 -14.49
CA LEU B 137 28.38 16.03 -15.45
C LEU B 137 27.22 15.10 -15.12
N GLY B 138 26.01 15.41 -15.61
CA GLY B 138 24.82 14.61 -15.28
C GLY B 138 24.26 14.97 -13.90
N GLY B 139 25.13 15.06 -12.89
CA GLY B 139 24.68 15.33 -11.52
C GLY B 139 24.22 16.77 -11.32
N THR B 140 23.27 16.99 -10.42
CA THR B 140 22.78 18.37 -10.12
C THR B 140 22.65 18.53 -8.61
N ASP B 141 22.76 19.77 -8.10
CA ASP B 141 22.54 20.01 -6.65
C ASP B 141 21.04 20.21 -6.41
N LEU B 142 20.59 20.08 -5.15
CA LEU B 142 19.18 20.23 -4.82
C LEU B 142 18.64 21.60 -5.21
N PHE B 143 19.47 22.64 -5.12
CA PHE B 143 19.01 23.99 -5.42
C PHE B 143 18.66 24.14 -6.89
N ALA B 144 19.40 23.47 -7.77
CA ALA B 144 19.08 23.51 -9.20
C ALA B 144 17.82 22.71 -9.49
N GLN B 145 17.63 21.59 -8.79
CA GLN B 145 16.42 20.78 -8.99
C GLN B 145 15.17 21.55 -8.57
N ALA B 146 15.23 22.24 -7.43
CA ALA B 146 14.05 22.88 -6.86
C ALA B 146 13.81 24.27 -7.46
N GLU B 147 14.46 24.60 -8.56
CA GLU B 147 14.24 25.87 -9.22
C GLU B 147 12.93 25.90 -10.01
N ILE B 148 12.40 24.73 -10.37
CA ILE B 148 11.15 24.67 -11.12
C ILE B 148 10.00 25.22 -10.29
N LEU B 149 9.91 24.81 -9.04
CA LEU B 149 8.83 25.31 -8.18
C LEU B 149 9.03 26.77 -7.83
N THR B 150 10.29 27.24 -7.79
CA THR B 150 10.55 28.66 -7.60
C THR B 150 10.04 29.47 -8.79
N MET B 151 10.26 28.97 -10.01
CA MET B 151 9.79 29.70 -11.18
C MET B 151 8.27 29.74 -11.24
N TYR B 152 7.61 28.84 -10.54
CA TYR B 152 6.15 28.76 -10.55
C TYR B 152 5.54 29.16 -9.21
N ASP B 153 6.31 29.90 -8.41
CA ASP B 153 5.80 30.40 -7.11
C ASP B 153 4.68 31.40 -7.38
N PRO B 154 3.53 31.31 -6.69
CA PRO B 154 2.42 32.24 -6.92
C PRO B 154 2.63 33.55 -6.15
N ASP B 155 3.88 33.83 -5.75
CA ASP B 155 4.18 35.05 -4.94
C ASP B 155 5.27 35.85 -5.66
N ARG B 156 5.61 35.47 -6.90
CA ARG B 156 6.64 36.20 -7.69
C ARG B 156 6.08 37.57 -8.08
N SER B 157 6.93 38.59 -8.12
CA SER B 157 6.48 39.97 -8.44
C SER B 157 5.92 40.02 -9.87
N THR B 158 4.82 40.76 -10.08
CA THR B 158 4.17 40.78 -11.40
C THR B 158 4.20 42.18 -12.02
N THR B 159 4.33 43.24 -11.22
CA THR B 159 4.24 44.59 -11.77
C THR B 159 5.26 45.49 -11.11
N VAL B 160 5.55 46.60 -11.80
CA VAL B 160 6.44 47.62 -11.26
C VAL B 160 5.70 48.45 -10.22
N LEU B 161 6.30 48.63 -9.06
CA LEU B 161 5.71 49.38 -7.97
C LEU B 161 6.53 50.65 -7.71
N ARG B 162 5.86 51.80 -7.74
CA ARG B 162 6.56 53.06 -7.47
C ARG B 162 6.94 53.17 -6.01
N GLN B 163 5.95 53.20 -5.13
CA GLN B 163 6.15 53.18 -3.68
C GLN B 163 5.16 52.19 -3.09
N GLY B 164 5.07 51.01 -3.68
CA GLY B 164 4.05 50.05 -3.35
C GLY B 164 2.78 50.18 -4.16
N VAL B 165 2.68 51.17 -5.04
CA VAL B 165 1.54 51.37 -5.92
C VAL B 165 1.95 50.93 -7.32
N PRO B 166 1.11 50.19 -8.04
CA PRO B 166 1.50 49.72 -9.38
C PRO B 166 1.80 50.88 -10.31
N SER B 167 2.80 50.69 -11.16
CA SER B 167 3.26 51.72 -12.09
C SER B 167 3.59 51.04 -13.41
N THR B 168 4.29 51.75 -14.29
CA THR B 168 4.65 51.26 -15.61
C THR B 168 6.16 51.33 -15.80
N TRP B 169 6.70 50.49 -16.68
CA TRP B 169 8.16 50.48 -16.93
C TRP B 169 8.57 51.79 -17.59
N ALA B 170 7.71 52.33 -18.47
CA ALA B 170 8.02 53.58 -19.19
C ALA B 170 8.20 54.73 -18.20
N GLU B 171 7.35 54.80 -17.18
CA GLU B 171 7.45 55.87 -16.16
C GLU B 171 8.79 55.74 -15.41
N PHE B 172 9.18 54.51 -15.08
CA PHE B 172 10.49 54.30 -14.41
C PHE B 172 11.62 54.74 -15.34
N THR B 173 11.52 54.39 -16.62
CA THR B 173 12.59 54.74 -17.60
C THR B 173 12.73 56.27 -17.64
N THR B 174 11.61 56.98 -17.68
CA THR B 174 11.65 58.47 -17.70
C THR B 174 12.30 58.99 -16.41
N THR B 175 11.83 58.52 -15.25
CA THR B 175 12.38 58.96 -13.95
C THR B 175 13.88 58.64 -13.89
N LEU B 176 14.27 57.41 -14.23
CA LEU B 176 15.70 57.00 -14.19
C LEU B 176 16.52 57.94 -15.07
N GLY B 177 16.04 58.21 -16.29
CA GLY B 177 16.75 59.11 -17.17
C GLY B 177 16.90 60.51 -16.60
N ASN B 178 15.81 61.02 -16.01
CA ASN B 178 15.87 62.34 -15.38
C ASN B 178 16.83 62.35 -14.19
N ALA B 179 16.81 61.30 -13.38
CA ALA B 179 17.70 61.23 -12.23
C ALA B 179 19.16 61.16 -12.67
N LEU B 180 19.43 60.42 -13.75
CA LEU B 180 20.81 60.29 -14.22
C LEU B 180 21.30 61.56 -14.90
N THR B 181 20.43 62.27 -15.62
CA THR B 181 20.86 63.53 -16.22
C THR B 181 20.96 64.63 -15.17
N ALA B 182 20.24 64.48 -14.06
CA ALA B 182 20.43 65.38 -12.93
C ALA B 182 21.70 65.08 -12.15
N ALA B 183 22.24 63.87 -12.27
CA ALA B 183 23.50 63.50 -11.65
C ALA B 183 24.69 63.68 -12.58
N ARG B 184 24.43 64.16 -13.79
CA ARG B 184 25.52 64.37 -14.78
C ARG B 184 26.19 65.72 -14.49
N ALA B 185 25.56 66.55 -13.65
CA ALA B 185 26.24 67.80 -13.23
C ALA B 185 27.49 67.38 -12.47
N THR B 186 27.36 66.37 -11.60
CA THR B 186 28.54 65.79 -10.92
C THR B 186 29.00 64.63 -11.81
N GLN B 187 30.00 63.85 -11.38
CA GLN B 187 30.52 62.78 -12.27
C GLN B 187 29.81 61.46 -11.94
N GLY B 188 28.69 61.52 -11.21
CA GLY B 188 28.00 60.28 -10.80
C GLY B 188 28.38 59.99 -9.37
N ALA B 189 28.62 61.03 -8.59
CA ALA B 189 29.09 60.86 -7.19
C ALA B 189 27.97 60.29 -6.33
N GLY B 190 26.71 60.63 -6.65
CA GLY B 190 25.56 60.10 -5.89
C GLY B 190 25.18 58.72 -6.39
N VAL B 191 25.32 58.47 -7.69
CA VAL B 191 24.90 57.15 -8.27
C VAL B 191 25.77 56.03 -7.68
N ARG B 192 25.13 55.06 -7.02
CA ARG B 192 25.87 53.91 -6.42
C ARG B 192 25.20 52.62 -6.88
N LEU B 193 25.96 51.52 -6.95
CA LEU B 193 25.36 50.21 -7.31
C LEU B 193 25.48 49.26 -6.12
N LEU B 194 24.84 48.09 -6.18
CA LEU B 194 24.91 47.08 -5.10
C LEU B 194 24.42 45.76 -5.69
N THR B 195 25.34 44.97 -6.24
CA THR B 195 24.96 43.67 -6.85
C THR B 195 25.50 42.53 -5.97
N THR B 196 25.41 41.29 -6.44
CA THR B 196 25.99 40.14 -5.69
C THR B 196 27.31 39.75 -6.36
N THR B 197 27.79 38.54 -6.13
CA THR B 197 29.01 38.09 -6.85
C THR B 197 28.64 37.96 -8.34
N ILE B 198 29.12 38.89 -9.16
CA ILE B 198 28.72 38.87 -10.61
C ILE B 198 29.83 38.19 -11.41
N THR B 199 29.50 37.10 -12.12
CA THR B 199 30.45 36.43 -12.99
C THR B 199 30.06 36.50 -14.46
N SER B 200 28.91 37.09 -14.78
CA SER B 200 28.46 37.20 -16.16
C SER B 200 29.34 38.18 -16.93
N PRO B 201 29.98 37.76 -18.03
CA PRO B 201 30.81 38.70 -18.79
C PRO B 201 30.03 39.88 -19.36
N SER B 202 28.78 39.65 -19.79
CA SER B 202 27.99 40.72 -20.37
C SER B 202 27.67 41.79 -19.33
N LEU B 203 27.20 41.36 -18.15
CA LEU B 203 26.86 42.32 -17.10
C LEU B 203 28.12 43.05 -16.61
N ALA B 204 29.24 42.32 -16.50
CA ALA B 204 30.47 42.96 -16.08
C ALA B 204 30.92 44.02 -17.08
N ALA B 205 30.84 43.72 -18.37
CA ALA B 205 31.22 44.70 -19.39
C ALA B 205 30.30 45.91 -19.36
N GLN B 206 28.99 45.67 -19.21
CA GLN B 206 28.05 46.80 -19.15
C GLN B 206 28.31 47.66 -17.91
N ILE B 207 28.61 47.03 -16.77
CA ILE B 207 28.90 47.79 -15.56
C ILE B 207 30.18 48.59 -15.72
N GLU B 208 31.20 48.01 -16.35
CA GLU B 208 32.43 48.73 -16.59
C GLU B 208 32.19 49.93 -17.52
N GLN B 209 31.36 49.74 -18.54
CA GLN B 209 31.04 50.86 -19.43
C GLN B 209 30.27 51.96 -18.69
N PHE B 210 29.35 51.56 -17.80
CA PHE B 210 28.62 52.55 -17.01
C PHE B 210 29.56 53.33 -16.09
N LEU B 211 30.51 52.63 -15.46
CA LEU B 211 31.50 53.29 -14.63
C LEU B 211 32.38 54.22 -15.47
N GLN B 212 32.67 53.84 -16.71
CA GLN B 212 33.39 54.74 -17.60
C GLN B 212 32.57 55.99 -17.90
N ALA B 213 31.27 55.84 -18.09
CA ALA B 213 30.41 56.98 -18.34
C ALA B 213 30.28 57.89 -17.12
N TYR B 214 30.24 57.30 -15.92
CA TYR B 214 30.12 58.06 -14.67
C TYR B 214 31.33 57.74 -13.81
N PRO B 215 32.36 58.60 -13.84
CA PRO B 215 33.63 58.26 -13.19
C PRO B 215 33.54 58.01 -11.69
N GLN B 216 32.65 58.67 -10.97
CA GLN B 216 32.63 58.58 -9.51
C GLN B 216 31.67 57.51 -8.98
N ALA B 217 31.03 56.73 -9.86
CA ALA B 217 30.16 55.66 -9.42
C ALA B 217 30.99 54.49 -8.89
N ARG B 218 30.36 53.67 -8.04
CA ARG B 218 31.01 52.52 -7.42
C ARG B 218 30.13 51.28 -7.57
N TRP B 219 30.76 50.11 -7.60
CA TRP B 219 30.04 48.87 -7.84
C TRP B 219 29.52 48.25 -6.54
N TYR B 220 30.42 48.00 -5.59
CA TYR B 220 30.07 47.58 -4.24
C TYR B 220 29.27 46.27 -4.24
N GLN B 221 29.92 45.19 -4.67
CA GLN B 221 29.29 43.88 -4.62
C GLN B 221 29.17 43.39 -3.18
N TYR B 222 28.13 42.61 -2.91
CA TYR B 222 27.96 41.96 -1.61
C TYR B 222 26.93 40.85 -1.73
N GLU B 223 27.14 39.77 -0.98
CA GLU B 223 26.18 38.68 -0.82
C GLU B 223 26.52 37.95 0.47
N PRO B 224 25.51 37.48 1.22
CA PRO B 224 25.80 36.93 2.56
C PRO B 224 26.75 35.76 2.57
N ILE B 225 26.66 34.86 1.59
CA ILE B 225 27.56 33.71 1.50
C ILE B 225 28.58 34.04 0.40
N ASN B 226 29.77 34.48 0.81
CA ASN B 226 30.78 34.96 -0.12
C ASN B 226 32.11 34.25 0.13
N ARG B 227 33.07 34.54 -0.74
CA ARG B 227 34.40 33.94 -0.70
C ARG B 227 35.46 34.97 -0.36
N ASP B 228 35.16 35.88 0.57
CA ASP B 228 36.06 36.96 0.89
C ASP B 228 37.37 36.44 1.48
N ASN B 229 37.28 35.47 2.39
CA ASN B 229 38.48 34.94 3.02
C ASN B 229 39.39 34.25 2.01
N VAL B 230 38.82 33.62 0.97
CA VAL B 230 39.65 32.93 -0.01
C VAL B 230 40.51 33.93 -0.77
N VAL B 231 39.90 35.01 -1.27
CA VAL B 231 40.67 36.00 -2.01
C VAL B 231 41.63 36.75 -1.09
N ALA B 232 41.23 36.97 0.16
CA ALA B 232 42.13 37.60 1.11
C ALA B 232 43.37 36.75 1.36
N GLY B 233 43.19 35.43 1.53
CA GLY B 233 44.32 34.55 1.69
C GLY B 233 45.17 34.45 0.44
N ALA B 234 44.53 34.50 -0.73
CA ALA B 234 45.28 34.49 -1.97
C ALA B 234 46.16 35.74 -2.10
N ARG B 235 45.63 36.89 -1.66
CA ARG B 235 46.39 38.17 -1.79
C ARG B 235 47.44 38.26 -0.68
N LEU B 236 47.42 37.32 0.26
CA LEU B 236 48.44 37.30 1.34
C LEU B 236 49.54 36.31 0.94
N ALA B 237 49.14 35.22 0.30
CA ALA B 237 50.11 34.16 -0.08
C ALA B 237 50.80 34.53 -1.40
N PHE B 238 50.08 35.08 -2.36
CA PHE B 238 50.68 35.32 -3.70
C PHE B 238 50.74 36.81 -4.01
N GLY B 239 50.06 37.64 -3.23
CA GLY B 239 50.01 39.09 -3.54
C GLY B 239 49.16 39.36 -4.76
N ARG B 240 48.25 38.42 -5.08
CA ARG B 240 47.40 38.54 -6.29
C ARG B 240 46.20 37.60 -6.13
N ASP B 241 45.02 38.02 -6.58
CA ASP B 241 43.83 37.14 -6.52
C ASP B 241 43.98 36.00 -7.52
N VAL B 242 43.93 34.75 -7.06
CA VAL B 242 44.00 33.58 -7.99
C VAL B 242 42.72 32.75 -7.78
N THR B 243 42.49 31.74 -8.63
CA THR B 243 41.33 30.84 -8.43
C THR B 243 41.86 29.43 -8.14
N THR B 244 41.62 28.90 -6.94
CA THR B 244 42.17 27.61 -6.60
C THR B 244 41.22 26.50 -7.05
N ARG B 245 41.74 25.54 -7.80
CA ARG B 245 40.99 24.39 -8.26
C ARG B 245 41.63 23.13 -7.71
N TYR B 246 40.80 22.15 -7.34
CA TYR B 246 41.27 20.92 -6.75
C TYR B 246 40.92 19.76 -7.67
N ASP B 247 41.91 18.93 -8.00
CA ASP B 247 41.71 17.74 -8.81
C ASP B 247 41.74 16.54 -7.87
N LEU B 248 40.56 16.20 -7.34
CA LEU B 248 40.46 15.13 -6.35
C LEU B 248 40.68 13.74 -6.92
N SER B 249 40.76 13.61 -8.25
CA SER B 249 40.95 12.30 -8.85
C SER B 249 42.36 11.77 -8.59
N ALA B 250 43.35 12.64 -8.45
CA ALA B 250 44.73 12.24 -8.27
C ALA B 250 45.24 12.49 -6.86
N ALA B 251 44.36 12.63 -5.88
CA ALA B 251 44.73 12.89 -4.49
C ALA B 251 44.37 11.68 -3.65
N GLN B 252 45.40 10.92 -3.23
CA GLN B 252 45.15 9.76 -2.38
C GLN B 252 44.85 10.17 -0.95
N VAL B 253 45.37 11.33 -0.51
CA VAL B 253 45.04 11.84 0.86
C VAL B 253 44.43 13.23 0.72
N VAL B 254 43.24 13.45 1.29
CA VAL B 254 42.63 14.81 1.27
C VAL B 254 42.42 15.27 2.71
N VAL B 255 42.88 16.47 3.05
CA VAL B 255 42.70 17.03 4.42
C VAL B 255 41.79 18.25 4.32
N SER B 256 40.76 18.33 5.17
CA SER B 256 39.78 19.45 5.10
C SER B 256 39.75 20.23 6.41
N LEU B 257 40.22 21.47 6.41
CA LEU B 257 40.19 22.32 7.63
C LEU B 257 38.87 23.10 7.64
N ASP B 258 37.84 22.56 8.30
CA ASP B 258 36.52 23.21 8.35
C ASP B 258 36.09 23.59 6.93
N ALA B 259 36.32 22.69 5.97
CA ALA B 259 35.92 22.95 4.57
C ALA B 259 34.86 21.94 4.15
N ASP B 260 33.72 22.42 3.65
CA ASP B 260 32.73 21.47 3.11
C ASP B 260 32.86 21.49 1.59
N PHE B 261 33.55 20.49 1.03
CA PHE B 261 33.70 20.40 -0.45
C PHE B 261 32.62 19.45 -0.96
N LEU B 262 32.07 18.63 -0.05
CA LEU B 262 30.97 17.70 -0.42
C LEU B 262 29.61 18.34 -0.14
N ALA B 263 29.57 19.60 0.32
CA ALA B 263 28.28 20.29 0.51
C ALA B 263 28.08 21.29 -0.65
N PRO B 264 26.85 21.71 -0.99
CA PRO B 264 26.64 22.56 -2.17
C PRO B 264 27.47 23.86 -2.12
N GLY B 265 28.11 24.20 -3.24
CA GLY B 265 29.01 25.38 -3.27
C GLY B 265 29.68 25.45 -4.64
N PRO B 266 30.69 26.31 -4.87
CA PRO B 266 31.39 26.31 -6.16
C PRO B 266 32.11 24.98 -6.43
N GLY B 267 31.87 24.38 -7.60
CA GLY B 267 32.56 23.13 -7.99
C GLY B 267 32.10 21.92 -7.20
N PHE B 268 30.95 21.99 -6.52
CA PHE B 268 30.53 20.87 -5.64
C PHE B 268 30.30 19.59 -6.43
N VAL B 269 29.60 19.65 -7.57
CA VAL B 269 29.27 18.39 -8.30
C VAL B 269 30.56 17.76 -8.83
N ALA B 270 31.48 18.57 -9.37
CA ALA B 270 32.74 18.03 -9.93
C ALA B 270 33.57 17.39 -8.82
N TYR B 271 33.68 18.06 -7.67
CA TYR B 271 34.48 17.52 -6.55
C TYR B 271 33.84 16.24 -6.04
N ALA B 272 32.50 16.23 -5.92
CA ALA B 272 31.79 15.05 -5.39
C ALA B 272 32.01 13.84 -6.31
N ARG B 273 31.92 14.04 -7.62
CA ARG B 273 32.04 12.91 -8.57
C ARG B 273 33.46 12.32 -8.48
N ALA B 274 34.49 13.17 -8.49
CA ALA B 274 35.88 12.68 -8.47
C ALA B 274 36.17 11.95 -7.15
N PHE B 275 35.74 12.53 -6.04
CA PHE B 275 35.99 11.93 -4.71
C PHE B 275 35.28 10.58 -4.62
N ALA B 276 34.03 10.52 -5.10
CA ALA B 276 33.23 9.28 -5.02
C ALA B 276 33.86 8.17 -5.86
N GLU B 277 34.40 8.51 -7.04
CA GLU B 277 34.94 7.46 -7.94
C GLU B 277 36.08 6.72 -7.24
N ARG B 278 36.94 7.47 -6.53
CA ARG B 278 38.05 6.82 -5.78
C ARG B 278 37.48 5.95 -4.65
N ARG B 279 36.46 6.44 -3.94
CA ARG B 279 35.87 5.68 -2.79
C ARG B 279 35.25 4.38 -3.26
N LYS B 280 34.61 4.37 -4.44
CA LYS B 280 33.93 3.15 -4.97
C LYS B 280 34.96 2.03 -5.13
N VAL B 281 34.75 0.90 -4.46
CA VAL B 281 35.79 -0.19 -4.48
C VAL B 281 35.21 -1.51 -4.97
N ARG B 282 35.92 -2.19 -5.87
CA ARG B 282 35.49 -3.53 -6.37
C ARG B 282 36.60 -4.53 -5.99
N LYS B 283 36.42 -5.81 -6.34
CA LYS B 283 37.43 -6.84 -5.98
C LYS B 283 38.75 -6.48 -6.66
N ASP B 284 38.67 -6.04 -7.92
CA ASP B 284 39.89 -5.64 -8.68
C ASP B 284 40.57 -4.44 -8.03
N SER B 285 39.81 -3.48 -7.50
CA SER B 285 40.40 -2.22 -6.95
C SER B 285 41.40 -2.52 -5.83
N THR B 286 42.56 -1.86 -5.86
CA THR B 286 43.60 -2.07 -4.81
C THR B 286 43.86 -0.78 -4.02
N THR B 287 43.29 0.35 -4.44
CA THR B 287 43.59 1.65 -3.76
C THR B 287 42.31 2.42 -3.42
N MET B 288 42.27 3.06 -2.25
CA MET B 288 41.10 3.91 -1.88
C MET B 288 41.61 5.21 -1.25
N ASN B 289 40.94 6.33 -1.51
CA ASN B 289 41.34 7.65 -0.93
C ASN B 289 40.96 7.73 0.55
N ARG B 290 41.66 8.56 1.32
CA ARG B 290 41.34 8.75 2.77
C ARG B 290 41.05 10.23 3.03
N LEU B 291 39.98 10.54 3.77
CA LEU B 291 39.62 11.95 4.07
C LEU B 291 39.78 12.24 5.56
N TYR B 292 40.50 13.31 5.93
CA TYR B 292 40.59 13.73 7.35
C TYR B 292 39.90 15.09 7.45
N VAL B 293 38.90 15.22 8.33
CA VAL B 293 38.14 16.51 8.38
C VAL B 293 38.12 17.04 9.82
N VAL B 294 38.49 18.31 10.02
CA VAL B 294 38.39 18.94 11.36
C VAL B 294 37.31 20.01 11.25
N GLU B 295 36.27 19.96 12.11
CA GLU B 295 35.16 20.93 11.92
C GLU B 295 34.39 21.16 13.23
N ALA B 296 33.77 22.34 13.37
CA ALA B 296 32.96 22.66 14.57
C ALA B 296 31.62 21.93 14.52
N SER B 297 30.99 21.89 13.34
CA SER B 297 29.65 21.27 13.22
C SER B 297 29.74 20.05 12.28
N PRO B 298 29.12 18.91 12.62
CA PRO B 298 29.14 17.75 11.74
C PRO B 298 28.43 18.11 10.42
N SER B 299 28.95 17.63 9.30
CA SER B 299 28.39 18.01 7.97
C SER B 299 28.47 16.82 7.01
N THR B 300 27.97 16.99 5.79
CA THR B 300 27.99 15.90 4.78
C THR B 300 29.45 15.50 4.48
N THR B 301 30.36 16.47 4.42
CA THR B 301 31.80 16.17 4.21
C THR B 301 32.29 15.31 5.38
N GLY B 302 31.86 15.64 6.61
CA GLY B 302 32.25 14.85 7.80
C GLY B 302 31.73 13.43 7.72
N THR B 303 30.53 13.24 7.18
CA THR B 303 29.92 11.89 7.09
C THR B 303 30.80 10.98 6.24
N ALA B 304 31.34 11.51 5.13
CA ALA B 304 32.14 10.66 4.20
C ALA B 304 33.62 10.74 4.54
N ALA B 305 33.96 10.74 5.84
CA ALA B 305 35.37 10.87 6.26
C ALA B 305 35.79 9.65 7.08
N ASP B 306 36.95 9.08 6.77
CA ASP B 306 37.48 7.94 7.56
C ASP B 306 37.76 8.43 8.98
N HIS B 307 38.33 9.63 9.13
CA HIS B 307 38.61 10.20 10.47
C HIS B 307 38.00 11.60 10.58
N ARG B 308 37.25 11.87 11.65
CA ARG B 308 36.67 13.22 11.86
C ARG B 308 37.02 13.72 13.27
N LEU B 309 37.50 14.97 13.39
CA LEU B 309 37.77 15.55 14.74
C LEU B 309 36.82 16.73 14.94
N PRO B 310 35.99 16.75 16.01
CA PRO B 310 35.12 17.88 16.30
C PRO B 310 35.86 18.97 17.08
N LEU B 311 36.78 19.68 16.43
CA LEU B 311 37.50 20.80 17.08
C LEU B 311 36.59 22.04 17.09
N ARG B 312 36.82 22.99 18.01
CA ARG B 312 36.03 24.25 18.01
C ARG B 312 36.41 25.06 16.77
N ALA B 313 35.49 25.89 16.27
CA ALA B 313 35.73 26.62 15.00
C ALA B 313 36.93 27.57 15.11
N ASP B 314 37.07 28.27 16.24
CA ASP B 314 38.22 29.19 16.44
C ASP B 314 39.54 28.42 16.50
N ALA B 315 39.54 27.21 17.06
CA ALA B 315 40.79 26.41 17.24
C ALA B 315 41.37 25.93 15.90
N ILE B 316 40.60 25.93 14.81
CA ILE B 316 41.09 25.37 13.52
C ILE B 316 42.32 26.14 13.05
N ALA B 317 42.35 27.46 13.23
CA ALA B 317 43.51 28.28 12.79
C ALA B 317 44.77 27.84 13.54
N ALA B 318 44.65 27.61 14.85
CA ALA B 318 45.80 27.12 15.66
C ALA B 318 46.21 25.71 15.19
N PHE B 319 45.23 24.86 14.87
CA PHE B 319 45.51 23.47 14.41
C PHE B 319 46.29 23.54 13.10
N THR B 320 45.90 24.44 12.19
CA THR B 320 46.60 24.58 10.88
C THR B 320 48.04 25.03 11.13
N GLY B 321 48.25 25.96 12.06
CA GLY B 321 49.61 26.44 12.38
C GLY B 321 50.47 25.32 12.93
N ALA B 322 49.90 24.50 13.82
CA ALA B 322 50.64 23.35 14.40
C ALA B 322 51.00 22.35 13.30
N LEU B 323 50.07 22.11 12.37
CA LEU B 323 50.32 21.12 11.28
C LEU B 323 51.50 21.59 10.43
N ALA B 324 51.55 22.88 10.12
CA ALA B 324 52.66 23.42 9.30
C ALA B 324 53.97 23.24 10.08
N ASN B 325 53.94 23.50 11.39
CA ASN B 325 55.18 23.42 12.20
C ASN B 325 55.74 21.99 12.20
N GLU B 326 54.89 20.97 12.38
CA GLU B 326 55.43 19.59 12.44
C GLU B 326 55.89 19.15 11.05
N LEU B 327 55.24 19.66 9.99
CA LEU B 327 55.70 19.37 8.60
C LEU B 327 57.03 20.06 8.36
N GLY B 328 57.33 21.12 9.13
CA GLY B 328 58.59 21.88 8.98
C GLY B 328 58.40 23.19 8.23
N VAL B 329 57.20 23.43 7.70
CA VAL B 329 56.91 24.72 7.01
C VAL B 329 56.59 25.78 8.07
N GLY B 330 56.76 27.07 7.75
CA GLY B 330 56.56 28.15 8.74
C GLY B 330 55.20 28.09 9.42
N GLY B 331 55.17 28.19 10.75
CA GLY B 331 53.90 28.17 11.52
C GLY B 331 54.12 28.53 12.97
N ALA B 332 53.25 28.06 13.87
CA ALA B 332 53.39 28.33 15.32
C ALA B 332 52.92 27.12 16.13
N PRO B 333 53.73 26.60 17.08
CA PRO B 333 53.28 25.48 17.94
C PRO B 333 52.09 25.95 18.78
N ALA B 334 51.04 25.13 18.86
CA ALA B 334 49.81 25.53 19.60
C ALA B 334 49.45 24.45 20.62
N THR B 335 49.13 24.84 21.85
CA THR B 335 48.68 23.85 22.87
C THR B 335 47.35 23.26 22.40
N LEU B 336 47.20 21.94 22.46
CA LEU B 336 45.97 21.28 21.95
C LEU B 336 45.62 20.06 22.81
N SER B 337 44.38 19.59 22.65
CA SER B 337 43.90 18.41 23.41
C SER B 337 44.65 17.16 22.94
N PRO B 338 44.83 16.09 23.76
CA PRO B 338 45.61 14.92 23.32
C PRO B 338 44.99 14.30 22.05
N LYS B 339 43.67 14.24 21.96
CA LYS B 339 43.00 13.68 20.76
C LYS B 339 43.37 14.53 19.55
N ALA B 340 43.38 15.86 19.69
CA ALA B 340 43.78 16.76 18.58
C ALA B 340 45.25 16.52 18.22
N GLU B 341 46.11 16.33 19.22
CA GLU B 341 47.56 16.09 18.97
C GLU B 341 47.73 14.76 18.22
N GLU B 342 46.99 13.73 18.61
CA GLU B 342 47.05 12.42 17.90
C GLU B 342 46.57 12.59 16.46
N PHE B 343 45.51 13.38 16.25
CA PHE B 343 45.01 13.65 14.88
C PHE B 343 46.09 14.38 14.09
N LEU B 344 46.79 15.33 14.72
CA LEU B 344 47.87 16.07 14.03
C LEU B 344 48.98 15.10 13.62
N ARG B 345 49.34 14.18 14.51
CA ARG B 345 50.44 13.22 14.21
C ARG B 345 50.02 12.35 13.01
N ALA B 346 48.77 11.90 12.99
CA ALA B 346 48.32 10.99 11.90
C ALA B 346 48.31 11.75 10.57
N ILE B 347 47.73 12.96 10.54
CA ILE B 347 47.70 13.77 9.29
C ILE B 347 49.12 13.97 8.79
N ALA B 348 50.01 14.45 9.66
CA ALA B 348 51.41 14.73 9.26
C ALA B 348 52.07 13.46 8.72
N ARG B 349 51.84 12.32 9.39
CA ARG B 349 52.49 11.04 8.98
C ARG B 349 51.93 10.57 7.64
N ASP B 350 50.62 10.73 7.41
CA ASP B 350 50.03 10.36 6.10
C ASP B 350 50.60 11.26 5.01
N LEU B 351 50.81 12.55 5.31
CA LEU B 351 51.48 13.45 4.34
C LEU B 351 52.97 13.09 4.36
N GLU B 352 53.74 13.58 3.39
CA GLU B 352 55.19 13.23 3.29
C GLU B 352 55.31 11.76 2.88
N GLU B 353 54.19 11.02 2.91
CA GLU B 353 54.18 9.63 2.41
C GLU B 353 53.39 9.69 1.10
N HIS B 354 52.66 10.79 0.91
CA HIS B 354 51.90 11.00 -0.34
C HIS B 354 52.20 12.42 -0.84
N ARG B 355 53.43 12.64 -1.32
CA ARG B 355 53.80 13.99 -1.85
C ARG B 355 53.34 14.08 -3.30
N GLY B 356 52.52 15.08 -3.62
CA GLY B 356 51.94 15.20 -4.98
C GLY B 356 50.72 14.31 -5.09
N GLN B 357 50.41 13.56 -4.04
CA GLN B 357 49.20 12.69 -4.02
C GLN B 357 48.31 13.15 -2.88
N SER B 358 48.52 14.38 -2.38
CA SER B 358 47.73 14.89 -1.23
C SER B 358 47.20 16.29 -1.55
N VAL B 359 46.11 16.69 -0.90
CA VAL B 359 45.61 18.09 -1.07
C VAL B 359 45.10 18.59 0.28
N VAL B 360 45.27 19.88 0.57
CA VAL B 360 44.72 20.46 1.84
C VAL B 360 43.68 21.51 1.44
N ILE B 361 42.45 21.38 1.95
CA ILE B 361 41.36 22.31 1.54
C ILE B 361 40.93 23.13 2.77
N ALA B 362 40.85 24.45 2.64
CA ALA B 362 40.46 25.33 3.76
C ALA B 362 39.08 25.94 3.45
N GLY B 363 38.15 25.88 4.41
CA GLY B 363 36.78 26.37 4.19
C GLY B 363 36.70 27.87 4.05
N ASP B 364 35.68 28.37 3.35
CA ASP B 364 35.49 29.83 3.14
C ASP B 364 35.30 30.48 4.52
N GLN B 365 34.61 29.81 5.43
CA GLN B 365 34.35 30.36 6.79
C GLN B 365 35.65 30.63 7.52
N GLN B 366 36.67 29.78 7.33
CA GLN B 366 37.95 29.92 8.08
C GLN B 366 38.66 31.23 7.72
N PRO B 367 39.46 31.82 8.64
CA PRO B 367 40.13 33.11 8.40
C PRO B 367 41.19 33.07 7.29
N PRO B 368 41.60 34.22 6.71
CA PRO B 368 42.54 34.25 5.58
C PRO B 368 43.90 33.58 5.88
N ILE B 369 44.37 33.66 7.13
CA ILE B 369 45.67 33.03 7.51
C ILE B 369 45.58 31.53 7.23
N VAL B 370 44.44 30.89 7.51
CA VAL B 370 44.29 29.43 7.30
C VAL B 370 44.46 29.14 5.80
N HIS B 371 43.88 29.97 4.93
CA HIS B 371 44.02 29.78 3.47
C HIS B 371 45.50 29.94 3.05
N ALA B 372 46.19 30.95 3.60
CA ALA B 372 47.60 31.20 3.25
C ALA B 372 48.46 30.00 3.69
N LEU B 373 48.20 29.46 4.88
CA LEU B 373 48.95 28.27 5.38
C LEU B 373 48.67 27.07 4.47
N ALA B 374 47.42 26.92 4.01
CA ALA B 374 47.06 25.77 3.14
C ALA B 374 47.87 25.84 1.84
N HIS B 375 48.01 27.04 1.27
CA HIS B 375 48.84 27.20 0.05
C HIS B 375 50.28 26.85 0.36
N LEU B 376 50.79 27.30 1.52
CA LEU B 376 52.20 27.04 1.92
C LEU B 376 52.42 25.53 2.09
N ILE B 377 51.48 24.84 2.76
CA ILE B 377 51.63 23.38 3.00
C ILE B 377 51.64 22.64 1.65
N ASN B 378 50.75 23.04 0.74
CA ASN B 378 50.64 22.35 -0.58
C ASN B 378 51.95 22.54 -1.35
N ALA B 379 52.53 23.73 -1.30
CA ALA B 379 53.79 24.02 -2.01
C ALA B 379 54.92 23.15 -1.46
N GLU B 380 55.00 23.00 -0.14
CA GLU B 380 56.07 22.19 0.50
C GLU B 380 55.95 20.74 0.05
N LEU B 381 54.72 20.21 0.02
CA LEU B 381 54.52 18.78 -0.35
C LEU B 381 54.60 18.63 -1.87
N GLY B 382 54.66 19.75 -2.60
CA GLY B 382 54.82 19.66 -4.07
C GLY B 382 53.50 19.34 -4.74
N ASN B 383 52.41 19.36 -3.97
CA ASN B 383 51.05 19.04 -4.51
C ASN B 383 50.70 19.99 -5.65
N VAL B 384 51.19 21.23 -5.63
CA VAL B 384 50.80 22.24 -6.66
C VAL B 384 51.15 21.71 -8.06
N GLY B 385 50.22 21.82 -9.01
CA GLY B 385 50.45 21.35 -10.39
C GLY B 385 50.04 19.90 -10.55
N GLN B 386 49.69 19.22 -9.46
CA GLN B 386 49.30 17.79 -9.51
C GLN B 386 47.88 17.63 -8.94
N THR B 387 47.63 18.19 -7.76
CA THR B 387 46.30 18.07 -7.10
C THR B 387 45.66 19.46 -6.95
N VAL B 388 46.48 20.50 -6.76
CA VAL B 388 45.95 21.88 -6.61
C VAL B 388 46.42 22.74 -7.79
N PHE B 389 45.50 23.43 -8.46
CA PHE B 389 45.85 24.22 -9.68
C PHE B 389 45.40 25.67 -9.48
N TYR B 390 46.23 26.62 -9.91
CA TYR B 390 45.90 28.06 -9.77
C TYR B 390 45.50 28.63 -11.13
N HIS B 391 44.42 29.41 -11.17
CA HIS B 391 43.91 29.98 -12.45
C HIS B 391 43.65 31.47 -12.26
N GLU B 392 43.52 32.22 -13.35
CA GLU B 392 43.20 33.67 -13.25
C GLU B 392 41.82 33.80 -12.60
N PRO B 393 41.52 34.86 -11.82
CA PRO B 393 40.25 34.96 -11.10
C PRO B 393 39.04 34.93 -12.05
N VAL B 394 38.01 34.14 -11.73
CA VAL B 394 36.85 33.98 -12.64
C VAL B 394 35.69 34.89 -12.22
N GLU B 395 35.69 35.40 -11.00
CA GLU B 395 34.53 36.18 -10.50
C GLU B 395 34.66 37.67 -10.85
N ALA B 396 34.76 38.03 -12.13
CA ALA B 396 34.80 39.47 -12.49
C ALA B 396 35.87 40.16 -11.65
N ARG B 397 35.49 41.20 -10.90
CA ARG B 397 36.44 41.84 -9.97
C ARG B 397 36.28 41.20 -8.59
N PRO B 398 37.22 40.35 -8.11
CA PRO B 398 37.14 39.79 -6.75
C PRO B 398 37.40 40.88 -5.72
N THR B 399 36.67 40.87 -4.60
CA THR B 399 36.82 41.96 -3.59
C THR B 399 36.36 41.45 -2.22
N ASN B 400 36.70 42.19 -1.14
CA ASN B 400 36.17 41.82 0.19
C ASN B 400 34.77 42.42 0.27
N GLN B 401 33.74 41.59 0.07
CA GLN B 401 32.35 42.10 0.00
C GLN B 401 31.90 42.74 1.31
N THR B 402 32.24 42.16 2.45
CA THR B 402 31.75 42.71 3.74
C THR B 402 32.29 44.12 3.94
N GLU B 403 33.57 44.36 3.62
CA GLU B 403 34.18 45.70 3.76
C GLU B 403 33.51 46.70 2.81
N GLU B 404 33.19 46.28 1.58
CA GLU B 404 32.53 47.17 0.60
C GLU B 404 31.14 47.58 1.11
N LEU B 405 30.39 46.65 1.70
CA LEU B 405 29.07 46.99 2.28
C LEU B 405 29.24 47.98 3.43
N VAL B 406 30.28 47.79 4.26
CA VAL B 406 30.55 48.71 5.41
C VAL B 406 30.84 50.11 4.85
N ALA B 407 31.61 50.18 3.75
CA ALA B 407 31.88 51.49 3.13
C ALA B 407 30.57 52.13 2.66
N LEU B 408 29.70 51.35 2.02
CA LEU B 408 28.42 51.89 1.49
C LEU B 408 27.53 52.38 2.65
N VAL B 409 27.44 51.61 3.74
CA VAL B 409 26.52 52.00 4.86
C VAL B 409 27.01 53.32 5.48
N SER B 410 28.32 53.50 5.61
CA SER B 410 28.87 54.76 6.16
C SER B 410 28.52 55.93 5.24
N GLU B 411 28.61 55.73 3.92
CA GLU B 411 28.25 56.79 2.95
C GLU B 411 26.76 57.12 3.07
N MET B 412 25.91 56.10 3.23
CA MET B 412 24.45 56.32 3.38
C MET B 412 24.18 57.10 4.67
N ALA B 413 24.89 56.78 5.76
CA ALA B 413 24.72 57.51 7.04
C ALA B 413 25.15 58.96 6.85
N ALA B 414 26.25 59.19 6.13
CA ALA B 414 26.74 60.56 5.84
C ALA B 414 25.71 61.30 4.97
N GLY B 415 25.04 60.58 4.07
CA GLY B 415 24.07 61.21 3.16
C GLY B 415 24.69 61.60 1.83
N ARG B 416 25.94 61.17 1.59
CA ARG B 416 26.63 61.47 0.31
C ARG B 416 25.88 60.82 -0.85
N VAL B 417 25.40 59.58 -0.66
CA VAL B 417 24.71 58.85 -1.77
C VAL B 417 23.36 59.52 -2.04
N GLU B 418 23.03 59.70 -3.33
CA GLU B 418 21.72 60.29 -3.70
C GLU B 418 20.89 59.24 -4.44
N THR B 419 21.56 58.28 -5.09
CA THR B 419 20.85 57.20 -5.82
C THR B 419 21.48 55.85 -5.48
N LEU B 420 20.68 54.85 -5.13
CA LEU B 420 21.24 53.49 -4.91
C LEU B 420 20.46 52.50 -5.78
N ILE B 421 21.15 51.75 -6.64
CA ILE B 421 20.46 50.72 -7.48
C ILE B 421 20.97 49.35 -7.03
N MET B 422 20.07 48.45 -6.67
CA MET B 422 20.50 47.12 -6.16
C MET B 422 19.95 46.02 -7.07
N ILE B 423 20.83 45.19 -7.63
CA ILE B 423 20.34 44.04 -8.45
C ILE B 423 20.25 42.81 -7.54
N GLY B 424 19.11 42.62 -6.87
CA GLY B 424 18.90 41.42 -6.04
C GLY B 424 19.70 41.43 -4.76
N GLY B 425 19.79 40.29 -4.07
CA GLY B 425 20.63 40.18 -2.86
C GLY B 425 19.90 40.51 -1.57
N ASN B 426 18.68 41.04 -1.62
CA ASN B 426 17.89 41.28 -0.38
C ASN B 426 18.79 41.95 0.67
N PRO B 427 19.40 43.14 0.42
CA PRO B 427 20.37 43.71 1.35
C PRO B 427 19.85 43.99 2.77
N VAL B 428 18.63 44.49 2.93
CA VAL B 428 18.18 44.85 4.30
C VAL B 428 18.16 43.60 5.18
N TYR B 429 17.57 42.50 4.70
CA TYR B 429 17.53 41.23 5.47
C TYR B 429 18.92 40.58 5.56
N ASN B 430 19.65 40.51 4.43
CA ASN B 430 20.97 39.83 4.38
C ASN B 430 22.07 40.55 5.18
N ALA B 431 22.08 41.89 5.17
CA ALA B 431 23.20 42.64 5.81
C ALA B 431 23.25 42.36 7.32
N PRO B 432 24.46 42.37 7.94
CA PRO B 432 24.61 42.10 9.37
C PRO B 432 23.84 43.13 10.21
N GLY B 433 23.36 42.74 11.39
CA GLY B 433 22.52 43.63 12.21
C GLY B 433 23.23 44.90 12.60
N ASP B 434 24.53 44.83 12.90
CA ASP B 434 25.27 46.03 13.38
C ASP B 434 25.22 47.14 12.32
N LEU B 435 25.24 46.78 11.03
CA LEU B 435 25.27 47.78 9.93
C LEU B 435 24.02 48.68 9.95
N ARG B 436 22.85 48.16 10.35
CA ARG B 436 21.58 48.94 10.33
C ARG B 436 21.31 49.48 8.93
N PHE B 437 21.38 48.61 7.91
CA PHE B 437 21.21 49.06 6.50
C PHE B 437 19.85 49.71 6.30
N ALA B 438 18.78 49.17 6.89
CA ALA B 438 17.42 49.70 6.64
C ALA B 438 17.30 51.16 7.09
N ASP B 439 17.85 51.48 8.27
CA ASP B 439 17.78 52.87 8.80
C ASP B 439 18.57 53.79 7.85
N ARG B 440 19.73 53.33 7.37
CA ARG B 440 20.57 54.17 6.48
C ARG B 440 19.94 54.24 5.08
N MET B 441 19.13 53.24 4.72
CA MET B 441 18.48 53.20 3.38
C MET B 441 17.44 54.32 3.30
N ALA B 442 16.80 54.63 4.44
CA ALA B 442 15.78 55.71 4.47
C ALA B 442 16.42 57.05 4.07
N SER B 443 17.67 57.29 4.48
CA SER B 443 18.33 58.60 4.20
C SER B 443 18.45 58.81 2.70
N VAL B 444 18.84 57.75 1.97
CA VAL B 444 19.02 57.79 0.49
C VAL B 444 17.71 58.23 -0.17
N PRO B 445 17.64 59.32 -0.98
CA PRO B 445 16.35 59.73 -1.54
C PRO B 445 15.66 58.72 -2.48
N LEU B 446 16.43 58.05 -3.34
CA LEU B 446 15.86 57.06 -4.31
C LEU B 446 16.63 55.74 -4.19
N THR B 447 15.92 54.60 -4.03
CA THR B 447 16.61 53.28 -3.98
C THR B 447 15.85 52.33 -4.91
N ILE B 448 16.51 51.76 -5.92
CA ILE B 448 15.80 50.92 -6.94
C ILE B 448 16.22 49.45 -6.76
N HIS B 449 15.25 48.54 -6.65
CA HIS B 449 15.60 47.11 -6.40
C HIS B 449 15.01 46.18 -7.47
N LEU B 450 15.82 45.30 -8.04
CA LEU B 450 15.32 44.27 -9.00
C LEU B 450 15.43 42.94 -8.23
N SER B 451 14.32 42.34 -7.81
CA SER B 451 14.45 41.16 -6.92
C SER B 451 13.79 39.86 -7.44
N GLN B 452 12.78 39.92 -8.30
CA GLN B 452 12.02 38.72 -8.78
C GLN B 452 10.94 38.41 -7.74
N PHE B 453 10.97 39.10 -6.60
CA PHE B 453 9.94 38.95 -5.54
C PHE B 453 9.82 40.30 -4.84
N VAL B 454 8.70 40.58 -4.18
CA VAL B 454 8.64 41.84 -3.37
C VAL B 454 9.27 41.52 -2.02
N ASP B 455 10.59 41.65 -1.91
CA ASP B 455 11.32 41.28 -0.67
C ASP B 455 11.24 42.40 0.35
N GLU B 456 11.82 42.19 1.54
CA GLU B 456 11.80 43.22 2.60
C GLU B 456 12.49 44.48 2.08
N THR B 457 13.60 44.33 1.35
CA THR B 457 14.32 45.50 0.77
C THR B 457 13.43 46.20 -0.24
N SER B 458 12.71 45.45 -1.09
CA SER B 458 11.82 46.04 -2.13
C SER B 458 10.69 46.82 -1.44
N ALA B 459 10.19 46.30 -0.32
CA ALA B 459 9.08 46.97 0.40
C ALA B 459 9.55 48.36 0.86
N ARG B 460 10.80 48.47 1.30
CA ARG B 460 11.34 49.77 1.79
C ARG B 460 12.00 50.54 0.64
N ALA B 461 11.96 50.00 -0.58
CA ALA B 461 12.65 50.63 -1.74
C ALA B 461 11.64 51.22 -2.72
N THR B 462 11.93 52.42 -3.23
CA THR B 462 11.07 53.03 -4.27
C THR B 462 11.33 52.33 -5.61
N TRP B 463 10.42 52.43 -6.58
CA TRP B 463 10.67 51.88 -7.93
C TRP B 463 11.09 50.40 -7.90
N HIS B 464 10.38 49.55 -7.17
CA HIS B 464 10.69 48.09 -7.23
C HIS B 464 10.40 47.61 -8.66
N ILE B 465 11.31 46.84 -9.25
CA ILE B 465 11.13 46.33 -10.64
C ILE B 465 11.18 44.80 -10.60
N PRO B 466 10.20 44.07 -11.18
CA PRO B 466 10.26 42.61 -11.22
C PRO B 466 11.45 42.11 -12.05
N GLN B 467 12.10 41.02 -11.61
CA GLN B 467 13.29 40.50 -12.31
C GLN B 467 12.93 39.17 -12.99
N ALA B 468 13.32 39.00 -14.25
CA ALA B 468 13.02 37.75 -14.97
C ALA B 468 13.75 36.58 -14.30
N HIS B 469 13.06 35.45 -14.12
CA HIS B 469 13.68 34.24 -13.52
C HIS B 469 14.72 33.70 -14.51
N PRO B 470 15.80 33.01 -14.09
CA PRO B 470 16.82 32.55 -15.02
C PRO B 470 16.24 31.65 -16.12
N LEU B 471 15.27 30.81 -15.77
CA LEU B 471 14.63 29.88 -16.76
C LEU B 471 13.94 30.69 -17.87
N GLU B 472 13.35 31.83 -17.54
CA GLU B 472 12.60 32.64 -18.55
C GLU B 472 13.44 33.83 -19.06
N SER B 473 14.76 33.85 -18.81
CA SER B 473 15.55 35.05 -19.17
C SER B 473 16.75 34.72 -20.08
N TRP B 474 17.21 35.71 -20.87
CA TRP B 474 18.43 35.54 -21.70
C TRP B 474 19.62 36.03 -20.88
N GLY B 475 20.66 35.20 -20.72
CA GLY B 475 21.79 35.59 -19.85
C GLY B 475 23.04 34.78 -20.11
N ASP B 476 24.15 35.14 -19.47
CA ASP B 476 25.40 34.35 -19.57
C ASP B 476 25.97 34.21 -18.15
N ALA B 477 26.71 33.15 -17.87
CA ALA B 477 27.31 32.95 -16.52
C ALA B 477 28.64 32.20 -16.66
N ARG B 478 29.52 32.32 -15.67
CA ARG B 478 30.82 31.58 -15.70
C ARG B 478 30.90 30.59 -14.54
N ALA B 479 31.43 29.39 -14.80
CA ALA B 479 31.58 28.35 -13.74
C ALA B 479 32.86 28.64 -12.93
N PHE B 480 33.08 27.86 -11.87
CA PHE B 480 34.27 28.07 -10.99
C PHE B 480 35.55 27.87 -11.81
N ASP B 481 35.56 26.85 -12.68
CA ASP B 481 36.69 26.62 -13.60
C ASP B 481 36.74 27.78 -14.61
N GLY B 482 35.58 28.29 -15.01
CA GLY B 482 35.51 29.32 -16.06
C GLY B 482 34.98 28.67 -17.31
N THR B 483 33.71 28.92 -17.66
CA THR B 483 33.10 28.21 -18.80
C THR B 483 32.38 29.19 -19.73
N ALA B 484 31.81 30.26 -19.17
CA ALA B 484 31.04 31.23 -20.01
C ALA B 484 29.83 30.55 -20.65
N SER B 485 29.10 29.73 -19.90
CA SER B 485 27.89 29.02 -20.42
C SER B 485 26.77 30.04 -20.68
N ILE B 486 25.86 29.73 -21.61
CA ILE B 486 24.79 30.71 -22.00
C ILE B 486 23.45 30.27 -21.39
N VAL B 487 22.77 31.18 -20.67
CA VAL B 487 21.41 30.88 -20.13
C VAL B 487 20.42 31.05 -21.28
N GLN B 488 19.52 30.08 -21.48
CA GLN B 488 18.56 30.13 -22.61
C GLN B 488 17.14 30.16 -22.04
N PRO B 489 16.26 31.08 -22.46
CA PRO B 489 14.87 31.10 -21.99
C PRO B 489 14.08 29.92 -22.55
N LEU B 490 13.31 29.23 -21.69
CA LEU B 490 12.44 28.14 -22.20
C LEU B 490 11.03 28.68 -22.41
N ILE B 491 10.71 29.80 -21.77
CA ILE B 491 9.35 30.40 -21.89
C ILE B 491 9.49 31.92 -21.88
N GLU B 492 8.59 32.63 -22.57
CA GLU B 492 8.61 34.12 -22.48
C GLU B 492 8.23 34.45 -21.04
N PRO B 493 8.75 35.54 -20.43
CA PRO B 493 8.49 35.78 -19.00
C PRO B 493 6.98 35.79 -18.72
N LEU B 494 6.54 35.03 -17.71
CA LEU B 494 5.09 34.90 -17.41
C LEU B 494 4.51 36.26 -16.99
N TYR B 495 5.22 36.99 -16.12
CA TYR B 495 4.71 38.28 -15.58
C TYR B 495 5.57 39.41 -16.13
N GLY B 496 6.23 39.17 -17.27
CA GLY B 496 7.19 40.17 -17.79
C GLY B 496 8.36 40.31 -16.83
N GLY B 497 8.76 41.53 -16.51
CA GLY B 497 9.94 41.72 -15.66
C GLY B 497 11.18 41.95 -16.50
N LYS B 498 12.22 42.56 -15.93
CA LYS B 498 13.40 42.91 -16.76
C LYS B 498 14.66 42.21 -16.23
N THR B 499 15.52 41.75 -17.14
CA THR B 499 16.80 41.10 -16.75
C THR B 499 17.77 42.19 -16.26
N ALA B 500 18.83 41.79 -15.55
CA ALA B 500 19.80 42.77 -14.99
C ALA B 500 20.45 43.57 -16.11
N ASN B 501 20.78 42.91 -17.23
CA ASN B 501 21.46 43.60 -18.38
C ASN B 501 20.52 44.66 -18.96
N GLU B 502 19.22 44.40 -19.00
CA GLU B 502 18.23 45.37 -19.54
C GLU B 502 18.20 46.61 -18.63
N LEU B 503 18.28 46.42 -17.32
CA LEU B 503 18.33 47.57 -16.37
C LEU B 503 19.59 48.38 -16.65
N LEU B 504 20.73 47.70 -16.83
CA LEU B 504 22.02 48.38 -17.10
C LEU B 504 21.91 49.19 -18.40
N ALA B 505 21.25 48.63 -19.42
CA ALA B 505 21.11 49.33 -20.72
C ALA B 505 20.37 50.65 -20.51
N ALA B 506 19.27 50.63 -19.75
CA ALA B 506 18.49 51.87 -19.51
C ALA B 506 19.38 52.91 -18.84
N MET B 507 20.23 52.48 -17.89
CA MET B 507 21.18 53.41 -17.22
C MET B 507 22.18 53.94 -18.25
N LEU B 508 22.60 53.11 -19.20
CA LEU B 508 23.61 53.51 -20.22
C LEU B 508 22.96 54.41 -21.28
N GLY B 509 21.64 54.63 -21.18
CA GLY B 509 20.95 55.56 -22.11
C GLY B 509 20.24 54.87 -23.26
N GLN B 510 20.23 53.52 -23.27
CA GLN B 510 19.43 52.82 -24.31
C GLN B 510 18.25 52.13 -23.63
N PRO B 511 17.03 52.73 -23.64
CA PRO B 511 15.85 52.10 -23.07
C PRO B 511 15.25 51.08 -24.04
N GLU B 512 14.33 50.22 -23.58
CA GLU B 512 13.66 49.22 -24.47
C GLU B 512 14.68 48.39 -25.25
N ALA B 513 15.75 47.95 -24.58
CA ALA B 513 16.74 47.08 -25.25
C ALA B 513 16.45 45.62 -24.89
N GLU B 514 16.28 44.76 -25.89
CA GLU B 514 15.93 43.34 -25.64
C GLU B 514 17.10 42.62 -24.98
N SER B 515 16.82 41.71 -24.04
CA SER B 515 17.91 40.93 -23.38
C SER B 515 18.61 40.07 -24.43
N TYR B 516 17.85 39.49 -25.37
CA TYR B 516 18.45 38.58 -26.38
C TYR B 516 19.49 39.34 -27.21
N ASP B 517 19.16 40.55 -27.65
CA ASP B 517 20.11 41.36 -28.45
C ASP B 517 21.34 41.72 -27.61
N LEU B 518 21.14 42.11 -26.33
CA LEU B 518 22.30 42.58 -25.53
C LEU B 518 23.33 41.45 -25.38
N VAL B 519 22.86 40.26 -24.99
CA VAL B 519 23.79 39.11 -24.77
C VAL B 519 24.37 38.68 -26.13
N ARG B 520 23.55 38.62 -27.17
CA ARG B 520 24.02 38.14 -28.50
C ARG B 520 25.06 39.12 -29.05
N SER B 521 24.83 40.44 -28.89
CA SER B 521 25.76 41.43 -29.48
C SER B 521 27.14 41.31 -28.82
N PHE B 522 27.17 41.13 -27.49
CA PHE B 522 28.47 40.97 -26.79
C PHE B 522 29.17 39.69 -27.26
N TRP B 523 28.42 38.59 -27.32
CA TRP B 523 29.03 37.28 -27.70
C TRP B 523 29.46 37.24 -29.17
N LEU B 524 28.64 37.82 -30.06
CA LEU B 524 29.01 37.87 -31.50
C LEU B 524 30.27 38.72 -31.64
N GLU B 525 31.20 38.29 -32.52
CA GLU B 525 32.49 39.01 -32.77
C GLU B 525 33.50 38.58 -31.69
N GLN B 526 33.05 37.86 -30.67
CA GLN B 526 34.00 37.31 -29.68
C GLN B 526 34.12 35.81 -29.97
N ILE B 527 32.98 35.14 -30.14
CA ILE B 527 32.99 33.69 -30.51
C ILE B 527 32.50 33.58 -31.96
N GLY B 528 31.87 34.63 -32.48
CA GLY B 528 31.34 34.60 -33.87
C GLY B 528 29.91 34.09 -33.92
N GLU B 529 29.23 34.28 -35.05
CA GLU B 529 27.83 33.77 -35.21
C GLU B 529 27.83 32.24 -35.14
N THR B 530 28.79 31.59 -35.81
CA THR B 530 28.87 30.10 -35.79
C THR B 530 29.13 29.63 -34.36
N GLY B 531 29.98 30.33 -33.61
CA GLY B 531 30.23 29.98 -32.20
C GLY B 531 28.97 30.11 -31.37
N TRP B 532 28.19 31.16 -31.61
CA TRP B 532 26.91 31.38 -30.87
C TRP B 532 25.98 30.19 -31.11
N GLN B 533 25.90 29.70 -32.36
CA GLN B 533 24.99 28.58 -32.69
C GLN B 533 25.46 27.30 -31.97
N VAL B 534 26.77 27.04 -31.99
CA VAL B 534 27.32 25.85 -31.29
C VAL B 534 27.10 26.02 -29.78
N ALA B 535 27.30 27.23 -29.26
CA ALA B 535 27.18 27.48 -27.81
C ALA B 535 25.75 27.20 -27.33
N LEU B 536 24.75 27.62 -28.10
CA LEU B 536 23.33 27.33 -27.73
C LEU B 536 23.04 25.83 -27.80
N ALA B 537 23.51 25.14 -28.85
CA ALA B 537 23.23 23.70 -29.02
C ALA B 537 23.86 22.92 -27.87
N ASN B 538 25.11 23.23 -27.53
CA ASN B 538 25.79 22.58 -26.38
C ASN B 538 25.48 23.41 -25.13
N GLY B 539 25.97 23.01 -23.96
CA GLY B 539 25.77 23.86 -22.77
C GLY B 539 27.00 24.67 -22.41
N VAL B 540 28.05 24.64 -23.24
CA VAL B 540 29.33 25.31 -22.86
C VAL B 540 29.90 26.11 -24.03
N ILE B 541 30.73 27.11 -23.74
CA ILE B 541 31.45 27.83 -24.83
C ILE B 541 32.88 27.29 -24.80
N ALA B 542 33.30 26.59 -25.85
CA ALA B 542 34.64 25.93 -25.85
C ALA B 542 35.76 26.97 -25.74
N GLU B 543 35.61 28.11 -26.41
CA GLU B 543 36.71 29.12 -26.46
C GLU B 543 37.07 29.64 -25.05
N THR B 544 36.07 29.89 -24.19
CA THR B 544 36.36 30.54 -22.88
C THR B 544 36.70 29.54 -21.77
N VAL B 545 37.86 29.72 -21.12
CA VAL B 545 38.25 28.89 -19.94
C VAL B 545 39.23 29.76 -19.15
N ALA B 546 39.45 29.48 -17.86
CA ALA B 546 40.46 30.28 -17.12
C ALA B 546 41.87 29.76 -17.45
N PRO B 547 42.80 30.65 -17.85
CA PRO B 547 44.18 30.25 -18.15
C PRO B 547 44.93 29.82 -16.88
N VAL B 548 45.71 28.74 -16.96
CA VAL B 548 46.53 28.30 -15.79
C VAL B 548 47.68 29.30 -15.61
N ILE B 549 47.87 29.80 -14.38
CA ILE B 549 49.01 30.72 -14.10
C ILE B 549 49.83 30.15 -12.94
N GLU B 550 51.12 30.45 -12.89
CA GLU B 550 51.95 29.99 -11.74
C GLU B 550 52.23 31.20 -10.85
N PRO B 551 51.59 31.31 -9.66
CA PRO B 551 51.85 32.42 -8.74
C PRO B 551 53.08 32.15 -7.86
N THR B 552 53.64 33.21 -7.26
CA THR B 552 54.83 33.05 -6.39
C THR B 552 54.42 33.20 -4.93
N LEU B 553 54.78 32.25 -4.07
CA LEU B 553 54.34 32.27 -2.65
C LEU B 553 55.25 33.22 -1.86
N ASN B 554 54.65 34.16 -1.12
CA ASN B 554 55.45 35.10 -0.28
C ASN B 554 55.61 34.46 1.10
N GLU B 555 56.78 33.91 1.39
CA GLU B 555 57.02 33.21 2.68
C GLU B 555 56.93 34.22 3.82
N GLY B 556 57.51 35.41 3.65
CA GLY B 556 57.55 36.38 4.77
C GLY B 556 56.17 36.81 5.20
N ALA B 557 55.28 37.13 4.25
CA ALA B 557 53.93 37.65 4.63
C ALA B 557 53.14 36.58 5.38
N ILE B 558 53.16 35.33 4.89
CA ILE B 558 52.36 34.24 5.53
C ILE B 558 52.94 33.93 6.92
N ARG B 559 54.27 33.91 7.04
CA ARG B 559 54.93 33.62 8.34
C ARG B 559 54.64 34.75 9.33
N ALA B 560 54.69 36.00 8.87
CA ALA B 560 54.44 37.17 9.77
C ALA B 560 52.93 37.46 9.84
N THR B 561 52.17 36.59 10.50
CA THR B 561 50.70 36.80 10.66
C THR B 561 50.35 36.52 12.13
N PRO B 562 49.33 37.17 12.73
CA PRO B 562 48.95 36.92 14.13
C PRO B 562 48.50 35.48 14.47
N ILE B 563 47.76 34.80 13.58
CA ILE B 563 47.22 33.44 13.91
C ILE B 563 46.47 33.50 15.24
N PRO B 564 45.31 34.20 15.33
CA PRO B 564 44.62 34.41 16.61
C PRO B 564 44.28 33.14 17.39
N GLN B 565 44.57 33.14 18.70
CA GLN B 565 44.32 31.96 19.57
C GLN B 565 42.84 31.83 19.90
N PRO B 566 42.28 30.61 19.98
CA PRO B 566 40.88 30.40 20.34
C PRO B 566 40.55 30.49 21.84
N GLY B 567 39.28 30.68 22.19
CA GLY B 567 38.86 30.65 23.61
C GLY B 567 38.45 32.00 24.16
N ASP B 568 37.15 32.25 24.26
CA ASP B 568 36.64 33.49 24.90
C ASP B 568 35.29 33.18 25.57
N GLY B 569 35.01 31.89 25.81
CA GLY B 569 33.69 31.50 26.34
C GLY B 569 32.87 30.80 25.27
N VAL B 570 31.56 30.62 25.50
CA VAL B 570 30.73 29.85 24.52
C VAL B 570 30.82 30.55 23.17
N GLU B 571 30.97 29.77 22.08
CA GLU B 571 31.16 30.37 20.74
C GLU B 571 29.92 30.12 19.87
N ILE B 572 29.70 30.96 18.86
CA ILE B 572 28.54 30.78 17.94
C ILE B 572 29.10 30.55 16.54
N VAL B 573 28.63 29.51 15.85
CA VAL B 573 29.07 29.26 14.45
C VAL B 573 27.89 29.53 13.52
N PHE B 574 28.10 30.34 12.49
CA PHE B 574 27.02 30.68 11.53
C PHE B 574 27.24 29.86 10.25
N ARG B 575 26.27 29.02 9.90
CA ARG B 575 26.42 28.13 8.71
C ARG B 575 25.23 28.36 7.77
N PRO B 576 25.43 28.38 6.43
CA PRO B 576 24.30 28.50 5.51
C PRO B 576 23.38 27.28 5.66
N ASP B 577 22.07 27.49 5.61
CA ASP B 577 21.11 26.37 5.80
C ASP B 577 21.30 25.37 4.65
N PRO B 578 21.28 24.05 4.92
CA PRO B 578 21.46 23.05 3.87
C PRO B 578 20.36 23.13 2.79
N SER B 579 19.10 23.37 3.20
CA SER B 579 17.98 23.38 2.22
C SER B 579 17.61 24.80 1.77
N LEU B 580 17.75 25.82 2.63
CA LEU B 580 17.29 27.19 2.27
C LEU B 580 18.43 28.07 1.77
N PHE B 581 19.68 27.61 1.87
CA PHE B 581 20.84 28.45 1.49
C PHE B 581 20.85 29.75 2.31
N ASP B 582 20.82 30.91 1.64
CA ASP B 582 20.85 32.23 2.33
C ASP B 582 19.44 32.70 2.65
N GLY B 583 18.42 31.88 2.38
CA GLY B 583 17.01 32.27 2.62
C GLY B 583 16.28 32.68 1.36
N PHE B 584 16.98 32.68 0.21
CA PHE B 584 16.29 32.96 -1.08
C PHE B 584 15.24 31.87 -1.33
N TYR B 585 15.56 30.63 -0.96
CA TYR B 585 14.68 29.48 -1.28
C TYR B 585 13.66 29.22 -0.16
N ALA B 586 13.50 30.16 0.77
CA ALA B 586 12.56 29.97 1.90
C ALA B 586 11.13 29.81 1.37
N ASN B 587 10.76 30.58 0.33
CA ASN B 587 9.41 30.48 -0.27
C ASN B 587 9.21 29.08 -0.88
N ASN B 588 10.24 28.49 -1.47
CA ASN B 588 10.05 27.20 -2.19
C ASN B 588 9.53 26.14 -1.20
N GLY B 589 8.42 25.49 -1.54
CA GLY B 589 7.83 24.45 -0.68
C GLY B 589 8.67 23.19 -0.57
N TRP B 590 9.25 22.72 -1.69
CA TRP B 590 9.97 21.43 -1.68
C TRP B 590 11.16 21.51 -0.72
N LEU B 591 11.94 22.59 -0.79
CA LEU B 591 13.15 22.72 0.06
C LEU B 591 12.79 22.84 1.54
N GLN B 592 11.75 23.62 1.87
CA GLN B 592 11.34 23.78 3.29
C GLN B 592 10.84 22.45 3.84
N GLU B 593 10.12 21.67 3.03
CA GLU B 593 9.57 20.37 3.50
C GLU B 593 10.69 19.32 3.55
N LEU B 594 11.79 19.54 2.83
CA LEU B 594 12.88 18.54 2.76
C LEU B 594 13.51 18.38 4.15
N PRO B 595 13.73 17.14 4.65
CA PRO B 595 14.42 16.96 5.93
C PRO B 595 15.88 17.39 5.81
N ARG B 596 16.35 18.23 6.73
CA ARG B 596 17.75 18.75 6.67
C ARG B 596 18.72 17.59 6.98
N PRO B 597 19.80 17.39 6.21
CA PRO B 597 20.69 16.25 6.44
C PRO B 597 21.36 16.32 7.81
N LEU B 598 21.40 15.22 8.56
CA LEU B 598 22.10 15.11 9.88
C LEU B 598 21.24 15.69 11.01
N THR B 599 20.13 16.40 10.74
CA THR B 599 19.29 16.88 11.87
C THR B 599 17.85 16.46 11.62
N LYS B 600 17.51 16.14 10.37
CA LYS B 600 16.15 15.66 9.96
C LYS B 600 15.00 16.59 10.37
N LEU B 601 15.28 17.87 10.61
CA LEU B 601 14.27 18.90 11.01
C LEU B 601 13.57 19.40 9.75
N VAL B 602 12.34 19.89 9.89
CA VAL B 602 11.56 20.38 8.71
C VAL B 602 10.80 21.67 9.07
N TRP B 603 10.81 22.67 8.19
CA TRP B 603 10.02 23.92 8.39
C TRP B 603 10.46 24.70 9.62
N ASP B 604 11.71 24.53 10.08
CA ASP B 604 12.10 25.22 11.35
C ASP B 604 13.62 25.41 11.45
N ASN B 605 14.05 26.34 12.32
CA ASN B 605 15.49 26.56 12.57
C ASN B 605 15.73 26.32 14.06
N ALA B 606 16.77 25.57 14.41
CA ALA B 606 17.06 25.29 15.83
C ALA B 606 18.56 25.48 16.10
N ALA B 607 18.92 25.89 17.33
CA ALA B 607 20.34 25.97 17.69
C ALA B 607 20.88 24.54 17.83
N LEU B 608 22.03 24.24 17.26
CA LEU B 608 22.53 22.84 17.29
C LEU B 608 23.71 22.75 18.24
N MET B 609 23.63 21.86 19.24
CA MET B 609 24.71 21.77 20.26
C MET B 609 24.95 20.31 20.62
N SER B 610 26.15 19.99 21.14
CA SER B 610 26.47 18.61 21.56
C SER B 610 25.71 18.31 22.85
N PRO B 611 25.46 17.03 23.21
CA PRO B 611 24.67 16.73 24.40
C PRO B 611 25.32 17.34 25.65
N ARG B 612 26.66 17.27 25.75
CA ARG B 612 27.39 17.83 26.92
C ARG B 612 27.16 19.34 27.01
N THR B 613 27.18 20.03 25.86
CA THR B 613 27.01 21.51 25.86
C THR B 613 25.63 21.85 26.43
N ALA B 614 24.60 21.11 26.00
CA ALA B 614 23.23 21.39 26.48
C ALA B 614 23.13 21.14 27.99
N ILE B 615 23.77 20.07 28.48
CA ILE B 615 23.63 19.75 29.92
C ILE B 615 24.20 20.90 30.74
N LYS B 616 25.40 21.39 30.40
CA LYS B 616 26.03 22.46 31.21
C LYS B 616 25.32 23.80 31.05
N LEU B 617 25.05 24.23 29.81
CA LEU B 617 24.45 25.57 29.58
C LEU B 617 22.99 25.65 30.01
N LEU B 618 22.17 24.63 29.72
CA LEU B 618 20.72 24.72 30.02
C LEU B 618 20.40 24.01 31.34
N GLY B 619 21.40 23.46 32.01
CA GLY B 619 21.18 22.78 33.31
C GLY B 619 20.24 21.59 33.21
N LEU B 620 20.29 20.85 32.10
CA LEU B 620 19.45 19.62 31.95
C LEU B 620 19.98 18.54 32.89
N PRO B 621 19.12 17.76 33.57
CA PRO B 621 19.59 16.78 34.56
C PRO B 621 20.01 15.41 33.97
N PHE B 622 21.16 15.37 33.30
CA PHE B 622 21.67 14.09 32.73
C PHE B 622 23.19 14.06 32.94
N ASN B 623 23.78 12.88 33.13
CA ASN B 623 25.23 12.76 33.41
C ASN B 623 26.04 13.05 32.13
N ALA B 624 25.62 12.49 30.99
CA ALA B 624 26.28 12.70 29.67
C ALA B 624 27.55 11.83 29.55
N ASP B 625 27.93 11.14 30.64
CA ASP B 625 29.07 10.19 30.57
C ASP B 625 28.46 8.79 30.45
N ARG B 626 27.16 8.67 30.71
CA ARG B 626 26.45 7.37 30.57
C ARG B 626 26.48 6.97 29.10
N LEU B 627 26.41 7.95 28.20
CA LEU B 627 26.42 7.66 26.75
C LEU B 627 27.74 6.95 26.40
N ILE B 628 28.86 7.37 26.98
CA ILE B 628 30.18 6.72 26.72
C ILE B 628 30.15 5.28 27.22
N GLY B 629 30.67 4.33 26.44
CA GLY B 629 30.72 2.93 26.91
C GLY B 629 31.21 1.96 25.85
N THR B 630 31.40 0.69 26.21
CA THR B 630 31.89 -0.35 25.28
C THR B 630 30.73 -0.98 24.52
N GLU B 631 31.01 -1.95 23.63
CA GLU B 631 29.96 -2.64 22.84
C GLU B 631 29.00 -3.39 23.75
N ALA B 632 29.47 -3.90 24.89
CA ALA B 632 28.62 -4.73 25.78
C ALA B 632 27.40 -3.93 26.26
N ASP B 633 27.57 -2.64 26.59
CA ASP B 633 26.45 -1.82 27.12
C ASP B 633 25.89 -0.92 26.02
N ASP B 634 26.14 -1.23 24.74
CA ASP B 634 25.71 -0.33 23.64
C ASP B 634 24.20 -0.14 23.66
N ARG B 635 23.43 -1.21 23.87
CA ARG B 635 21.95 -1.09 23.84
C ARG B 635 21.47 -0.16 24.95
N GLU B 636 22.07 -0.26 26.14
CA GLU B 636 21.70 0.63 27.28
C GLU B 636 22.02 2.09 26.93
N ARG B 637 23.16 2.35 26.28
CA ARG B 637 23.57 3.74 25.96
C ARG B 637 22.64 4.31 24.89
N GLN B 638 22.19 3.48 23.94
CA GLN B 638 21.23 3.94 22.89
C GLN B 638 19.92 4.34 23.56
N GLN B 639 19.47 3.56 24.54
CA GLN B 639 18.22 3.90 25.28
C GLN B 639 18.41 5.23 26.01
N TYR B 640 19.59 5.45 26.60
CA TYR B 640 19.86 6.71 27.35
C TYR B 640 19.82 7.89 26.39
N LEU B 641 20.31 7.73 25.17
CA LEU B 641 20.30 8.81 24.15
C LEU B 641 18.83 9.17 23.85
N GLU B 642 17.95 8.18 23.77
CA GLU B 642 16.51 8.45 23.56
C GLU B 642 15.97 9.24 24.75
N GLN B 643 16.35 8.89 25.98
CA GLN B 643 15.94 9.66 27.18
C GLN B 643 16.55 11.06 27.14
N LEU B 644 17.80 11.19 26.68
CA LEU B 644 18.47 12.51 26.56
C LEU B 644 17.68 13.34 25.55
N SER B 645 17.10 12.70 24.53
CA SER B 645 16.21 13.45 23.60
C SER B 645 14.94 13.82 24.36
N LYS B 646 13.99 14.51 23.72
CA LYS B 646 12.73 14.97 24.39
C LYS B 646 13.04 16.26 25.14
N VAL B 647 14.32 16.67 25.18
CA VAL B 647 14.68 18.00 25.75
C VAL B 647 14.83 18.90 24.54
N ASN B 648 14.65 18.33 23.35
CA ASN B 648 14.79 19.09 22.09
C ASN B 648 13.60 20.04 21.95
N GLY B 649 13.87 21.33 21.74
CA GLY B 649 12.79 22.32 21.63
C GLY B 649 12.76 23.26 22.82
N THR B 650 13.57 23.00 23.85
CA THR B 650 13.63 23.98 24.97
C THR B 650 14.19 25.28 24.42
N ILE B 651 13.57 26.41 24.75
CA ILE B 651 14.03 27.70 24.17
C ILE B 651 15.19 28.23 25.01
N ALA B 652 16.30 28.59 24.36
CA ALA B 652 17.44 29.18 25.10
C ALA B 652 17.60 30.63 24.65
N ARG B 653 17.66 31.57 25.60
CA ARG B 653 17.90 32.99 25.22
C ARG B 653 19.40 33.17 25.09
N ILE B 654 19.89 33.50 23.90
CA ILE B 654 21.36 33.61 23.69
C ILE B 654 21.71 35.08 23.45
N GLU B 655 22.59 35.65 24.27
CA GLU B 655 23.04 37.05 24.04
C GLU B 655 24.47 37.02 23.50
N TYR B 656 24.68 37.55 22.28
CA TYR B 656 26.02 37.48 21.64
C TYR B 656 26.70 38.84 21.79
N ARG B 657 26.26 39.84 21.03
CA ARG B 657 26.82 41.22 21.17
C ARG B 657 25.66 42.23 21.20
N GLY B 658 24.88 42.22 22.29
CA GLY B 658 23.73 43.14 22.40
C GLY B 658 22.49 42.63 21.69
N GLY B 659 22.52 41.39 21.20
CA GLY B 659 21.37 40.80 20.48
C GLY B 659 20.89 39.51 21.13
N ILE B 660 19.58 39.36 21.30
CA ILE B 660 19.01 38.10 21.89
C ILE B 660 18.19 37.37 20.83
N ILE B 661 18.44 36.07 20.65
CA ILE B 661 17.75 35.30 19.56
C ILE B 661 16.53 34.54 20.09
N GLU B 662 16.57 34.04 21.33
CA GLU B 662 15.44 33.22 21.87
C GLU B 662 15.09 32.06 20.93
N ILE B 663 16.08 31.25 20.53
CA ILE B 663 15.84 30.16 19.52
C ILE B 663 15.71 28.80 20.24
N PRO B 664 14.79 27.90 19.81
CA PRO B 664 14.69 26.54 20.37
C PRO B 664 15.95 25.72 20.07
N ILE B 665 16.30 24.76 20.93
CA ILE B 665 17.59 24.02 20.75
C ILE B 665 17.34 22.57 20.29
N TRP B 666 18.13 22.09 19.33
CA TRP B 666 18.03 20.68 18.88
C TRP B 666 19.39 20.02 19.14
N LEU B 667 19.40 18.83 19.76
CA LEU B 667 20.69 18.21 20.13
C LEU B 667 21.33 17.55 18.91
N LEU B 668 22.58 17.90 18.60
CA LEU B 668 23.33 17.29 17.49
C LEU B 668 24.49 16.50 18.11
N PRO B 669 24.53 15.13 18.11
CA PRO B 669 25.56 14.41 18.85
C PRO B 669 26.99 14.75 18.41
N GLY B 670 27.28 14.82 17.10
CA GLY B 670 28.66 15.03 16.62
C GLY B 670 29.21 16.43 16.86
N HIS B 671 28.37 17.37 17.31
CA HIS B 671 28.80 18.79 17.45
C HIS B 671 29.97 18.95 18.43
N ALA B 672 30.78 19.99 18.23
CA ALA B 672 31.91 20.28 19.16
C ALA B 672 31.37 20.83 20.48
N GLU B 673 32.08 20.60 21.58
CA GLU B 673 31.65 21.09 22.91
C GLU B 673 31.84 22.60 22.99
N ASP B 674 31.01 23.29 23.79
CA ASP B 674 31.12 24.77 23.96
C ASP B 674 30.97 25.48 22.61
N SER B 675 30.08 24.98 21.76
CA SER B 675 29.85 25.59 20.42
C SER B 675 28.37 25.44 20.04
N ILE B 676 27.79 26.46 19.39
CA ILE B 676 26.37 26.40 18.94
C ILE B 676 26.34 26.74 17.44
N THR B 677 25.59 25.96 16.65
CA THR B 677 25.45 26.27 15.20
C THR B 677 24.08 26.89 14.94
N LEU B 678 24.06 28.07 14.31
CA LEU B 678 22.79 28.75 13.97
C LEU B 678 22.70 28.86 12.44
N ASN B 679 21.57 28.46 11.85
CA ASN B 679 21.47 28.42 10.36
C ASN B 679 20.81 29.71 9.83
N LEU B 680 21.44 30.33 8.83
CA LEU B 680 20.90 31.57 8.22
C LEU B 680 19.75 31.22 7.28
N GLY B 681 18.94 32.20 6.88
CA GLY B 681 17.86 31.94 5.91
C GLY B 681 16.48 31.77 6.50
N TYR B 682 16.29 32.07 7.79
CA TYR B 682 14.98 31.87 8.44
C TYR B 682 14.47 33.17 9.03
N GLY B 683 13.17 33.26 9.34
CA GLY B 683 12.62 34.46 9.99
C GLY B 683 12.31 35.58 9.01
N ARG B 684 12.25 35.26 7.71
CA ARG B 684 11.86 36.29 6.69
C ARG B 684 10.43 36.74 6.98
N THR B 685 10.11 38.02 6.76
CA THR B 685 8.75 38.54 7.04
C THR B 685 8.01 38.89 5.74
N HIS B 686 8.73 39.17 4.66
CA HIS B 686 8.09 39.58 3.38
C HIS B 686 8.19 38.44 2.35
N ALA B 687 8.48 37.23 2.81
CA ALA B 687 8.51 36.06 1.90
C ALA B 687 7.08 35.68 1.52
N GLY B 688 6.92 34.74 0.60
CA GLY B 688 5.57 34.37 0.12
C GLY B 688 4.78 33.59 1.15
N ARG B 689 3.55 33.18 0.84
CA ARG B 689 2.69 32.52 1.84
C ARG B 689 3.42 31.29 2.41
N VAL B 690 4.11 30.52 1.56
CA VAL B 690 4.93 29.40 2.11
C VAL B 690 6.16 30.00 2.77
N GLY B 691 6.48 29.58 4.00
CA GLY B 691 7.62 30.16 4.74
C GLY B 691 7.49 31.66 4.95
N ASN B 692 6.27 32.14 5.19
CA ASN B 692 6.04 33.58 5.45
C ASN B 692 6.73 34.01 6.74
N ASN B 693 6.63 33.24 7.84
CA ASN B 693 7.24 33.56 9.18
C ASN B 693 7.81 32.23 9.78
N VAL B 694 8.84 31.55 9.21
CA VAL B 694 9.28 30.22 9.74
C VAL B 694 10.69 30.36 10.33
N GLY B 695 10.88 29.84 11.56
CA GLY B 695 12.22 29.87 12.19
C GLY B 695 12.52 31.21 12.83
N ILE B 696 13.75 31.37 13.34
CA ILE B 696 14.16 32.65 13.99
C ILE B 696 15.31 33.25 13.18
N ASP B 697 15.24 34.54 12.85
CA ASP B 697 16.31 35.20 12.05
C ASP B 697 17.59 35.28 12.87
N VAL B 698 18.72 34.88 12.27
CA VAL B 698 20.04 34.92 12.98
C VAL B 698 20.86 36.10 12.46
N TYR B 699 20.35 36.79 11.43
CA TYR B 699 21.11 37.92 10.82
C TYR B 699 21.36 39.07 11.80
N PRO B 700 20.43 39.51 12.68
CA PRO B 700 20.72 40.64 13.57
C PRO B 700 21.90 40.41 14.53
N ILE B 701 21.99 39.23 15.12
CA ILE B 701 23.14 38.90 16.03
C ILE B 701 24.45 38.87 15.24
N ARG B 702 24.42 38.41 13.98
CA ARG B 702 25.67 38.27 13.17
C ARG B 702 26.34 39.63 13.03
N THR B 703 27.67 39.68 13.10
CA THR B 703 28.40 40.98 13.08
C THR B 703 29.39 41.01 11.91
N SER B 704 29.66 42.21 11.38
CA SER B 704 30.58 42.36 10.22
C SER B 704 32.01 41.92 10.59
N ASP B 705 32.48 42.26 11.79
CA ASP B 705 33.88 41.94 12.19
C ASP B 705 34.10 40.42 12.22
N SER B 706 33.13 39.66 12.74
CA SER B 706 33.27 38.19 12.85
C SER B 706 32.04 37.51 12.24
N PRO B 707 31.91 37.44 10.89
CA PRO B 707 30.71 36.90 10.27
C PRO B 707 30.42 35.41 10.54
N TRP B 708 31.44 34.55 10.53
CA TRP B 708 31.21 33.09 10.67
C TRP B 708 31.52 32.58 12.08
N PHE B 709 32.00 33.44 12.99
CA PHE B 709 32.44 32.93 14.32
C PHE B 709 31.90 33.81 15.46
N GLY B 710 31.83 33.24 16.67
CA GLY B 710 31.35 34.00 17.84
C GLY B 710 32.29 33.83 19.03
N ALA B 711 32.37 34.82 19.91
CA ALA B 711 33.34 34.75 21.03
C ALA B 711 32.65 34.41 22.36
N GLY B 712 31.59 35.15 22.72
CA GLY B 712 30.92 34.92 24.02
C GLY B 712 29.40 34.83 23.88
N ALA B 713 28.79 33.76 24.40
CA ALA B 713 27.31 33.65 24.38
C ALA B 713 26.80 33.23 25.77
N ARG B 714 25.79 33.95 26.30
CA ARG B 714 25.24 33.65 27.65
C ARG B 714 24.51 32.30 27.62
N VAL B 715 23.66 32.08 26.62
CA VAL B 715 22.91 30.80 26.46
C VAL B 715 22.15 30.43 27.75
N THR B 716 21.39 31.37 28.33
CA THR B 716 20.56 31.03 29.52
C THR B 716 19.35 30.20 29.06
N ASN B 717 18.78 29.38 29.95
CA ASN B 717 17.60 28.55 29.60
C ASN B 717 16.33 29.25 30.09
N THR B 718 15.37 29.47 29.19
CA THR B 718 14.10 30.14 29.56
C THR B 718 12.96 29.12 29.67
N GLY B 719 13.26 27.82 29.56
CA GLY B 719 12.19 26.81 29.54
C GLY B 719 11.28 27.06 28.35
N ARG B 720 9.96 27.10 28.56
CA ARG B 720 9.03 27.44 27.45
C ARG B 720 9.31 26.57 26.22
N THR B 721 9.31 25.24 26.36
CA THR B 721 9.69 24.36 25.23
C THR B 721 8.78 24.59 24.02
N TYR B 722 9.36 24.60 22.81
CA TYR B 722 8.59 24.84 21.55
C TYR B 722 8.72 23.60 20.67
N LEU B 723 7.60 23.13 20.09
CA LEU B 723 7.63 21.87 19.30
C LEU B 723 8.54 22.02 18.07
N LEU B 724 9.50 21.11 17.90
CA LEU B 724 10.34 21.10 16.68
C LEU B 724 10.00 19.80 15.95
N VAL B 725 9.74 19.85 14.65
CA VAL B 725 9.28 18.61 13.96
C VAL B 725 10.42 17.96 13.18
N SER B 726 10.69 16.68 13.46
CA SER B 726 11.74 15.93 12.72
C SER B 726 11.07 14.70 12.10
N THR B 727 11.55 14.26 10.93
CA THR B 727 10.94 13.10 10.25
C THR B 727 11.37 11.76 10.87
N GLN B 728 12.65 11.57 11.17
CA GLN B 728 13.11 10.22 11.63
C GLN B 728 12.58 9.85 13.02
N ASP B 729 12.75 10.72 14.03
CA ASP B 729 12.22 10.49 15.40
C ASP B 729 13.02 9.42 16.16
N HIS B 730 14.03 8.81 15.53
CA HIS B 730 14.92 7.83 16.23
C HIS B 730 16.35 8.05 15.74
N TRP B 731 17.34 8.05 16.63
CA TRP B 731 18.71 8.43 16.19
C TRP B 731 19.69 7.23 16.16
N THR B 732 19.25 6.00 16.42
CA THR B 732 20.23 4.88 16.49
C THR B 732 19.66 3.59 15.90
N LEU B 733 20.53 2.69 15.41
CA LEU B 733 20.05 1.37 14.96
C LEU B 733 20.05 0.45 16.19
N GLU B 734 18.94 -0.25 16.44
CA GLU B 734 18.86 -1.04 17.70
C GLU B 734 19.47 -2.44 17.50
N GLY B 735 20.79 -2.52 17.35
CA GLY B 735 21.46 -3.83 17.22
C GLY B 735 20.94 -4.64 16.05
N ARG B 736 20.75 -4.01 14.90
CA ARG B 736 20.17 -4.71 13.72
C ARG B 736 21.09 -4.52 12.51
N ASP B 737 21.09 -5.46 11.57
CA ASP B 737 22.00 -5.40 10.39
C ASP B 737 21.36 -4.53 9.30
N ILE B 738 21.31 -3.21 9.52
CA ILE B 738 20.74 -2.28 8.50
C ILE B 738 21.90 -1.71 7.69
N TYR B 739 23.00 -1.36 8.36
CA TYR B 739 24.17 -0.74 7.67
C TYR B 739 25.39 -1.63 7.93
N ARG B 740 26.12 -1.99 6.88
CA ARG B 740 27.31 -2.87 7.04
C ARG B 740 28.57 -2.03 6.82
N VAL B 741 29.52 -2.09 7.75
CA VAL B 741 30.76 -1.27 7.65
C VAL B 741 31.99 -2.21 7.77
N GLY B 742 32.96 -2.06 6.86
CA GLY B 742 34.15 -2.94 6.88
C GLY B 742 35.43 -2.19 6.54
N GLU B 743 36.58 -2.71 6.97
CA GLU B 743 37.89 -2.09 6.64
C GLU B 743 38.29 -2.42 5.21
N PHE B 744 39.17 -1.61 4.61
CA PHE B 744 39.60 -1.83 3.20
C PHE B 744 40.63 -2.95 3.13
N LYS B 745 41.57 -2.99 4.07
CA LYS B 745 42.65 -4.00 4.02
C LYS B 745 42.04 -5.41 4.07
N LYS B 746 41.07 -5.63 4.97
CA LYS B 746 40.36 -6.93 5.05
C LYS B 746 39.56 -7.16 3.77
N PHE B 747 38.96 -6.11 3.21
CA PHE B 747 38.14 -6.23 1.98
C PHE B 747 39.02 -6.70 0.83
N LYS B 748 40.25 -6.21 0.75
CA LYS B 748 41.16 -6.61 -0.35
C LYS B 748 41.42 -8.11 -0.26
N GLU B 749 41.67 -8.63 0.95
CA GLU B 749 41.91 -10.08 1.11
C GLU B 749 40.64 -10.87 0.75
N ASP B 750 39.48 -10.44 1.25
CA ASP B 750 38.19 -11.11 0.88
C ASP B 750 37.10 -10.05 0.76
N PRO B 751 36.49 -9.85 -0.43
CA PRO B 751 35.36 -8.91 -0.57
C PRO B 751 34.13 -9.37 0.21
N LYS B 752 33.94 -10.68 0.37
CA LYS B 752 32.71 -11.22 1.01
C LYS B 752 32.90 -11.35 2.53
N TYR B 753 34.00 -10.83 3.08
CA TYR B 753 34.28 -10.99 4.53
C TYR B 753 33.18 -10.35 5.38
N ILE B 754 32.68 -9.18 4.97
CA ILE B 754 31.64 -8.46 5.75
C ILE B 754 30.38 -9.32 5.79
N ALA B 755 30.02 -9.93 4.65
CA ALA B 755 28.82 -10.79 4.56
C ALA B 755 29.09 -12.12 5.26
N LYS B 756 30.30 -12.66 5.14
CA LYS B 756 30.66 -13.93 5.84
C LYS B 756 30.52 -13.69 7.34
N GLU B 757 30.91 -12.51 7.83
CA GLU B 757 30.74 -12.15 9.27
C GLU B 757 29.28 -11.74 9.48
N VAL B 758 28.85 -11.47 10.72
CA VAL B 758 27.42 -11.15 11.03
C VAL B 758 26.63 -12.46 11.03
N TYR B 759 26.68 -13.22 9.93
CA TYR B 759 25.96 -14.51 9.82
C TYR B 759 26.59 -15.51 10.78
N GLN B 760 27.89 -15.39 11.05
CA GLN B 760 28.54 -16.25 12.09
C GLN B 760 28.01 -15.91 13.48
N GLU B 761 27.85 -14.63 13.79
CA GLU B 761 27.26 -14.21 15.09
C GLU B 761 25.78 -14.60 15.18
N GLU B 762 25.03 -14.50 14.09
CA GLU B 762 23.57 -14.72 14.18
C GLU B 762 23.18 -16.20 14.06
N TYR B 763 23.70 -16.92 13.08
CA TYR B 763 23.27 -18.33 12.83
C TYR B 763 24.36 -19.35 13.15
N GLY B 764 25.60 -18.92 13.37
CA GLY B 764 26.71 -19.86 13.60
C GLY B 764 27.30 -20.40 12.30
N ARG B 765 26.84 -19.91 11.16
CA ARG B 765 27.32 -20.39 9.84
C ARG B 765 27.60 -19.18 8.94
N GLU B 766 28.56 -19.30 8.01
CA GLU B 766 28.94 -18.17 7.13
C GLU B 766 27.77 -17.78 6.22
N THR B 767 27.01 -18.75 5.72
CA THR B 767 25.91 -18.46 4.75
C THR B 767 24.56 -18.74 5.41
N PRO B 768 23.58 -17.81 5.35
CA PRO B 768 22.24 -18.06 5.90
C PRO B 768 21.40 -18.88 4.91
N ASN B 769 20.91 -20.04 5.34
CA ASN B 769 20.15 -20.92 4.41
C ASN B 769 18.66 -20.54 4.44
N TYR B 770 18.31 -19.39 3.86
CA TYR B 770 16.89 -18.93 3.90
C TYR B 770 16.05 -19.86 3.02
N GLN B 771 14.88 -20.26 3.50
CA GLN B 771 14.00 -21.21 2.75
C GLN B 771 12.66 -20.55 2.50
N SER B 772 12.10 -20.70 1.29
CA SER B 772 10.81 -20.02 0.95
C SER B 772 9.75 -21.04 0.54
N LEU B 773 8.52 -20.86 1.02
CA LEU B 773 7.40 -21.76 0.61
C LEU B 773 6.72 -21.19 -0.64
N GLN B 774 7.16 -20.02 -1.13
CA GLN B 774 6.45 -19.37 -2.27
C GLN B 774 7.33 -19.39 -3.53
N PRO B 775 6.81 -19.86 -4.68
CA PRO B 775 7.61 -19.99 -5.91
C PRO B 775 8.19 -18.74 -6.58
N GLY B 776 7.43 -17.65 -6.67
CA GLY B 776 7.90 -16.45 -7.41
C GLY B 776 7.74 -16.64 -8.91
N ASP B 777 8.45 -15.84 -9.72
CA ASP B 777 8.41 -16.00 -11.20
C ASP B 777 9.86 -16.15 -11.69
N ASP B 778 10.08 -16.86 -12.81
CA ASP B 778 11.45 -17.12 -13.32
C ASP B 778 12.17 -15.81 -13.67
N TYR B 779 11.65 -15.05 -14.65
CA TYR B 779 12.28 -13.77 -15.09
C TYR B 779 13.62 -14.04 -15.80
N THR B 780 13.88 -15.28 -16.19
CA THR B 780 15.20 -15.64 -16.79
C THR B 780 15.46 -14.98 -18.16
N GLY B 781 14.45 -14.92 -19.03
CA GLY B 781 14.70 -14.41 -20.40
C GLY B 781 14.09 -13.05 -20.69
N ARG B 782 13.69 -12.29 -19.68
CA ARG B 782 12.98 -11.01 -19.92
C ARG B 782 13.77 -9.86 -19.28
N ASN B 783 13.56 -8.62 -19.73
CA ASN B 783 14.24 -7.48 -19.07
C ASN B 783 13.82 -7.45 -17.61
N ALA B 784 14.77 -7.30 -16.69
CA ALA B 784 14.44 -7.21 -15.25
C ALA B 784 15.04 -5.91 -14.71
N TRP B 785 14.27 -5.10 -13.99
CA TRP B 785 14.79 -3.78 -13.58
C TRP B 785 15.21 -3.79 -12.11
N GLY B 786 16.46 -3.41 -11.84
CA GLY B 786 16.98 -3.41 -10.46
C GLY B 786 17.88 -2.21 -10.21
N MET B 787 18.03 -1.81 -8.95
CA MET B 787 18.83 -0.61 -8.61
C MET B 787 19.88 -0.98 -7.56
N THR B 788 21.11 -0.47 -7.70
CA THR B 788 22.14 -0.70 -6.66
C THR B 788 22.55 0.66 -6.08
N ILE B 789 22.54 0.79 -4.76
CA ILE B 789 22.93 2.07 -4.10
C ILE B 789 24.24 1.85 -3.34
N ASN B 790 25.26 2.69 -3.58
CA ASN B 790 26.59 2.48 -2.95
C ASN B 790 26.66 3.33 -1.68
N LEU B 791 26.80 2.69 -0.52
CA LEU B 791 26.85 3.42 0.77
C LEU B 791 28.10 4.30 0.82
N ASN B 792 29.23 3.81 0.30
CA ASN B 792 30.50 4.57 0.35
C ASN B 792 30.34 5.89 -0.41
N ALA B 793 29.71 5.86 -1.59
CA ALA B 793 29.51 7.07 -2.41
C ALA B 793 28.55 8.08 -1.79
N CYS B 794 27.43 7.65 -1.18
CA CYS B 794 26.40 8.63 -0.70
C CYS B 794 26.97 9.61 0.34
N ILE B 795 26.67 10.90 0.18
CA ILE B 795 27.13 11.97 1.11
C ILE B 795 25.91 12.58 1.82
N GLY B 796 24.72 12.03 1.61
CA GLY B 796 23.48 12.59 2.21
C GLY B 796 23.15 14.00 1.76
N CYS B 797 23.42 14.34 0.50
CA CYS B 797 23.08 15.68 -0.06
C CYS B 797 21.57 15.92 -0.10
N ASN B 798 20.76 14.89 -0.39
CA ASN B 798 19.27 14.99 -0.47
C ASN B 798 18.82 15.52 -1.83
N ALA B 799 19.71 15.58 -2.82
CA ALA B 799 19.32 16.03 -4.19
C ALA B 799 18.32 15.04 -4.78
N CYS B 800 18.49 13.74 -4.52
CA CYS B 800 17.60 12.70 -5.09
C CYS B 800 16.16 12.90 -4.62
N VAL B 801 15.97 13.27 -3.34
CA VAL B 801 14.60 13.46 -2.79
C VAL B 801 13.89 14.59 -3.54
N VAL B 802 14.60 15.70 -3.81
CA VAL B 802 14.01 16.82 -4.56
C VAL B 802 13.71 16.37 -6.00
N ALA B 803 14.60 15.58 -6.60
CA ALA B 803 14.42 15.12 -8.00
C ALA B 803 13.16 14.26 -8.10
N CYS B 804 12.94 13.37 -7.13
CA CYS B 804 11.74 12.51 -7.13
C CYS B 804 10.49 13.38 -7.00
N GLN B 805 10.54 14.40 -6.15
CA GLN B 805 9.34 15.26 -5.91
C GLN B 805 8.97 15.99 -7.22
N ALA B 806 9.96 16.52 -7.93
CA ALA B 806 9.68 17.19 -9.23
C ALA B 806 9.17 16.19 -10.27
N GLU B 807 9.83 15.04 -10.39
CA GLU B 807 9.46 14.06 -11.46
C GLU B 807 8.11 13.40 -11.20
N ASN B 808 7.82 13.02 -9.96
CA ASN B 808 6.59 12.22 -9.68
C ASN B 808 5.45 13.08 -9.11
N ASN B 809 5.58 14.40 -9.11
CA ASN B 809 4.48 15.29 -8.65
C ASN B 809 4.05 14.93 -7.23
N ILE B 810 5.03 14.64 -6.35
CA ILE B 810 4.70 14.35 -4.92
C ILE B 810 4.22 15.63 -4.25
N ALA B 811 3.18 15.54 -3.41
CA ALA B 811 2.58 16.74 -2.77
C ALA B 811 3.43 17.28 -1.62
N VAL B 812 3.26 18.56 -1.28
CA VAL B 812 3.97 19.14 -0.10
C VAL B 812 2.96 19.21 1.04
N VAL B 813 3.14 18.39 2.07
CA VAL B 813 2.23 18.43 3.27
C VAL B 813 2.69 19.57 4.19
N GLY B 814 1.78 20.09 5.01
CA GLY B 814 2.12 21.19 5.93
C GLY B 814 2.91 20.70 7.13
N LYS B 815 3.44 21.62 7.94
CA LYS B 815 4.25 21.24 9.12
C LYS B 815 3.39 20.39 10.07
N ASP B 816 2.11 20.74 10.21
CA ASP B 816 1.18 19.98 11.09
C ASP B 816 1.07 18.53 10.60
N GLN B 817 0.96 18.32 9.29
CA GLN B 817 0.90 16.95 8.72
C GLN B 817 2.21 16.20 8.98
N VAL B 818 3.36 16.87 8.83
CA VAL B 818 4.67 16.22 9.15
C VAL B 818 4.73 15.87 10.63
N SER B 819 4.16 16.74 11.50
CA SER B 819 4.13 16.48 12.96
C SER B 819 3.35 15.19 13.20
N ARG B 820 2.32 14.93 12.40
CA ARG B 820 1.48 13.71 12.56
C ARG B 820 2.13 12.57 11.78
N GLY B 821 3.36 12.75 11.29
CA GLY B 821 4.10 11.70 10.55
C GLY B 821 3.44 11.30 9.24
N ARG B 822 2.88 12.27 8.52
CA ARG B 822 2.16 11.98 7.25
C ARG B 822 2.94 12.52 6.04
N GLU B 823 4.23 12.81 6.20
CA GLU B 823 5.03 13.40 5.08
C GLU B 823 5.06 12.41 3.90
N MET B 824 4.91 12.91 2.67
CA MET B 824 4.90 12.03 1.49
C MET B 824 6.25 12.12 0.78
N HIS B 825 7.14 11.16 1.01
CA HIS B 825 8.43 11.13 0.26
C HIS B 825 8.69 9.70 -0.21
N TRP B 826 8.79 9.50 -1.53
CA TRP B 826 9.06 8.15 -2.10
C TRP B 826 10.47 7.71 -1.70
N ILE B 827 11.44 8.63 -1.69
CA ILE B 827 12.84 8.31 -1.29
C ILE B 827 13.17 9.05 0.02
N ARG B 828 13.74 8.34 1.00
CA ARG B 828 14.13 9.00 2.28
C ARG B 828 15.59 8.63 2.60
N ILE B 829 16.33 9.54 3.24
CA ILE B 829 17.72 9.23 3.66
C ILE B 829 17.74 9.14 5.19
N ASP B 830 18.32 8.09 5.75
CA ASP B 830 18.26 7.89 7.22
C ASP B 830 19.65 8.06 7.84
N ARG B 831 19.76 8.88 8.89
CA ARG B 831 21.07 9.03 9.62
C ARG B 831 21.00 8.15 10.87
N TYR B 832 21.91 7.19 11.02
CA TYR B 832 21.80 6.25 12.17
C TYR B 832 22.68 6.65 13.36
N PHE B 833 23.68 7.52 13.17
CA PHE B 833 24.46 8.04 14.34
C PHE B 833 24.90 6.90 15.26
N ALA B 834 25.44 5.80 14.73
CA ALA B 834 25.76 4.66 15.61
C ALA B 834 27.28 4.56 15.82
N GLY B 835 27.72 4.69 17.07
CA GLY B 835 29.16 4.58 17.38
C GLY B 835 29.39 4.43 18.87
N GLU B 836 30.61 4.12 19.30
CA GLU B 836 30.92 4.10 20.75
C GLU B 836 30.97 5.56 21.23
N ASP B 837 30.81 5.80 22.53
CA ASP B 837 30.79 7.18 23.11
C ASP B 837 29.45 7.88 22.84
N LEU B 838 29.05 8.03 21.57
CA LEU B 838 27.75 8.65 21.18
C LEU B 838 27.81 10.17 21.37
N ASP B 839 28.93 10.70 21.87
CA ASP B 839 29.12 12.17 21.95
C ASP B 839 29.94 12.52 20.71
N ASN B 840 30.66 11.54 20.16
CA ASN B 840 31.39 11.73 18.88
C ASN B 840 31.03 10.52 18.01
N PRO B 841 29.77 10.36 17.56
CA PRO B 841 29.35 9.17 16.82
C PRO B 841 29.72 9.21 15.33
N SER B 842 29.71 8.05 14.67
CA SER B 842 29.95 8.02 13.21
C SER B 842 28.59 8.09 12.51
N ILE B 843 28.37 9.16 11.74
CA ILE B 843 27.06 9.37 11.03
C ILE B 843 26.98 8.38 9.87
N TYR B 844 25.86 7.67 9.74
CA TYR B 844 25.68 6.78 8.57
C TYR B 844 24.44 7.24 7.79
N MET B 845 24.60 7.55 6.50
CA MET B 845 23.46 8.01 5.67
C MET B 845 23.11 6.90 4.68
N MET B 846 21.87 6.41 4.71
CA MET B 846 21.43 5.34 3.78
C MET B 846 20.18 5.81 3.04
N PRO B 847 20.17 5.86 1.69
CA PRO B 847 18.97 6.22 0.93
C PRO B 847 18.01 5.02 0.88
N VAL B 848 16.74 5.22 1.23
CA VAL B 848 15.75 4.09 1.25
C VAL B 848 14.61 4.38 0.27
N ASN B 849 14.31 3.44 -0.63
CA ASN B 849 13.23 3.59 -1.64
C ASN B 849 12.59 2.22 -1.81
N CYS B 850 11.47 2.11 -2.54
CA CYS B 850 10.81 0.79 -2.63
C CYS B 850 11.82 -0.23 -3.16
N MET B 851 11.90 -1.40 -2.55
CA MET B 851 12.92 -2.41 -2.94
C MET B 851 12.43 -3.25 -4.12
N GLN B 852 11.18 -3.06 -4.53
CA GLN B 852 10.60 -3.81 -5.68
C GLN B 852 10.83 -5.31 -5.44
N CYS B 853 10.48 -5.78 -4.22
CA CYS B 853 10.69 -7.19 -3.78
C CYS B 853 10.00 -8.21 -4.72
N GLU B 854 10.72 -9.21 -5.28
CA GLU B 854 10.14 -10.21 -6.21
C GLU B 854 8.95 -10.88 -5.50
N LYS B 855 9.11 -11.23 -4.23
CA LYS B 855 7.95 -11.74 -3.45
C LYS B 855 7.56 -10.58 -2.54
N ALA B 856 6.43 -9.92 -2.82
CA ALA B 856 6.11 -8.69 -2.05
C ALA B 856 4.98 -8.91 -1.06
N PRO B 857 5.20 -8.67 0.24
CA PRO B 857 4.14 -8.79 1.25
C PRO B 857 2.98 -7.82 1.00
N CYS B 858 3.29 -6.61 0.53
CA CYS B 858 2.24 -5.58 0.30
C CYS B 858 1.23 -6.07 -0.74
N GLU B 859 1.70 -6.74 -1.80
CA GLU B 859 0.80 -7.26 -2.86
C GLU B 859 -0.15 -8.31 -2.32
N VAL B 860 0.33 -9.22 -1.47
CA VAL B 860 -0.51 -10.34 -0.96
C VAL B 860 -1.65 -9.84 -0.09
N VAL B 861 -1.46 -8.72 0.62
CA VAL B 861 -2.49 -8.24 1.59
C VAL B 861 -3.48 -7.27 0.94
N CYS B 862 -3.33 -6.99 -0.37
CA CYS B 862 -4.19 -5.97 -1.06
C CYS B 862 -5.56 -6.57 -1.50
N PRO B 863 -6.73 -6.25 -0.89
CA PRO B 863 -8.00 -6.87 -1.27
C PRO B 863 -8.48 -6.64 -2.71
N VAL B 864 -8.29 -5.44 -3.26
CA VAL B 864 -8.82 -5.10 -4.62
C VAL B 864 -7.75 -5.34 -5.69
N ALA B 865 -6.59 -5.89 -5.32
CA ALA B 865 -5.49 -6.15 -6.28
C ALA B 865 -4.97 -4.84 -6.90
N ALA B 866 -4.96 -3.75 -6.14
CA ALA B 866 -4.37 -2.48 -6.64
C ALA B 866 -2.86 -2.67 -6.84
N THR B 867 -2.21 -3.40 -5.94
CA THR B 867 -0.75 -3.65 -6.05
C THR B 867 -0.50 -5.07 -6.55
N VAL B 868 0.02 -5.21 -7.78
CA VAL B 868 0.32 -6.54 -8.39
C VAL B 868 1.70 -6.43 -9.05
N HIS B 869 2.32 -7.56 -9.38
CA HIS B 869 3.69 -7.53 -9.95
C HIS B 869 3.64 -7.25 -11.45
N ASP B 870 4.80 -7.22 -12.10
CA ASP B 870 4.86 -6.91 -13.55
C ASP B 870 5.72 -7.97 -14.23
N TYR B 871 5.61 -8.12 -15.55
CA TYR B 871 6.38 -9.15 -16.29
C TYR B 871 7.87 -8.89 -16.08
N GLU B 872 8.29 -7.63 -16.13
CA GLU B 872 9.71 -7.26 -15.92
C GLU B 872 10.15 -7.60 -14.49
N GLY B 873 9.29 -7.35 -13.51
CA GLY B 873 9.64 -7.61 -12.09
C GLY B 873 9.39 -6.37 -11.25
N LEU B 874 8.77 -5.35 -11.85
CA LEU B 874 8.48 -4.06 -11.15
C LEU B 874 7.17 -4.23 -10.36
N ASN B 875 7.12 -3.72 -9.12
CA ASN B 875 5.84 -3.75 -8.37
C ASN B 875 4.93 -2.67 -8.96
N ASN B 876 3.67 -3.00 -9.24
CA ASN B 876 2.75 -2.02 -9.89
C ASN B 876 1.74 -1.52 -8.87
N MET B 877 1.72 -0.21 -8.61
CA MET B 877 0.70 0.38 -7.70
C MET B 877 -0.25 1.20 -8.58
N VAL B 878 -1.51 0.79 -8.65
CA VAL B 878 -2.50 1.49 -9.53
C VAL B 878 -3.35 2.37 -8.61
N TYR B 879 -3.25 3.68 -8.75
CA TYR B 879 -3.97 4.62 -7.86
C TYR B 879 -5.48 4.46 -8.06
N ASN B 880 -5.93 4.28 -9.30
CA ASN B 880 -7.39 4.21 -9.58
C ASN B 880 -8.00 3.00 -8.86
N ARG B 881 -7.33 1.84 -8.88
CA ARG B 881 -7.83 0.62 -8.19
C ARG B 881 -7.83 0.77 -6.66
N CYS B 882 -6.84 1.47 -6.08
CA CYS B 882 -6.72 1.51 -4.60
C CYS B 882 -8.00 2.04 -3.95
N VAL B 883 -8.54 1.29 -2.97
CA VAL B 883 -9.76 1.77 -2.25
C VAL B 883 -9.33 2.45 -0.95
N GLY B 884 -8.05 2.38 -0.57
CA GLY B 884 -7.56 3.08 0.64
C GLY B 884 -7.49 2.26 1.93
N THR B 885 -7.53 0.94 1.88
CA THR B 885 -7.58 0.10 3.12
C THR B 885 -6.36 0.33 4.02
N LYS B 886 -5.15 0.51 3.46
CA LYS B 886 -3.91 0.81 4.23
C LYS B 886 -3.28 -0.47 4.81
N TYR B 887 -3.79 -1.65 4.43
CA TYR B 887 -3.21 -2.93 4.88
C TYR B 887 -1.79 -3.08 4.30
N CYS B 888 -1.58 -2.64 3.05
CA CYS B 888 -0.27 -2.84 2.38
C CYS B 888 0.87 -2.13 3.13
N SER B 889 0.62 -0.91 3.63
CA SER B 889 1.66 -0.16 4.38
C SER B 889 2.04 -0.93 5.64
N ASN B 890 1.05 -1.54 6.30
CA ASN B 890 1.29 -2.30 7.55
C ASN B 890 2.20 -3.50 7.25
N ASN B 891 1.99 -4.18 6.12
CA ASN B 891 2.77 -5.41 5.81
C ASN B 891 4.08 -5.05 5.08
N CYS B 892 4.30 -3.78 4.74
CA CYS B 892 5.61 -3.43 4.11
C CYS B 892 6.68 -3.36 5.21
N PRO B 893 7.74 -4.19 5.14
CA PRO B 893 8.78 -4.21 6.17
C PRO B 893 9.56 -2.89 6.24
N TYR B 894 9.83 -2.28 5.08
CA TYR B 894 10.67 -1.06 5.03
C TYR B 894 9.82 0.21 5.21
N LYS B 895 8.48 0.07 5.28
CA LYS B 895 7.58 1.23 5.53
C LYS B 895 7.84 2.34 4.50
N VAL B 896 7.94 1.99 3.22
CA VAL B 896 8.24 2.99 2.15
C VAL B 896 6.95 3.48 1.48
N ARG B 897 5.78 3.08 1.97
CA ARG B 897 4.50 3.45 1.30
C ARG B 897 3.88 4.68 1.98
N ARG B 898 3.47 5.68 1.19
CA ARG B 898 2.91 6.95 1.75
C ARG B 898 1.45 7.09 1.32
N PHE B 899 0.54 7.43 2.23
CA PHE B 899 -0.92 7.47 1.91
C PHE B 899 -1.44 8.91 1.92
N ASN B 900 -2.36 9.24 1.01
CA ASN B 900 -2.97 10.60 0.97
C ASN B 900 -4.13 10.63 1.96
N PHE B 901 -3.85 10.87 3.25
CA PHE B 901 -4.90 10.91 4.29
C PHE B 901 -5.87 12.07 4.00
N LEU B 902 -5.34 13.20 3.54
CA LEU B 902 -6.17 14.39 3.22
C LEU B 902 -5.79 14.85 1.81
N GLN B 903 -6.48 15.84 1.26
CA GLN B 903 -6.21 16.27 -0.15
C GLN B 903 -4.98 17.17 -0.14
N TYR B 904 -3.78 16.57 -0.13
CA TYR B 904 -2.50 17.33 -0.11
C TYR B 904 -2.27 18.08 -1.42
N SER B 905 -2.65 17.48 -2.56
CA SER B 905 -2.36 18.10 -3.89
C SER B 905 -3.06 19.44 -4.03
N ASP B 906 -2.41 20.41 -4.70
CA ASP B 906 -2.99 21.77 -4.87
C ASP B 906 -3.80 21.83 -6.15
N THR B 907 -5.08 22.16 -6.05
CA THR B 907 -5.98 22.18 -7.24
C THR B 907 -6.36 23.62 -7.61
N THR B 908 -6.23 24.57 -6.68
CA THR B 908 -6.71 25.95 -6.95
C THR B 908 -5.60 26.87 -7.50
N THR B 909 -4.35 26.40 -7.55
CA THR B 909 -3.25 27.32 -7.97
C THR B 909 -2.87 27.02 -9.42
N GLU B 910 -3.06 27.99 -10.32
CA GLU B 910 -2.77 27.77 -11.77
C GLU B 910 -1.27 27.51 -11.98
N THR B 911 -0.41 28.26 -11.29
CA THR B 911 1.06 28.12 -11.49
C THR B 911 1.53 26.72 -11.08
N PHE B 912 1.02 26.21 -9.96
CA PHE B 912 1.38 24.83 -9.50
C PHE B 912 0.88 23.80 -10.51
N LYS B 913 -0.30 24.03 -11.08
CA LYS B 913 -0.87 23.10 -12.09
C LYS B 913 0.06 23.03 -13.31
N LEU B 914 0.62 24.17 -13.71
CA LEU B 914 1.58 24.19 -14.85
C LEU B 914 2.82 23.37 -14.49
N ALA B 915 3.27 23.44 -13.24
CA ALA B 915 4.49 22.72 -12.79
C ALA B 915 4.32 21.20 -12.88
N PHE B 916 3.13 20.66 -12.60
CA PHE B 916 2.96 19.19 -12.56
C PHE B 916 3.35 18.55 -13.89
N ASN B 917 4.10 17.44 -13.84
CA ASN B 917 4.52 16.70 -15.06
C ASN B 917 3.32 15.96 -15.64
N PRO B 918 3.03 16.05 -16.95
CA PRO B 918 1.93 15.31 -17.58
C PRO B 918 2.06 13.78 -17.53
N ASP B 919 3.27 13.22 -17.62
CA ASP B 919 3.46 11.75 -17.66
C ASP B 919 2.94 11.07 -16.38
N VAL B 920 3.07 11.70 -15.21
CA VAL B 920 2.67 11.03 -13.93
C VAL B 920 1.35 11.63 -13.43
N THR B 921 0.41 10.79 -12.99
CA THR B 921 -0.93 11.25 -12.52
C THR B 921 -0.80 12.03 -11.21
N VAL B 922 -1.65 13.05 -11.01
CA VAL B 922 -1.67 13.77 -9.70
C VAL B 922 -2.66 13.02 -8.81
N ARG B 923 -2.16 12.35 -7.75
CA ARG B 923 -3.02 11.48 -6.90
C ARG B 923 -4.07 12.30 -6.12
N ILE B 924 -5.23 11.69 -5.85
CA ILE B 924 -6.30 12.36 -5.06
C ILE B 924 -6.27 11.75 -3.65
N ARG B 925 -7.11 12.25 -2.72
CA ARG B 925 -7.14 11.74 -1.33
C ARG B 925 -7.64 10.29 -1.30
N GLY B 926 -7.08 9.45 -0.43
CA GLY B 926 -7.55 8.06 -0.28
C GLY B 926 -6.80 7.05 -1.14
N VAL B 927 -5.70 7.45 -1.77
CA VAL B 927 -4.87 6.47 -2.56
C VAL B 927 -3.45 6.40 -2.01
N MET B 928 -2.87 5.19 -1.96
CA MET B 928 -1.46 5.00 -1.48
C MET B 928 -0.48 5.35 -2.61
N GLU B 929 0.75 5.74 -2.28
CA GLU B 929 1.79 6.04 -3.28
C GLU B 929 3.09 5.33 -2.86
N LYS B 930 3.94 4.95 -3.81
CA LYS B 930 5.24 4.29 -3.50
C LYS B 930 6.19 4.54 -4.67
N CYS B 931 7.49 4.29 -4.50
CA CYS B 931 8.47 4.48 -5.61
C CYS B 931 8.07 3.55 -6.77
N THR B 932 8.05 4.09 -8.00
CA THR B 932 7.62 3.29 -9.17
C THR B 932 8.79 3.11 -10.14
N TYR B 933 10.03 3.18 -9.63
CA TYR B 933 11.24 3.03 -10.48
C TYR B 933 11.14 3.95 -11.70
N CYS B 934 10.48 5.11 -11.53
CA CYS B 934 10.24 6.06 -12.65
C CYS B 934 9.65 5.28 -13.83
N VAL B 935 8.47 4.69 -13.65
CA VAL B 935 7.82 3.82 -14.67
C VAL B 935 7.63 4.62 -15.96
N GLN B 936 7.35 5.92 -15.87
CA GLN B 936 7.08 6.72 -17.08
C GLN B 936 8.30 6.64 -18.00
N ARG B 937 9.52 6.74 -17.43
CA ARG B 937 10.76 6.62 -18.23
C ARG B 937 10.88 5.21 -18.83
N ILE B 938 10.59 4.17 -18.03
CA ILE B 938 10.70 2.76 -18.51
C ILE B 938 9.69 2.51 -19.64
N SER B 939 8.45 2.99 -19.48
CA SER B 939 7.39 2.78 -20.49
C SER B 939 7.78 3.48 -21.79
N GLY B 940 8.32 4.70 -21.69
CA GLY B 940 8.72 5.44 -22.90
C GLY B 940 9.83 4.71 -23.63
N ALA B 941 10.82 4.19 -22.89
CA ALA B 941 11.93 3.44 -23.51
C ALA B 941 11.41 2.15 -24.15
N ARG B 942 10.50 1.45 -23.48
CA ARG B 942 9.94 0.18 -24.02
C ARG B 942 9.18 0.46 -25.31
N ILE B 943 8.36 1.52 -25.33
CA ILE B 943 7.57 1.88 -26.55
C ILE B 943 8.55 2.26 -27.67
N ALA B 944 9.57 3.04 -27.35
CA ALA B 944 10.54 3.50 -28.38
C ALA B 944 11.32 2.30 -28.95
N ALA B 945 11.74 1.38 -28.09
CA ALA B 945 12.52 0.19 -28.55
C ALA B 945 11.64 -0.68 -29.46
N LYS B 946 10.37 -0.88 -29.08
CA LYS B 946 9.44 -1.70 -29.89
C LYS B 946 9.20 -1.01 -31.24
N ARG B 947 9.02 0.32 -31.23
CA ARG B 947 8.74 1.06 -32.48
C ARG B 947 9.95 0.93 -33.42
N ALA B 948 11.17 1.09 -32.87
CA ALA B 948 12.38 0.99 -33.70
C ALA B 948 12.50 -0.42 -34.28
N ALA B 949 12.23 -1.43 -33.47
CA ALA B 949 12.38 -2.83 -33.92
C ALA B 949 11.42 -3.13 -35.07
N VAL B 950 10.16 -2.69 -34.95
CA VAL B 950 9.15 -3.00 -36.01
C VAL B 950 9.52 -2.28 -37.31
N GLN B 951 9.99 -1.03 -37.21
CA GLN B 951 10.37 -0.26 -38.43
C GLN B 951 11.55 -0.97 -39.09
N ALA B 952 12.53 -1.41 -38.30
CA ALA B 952 13.67 -2.19 -38.84
C ALA B 952 13.16 -3.54 -39.37
N GLY B 953 12.15 -4.13 -38.70
CA GLY B 953 11.65 -5.46 -39.06
C GLY B 953 12.35 -6.54 -38.25
N GLN B 954 13.32 -6.13 -37.42
CA GLN B 954 14.09 -7.09 -36.59
C GLN B 954 13.19 -7.79 -35.55
N SER B 955 12.27 -7.05 -34.91
CA SER B 955 11.43 -7.60 -33.81
C SER B 955 12.31 -7.83 -32.57
N SER B 956 13.49 -7.20 -32.53
CA SER B 956 14.46 -7.39 -31.41
C SER B 956 13.94 -6.88 -30.07
N TYR B 957 13.33 -5.69 -30.02
CA TYR B 957 12.91 -5.09 -28.73
C TYR B 957 14.12 -5.10 -27.77
N VAL B 958 15.23 -4.48 -28.21
CA VAL B 958 16.45 -4.39 -27.35
C VAL B 958 16.51 -3.00 -26.72
N ILE B 959 16.72 -2.94 -25.40
CA ILE B 959 16.83 -1.63 -24.68
C ILE B 959 18.29 -1.46 -24.23
N SER B 960 18.90 -0.30 -24.51
CA SER B 960 20.33 -0.06 -24.17
C SER B 960 20.50 0.11 -22.66
N ASP B 961 21.72 -0.13 -22.14
CA ASP B 961 21.98 0.00 -20.68
C ASP B 961 21.76 1.44 -20.24
N GLY B 962 22.21 2.42 -21.02
CA GLY B 962 22.11 3.84 -20.61
C GLY B 962 20.80 4.47 -21.05
N ALA B 963 19.94 3.72 -21.74
CA ALA B 963 18.68 4.31 -22.28
C ALA B 963 17.80 4.80 -21.14
N ILE B 964 17.69 4.03 -20.05
CA ILE B 964 16.75 4.43 -18.96
C ILE B 964 17.57 4.89 -17.74
N GLN B 965 17.42 6.14 -17.33
CA GLN B 965 18.08 6.63 -16.09
C GLN B 965 16.98 7.21 -15.20
N THR B 966 16.90 6.76 -13.96
CA THR B 966 15.85 7.25 -13.01
C THR B 966 16.20 8.68 -12.59
N ALA B 967 15.22 9.46 -12.14
CA ALA B 967 15.48 10.88 -11.80
C ALA B 967 16.50 10.95 -10.67
N CYS B 968 16.39 10.07 -9.68
CA CYS B 968 17.36 10.04 -8.54
C CYS B 968 18.76 9.70 -9.07
N GLU B 969 18.86 8.77 -10.02
CA GLU B 969 20.17 8.35 -10.57
C GLU B 969 20.85 9.53 -11.26
N GLN B 970 20.10 10.27 -12.07
CA GLN B 970 20.65 11.45 -12.79
C GLN B 970 21.04 12.53 -11.80
N ALA B 971 20.21 12.78 -10.79
CA ALA B 971 20.45 13.88 -9.81
C ALA B 971 21.69 13.64 -8.97
N CYS B 972 21.97 12.40 -8.56
CA CYS B 972 23.09 12.18 -7.61
C CYS B 972 24.41 12.68 -8.20
N PRO B 973 25.12 13.62 -7.52
CA PRO B 973 26.43 14.06 -7.98
C PRO B 973 27.48 12.94 -7.84
N THR B 974 27.44 12.21 -6.73
CA THR B 974 28.42 11.12 -6.46
C THR B 974 28.28 9.97 -7.46
N GLY B 975 27.06 9.62 -7.87
CA GLY B 975 26.87 8.45 -8.74
C GLY B 975 26.55 7.17 -7.98
N ALA B 976 26.15 7.30 -6.71
CA ALA B 976 25.87 6.12 -5.85
C ALA B 976 24.74 5.26 -6.44
N ILE B 977 23.68 5.88 -6.99
CA ILE B 977 22.51 5.10 -7.48
C ILE B 977 22.76 4.64 -8.92
N VAL B 978 22.63 3.34 -9.19
CA VAL B 978 22.79 2.80 -10.58
C VAL B 978 21.51 2.01 -10.91
N PHE B 979 20.87 2.28 -12.05
CA PHE B 979 19.65 1.54 -12.46
C PHE B 979 19.88 0.90 -13.83
N GLY B 980 19.58 -0.40 -13.97
CA GLY B 980 19.82 -1.12 -15.23
C GLY B 980 19.18 -2.50 -15.25
N ASP B 981 19.22 -3.18 -16.40
CA ASP B 981 18.72 -4.58 -16.48
C ASP B 981 19.58 -5.47 -15.59
N ILE B 982 18.97 -6.40 -14.85
CA ILE B 982 19.73 -7.34 -13.98
C ILE B 982 20.17 -8.53 -14.82
N ASN B 983 19.33 -8.96 -15.77
CA ASN B 983 19.62 -10.16 -16.55
C ASN B 983 20.79 -9.94 -17.51
N ASP B 984 20.86 -8.77 -18.13
CA ASP B 984 21.99 -8.47 -19.01
C ASP B 984 23.27 -8.38 -18.19
N SER B 985 24.13 -9.39 -18.31
CA SER B 985 25.29 -9.49 -17.44
C SER B 985 26.33 -8.42 -17.74
N ASN B 986 26.23 -7.76 -18.90
CA ASN B 986 27.18 -6.70 -19.24
C ASN B 986 26.75 -5.33 -18.70
N SER B 987 25.55 -5.21 -18.16
CA SER B 987 25.10 -3.93 -17.62
C SER B 987 25.84 -3.59 -16.34
N ARG B 988 25.89 -2.29 -16.02
CA ARG B 988 26.60 -1.84 -14.84
C ARG B 988 25.99 -2.40 -13.57
N VAL B 989 24.65 -2.50 -13.53
CA VAL B 989 23.98 -3.02 -12.34
C VAL B 989 24.31 -4.49 -12.15
N ALA B 990 24.37 -5.24 -13.26
CA ALA B 990 24.71 -6.65 -13.15
C ALA B 990 26.13 -6.84 -12.61
N LYS B 991 27.06 -6.02 -13.07
CA LYS B 991 28.43 -6.12 -12.56
C LYS B 991 28.51 -5.70 -11.09
N TRP B 992 27.75 -4.67 -10.71
CA TRP B 992 27.77 -4.23 -9.32
C TRP B 992 27.13 -5.25 -8.39
N LYS B 993 26.06 -5.90 -8.83
CA LYS B 993 25.37 -6.89 -8.02
C LYS B 993 26.14 -8.20 -7.88
N ALA B 994 27.17 -8.40 -8.69
CA ALA B 994 28.06 -9.55 -8.55
C ALA B 994 29.18 -9.28 -7.57
N GLU B 995 29.25 -8.09 -6.99
CA GLU B 995 30.28 -7.78 -6.01
C GLU B 995 30.04 -8.56 -4.72
N GLY B 996 31.13 -8.80 -3.99
CA GLY B 996 31.04 -9.60 -2.78
C GLY B 996 30.38 -8.91 -1.61
N HIS B 997 30.32 -7.58 -1.61
CA HIS B 997 29.73 -6.84 -0.51
C HIS B 997 28.32 -6.36 -0.80
N ASN B 998 27.70 -6.82 -1.87
CA ASN B 998 26.31 -6.48 -2.18
C ASN B 998 25.38 -7.31 -1.30
N TYR B 999 24.32 -6.67 -0.81
CA TYR B 999 23.36 -7.34 0.07
C TYR B 999 22.01 -6.65 -0.01
N GLY B 1000 20.99 -7.34 0.48
CA GLY B 1000 19.63 -6.82 0.52
C GLY B 1000 19.16 -6.67 1.96
N LEU B 1001 18.38 -5.64 2.21
CA LEU B 1001 17.92 -5.34 3.56
C LEU B 1001 16.94 -6.39 4.05
N LEU B 1002 17.06 -6.75 5.32
CA LEU B 1002 16.15 -7.70 5.98
C LEU B 1002 16.00 -8.99 5.18
N GLY B 1003 17.12 -9.70 5.06
CA GLY B 1003 17.13 -10.95 4.30
C GLY B 1003 16.36 -12.06 4.95
N PHE B 1004 16.17 -12.02 6.27
CA PHE B 1004 15.45 -13.09 6.95
C PHE B 1004 14.00 -13.15 6.51
N LEU B 1005 13.49 -12.06 5.96
CA LEU B 1005 12.19 -12.09 5.30
C LEU B 1005 12.40 -12.43 3.83
N ASN B 1006 11.69 -13.44 3.35
CA ASN B 1006 11.92 -13.93 1.99
C ASN B 1006 11.27 -13.02 0.96
N THR B 1007 11.63 -11.73 0.98
CA THR B 1007 11.05 -10.78 0.04
C THR B 1007 11.82 -10.77 -1.28
N VAL B 1008 13.13 -11.05 -1.23
CA VAL B 1008 14.01 -11.03 -2.39
C VAL B 1008 13.94 -9.67 -3.07
N PRO B 1009 14.50 -8.62 -2.44
CA PRO B 1009 14.43 -7.29 -3.06
C PRO B 1009 15.30 -7.18 -4.29
N ARG B 1010 14.94 -6.25 -5.17
CA ARG B 1010 15.76 -5.93 -6.33
C ARG B 1010 16.66 -4.72 -6.09
N THR B 1011 16.25 -3.80 -5.22
CA THR B 1011 17.11 -2.69 -4.83
C THR B 1011 18.07 -3.18 -3.75
N THR B 1012 19.35 -3.20 -4.06
CA THR B 1012 20.35 -3.71 -3.13
C THR B 1012 21.36 -2.62 -2.80
N TYR B 1013 22.14 -2.89 -1.76
CA TYR B 1013 23.12 -1.94 -1.22
C TYR B 1013 24.50 -2.55 -1.26
N LEU B 1014 25.51 -1.69 -1.38
CA LEU B 1014 26.90 -2.11 -1.30
C LEU B 1014 27.44 -1.69 0.07
N ALA B 1015 27.92 -2.66 0.84
CA ALA B 1015 28.39 -2.40 2.19
C ALA B 1015 29.52 -1.38 2.19
N ARG B 1016 29.46 -0.45 3.14
CA ARG B 1016 30.48 0.64 3.19
C ARG B 1016 31.85 0.07 3.55
N VAL B 1017 32.88 0.46 2.79
CA VAL B 1017 34.26 0.02 3.11
C VAL B 1017 35.04 1.28 3.50
N ARG B 1018 35.71 1.26 4.66
CA ARG B 1018 36.45 2.44 5.16
C ARG B 1018 37.96 2.23 4.93
N ASN B 1019 38.76 3.29 5.05
CA ASN B 1019 40.23 3.20 4.87
C ASN B 1019 40.91 3.83 6.08
N PRO B 1020 40.97 3.17 7.25
CA PRO B 1020 41.52 3.80 8.45
C PRO B 1020 43.05 3.79 8.53
N SER B 1021 43.63 4.90 8.98
CA SER B 1021 45.10 4.96 9.17
C SER B 1021 45.45 4.17 10.43
N GLU B 1022 46.55 3.41 10.40
CA GLU B 1022 46.92 2.55 11.56
C GLU B 1022 47.34 3.44 12.74
N GLU B 1023 47.82 4.64 12.47
CA GLU B 1023 48.20 5.58 13.58
C GLU B 1023 46.97 5.89 14.43
N LEU B 1024 45.98 6.59 13.86
CA LEU B 1024 44.78 7.00 14.63
C LEU B 1024 43.96 5.80 15.09
N GLU B 1025 43.78 4.78 14.24
CA GLU B 1025 42.88 3.65 14.59
C GLU B 1025 43.55 2.73 15.61
N LYS B 1026 44.65 2.08 15.23
CA LYS B 1026 45.31 1.10 16.14
C LYS B 1026 46.02 1.85 17.27
N GLU C 16 -29.29 -24.78 43.31
CA GLU C 16 -30.00 -23.68 42.61
C GLU C 16 -30.68 -24.25 41.35
N ALA C 17 -31.80 -23.66 40.94
CA ALA C 17 -32.53 -24.14 39.75
C ALA C 17 -32.51 -23.06 38.67
N TYR C 18 -32.77 -23.44 37.42
CA TYR C 18 -32.78 -22.47 36.30
C TYR C 18 -34.21 -21.93 36.11
N LEU C 19 -35.18 -22.54 36.80
CA LEU C 19 -36.58 -22.02 36.73
C LEU C 19 -37.15 -22.02 38.15
N LEU C 20 -37.58 -20.84 38.63
CA LEU C 20 -38.20 -20.75 39.98
C LEU C 20 -39.61 -21.32 39.90
N PRO C 21 -40.07 -22.13 40.88
CA PRO C 21 -41.38 -22.76 40.83
C PRO C 21 -42.58 -21.79 40.89
N GLY C 22 -43.75 -22.26 40.48
CA GLY C 22 -44.97 -21.42 40.53
C GLY C 22 -45.28 -20.80 39.17
N GLU C 23 -44.75 -21.38 38.09
CA GLU C 23 -44.95 -20.79 36.74
C GLU C 23 -46.03 -21.60 36.00
N THR C 24 -46.77 -20.93 35.10
CA THR C 24 -47.82 -21.61 34.30
C THR C 24 -47.63 -21.18 32.85
N TYR C 25 -48.13 -21.98 31.90
CA TYR C 25 -47.99 -21.63 30.46
C TYR C 25 -48.70 -20.29 30.21
N THR C 26 -49.87 -20.09 30.82
CA THR C 26 -50.60 -18.80 30.68
C THR C 26 -49.77 -17.67 31.29
N SER C 27 -49.15 -17.89 32.45
CA SER C 27 -48.37 -16.84 33.14
C SER C 27 -47.18 -16.42 32.29
N ILE C 28 -46.49 -17.38 31.67
CA ILE C 28 -45.33 -17.08 30.79
C ILE C 28 -45.81 -16.26 29.59
N SER C 29 -46.95 -16.63 29.01
CA SER C 29 -47.52 -15.87 27.86
C SER C 29 -47.89 -14.45 28.29
N ALA C 30 -48.48 -14.32 29.49
CA ALA C 30 -48.96 -12.98 29.95
C ALA C 30 -47.78 -12.12 30.38
N LYS C 31 -46.88 -12.66 31.20
CA LYS C 31 -45.76 -11.84 31.73
C LYS C 31 -44.91 -11.28 30.59
N ILE C 32 -44.28 -12.15 29.80
CA ILE C 32 -43.40 -11.70 28.68
C ILE C 32 -44.23 -10.94 27.65
N GLY C 33 -45.46 -11.39 27.39
CA GLY C 33 -46.35 -10.74 26.39
C GLY C 33 -46.67 -9.30 26.74
N ASP C 34 -46.84 -9.00 28.03
CA ASP C 34 -47.23 -7.63 28.49
C ASP C 34 -46.18 -6.57 28.15
N VAL C 35 -44.88 -6.90 28.20
CA VAL C 35 -43.84 -5.85 27.96
C VAL C 35 -44.10 -5.21 26.59
N PRO C 36 -44.10 -5.91 25.42
CA PRO C 36 -44.49 -5.28 24.16
C PRO C 36 -46.03 -5.25 24.17
N LEU C 37 -46.65 -4.52 23.23
CA LEU C 37 -48.14 -4.47 23.12
C LEU C 37 -48.73 -3.54 24.18
N THR C 38 -47.88 -2.93 25.02
CA THR C 38 -48.37 -1.92 25.99
C THR C 38 -48.69 -0.64 25.21
N PRO C 39 -49.74 0.14 25.53
CA PRO C 39 -50.10 1.30 24.73
C PRO C 39 -48.94 2.33 24.71
N PRO C 40 -48.66 2.98 23.57
CA PRO C 40 -47.54 3.93 23.46
C PRO C 40 -47.49 4.95 24.61
N LEU C 41 -48.63 5.55 24.97
CA LEU C 41 -48.67 6.51 26.07
C LEU C 41 -48.37 5.89 27.42
N LYS C 42 -48.33 4.56 27.52
CA LYS C 42 -48.04 3.87 28.77
C LYS C 42 -46.60 3.36 28.82
N THR C 43 -45.74 3.86 27.95
CA THR C 43 -44.34 3.47 27.98
C THR C 43 -43.70 3.94 29.29
N PRO C 44 -42.95 3.11 29.98
CA PRO C 44 -42.30 3.54 31.22
C PRO C 44 -41.29 4.64 30.96
N LYS C 45 -41.13 5.52 31.96
CA LYS C 45 -40.26 6.69 31.80
C LYS C 45 -38.80 6.30 31.68
N GLY C 46 -38.38 5.21 32.32
CA GLY C 46 -37.01 4.76 32.19
C GLY C 46 -36.65 4.44 30.76
N TRP C 47 -37.58 3.82 30.03
CA TRP C 47 -37.36 3.56 28.62
C TRP C 47 -37.16 4.86 27.85
N LEU C 48 -37.97 5.87 28.17
CA LEU C 48 -37.83 7.16 27.49
C LEU C 48 -36.47 7.79 27.77
N ALA C 49 -36.01 7.74 29.02
CA ALA C 49 -34.72 8.32 29.35
C ALA C 49 -33.59 7.60 28.63
N GLY C 50 -33.59 6.26 28.67
CA GLY C 50 -32.56 5.50 27.98
C GLY C 50 -32.56 5.74 26.48
N PHE C 51 -33.75 5.78 25.89
CA PHE C 51 -33.85 6.02 24.45
C PHE C 51 -33.38 7.43 24.10
N SER C 52 -33.67 8.41 24.95
CA SER C 52 -33.19 9.76 24.68
C SER C 52 -31.66 9.82 24.72
N VAL C 53 -31.05 9.17 25.71
CA VAL C 53 -29.59 9.14 25.77
C VAL C 53 -29.01 8.46 24.54
N ALA C 54 -29.58 7.32 24.16
CA ALA C 54 -29.10 6.60 22.98
C ALA C 54 -29.26 7.44 21.71
N PHE C 55 -30.37 8.16 21.60
CA PHE C 55 -30.59 9.00 20.42
C PHE C 55 -29.60 10.15 20.37
N PHE C 56 -29.27 10.75 21.52
CA PHE C 56 -28.28 11.81 21.54
C PHE C 56 -26.92 11.29 21.09
N MET C 57 -26.52 10.11 21.58
CA MET C 57 -25.27 9.53 21.10
C MET C 57 -25.34 9.18 19.62
N LEU C 58 -26.52 8.82 19.13
CA LEU C 58 -26.70 8.58 17.70
C LEU C 58 -26.51 9.87 16.89
N MET C 59 -26.97 11.00 17.41
CA MET C 59 -26.71 12.28 16.73
C MET C 59 -25.23 12.57 16.70
N ILE C 60 -24.51 12.28 17.79
CA ILE C 60 -23.06 12.41 17.77
C ILE C 60 -22.45 11.52 16.68
N PHE C 61 -22.97 10.29 16.54
CA PHE C 61 -22.49 9.39 15.50
C PHE C 61 -22.71 9.98 14.11
N PHE C 62 -23.89 10.56 13.87
CA PHE C 62 -24.18 11.14 12.57
C PHE C 62 -23.24 12.30 12.26
N VAL C 63 -23.00 13.17 13.25
CA VAL C 63 -22.09 14.30 13.03
C VAL C 63 -20.69 13.79 12.71
N SER C 64 -20.23 12.79 13.47
CA SER C 64 -18.90 12.25 13.26
C SER C 64 -18.75 11.65 11.86
N VAL C 65 -19.73 10.85 11.43
CA VAL C 65 -19.66 10.24 10.11
C VAL C 65 -19.70 11.29 9.02
N THR C 66 -20.55 12.31 9.18
CA THR C 66 -20.62 13.37 8.19
C THR C 66 -19.28 14.08 8.03
N TRP C 67 -18.66 14.45 9.16
CA TRP C 67 -17.37 15.15 9.06
C TRP C 67 -16.28 14.23 8.56
N LEU C 68 -16.37 12.93 8.86
CA LEU C 68 -15.40 11.98 8.31
C LEU C 68 -15.50 11.91 6.80
N PHE C 69 -16.73 11.89 6.27
CA PHE C 69 -16.90 11.83 4.82
C PHE C 69 -16.48 13.13 4.16
N ILE C 70 -16.76 14.27 4.79
CA ILE C 70 -16.42 15.55 4.19
C ILE C 70 -14.91 15.76 4.14
N ARG C 71 -14.23 15.48 5.25
CA ARG C 71 -12.81 15.80 5.38
C ARG C 71 -11.88 14.64 5.03
N GLY C 72 -12.21 13.43 5.45
CA GLY C 72 -11.40 12.26 5.15
C GLY C 72 -10.93 11.55 6.41
N VAL C 73 -10.23 10.46 6.19
CA VAL C 73 -9.72 9.62 7.28
C VAL C 73 -8.51 10.30 7.92
N GLY C 74 -8.13 11.47 7.41
CA GLY C 74 -7.02 12.20 7.97
C GLY C 74 -7.34 12.88 9.30
N ILE C 75 -8.61 12.92 9.70
CA ILE C 75 -8.98 13.52 10.96
C ILE C 75 -8.68 12.63 12.15
N TRP C 76 -8.36 11.36 11.92
CA TRP C 76 -7.97 10.45 12.99
C TRP C 76 -6.49 10.64 13.31
N GLY C 77 -5.98 9.81 14.21
CA GLY C 77 -4.59 9.85 14.62
C GLY C 77 -3.67 8.93 13.85
N ILE C 78 -4.13 8.33 12.76
CA ILE C 78 -3.32 7.34 12.05
C ILE C 78 -2.23 8.04 11.26
N ASN C 79 -1.08 7.36 11.13
CA ASN C 79 0.06 7.89 10.41
C ASN C 79 0.74 6.80 9.59
N ILE C 80 1.94 7.08 9.08
CA ILE C 80 2.60 6.18 8.13
C ILE C 80 2.95 4.84 8.76
N PRO C 81 3.62 4.78 9.92
CA PRO C 81 3.86 3.44 10.52
C PRO C 81 2.57 2.80 11.02
N VAL C 82 1.78 3.52 11.81
CA VAL C 82 0.50 3.00 12.31
C VAL C 82 -0.59 3.37 11.33
N GLY C 83 -0.77 2.56 10.28
CA GLY C 83 -1.85 2.79 9.34
C GLY C 83 -3.20 2.33 9.84
N TRP C 84 -3.22 1.50 10.88
CA TRP C 84 -4.46 0.98 11.46
C TRP C 84 -4.54 1.45 12.91
N GLY C 85 -5.50 2.32 13.19
CA GLY C 85 -5.60 2.93 14.51
C GLY C 85 -6.73 2.38 15.36
N MET C 86 -7.48 3.28 15.99
CA MET C 86 -8.59 2.82 16.84
C MET C 86 -9.78 2.34 16.02
N ASP C 87 -9.82 2.65 14.72
CA ASP C 87 -10.91 2.14 13.88
C ASP C 87 -10.93 0.62 13.86
N ILE C 88 -9.78 0.00 13.62
CA ILE C 88 -9.70 -1.46 13.60
C ILE C 88 -9.90 -2.03 15.01
N ILE C 89 -9.40 -1.32 16.03
CA ILE C 89 -9.57 -1.78 17.40
C ILE C 89 -11.05 -1.85 17.75
N ASN C 90 -11.80 -0.81 17.43
CA ASN C 90 -13.24 -0.81 17.71
C ASN C 90 -13.97 -1.82 16.84
N PHE C 91 -13.52 -2.02 15.60
CA PHE C 91 -14.15 -3.04 14.76
C PHE C 91 -14.00 -4.43 15.39
N VAL C 92 -12.79 -4.76 15.83
CA VAL C 92 -12.55 -6.06 16.47
C VAL C 92 -13.33 -6.17 17.76
N TRP C 93 -13.38 -5.09 18.55
CA TRP C 93 -14.12 -5.12 19.81
C TRP C 93 -15.60 -5.38 19.59
N TRP C 94 -16.22 -4.64 18.67
CA TRP C 94 -17.63 -4.83 18.40
C TRP C 94 -17.92 -6.21 17.82
N ILE C 95 -17.08 -6.69 16.91
CA ILE C 95 -17.34 -8.00 16.33
C ILE C 95 -17.11 -9.10 17.36
N GLY C 96 -16.24 -8.86 18.35
CA GLY C 96 -16.04 -9.85 19.40
C GLY C 96 -17.14 -9.85 20.44
N ILE C 97 -17.84 -8.73 20.61
CA ILE C 97 -18.99 -8.70 21.49
C ILE C 97 -20.06 -9.70 21.07
N GLY C 98 -20.18 -9.97 19.76
CA GLY C 98 -21.27 -10.79 19.26
C GLY C 98 -21.02 -12.29 19.29
N HIS C 99 -19.89 -12.73 19.86
CA HIS C 99 -19.64 -14.17 19.91
C HIS C 99 -20.43 -14.84 21.02
N ALA C 100 -20.61 -14.16 22.15
CA ALA C 100 -21.28 -14.79 23.30
C ALA C 100 -22.73 -15.12 22.98
N GLY C 101 -23.44 -14.20 22.33
CA GLY C 101 -24.82 -14.47 21.99
C GLY C 101 -24.98 -15.59 21.00
N THR C 102 -24.09 -15.64 20.00
CA THR C 102 -24.11 -16.76 19.05
C THR C 102 -23.83 -18.07 19.77
N LEU C 103 -22.89 -18.06 20.72
CA LEU C 103 -22.63 -19.25 21.53
C LEU C 103 -23.90 -19.69 22.25
N ILE C 104 -24.55 -18.76 22.95
CA ILE C 104 -25.76 -19.11 23.71
C ILE C 104 -26.84 -19.64 22.78
N SER C 105 -26.96 -19.05 21.59
CA SER C 105 -28.05 -19.44 20.69
C SER C 105 -27.81 -20.80 20.06
N ALA C 106 -26.56 -21.11 19.72
CA ALA C 106 -26.26 -22.30 18.92
C ALA C 106 -25.57 -23.40 19.70
N ILE C 107 -24.44 -23.11 20.34
CA ILE C 107 -23.66 -24.16 20.98
C ILE C 107 -24.43 -24.77 22.15
N LEU C 108 -25.10 -23.94 22.94
CA LEU C 108 -25.91 -24.45 24.04
C LEU C 108 -27.10 -25.24 23.52
N LEU C 109 -27.61 -24.90 22.34
CA LEU C 109 -28.65 -25.71 21.72
C LEU C 109 -28.10 -27.08 21.35
N LEU C 110 -26.90 -27.13 20.81
CA LEU C 110 -26.27 -28.42 20.51
C LEU C 110 -25.94 -29.18 21.78
N LEU C 111 -25.48 -28.49 22.81
CA LEU C 111 -25.09 -29.11 24.07
C LEU C 111 -26.26 -29.47 24.96
N ASN C 112 -27.49 -29.12 24.56
CA ASN C 112 -28.70 -29.45 25.32
C ASN C 112 -28.71 -28.79 26.70
N GLN C 113 -28.01 -27.67 26.84
CA GLN C 113 -27.99 -26.95 28.10
C GLN C 113 -29.31 -26.22 28.30
N GLY C 114 -29.79 -26.20 29.54
CA GLY C 114 -31.12 -25.69 29.83
C GLY C 114 -31.18 -24.25 30.32
N TRP C 115 -30.05 -23.56 30.36
CA TRP C 115 -30.06 -22.16 30.74
C TRP C 115 -30.03 -21.21 29.55
N ARG C 116 -30.08 -21.73 28.33
CA ARG C 116 -30.13 -20.87 27.15
C ARG C 116 -31.54 -20.39 26.84
N ASN C 117 -32.57 -20.99 27.45
CA ASN C 117 -33.94 -20.66 27.08
C ASN C 117 -34.29 -19.23 27.43
N SER C 118 -33.87 -18.74 28.58
CA SER C 118 -34.30 -17.44 29.05
C SER C 118 -33.43 -16.28 28.55
N ILE C 119 -32.30 -16.57 27.91
CA ILE C 119 -31.36 -15.52 27.52
C ILE C 119 -30.92 -15.62 26.08
N ASN C 120 -31.49 -16.53 25.28
CA ASN C 120 -31.04 -16.67 23.90
C ASN C 120 -31.52 -15.50 23.04
N ARG C 121 -32.74 -15.02 23.28
CA ARG C 121 -33.33 -13.96 22.43
C ARG C 121 -32.54 -12.65 22.61
N PHE C 122 -32.32 -12.23 23.86
CA PHE C 122 -31.62 -10.97 24.10
C PHE C 122 -30.17 -11.06 23.63
N ALA C 123 -29.51 -12.18 23.89
CA ALA C 123 -28.12 -12.34 23.46
C ALA C 123 -28.00 -12.32 21.95
N GLU C 124 -28.91 -13.01 21.25
CA GLU C 124 -28.86 -12.99 19.79
C GLU C 124 -29.17 -11.62 19.23
N ALA C 125 -30.10 -10.88 19.85
CA ALA C 125 -30.33 -9.50 19.43
C ALA C 125 -29.07 -8.67 19.61
N MET C 126 -28.36 -8.88 20.71
CA MET C 126 -27.09 -8.21 20.90
C MET C 126 -26.10 -8.56 19.80
N THR C 127 -26.08 -9.83 19.37
CA THR C 127 -25.18 -10.21 18.29
C THR C 127 -25.53 -9.48 17.00
N LEU C 128 -26.81 -9.44 16.65
CA LEU C 128 -27.21 -8.73 15.42
C LEU C 128 -26.83 -7.25 15.50
N PHE C 129 -27.10 -6.60 16.62
CA PHE C 129 -26.81 -5.17 16.71
C PHE C 129 -25.31 -4.90 16.76
N ALA C 130 -24.54 -5.78 17.40
CA ALA C 130 -23.09 -5.61 17.42
C ALA C 130 -22.48 -5.83 16.05
N VAL C 131 -22.99 -6.80 15.30
CA VAL C 131 -22.52 -6.99 13.93
C VAL C 131 -22.91 -5.80 13.06
N ALA C 132 -24.09 -5.23 13.29
CA ALA C 132 -24.48 -4.03 12.56
C ALA C 132 -23.54 -2.87 12.87
N CYS C 133 -23.17 -2.70 14.14
CA CYS C 133 -22.24 -1.64 14.51
C CYS C 133 -20.85 -1.89 13.91
N ALA C 134 -20.38 -3.14 13.94
CA ALA C 134 -19.04 -3.44 13.48
C ALA C 134 -18.93 -3.50 11.96
N GLY C 135 -20.06 -3.60 11.25
CA GLY C 135 -20.00 -3.64 9.80
C GLY C 135 -19.74 -2.27 9.18
N LEU C 136 -19.93 -1.21 9.97
CA LEU C 136 -19.69 0.13 9.45
C LEU C 136 -18.20 0.43 9.33
N TYR C 137 -17.40 -0.08 10.26
CA TYR C 137 -15.97 0.22 10.29
C TYR C 137 -15.22 -0.18 9.03
N PRO C 138 -15.45 -1.37 8.43
CA PRO C 138 -14.78 -1.67 7.16
C PRO C 138 -15.04 -0.65 6.06
N ILE C 139 -16.22 -0.04 6.07
CA ILE C 139 -16.53 0.99 5.08
C ILE C 139 -16.00 2.34 5.53
N LEU C 140 -16.10 2.64 6.83
CA LEU C 140 -15.72 3.95 7.32
C LEU C 140 -14.22 4.17 7.24
N HIS C 141 -13.43 3.16 7.58
CA HIS C 141 -11.97 3.32 7.59
C HIS C 141 -11.36 3.22 6.20
N LEU C 142 -12.19 3.10 5.16
CA LEU C 142 -11.69 2.66 3.87
C LEU C 142 -10.91 3.73 3.12
N GLY C 143 -11.00 4.99 3.53
CA GLY C 143 -10.26 6.03 2.80
C GLY C 143 -10.96 6.54 1.57
N ARG C 144 -11.56 5.65 0.79
CA ARG C 144 -12.48 5.98 -0.30
C ARG C 144 -13.74 5.17 -0.05
N PRO C 145 -14.54 5.56 0.94
CA PRO C 145 -15.58 4.65 1.45
C PRO C 145 -16.61 4.23 0.44
N TRP C 146 -16.90 5.09 -0.55
CA TRP C 146 -17.92 4.79 -1.58
C TRP C 146 -17.41 3.70 -2.53
N LEU C 147 -16.14 3.27 -2.45
CA LEU C 147 -15.71 2.17 -3.36
C LEU C 147 -15.62 0.83 -2.62
N PHE C 148 -16.48 0.61 -1.62
CA PHE C 148 -16.50 -0.65 -0.83
C PHE C 148 -16.88 -1.84 -1.71
N TYR C 149 -17.69 -1.63 -2.76
CA TYR C 149 -18.20 -2.76 -3.58
C TYR C 149 -17.09 -3.46 -4.36
N TRP C 150 -15.92 -2.83 -4.47
CA TRP C 150 -14.80 -3.41 -5.26
C TRP C 150 -14.34 -4.73 -4.64
N LEU C 151 -14.35 -4.84 -3.31
CA LEU C 151 -13.95 -6.10 -2.62
C LEU C 151 -14.88 -7.24 -3.01
N ILE C 152 -16.17 -6.96 -3.26
CA ILE C 152 -17.17 -8.02 -3.56
C ILE C 152 -17.09 -8.45 -5.04
N PRO C 153 -17.10 -9.76 -5.43
CA PRO C 153 -17.12 -10.09 -6.85
C PRO C 153 -18.41 -9.52 -7.46
N TYR C 154 -18.29 -8.80 -8.57
CA TYR C 154 -19.47 -8.15 -9.19
C TYR C 154 -19.23 -7.99 -10.70
N PRO C 155 -20.21 -8.16 -11.62
CA PRO C 155 -19.91 -8.01 -13.05
C PRO C 155 -19.60 -6.56 -13.43
N ASN C 156 -18.42 -6.34 -13.99
CA ASN C 156 -17.95 -5.02 -14.38
C ASN C 156 -17.30 -5.06 -15.76
N THR C 157 -17.30 -3.91 -16.44
CA THR C 157 -16.73 -3.84 -17.78
C THR C 157 -15.19 -3.90 -17.75
N HIS C 158 -14.58 -3.74 -16.58
CA HIS C 158 -13.14 -3.78 -16.49
C HIS C 158 -12.61 -5.21 -16.60
N GLY C 159 -13.35 -6.18 -16.06
CA GLY C 159 -12.84 -7.52 -15.96
C GLY C 159 -11.95 -7.77 -14.77
N MET C 160 -12.00 -6.89 -13.78
CA MET C 160 -11.16 -7.03 -12.60
C MET C 160 -11.85 -7.86 -11.53
N TRP C 161 -11.05 -8.49 -10.68
CA TRP C 161 -11.51 -9.39 -9.64
C TRP C 161 -10.87 -9.01 -8.31
N PRO C 162 -11.52 -9.35 -7.19
CA PRO C 162 -10.83 -9.27 -5.90
C PRO C 162 -9.70 -10.28 -5.83
N GLN C 163 -8.69 -10.03 -4.97
CA GLN C 163 -7.49 -10.91 -4.94
C GLN C 163 -7.82 -12.28 -4.35
N PHE C 164 -8.70 -12.34 -3.36
CA PHE C 164 -9.14 -13.58 -2.72
C PHE C 164 -8.04 -14.27 -1.93
N ARG C 165 -6.80 -13.77 -1.98
CA ARG C 165 -5.73 -14.31 -1.14
C ARG C 165 -5.43 -13.43 0.05
N SER C 166 -5.83 -12.17 0.04
CA SER C 166 -5.76 -11.33 1.22
C SER C 166 -6.83 -11.75 2.22
N ALA C 167 -6.68 -11.27 3.45
CA ALA C 167 -7.64 -11.64 4.49
C ALA C 167 -8.79 -10.64 4.60
N LEU C 168 -8.69 -9.51 3.92
CA LEU C 168 -9.83 -8.56 3.93
C LEU C 168 -10.91 -9.08 2.97
N ALA C 169 -10.50 -9.79 1.91
CA ALA C 169 -11.50 -10.44 1.03
C ALA C 169 -12.23 -11.50 1.84
N TRP C 170 -11.51 -12.25 2.67
CA TRP C 170 -12.15 -13.27 3.55
C TRP C 170 -13.08 -12.55 4.54
N ASP C 171 -12.66 -11.40 5.07
CA ASP C 171 -13.50 -10.65 6.04
C ASP C 171 -14.84 -10.32 5.39
N VAL C 172 -14.84 -9.94 4.11
CA VAL C 172 -16.10 -9.53 3.43
C VAL C 172 -17.06 -10.72 3.41
N PHE C 173 -16.55 -11.91 3.13
CA PHE C 173 -17.42 -13.11 3.04
C PHE C 173 -17.83 -13.56 4.45
N ALA C 174 -16.93 -13.45 5.42
CA ALA C 174 -17.25 -13.92 6.79
C ALA C 174 -18.32 -13.03 7.42
N ILE C 175 -18.11 -11.71 7.46
CA ILE C 175 -19.07 -10.80 8.14
C ILE C 175 -20.43 -10.87 7.44
N SER C 176 -20.44 -10.86 6.10
CA SER C 176 -21.73 -10.87 5.36
C SER C 176 -22.48 -12.18 5.64
N THR C 177 -21.78 -13.31 5.60
CA THR C 177 -22.42 -14.62 5.90
C THR C 177 -22.89 -14.63 7.36
N TYR C 178 -22.08 -14.11 8.27
CA TYR C 178 -22.42 -14.12 9.71
C TYR C 178 -23.70 -13.31 9.93
N ALA C 179 -23.78 -12.13 9.32
CA ALA C 179 -24.96 -11.26 9.53
C ALA C 179 -26.22 -11.93 8.98
N THR C 180 -26.15 -12.49 7.77
CA THR C 180 -27.35 -13.07 7.15
C THR C 180 -27.82 -14.30 7.95
N VAL C 181 -26.88 -15.17 8.34
CA VAL C 181 -27.25 -16.42 9.07
C VAL C 181 -27.84 -16.05 10.44
N SER C 182 -27.24 -15.07 11.12
CA SER C 182 -27.76 -14.66 12.46
C SER C 182 -29.17 -14.10 12.30
N LEU C 183 -29.39 -13.26 11.27
CA LEU C 183 -30.73 -12.66 11.06
C LEU C 183 -31.77 -13.74 10.77
N VAL C 184 -31.45 -14.69 9.88
CA VAL C 184 -32.45 -15.73 9.51
C VAL C 184 -32.75 -16.61 10.73
N PHE C 185 -31.73 -16.97 11.50
CA PHE C 185 -31.92 -17.83 12.70
C PHE C 185 -32.78 -17.07 13.72
N TRP C 186 -32.51 -15.78 13.91
CA TRP C 186 -33.28 -14.95 14.87
C TRP C 186 -34.74 -14.86 14.44
N LEU C 187 -34.98 -14.63 13.14
CA LEU C 187 -36.36 -14.52 12.61
C LEU C 187 -37.10 -15.85 12.75
N VAL C 188 -36.41 -16.97 12.49
CA VAL C 188 -37.04 -18.32 12.61
C VAL C 188 -37.46 -18.54 14.06
N GLY C 189 -36.63 -18.13 15.02
CA GLY C 189 -36.99 -18.25 16.44
C GLY C 189 -38.19 -17.38 16.78
N LEU C 190 -38.26 -16.18 16.20
CA LEU C 190 -39.36 -15.21 16.49
C LEU C 190 -40.69 -15.66 15.87
N ILE C 191 -40.70 -16.54 14.86
CA ILE C 191 -41.99 -16.86 14.17
C ILE C 191 -43.04 -17.42 15.14
N PRO C 192 -42.75 -18.39 16.03
CA PRO C 192 -43.73 -18.83 17.03
C PRO C 192 -44.14 -17.70 18.00
N ASP C 193 -43.17 -16.88 18.43
CA ASP C 193 -43.45 -15.74 19.34
C ASP C 193 -44.40 -14.74 18.67
N PHE C 194 -44.22 -14.50 17.38
CA PHE C 194 -45.10 -13.55 16.64
C PHE C 194 -46.53 -14.07 16.69
N ALA C 195 -46.71 -15.40 16.59
CA ALA C 195 -48.07 -15.98 16.62
C ALA C 195 -48.76 -15.68 17.95
N THR C 196 -48.03 -15.80 19.07
CA THR C 196 -48.64 -15.45 20.38
C THR C 196 -48.99 -13.96 20.40
N LEU C 197 -48.10 -13.09 19.88
CA LEU C 197 -48.34 -11.62 19.94
C LEU C 197 -49.58 -11.25 19.12
N ARG C 198 -49.75 -11.83 17.92
CA ARG C 198 -50.89 -11.45 17.05
C ARG C 198 -52.19 -11.86 17.75
N ASP C 199 -52.19 -13.02 18.41
CA ASP C 199 -53.39 -13.51 19.13
C ASP C 199 -53.74 -12.55 20.28
N ARG C 200 -52.72 -12.02 20.98
CA ARG C 200 -52.96 -11.15 22.16
C ARG C 200 -52.90 -9.66 21.80
N ALA C 201 -52.77 -9.30 20.52
CA ALA C 201 -52.56 -7.88 20.16
C ALA C 201 -53.72 -7.00 20.61
N LYS C 202 -54.97 -7.43 20.38
CA LYS C 202 -56.18 -6.70 20.87
C LYS C 202 -56.46 -5.46 20.00
N ASN C 203 -55.68 -5.23 18.94
CA ASN C 203 -55.96 -4.12 17.99
C ASN C 203 -55.90 -4.66 16.57
N ILE C 204 -56.87 -4.32 15.72
CA ILE C 204 -56.92 -4.93 14.35
C ILE C 204 -55.66 -4.54 13.55
N TRP C 205 -55.22 -3.28 13.63
CA TRP C 205 -54.00 -2.82 12.93
C TRP C 205 -52.72 -3.41 13.53
N VAL C 206 -52.64 -3.55 14.86
CA VAL C 206 -51.45 -4.22 15.49
C VAL C 206 -51.44 -5.66 15.00
N LYS C 207 -52.62 -6.30 14.92
CA LYS C 207 -52.70 -7.66 14.30
C LYS C 207 -52.48 -7.45 12.81
N ARG C 208 -52.03 -8.48 12.09
CA ARG C 208 -51.79 -8.41 10.61
C ARG C 208 -50.40 -7.83 10.37
N LEU C 209 -49.77 -7.30 11.42
CA LEU C 209 -48.35 -6.84 11.26
C LEU C 209 -47.54 -7.97 11.90
N TYR C 210 -47.93 -8.42 13.09
CA TYR C 210 -47.30 -9.61 13.68
C TYR C 210 -47.72 -10.82 12.87
N GLY C 211 -48.97 -10.83 12.38
CA GLY C 211 -49.51 -11.98 11.62
C GLY C 211 -48.77 -12.26 10.32
N ILE C 212 -48.43 -11.22 9.55
CA ILE C 212 -47.62 -11.45 8.32
C ILE C 212 -46.24 -11.99 8.71
N ALA C 213 -45.64 -11.46 9.77
CA ALA C 213 -44.32 -11.96 10.26
C ALA C 213 -44.47 -13.40 10.73
N ALA C 214 -45.59 -13.73 11.40
CA ALA C 214 -45.85 -15.10 11.88
C ALA C 214 -46.01 -16.04 10.68
N LEU C 215 -46.46 -15.52 9.53
CA LEU C 215 -46.72 -16.37 8.34
C LEU C 215 -47.71 -17.46 8.73
N GLY C 216 -48.80 -17.12 9.42
CA GLY C 216 -49.82 -18.12 9.74
C GLY C 216 -49.17 -19.33 10.40
N TRP C 217 -48.43 -19.12 11.48
CA TRP C 217 -47.65 -20.24 12.08
C TRP C 217 -48.58 -21.38 12.49
N ARG C 218 -49.72 -21.11 13.15
CA ARG C 218 -50.67 -22.20 13.45
C ARG C 218 -49.86 -23.35 14.04
N GLY C 219 -49.17 -23.13 15.15
CA GLY C 219 -48.24 -24.18 15.65
C GLY C 219 -48.93 -25.52 15.75
N SER C 220 -48.31 -26.55 15.16
CA SER C 220 -48.96 -27.88 15.10
C SER C 220 -47.88 -28.96 14.91
N ALA C 221 -48.21 -30.21 15.20
CA ALA C 221 -47.26 -31.30 14.89
C ALA C 221 -47.11 -31.35 13.38
N ARG C 222 -45.93 -31.74 12.86
CA ARG C 222 -45.63 -31.79 11.39
C ARG C 222 -45.24 -30.38 10.97
N HIS C 223 -45.14 -29.46 11.93
CA HIS C 223 -44.63 -28.10 11.63
C HIS C 223 -43.53 -27.99 12.68
N TRP C 224 -43.84 -28.41 13.90
CA TRP C 224 -42.82 -28.42 14.99
C TRP C 224 -41.71 -29.42 14.65
N HIS C 225 -42.05 -30.56 14.07
CA HIS C 225 -41.01 -31.59 13.79
C HIS C 225 -39.99 -31.02 12.81
N ARG C 226 -40.45 -30.38 11.74
CA ARG C 226 -39.51 -29.74 10.77
C ARG C 226 -38.81 -28.57 11.46
N TYR C 227 -39.54 -27.80 12.26
CA TYR C 227 -38.95 -26.60 12.91
C TYR C 227 -37.79 -27.00 13.82
N GLU C 228 -37.99 -28.05 14.62
CA GLU C 228 -36.93 -28.50 15.57
C GLU C 228 -35.71 -29.00 14.78
N MET C 229 -35.94 -29.77 13.71
CA MET C 229 -34.79 -30.30 12.91
C MET C 229 -34.04 -29.13 12.26
N ALA C 230 -34.77 -28.15 11.72
CA ALA C 230 -34.13 -27.00 11.05
C ALA C 230 -33.33 -26.20 12.07
N SER C 231 -33.87 -26.01 13.28
CA SER C 231 -33.17 -25.23 14.32
C SER C 231 -31.86 -25.93 14.69
N ILE C 232 -31.90 -27.27 14.83
CA ILE C 232 -30.67 -28.05 15.16
C ILE C 232 -29.65 -27.91 14.03
N LEU C 233 -30.11 -28.01 12.77
CA LEU C 233 -29.20 -27.89 11.61
C LEU C 233 -28.59 -26.49 11.55
N LEU C 234 -29.41 -25.45 11.75
CA LEU C 234 -28.92 -24.04 11.73
C LEU C 234 -27.93 -23.83 12.87
N ALA C 235 -28.23 -24.37 14.05
CA ALA C 235 -27.31 -24.25 15.21
C ALA C 235 -26.01 -24.98 14.88
N GLY C 236 -26.10 -26.15 14.23
CA GLY C 236 -24.89 -26.90 13.85
C GLY C 236 -24.04 -26.14 12.84
N LEU C 237 -24.66 -25.50 11.84
CA LEU C 237 -23.92 -24.68 10.85
C LEU C 237 -23.32 -23.42 11.49
N SER C 238 -24.06 -22.78 12.40
CA SER C 238 -23.60 -21.51 13.03
C SER C 238 -22.34 -21.70 13.88
N THR C 239 -22.21 -22.83 14.59
CA THR C 239 -21.05 -23.00 15.52
C THR C 239 -19.72 -22.93 14.76
N PRO C 240 -19.51 -23.62 13.62
CA PRO C 240 -18.28 -23.46 12.83
C PRO C 240 -18.21 -22.02 12.27
N LEU C 241 -19.34 -21.46 11.85
CA LEU C 241 -19.36 -20.10 11.26
C LEU C 241 -18.78 -19.08 12.25
N VAL C 242 -19.29 -19.05 13.48
CA VAL C 242 -18.83 -18.00 14.45
C VAL C 242 -17.33 -18.18 14.74
N VAL C 243 -16.88 -19.43 14.92
CA VAL C 243 -15.43 -19.69 15.16
C VAL C 243 -14.64 -19.22 13.94
N SER C 244 -15.13 -19.53 12.74
CA SER C 244 -14.43 -19.12 11.50
C SER C 244 -14.39 -17.59 11.38
N VAL C 245 -15.49 -16.91 11.69
CA VAL C 245 -15.54 -15.42 11.55
C VAL C 245 -14.41 -14.82 12.39
N HIS C 246 -14.37 -15.12 13.69
CA HIS C 246 -13.35 -14.55 14.60
C HIS C 246 -11.94 -15.01 14.20
N SER C 247 -11.80 -16.27 13.76
CA SER C 247 -10.48 -16.75 13.29
C SER C 247 -10.01 -15.93 12.08
N ILE C 248 -10.91 -15.63 11.14
CA ILE C 248 -10.55 -14.78 9.96
C ILE C 248 -10.21 -13.36 10.45
N ILE C 249 -10.97 -12.82 11.40
CA ILE C 249 -10.66 -11.47 11.96
C ILE C 249 -9.33 -11.55 12.72
N SER C 250 -8.81 -12.76 12.90
CA SER C 250 -7.48 -12.91 13.55
C SER C 250 -6.43 -13.19 12.47
N LEU C 251 -6.84 -13.82 11.37
CA LEU C 251 -5.91 -14.18 10.27
C LEU C 251 -5.28 -12.93 9.67
N ASP C 252 -6.01 -11.82 9.57
CA ASP C 252 -5.40 -10.63 8.90
C ASP C 252 -4.12 -10.23 9.65
N PHE C 253 -4.18 -10.17 10.99
CA PHE C 253 -2.94 -9.88 11.74
C PHE C 253 -1.93 -11.02 11.55
N ALA C 254 -2.40 -12.27 11.63
CA ALA C 254 -1.48 -13.43 11.54
C ALA C 254 -0.81 -13.55 10.17
N ILE C 255 -1.51 -13.26 9.09
CA ILE C 255 -0.96 -13.38 7.70
C ILE C 255 0.23 -12.42 7.56
N SER C 256 0.13 -11.23 8.15
CA SER C 256 1.19 -10.20 7.99
C SER C 256 2.50 -10.64 8.64
N GLN C 257 3.63 -10.11 8.17
CA GLN C 257 4.98 -10.49 8.69
C GLN C 257 5.35 -9.62 9.91
N VAL C 258 4.46 -8.72 10.34
CA VAL C 258 4.74 -7.85 11.51
C VAL C 258 5.01 -8.78 12.69
N PRO C 259 6.05 -8.55 13.54
CA PRO C 259 6.42 -9.52 14.58
C PRO C 259 5.34 -9.86 15.62
N GLY C 260 4.67 -8.85 16.20
CA GLY C 260 3.57 -9.14 17.14
C GLY C 260 2.39 -9.77 16.44
N TRP C 261 2.07 -9.29 15.23
CA TRP C 261 0.88 -9.77 14.48
C TRP C 261 0.99 -11.26 14.09
N GLN C 262 2.16 -11.73 13.69
CA GLN C 262 2.25 -13.14 13.19
C GLN C 262 2.44 -14.11 14.38
N VAL C 263 1.34 -14.55 14.98
CA VAL C 263 1.40 -15.56 16.09
C VAL C 263 0.46 -16.70 15.70
N THR C 264 0.94 -17.95 15.79
CA THR C 264 0.11 -19.12 15.39
C THR C 264 -1.12 -19.27 16.29
N VAL C 265 -1.00 -18.90 17.58
CA VAL C 265 -2.12 -19.11 18.54
C VAL C 265 -3.21 -18.04 18.36
N PHE C 266 -2.99 -17.06 17.50
CA PHE C 266 -3.99 -15.98 17.27
C PHE C 266 -5.40 -16.54 16.99
N PRO C 267 -5.70 -17.37 15.95
CA PRO C 267 -7.08 -17.82 15.71
C PRO C 267 -7.85 -18.33 16.96
N PRO C 268 -7.43 -19.38 17.72
CA PRO C 268 -8.20 -19.86 18.89
C PRO C 268 -8.26 -18.82 19.99
N TYR C 269 -7.12 -18.21 20.30
CA TYR C 269 -7.03 -17.15 21.34
C TYR C 269 -8.05 -16.04 21.07
N PHE C 270 -8.17 -15.61 19.81
CA PHE C 270 -9.16 -14.55 19.44
C PHE C 270 -10.59 -15.03 19.67
N VAL C 271 -10.88 -16.29 19.32
CA VAL C 271 -12.24 -16.86 19.52
C VAL C 271 -12.54 -16.85 21.03
N ALA C 272 -11.59 -17.33 21.85
CA ALA C 272 -11.77 -17.36 23.32
C ALA C 272 -11.93 -15.94 23.86
N GLY C 273 -11.16 -14.98 23.34
CA GLY C 273 -11.30 -13.58 23.77
C GLY C 273 -12.68 -13.03 23.45
N ALA C 274 -13.22 -13.36 22.28
CA ALA C 274 -14.54 -12.84 21.87
C ALA C 274 -15.63 -13.31 22.83
N VAL C 275 -15.66 -14.61 23.17
CA VAL C 275 -16.67 -15.16 24.11
C VAL C 275 -16.51 -14.44 25.44
N PHE C 276 -15.26 -14.27 25.88
CA PHE C 276 -14.94 -13.67 27.21
C PHE C 276 -15.48 -12.24 27.27
N ALA C 277 -15.20 -11.43 26.23
CA ALA C 277 -15.69 -10.04 26.20
C ALA C 277 -17.22 -10.01 26.08
N GLY C 278 -17.77 -10.89 25.22
CA GLY C 278 -19.23 -10.90 25.00
C GLY C 278 -19.98 -11.25 26.26
N PHE C 279 -19.48 -12.23 27.02
CA PHE C 279 -20.18 -12.69 28.25
C PHE C 279 -20.22 -11.53 29.25
N ALA C 280 -19.13 -10.76 29.33
CA ALA C 280 -19.12 -9.59 30.24
C ALA C 280 -20.20 -8.60 29.82
N MET C 281 -20.33 -8.33 28.51
CA MET C 281 -21.36 -7.39 28.02
C MET C 281 -22.76 -7.95 28.30
N VAL C 282 -22.96 -9.25 28.09
CA VAL C 282 -24.29 -9.89 28.31
C VAL C 282 -24.64 -9.79 29.79
N LEU C 283 -23.68 -10.07 30.68
CA LEU C 283 -23.93 -9.95 32.15
C LEU C 283 -24.24 -8.49 32.50
N LEU C 284 -23.51 -7.55 31.89
CA LEU C 284 -23.69 -6.11 32.21
C LEU C 284 -25.10 -5.65 31.84
N LEU C 285 -25.63 -6.10 30.69
CA LEU C 285 -26.96 -5.63 30.22
C LEU C 285 -28.11 -6.52 30.73
N MET C 286 -27.89 -7.83 30.87
CA MET C 286 -28.97 -8.77 31.28
C MET C 286 -29.42 -8.48 32.71
N ILE C 287 -28.50 -8.19 33.62
CA ILE C 287 -28.86 -8.00 35.07
C ILE C 287 -29.85 -6.83 35.23
N PRO C 288 -29.67 -5.65 34.60
CA PRO C 288 -30.67 -4.58 34.70
C PRO C 288 -32.03 -5.00 34.13
N VAL C 289 -32.04 -5.68 32.98
CA VAL C 289 -33.32 -6.12 32.35
C VAL C 289 -34.03 -7.07 33.31
N ARG C 290 -33.28 -7.98 33.94
CA ARG C 290 -33.87 -8.97 34.87
C ARG C 290 -34.51 -8.25 36.07
N THR C 291 -33.80 -7.28 36.66
CA THR C 291 -34.34 -6.52 37.82
C THR C 291 -35.48 -5.56 37.43
N PHE C 292 -35.35 -4.85 36.31
CA PHE C 292 -36.37 -3.81 35.95
C PHE C 292 -37.73 -4.45 35.69
N TYR C 293 -37.76 -5.56 34.96
CA TYR C 293 -39.04 -6.29 34.73
C TYR C 293 -39.12 -7.42 35.75
N GLY C 294 -40.25 -8.11 35.86
CA GLY C 294 -40.30 -9.26 36.77
C GLY C 294 -39.74 -10.51 36.09
N PHE C 295 -38.45 -10.50 35.75
CA PHE C 295 -37.84 -11.65 35.02
C PHE C 295 -36.93 -12.43 35.96
N GLU C 296 -37.05 -12.18 37.26
CA GLU C 296 -36.20 -12.88 38.27
C GLU C 296 -36.49 -14.38 38.23
N ASN C 297 -37.76 -14.76 38.07
CA ASN C 297 -38.10 -16.21 37.98
C ASN C 297 -37.47 -16.82 36.73
N TYR C 298 -37.57 -16.16 35.58
CA TYR C 298 -37.03 -16.70 34.31
C TYR C 298 -35.49 -16.72 34.31
N ILE C 299 -34.87 -15.62 34.77
CA ILE C 299 -33.38 -15.56 34.85
C ILE C 299 -33.00 -15.66 36.32
N THR C 300 -32.51 -16.83 36.75
CA THR C 300 -32.20 -17.05 38.18
C THR C 300 -30.76 -16.66 38.51
N LEU C 301 -30.39 -16.68 39.78
CA LEU C 301 -28.98 -16.42 40.19
C LEU C 301 -28.11 -17.51 39.58
N HIS C 302 -28.65 -18.72 39.42
CA HIS C 302 -27.90 -19.85 38.82
C HIS C 302 -27.49 -19.48 37.39
N HIS C 303 -28.35 -18.79 36.64
CA HIS C 303 -27.97 -18.35 35.27
C HIS C 303 -26.76 -17.42 35.36
N LEU C 304 -26.78 -16.47 36.29
CA LEU C 304 -25.65 -15.51 36.43
C LEU C 304 -24.39 -16.27 36.84
N ASP C 305 -24.51 -17.22 37.77
CA ASP C 305 -23.35 -17.98 38.26
C ASP C 305 -22.71 -18.79 37.12
N VAL C 306 -23.54 -19.49 36.32
CA VAL C 306 -23.00 -20.33 35.21
C VAL C 306 -22.35 -19.45 34.15
N MET C 307 -22.98 -18.31 33.84
CA MET C 307 -22.42 -17.36 32.83
C MET C 307 -21.07 -16.83 33.32
N ALA C 308 -20.95 -16.54 34.63
CA ALA C 308 -19.68 -16.07 35.20
C ALA C 308 -18.61 -17.17 35.08
N LYS C 309 -18.99 -18.43 35.32
CA LYS C 309 -18.04 -19.56 35.19
C LYS C 309 -17.56 -19.68 33.74
N VAL C 310 -18.46 -19.53 32.76
CA VAL C 310 -18.08 -19.59 31.32
C VAL C 310 -17.13 -18.42 31.02
N MET C 311 -17.42 -17.24 31.55
CA MET C 311 -16.54 -16.05 31.33
C MET C 311 -15.17 -16.34 31.93
N LEU C 312 -15.12 -16.92 33.13
CA LEU C 312 -13.83 -17.25 33.80
C LEU C 312 -13.08 -18.28 32.95
N THR C 313 -13.78 -19.28 32.41
CA THR C 313 -13.12 -20.35 31.63
C THR C 313 -12.46 -19.76 30.38
N THR C 314 -13.15 -18.85 29.70
CA THR C 314 -12.61 -18.27 28.44
C THR C 314 -11.53 -17.25 28.80
N GLY C 315 -11.66 -16.57 29.94
CA GLY C 315 -10.62 -15.62 30.39
C GLY C 315 -9.30 -16.32 30.66
N MET C 316 -9.36 -17.52 31.23
CA MET C 316 -8.11 -18.31 31.50
C MET C 316 -7.43 -18.66 30.17
N ILE C 317 -8.20 -19.01 29.14
CA ILE C 317 -7.61 -19.31 27.81
C ILE C 317 -6.92 -18.05 27.26
N VAL C 318 -7.51 -16.87 27.46
CA VAL C 318 -6.87 -15.60 27.03
C VAL C 318 -5.54 -15.43 27.79
N VAL C 319 -5.53 -15.70 29.10
CA VAL C 319 -4.28 -15.61 29.92
C VAL C 319 -3.27 -16.64 29.38
N TYR C 320 -3.73 -17.84 29.02
CA TYR C 320 -2.85 -18.89 28.44
C TYR C 320 -2.27 -18.35 27.12
N GLY C 321 -3.08 -17.65 26.34
CA GLY C 321 -2.59 -17.04 25.09
C GLY C 321 -1.50 -16.02 25.38
N TYR C 322 -1.65 -15.26 26.46
CA TYR C 322 -0.59 -14.29 26.87
C TYR C 322 0.66 -15.09 27.26
N PHE C 323 0.50 -16.13 28.08
CA PHE C 323 1.67 -16.89 28.51
C PHE C 323 2.41 -17.48 27.32
N MET C 324 1.66 -17.99 26.34
CA MET C 324 2.28 -18.51 25.13
C MET C 324 3.03 -17.42 24.38
N GLU C 325 2.44 -16.22 24.28
CA GLU C 325 3.12 -15.13 23.59
C GLU C 325 4.42 -14.75 24.30
N VAL C 326 4.39 -14.65 25.63
CA VAL C 326 5.59 -14.29 26.38
C VAL C 326 6.66 -15.37 26.25
N PHE C 327 6.23 -16.65 26.30
CA PHE C 327 7.18 -17.74 26.13
C PHE C 327 7.79 -17.72 24.73
N ALA C 328 7.00 -17.37 23.72
CA ALA C 328 7.55 -17.24 22.38
C ALA C 328 8.57 -16.11 22.30
N SER C 329 8.28 -14.99 22.97
CA SER C 329 9.22 -13.87 22.97
C SER C 329 10.53 -14.24 23.62
N LEU C 330 10.48 -14.96 24.74
CA LEU C 330 11.71 -15.32 25.45
C LEU C 330 12.43 -16.48 24.76
N TYR C 331 11.68 -17.35 24.08
CA TYR C 331 12.26 -18.56 23.49
C TYR C 331 13.15 -18.22 22.30
N SER C 332 12.64 -17.39 21.39
CA SER C 332 13.36 -17.10 20.16
C SER C 332 14.52 -16.15 20.42
N GLY C 333 15.56 -16.28 19.59
CA GLY C 333 16.69 -15.39 19.63
C GLY C 333 16.57 -14.16 18.76
N ASN C 334 15.44 -13.97 18.09
CA ASN C 334 15.24 -12.81 17.23
C ASN C 334 15.30 -11.53 18.04
N GLU C 335 15.99 -10.53 17.53
CA GLU C 335 16.00 -9.22 18.18
C GLU C 335 14.61 -8.60 18.19
N PHE C 336 13.79 -8.94 17.20
CA PHE C 336 12.51 -8.27 17.04
C PHE C 336 11.48 -8.73 18.06
N GLU C 337 11.47 -10.02 18.38
CA GLU C 337 10.60 -10.51 19.45
C GLU C 337 11.00 -9.93 20.80
N GLU C 338 12.32 -9.89 21.07
CA GLU C 338 12.78 -9.32 22.34
C GLU C 338 12.42 -7.85 22.45
N TYR C 339 12.59 -7.09 21.36
CA TYR C 339 12.23 -5.69 21.43
C TYR C 339 10.73 -5.50 21.48
N LEU C 340 9.94 -6.42 20.92
CA LEU C 340 8.51 -6.38 21.10
C LEU C 340 8.14 -6.52 22.57
N LEU C 341 8.75 -7.48 23.26
CA LEU C 341 8.49 -7.63 24.69
C LEU C 341 8.93 -6.40 25.46
N TYR C 342 10.09 -5.85 25.12
CA TYR C 342 10.58 -4.67 25.83
C TYR C 342 9.66 -3.47 25.62
N ASN C 343 9.20 -3.27 24.38
CA ASN C 343 8.32 -2.14 24.09
C ASN C 343 6.96 -2.32 24.75
N ARG C 344 6.48 -3.56 24.84
CA ARG C 344 5.25 -3.82 25.57
C ARG C 344 5.41 -3.49 27.05
N LEU C 345 6.56 -3.84 27.62
CA LEU C 345 6.73 -3.71 29.06
C LEU C 345 7.23 -2.32 29.47
N PHE C 346 8.21 -1.77 28.75
CA PHE C 346 8.83 -0.51 29.16
C PHE C 346 8.84 0.51 28.02
N GLY C 347 7.93 0.40 27.07
CA GLY C 347 7.88 1.31 25.96
C GLY C 347 7.05 2.54 26.27
N PRO C 348 6.92 3.43 25.27
CA PRO C 348 6.06 4.61 25.47
C PRO C 348 4.60 4.29 25.66
N SER C 349 4.14 3.11 25.27
CA SER C 349 2.76 2.69 25.44
C SER C 349 2.63 1.51 26.40
N SER C 350 3.47 1.46 27.42
CA SER C 350 3.41 0.38 28.41
C SER C 350 2.14 0.44 29.25
N TRP C 351 1.48 1.60 29.32
CA TRP C 351 0.28 1.71 30.13
C TRP C 351 -0.80 0.74 29.66
N ALA C 352 -0.91 0.55 28.34
CA ALA C 352 -1.88 -0.39 27.81
C ALA C 352 -1.58 -1.81 28.27
N TYR C 353 -0.31 -2.21 28.25
CA TYR C 353 0.05 -3.56 28.67
C TYR C 353 -0.19 -3.76 30.17
N TRP C 354 0.17 -2.77 30.99
CA TRP C 354 -0.04 -2.92 32.42
C TRP C 354 -1.52 -2.95 32.78
N GLY C 355 -2.33 -2.08 32.15
CA GLY C 355 -3.76 -2.13 32.35
C GLY C 355 -4.37 -3.44 31.85
N LEU C 356 -3.82 -3.98 30.76
CA LEU C 356 -4.28 -5.26 30.25
C LEU C 356 -4.00 -6.37 31.26
N LEU C 357 -2.80 -6.38 31.83
CA LEU C 357 -2.44 -7.41 32.81
C LEU C 357 -3.29 -7.29 34.06
N PHE C 358 -3.63 -6.06 34.45
CA PHE C 358 -4.46 -5.88 35.64
C PHE C 358 -5.90 -6.29 35.38
N CYS C 359 -6.45 -5.88 34.24
CA CYS C 359 -7.90 -5.96 34.04
C CYS C 359 -8.36 -7.40 33.77
N ASN C 360 -7.65 -8.11 32.89
CA ASN C 360 -8.15 -9.45 32.48
C ASN C 360 -7.48 -10.59 33.25
N ALA C 361 -6.39 -10.34 33.97
CA ALA C 361 -5.83 -11.44 34.79
C ALA C 361 -6.22 -11.27 36.26
N VAL C 362 -5.97 -10.10 36.84
CA VAL C 362 -6.25 -9.88 38.30
C VAL C 362 -7.77 -9.89 38.57
N ALA C 363 -8.57 -9.23 37.73
CA ALA C 363 -10.03 -9.11 37.99
C ALA C 363 -10.74 -10.46 37.93
N ILE C 364 -10.35 -11.35 37.02
CA ILE C 364 -11.05 -12.67 36.85
C ILE C 364 -10.77 -13.58 38.04
N GLN C 365 -9.70 -13.36 38.80
CA GLN C 365 -9.33 -14.29 39.91
C GLN C 365 -10.43 -14.37 40.98
N PRO C 366 -11.11 -13.27 41.39
CA PRO C 366 -12.24 -13.36 42.34
C PRO C 366 -13.36 -14.28 41.83
N LEU C 367 -13.55 -14.39 40.51
CA LEU C 367 -14.67 -15.20 39.94
C LEU C 367 -14.53 -16.65 40.39
N TRP C 368 -13.31 -17.11 40.70
CA TRP C 368 -13.11 -18.53 41.09
C TRP C 368 -13.95 -18.82 42.34
N PHE C 369 -14.00 -17.89 43.28
CA PHE C 369 -14.78 -18.07 44.53
C PHE C 369 -16.28 -18.00 44.23
N LYS C 370 -17.06 -18.91 44.83
CA LYS C 370 -18.53 -18.97 44.56
C LYS C 370 -19.22 -17.71 45.06
N LYS C 371 -18.82 -17.18 46.22
CA LYS C 371 -19.52 -16.02 46.82
C LYS C 371 -19.46 -14.83 45.87
N VAL C 372 -18.30 -14.60 45.25
CA VAL C 372 -18.14 -13.43 44.32
C VAL C 372 -19.10 -13.59 43.14
N ARG C 373 -19.21 -14.80 42.58
CA ARG C 373 -20.11 -15.05 41.43
C ARG C 373 -21.57 -14.79 41.84
N GLN C 374 -21.95 -15.22 43.05
CA GLN C 374 -23.34 -15.01 43.54
C GLN C 374 -23.64 -13.51 43.68
N ASN C 375 -22.67 -12.70 44.12
CA ASN C 375 -22.94 -11.26 44.37
C ASN C 375 -23.18 -10.54 43.04
N ILE C 376 -24.34 -9.89 42.90
CA ILE C 376 -24.68 -9.13 41.65
C ILE C 376 -23.79 -7.87 41.49
N PRO C 377 -23.51 -7.05 42.52
CA PRO C 377 -22.63 -5.90 42.35
C PRO C 377 -21.21 -6.31 41.92
N ALA C 378 -20.68 -7.38 42.52
CA ALA C 378 -19.31 -7.84 42.18
C ALA C 378 -19.26 -8.22 40.70
N LEU C 379 -20.29 -8.92 40.20
CA LEU C 379 -20.31 -9.33 38.78
C LEU C 379 -20.29 -8.09 37.89
N LEU C 380 -21.08 -7.07 38.23
CA LEU C 380 -21.17 -5.87 37.36
C LEU C 380 -19.81 -5.17 37.29
N ILE C 381 -19.13 -5.03 38.44
CA ILE C 381 -17.81 -4.32 38.47
C ILE C 381 -16.79 -5.11 37.64
N ILE C 382 -16.76 -6.43 37.82
CA ILE C 382 -15.77 -7.28 37.09
C ILE C 382 -16.07 -7.22 35.59
N SER C 383 -17.35 -7.26 35.21
CA SER C 383 -17.72 -7.25 33.78
C SER C 383 -17.27 -5.95 33.12
N LEU C 384 -17.44 -4.81 33.80
CA LEU C 384 -17.01 -3.50 33.25
C LEU C 384 -15.48 -3.50 33.10
N ILE C 385 -14.77 -4.02 34.10
CA ILE C 385 -13.27 -4.06 34.05
C ILE C 385 -12.84 -4.95 32.88
N VAL C 386 -13.52 -6.09 32.69
CA VAL C 386 -13.17 -7.02 31.58
C VAL C 386 -13.38 -6.32 30.24
N SER C 387 -14.47 -5.56 30.10
CA SER C 387 -14.77 -4.88 28.82
C SER C 387 -13.66 -3.86 28.51
N VAL C 388 -13.20 -3.11 29.51
CA VAL C 388 -12.08 -2.14 29.31
C VAL C 388 -10.80 -2.92 28.99
N GLY C 389 -10.56 -4.03 29.68
CA GLY C 389 -9.31 -4.79 29.49
C GLY C 389 -9.22 -5.39 28.10
N MET C 390 -10.34 -5.84 27.54
CA MET C 390 -10.35 -6.40 26.19
C MET C 390 -10.05 -5.32 25.16
N TRP C 391 -10.59 -4.11 25.36
CA TRP C 391 -10.22 -3.00 24.50
C TRP C 391 -8.72 -2.74 24.56
N LEU C 392 -8.16 -2.78 25.78
CA LEU C 392 -6.72 -2.56 25.93
C LEU C 392 -5.92 -3.69 25.27
N GLU C 393 -6.44 -4.92 25.30
CA GLU C 393 -5.76 -6.03 24.63
C GLU C 393 -5.69 -5.81 23.14
N ARG C 394 -6.80 -5.38 22.52
CA ARG C 394 -6.76 -5.08 21.09
C ARG C 394 -5.79 -3.95 20.80
N TYR C 395 -5.78 -2.92 21.66
CA TYR C 395 -4.85 -1.81 21.48
C TYR C 395 -3.40 -2.31 21.52
N VAL C 396 -3.08 -3.15 22.49
CA VAL C 396 -1.72 -3.68 22.62
C VAL C 396 -1.34 -4.48 21.38
N ILE C 397 -2.25 -5.34 20.92
CA ILE C 397 -1.93 -6.20 19.79
C ILE C 397 -1.68 -5.38 18.53
N ILE C 398 -2.52 -4.37 18.27
CA ILE C 398 -2.40 -3.64 17.01
C ILE C 398 -1.41 -2.49 17.09
N VAL C 399 -1.70 -1.50 17.93
CA VAL C 399 -1.00 -0.22 17.85
C VAL C 399 0.45 -0.36 18.28
N ILE C 400 0.70 -1.05 19.40
CA ILE C 400 2.05 -1.17 19.92
C ILE C 400 2.93 -1.91 18.94
N SER C 401 2.40 -2.99 18.35
CA SER C 401 3.16 -3.75 17.36
C SER C 401 3.46 -2.90 16.13
N LEU C 402 2.48 -2.08 15.70
CA LEU C 402 2.70 -1.28 14.49
C LEU C 402 3.66 -0.13 14.74
N GLU C 403 3.74 0.37 15.98
CA GLU C 403 4.51 1.57 16.25
C GLU C 403 5.99 1.38 15.95
N ARG C 404 6.56 0.24 16.35
CA ARG C 404 7.98 -0.02 16.17
C ARG C 404 8.17 -1.31 15.39
N ASP C 405 9.07 -1.26 14.41
CA ASP C 405 9.18 -2.31 13.41
C ASP C 405 10.63 -2.62 13.13
N PHE C 406 10.86 -3.30 12.01
CA PHE C 406 12.19 -3.78 11.65
C PHE C 406 13.20 -2.64 11.49
N LEU C 407 12.82 -1.56 10.82
CA LEU C 407 13.75 -0.45 10.59
C LEU C 407 13.55 0.60 11.67
N PRO C 408 14.57 0.90 12.48
CA PRO C 408 14.39 1.90 13.54
C PRO C 408 14.04 3.28 13.02
N SER C 409 14.47 3.62 11.80
CA SER C 409 14.22 4.95 11.28
C SER C 409 12.73 5.21 11.08
N SER C 410 11.97 4.17 10.78
CA SER C 410 10.52 4.30 10.62
C SER C 410 9.76 4.02 11.91
N TRP C 411 10.15 4.70 13.01
CA TRP C 411 9.45 4.52 14.31
C TRP C 411 8.70 5.81 14.66
N ASP C 412 7.41 5.70 15.01
CA ASP C 412 6.60 6.89 15.39
C ASP C 412 5.53 6.48 16.41
N ILE C 413 4.98 7.45 17.14
CA ILE C 413 3.96 7.16 18.19
C ILE C 413 2.55 7.43 17.66
N TYR C 414 1.57 6.61 18.04
CA TYR C 414 0.15 6.84 17.65
C TYR C 414 -0.58 7.61 18.74
N ILE C 415 -1.17 8.76 18.41
CA ILE C 415 -1.95 9.54 19.37
C ILE C 415 -3.35 9.73 18.82
N PRO C 416 -4.37 9.07 19.39
CA PRO C 416 -5.73 9.24 18.88
C PRO C 416 -6.25 10.66 19.06
N THR C 417 -7.08 11.08 18.11
CA THR C 417 -7.69 12.40 18.11
C THR C 417 -9.04 12.32 18.81
N ILE C 418 -9.88 13.35 18.65
CA ILE C 418 -11.20 13.35 19.25
C ILE C 418 -12.24 12.70 18.35
N TRP C 419 -11.96 12.61 17.04
CA TRP C 419 -12.99 12.16 16.10
C TRP C 419 -13.20 10.66 16.15
N ASP C 420 -12.13 9.89 16.35
CA ASP C 420 -12.30 8.44 16.51
C ASP C 420 -13.02 8.10 17.82
N TRP C 421 -12.74 8.86 18.88
CA TRP C 421 -13.54 8.72 20.09
C TRP C 421 -14.99 9.06 19.84
N SER C 422 -15.25 10.12 19.06
CA SER C 422 -16.63 10.48 18.74
C SER C 422 -17.33 9.34 18.01
N LEU C 423 -16.64 8.72 17.06
CA LEU C 423 -17.19 7.53 16.40
C LEU C 423 -17.47 6.41 17.39
N TYR C 424 -16.59 6.23 18.39
CA TYR C 424 -16.77 5.13 19.32
C TYR C 424 -18.03 5.32 20.18
N ILE C 425 -18.19 6.51 20.77
CA ILE C 425 -19.42 6.80 21.51
C ILE C 425 -20.63 6.78 20.58
N GLY C 426 -20.48 7.20 19.33
CA GLY C 426 -21.61 7.15 18.42
C GLY C 426 -22.07 5.73 18.13
N THR C 427 -21.11 4.81 17.97
CA THR C 427 -21.45 3.41 17.79
C THR C 427 -22.14 2.85 19.03
N PHE C 428 -21.66 3.24 20.22
CA PHE C 428 -22.37 2.85 21.44
C PHE C 428 -23.82 3.33 21.42
N GLY C 429 -24.04 4.57 20.98
CA GLY C 429 -25.39 5.10 20.94
C GLY C 429 -26.27 4.37 19.96
N LEU C 430 -25.73 4.05 18.78
CA LEU C 430 -26.48 3.28 17.80
C LEU C 430 -26.86 1.90 18.35
N PHE C 431 -25.91 1.24 19.00
CA PHE C 431 -26.16 -0.07 19.59
C PHE C 431 -27.29 0.01 20.61
N PHE C 432 -27.24 1.00 21.50
CA PHE C 432 -28.27 1.08 22.53
C PHE C 432 -29.62 1.52 21.97
N THR C 433 -29.62 2.35 20.92
CA THR C 433 -30.87 2.69 20.26
C THR C 433 -31.53 1.45 19.69
N LEU C 434 -30.75 0.62 19.00
CA LEU C 434 -31.31 -0.61 18.43
C LEU C 434 -31.82 -1.53 19.53
N LEU C 435 -31.09 -1.63 20.65
CA LEU C 435 -31.55 -2.46 21.76
C LEU C 435 -32.88 -1.94 22.33
N PHE C 436 -33.00 -0.62 22.48
CA PHE C 436 -34.21 -0.06 23.07
C PHE C 436 -35.43 -0.27 22.16
N LEU C 437 -35.26 -0.06 20.85
CA LEU C 437 -36.37 -0.36 19.95
C LEU C 437 -36.71 -1.85 19.96
N PHE C 438 -35.70 -2.72 20.05
CA PHE C 438 -35.97 -4.15 20.13
C PHE C 438 -36.82 -4.48 21.36
N ILE C 439 -36.43 -3.97 22.52
CA ILE C 439 -37.15 -4.32 23.73
C ILE C 439 -38.52 -3.66 23.77
N ARG C 440 -38.70 -2.54 23.07
CA ARG C 440 -40.01 -1.89 23.01
C ARG C 440 -40.96 -2.66 22.12
N VAL C 441 -40.48 -3.12 20.96
CA VAL C 441 -41.38 -3.72 19.98
C VAL C 441 -41.48 -5.23 20.16
N LEU C 442 -40.33 -5.92 20.24
CA LEU C 442 -40.36 -7.41 20.28
C LEU C 442 -40.14 -7.93 21.70
N PRO C 443 -40.56 -9.17 22.04
CA PRO C 443 -40.33 -9.73 23.38
C PRO C 443 -38.85 -10.04 23.66
N MET C 444 -38.35 -9.61 24.83
CA MET C 444 -36.94 -9.88 25.23
C MET C 444 -36.70 -11.37 25.48
N ILE C 445 -37.69 -12.08 26.04
CA ILE C 445 -37.50 -13.52 26.39
C ILE C 445 -38.34 -14.39 25.45
N ASN C 446 -37.75 -15.45 24.90
CA ASN C 446 -38.48 -16.38 24.01
C ASN C 446 -39.70 -16.93 24.77
N ILE C 447 -40.92 -16.65 24.31
CA ILE C 447 -42.12 -17.10 25.01
C ILE C 447 -42.24 -18.62 24.93
N PHE C 448 -42.12 -19.18 23.74
CA PHE C 448 -41.92 -20.61 23.67
C PHE C 448 -40.43 -20.89 23.92
N GLU C 449 -40.12 -22.16 24.18
CA GLU C 449 -38.84 -22.64 24.69
C GLU C 449 -38.66 -22.26 26.14
N MET C 450 -39.55 -21.44 26.71
CA MET C 450 -39.64 -21.18 28.14
C MET C 450 -40.81 -21.91 28.76
N ARG C 451 -41.95 -21.99 28.07
CA ARG C 451 -43.01 -22.88 28.50
C ARG C 451 -42.67 -24.33 28.20
N LEU C 452 -41.93 -24.57 27.11
CA LEU C 452 -41.39 -25.91 26.87
C LEU C 452 -40.39 -26.29 27.95
N PHE C 453 -39.61 -25.33 28.44
CA PHE C 453 -38.73 -25.60 29.57
C PHE C 453 -39.52 -25.97 30.81
N LEU C 454 -40.64 -25.28 31.04
CA LEU C 454 -41.50 -25.63 32.18
C LEU C 454 -42.07 -27.04 32.01
N TYR C 455 -42.46 -27.39 30.79
CA TYR C 455 -42.96 -28.74 30.53
C TYR C 455 -41.89 -29.78 30.80
N GLN C 456 -40.66 -29.52 30.36
CA GLN C 456 -39.56 -30.46 30.60
C GLN C 456 -39.27 -30.59 32.09
N GLU C 457 -39.35 -29.47 32.83
CA GLU C 457 -39.07 -29.50 34.28
C GLU C 457 -40.15 -30.29 35.02
N THR C 458 -41.42 -30.11 34.64
CA THR C 458 -42.53 -30.85 35.29
C THR C 458 -42.38 -32.35 35.03
N GLU C 459 -42.03 -32.72 33.80
CA GLU C 459 -41.84 -34.15 33.45
C GLU C 459 -40.68 -34.74 34.27
N LYS C 460 -39.61 -33.95 34.46
CA LYS C 460 -38.45 -34.42 35.26
C LYS C 460 -38.91 -34.69 36.70
N ALA C 461 -39.77 -33.83 37.24
CA ALA C 461 -40.29 -34.03 38.61
C ALA C 461 -41.09 -35.33 38.69
N LYS C 462 -41.88 -35.64 37.66
CA LYS C 462 -42.71 -36.87 37.65
C LYS C 462 -41.81 -38.11 37.69
N GLN C 463 -40.70 -38.11 36.93
CA GLN C 463 -39.78 -39.27 36.90
C GLN C 463 -38.81 -39.18 38.08
N ARG C 464 -38.89 -38.09 38.86
CA ARG C 464 -38.02 -37.91 40.06
C ARG C 464 -36.55 -38.13 39.67
N VAL D 5 -66.64 -28.53 7.68
CA VAL D 5 -66.44 -29.59 6.71
C VAL D 5 -64.96 -29.97 6.66
N TYR D 6 -64.09 -29.03 7.01
CA TYR D 6 -62.65 -29.30 7.00
C TYR D 6 -62.29 -30.37 8.01
N GLY D 7 -62.86 -30.33 9.21
CA GLY D 7 -62.54 -31.34 10.20
C GLY D 7 -63.24 -31.09 11.53
N VAL D 8 -62.82 -31.85 12.53
CA VAL D 8 -63.40 -31.80 13.88
C VAL D 8 -62.28 -31.50 14.87
N MET D 9 -62.54 -30.55 15.77
CA MET D 9 -61.54 -30.03 16.70
C MET D 9 -61.91 -30.46 18.11
N ALA D 10 -60.89 -30.82 18.91
CA ALA D 10 -61.14 -31.43 20.21
C ALA D 10 -61.03 -30.41 21.34
N GLU D 11 -60.02 -29.54 21.30
CA GLU D 11 -59.80 -28.53 22.35
C GLU D 11 -59.59 -29.21 23.71
N PHE D 12 -58.45 -29.90 23.84
CA PHE D 12 -58.16 -30.61 25.07
C PHE D 12 -57.43 -29.69 26.06
N PRO D 13 -57.62 -29.89 27.36
CA PRO D 13 -57.11 -28.90 28.33
C PRO D 13 -55.61 -28.95 28.55
N THR D 14 -55.03 -30.13 28.68
CA THR D 14 -53.65 -30.30 29.12
C THR D 14 -52.91 -31.20 28.14
N PRO D 15 -51.58 -31.01 28.01
CA PRO D 15 -50.84 -31.83 27.02
C PRO D 15 -50.90 -33.32 27.31
N GLU D 16 -51.04 -33.72 28.57
CA GLU D 16 -51.21 -35.14 28.87
C GLU D 16 -52.51 -35.66 28.31
N ALA D 17 -53.59 -34.89 28.41
CA ALA D 17 -54.86 -35.31 27.80
C ALA D 17 -54.74 -35.40 26.29
N LEU D 18 -54.03 -34.45 25.66
CA LEU D 18 -53.82 -34.50 24.23
C LEU D 18 -53.04 -35.74 23.82
N ILE D 19 -52.00 -36.08 24.60
CA ILE D 19 -51.22 -37.28 24.33
C ILE D 19 -52.09 -38.53 24.44
N GLU D 20 -52.91 -38.59 25.50
CA GLU D 20 -53.77 -39.75 25.69
C GLU D 20 -54.80 -39.87 24.57
N ALA D 21 -55.35 -38.75 24.11
CA ALA D 21 -56.30 -38.78 23.01
C ALA D 21 -55.64 -39.22 21.71
N THR D 22 -54.42 -38.73 21.46
CA THR D 22 -53.70 -39.14 20.26
C THR D 22 -53.37 -40.62 20.30
N ARG D 23 -53.00 -41.14 21.47
CA ARG D 23 -52.75 -42.56 21.61
C ARG D 23 -54.01 -43.39 21.43
N LYS D 24 -55.16 -42.91 21.93
CA LYS D 24 -56.42 -43.58 21.66
C LYS D 24 -56.81 -43.45 20.19
N ALA D 25 -56.45 -42.33 19.56
CA ALA D 25 -56.53 -42.22 18.11
C ALA D 25 -55.40 -43.08 17.52
N LYS D 26 -55.41 -43.24 16.20
CA LYS D 26 -54.40 -44.02 15.48
C LYS D 26 -54.54 -45.50 15.83
N ALA D 27 -55.43 -45.81 16.77
CA ALA D 27 -55.78 -47.18 17.09
C ALA D 27 -57.13 -47.58 16.49
N ALA D 28 -57.98 -46.62 16.21
CA ALA D 28 -59.22 -46.84 15.48
C ALA D 28 -59.04 -46.60 13.98
N GLY D 29 -57.82 -46.37 13.52
CA GLY D 29 -57.56 -46.12 12.12
C GLY D 29 -57.74 -44.69 11.68
N TYR D 30 -57.93 -43.76 12.61
CA TYR D 30 -58.15 -42.36 12.27
C TYR D 30 -56.79 -41.71 11.97
N THR D 31 -56.33 -41.95 10.74
CA THR D 31 -55.10 -41.35 10.27
C THR D 31 -55.39 -39.94 9.73
N LYS D 32 -54.37 -39.29 9.19
CA LYS D 32 -54.50 -37.95 8.61
C LYS D 32 -55.11 -36.97 9.61
N MET D 33 -54.44 -36.85 10.76
CA MET D 33 -54.87 -35.95 11.83
C MET D 33 -53.68 -35.15 12.31
N ASP D 34 -53.97 -34.02 12.95
CA ASP D 34 -52.95 -33.12 13.45
C ASP D 34 -53.30 -32.69 14.87
N ALA D 35 -52.30 -32.20 15.59
CA ALA D 35 -52.48 -31.68 16.94
C ALA D 35 -51.81 -30.33 17.04
N PHE D 36 -52.50 -29.37 17.65
CA PHE D 36 -52.05 -27.99 17.75
C PHE D 36 -51.70 -27.68 19.20
N SER D 37 -50.46 -27.29 19.44
CA SER D 37 -49.90 -27.05 20.77
C SER D 37 -49.04 -25.80 20.75
N PRO D 38 -48.95 -25.09 21.88
CA PRO D 38 -48.05 -23.94 21.95
C PRO D 38 -46.58 -24.30 21.77
N PHE D 39 -46.19 -25.51 22.11
CA PHE D 39 -44.80 -25.93 22.11
C PHE D 39 -44.72 -27.38 21.64
N PRO D 40 -43.56 -27.80 21.12
CA PRO D 40 -43.42 -29.19 20.68
C PRO D 40 -43.51 -30.19 21.82
N ILE D 41 -44.55 -31.03 21.81
CA ILE D 41 -44.75 -32.00 22.86
C ILE D 41 -43.69 -33.10 22.84
N GLU D 42 -43.26 -33.53 21.64
CA GLU D 42 -42.23 -34.54 21.41
C GLU D 42 -42.77 -35.94 21.73
N GLU D 43 -43.98 -36.01 22.30
CA GLU D 43 -44.67 -37.29 22.41
C GLU D 43 -45.82 -37.35 21.41
N VAL D 44 -46.50 -36.22 21.21
CA VAL D 44 -47.46 -36.11 20.12
C VAL D 44 -46.74 -36.09 18.77
N ILE D 45 -45.57 -35.47 18.72
CA ILE D 45 -44.87 -35.28 17.45
C ILE D 45 -44.52 -36.61 16.83
N GLU D 46 -43.91 -37.52 17.60
CA GLU D 46 -43.46 -38.78 17.02
C GLU D 46 -44.64 -39.73 16.80
N GLU D 47 -45.78 -39.44 17.43
CA GLU D 47 -46.95 -40.29 17.25
C GLU D 47 -47.58 -40.09 15.87
N ILE D 48 -47.72 -38.84 15.44
CA ILE D 48 -48.40 -38.55 14.18
C ILE D 48 -47.48 -37.96 13.12
N ALA D 49 -46.26 -37.56 13.48
CA ALA D 49 -45.28 -37.06 12.52
C ALA D 49 -44.00 -37.87 12.70
N HIS D 50 -43.91 -39.01 12.03
CA HIS D 50 -42.75 -39.90 12.14
C HIS D 50 -42.20 -40.14 10.74
N GLY D 51 -40.94 -39.83 10.54
CA GLY D 51 -40.29 -40.04 9.27
C GLY D 51 -39.30 -38.94 8.98
N ASP D 52 -38.77 -38.98 7.77
CA ASP D 52 -37.81 -37.97 7.34
C ASP D 52 -38.50 -36.62 7.15
N THR D 53 -37.91 -35.58 7.73
CA THR D 53 -38.46 -34.24 7.59
C THR D 53 -38.17 -33.64 6.22
N GLY D 54 -37.07 -34.03 5.58
CA GLY D 54 -36.71 -33.54 4.27
C GLY D 54 -35.75 -32.37 4.25
N VAL D 55 -35.59 -31.68 5.38
CA VAL D 55 -34.65 -30.56 5.44
C VAL D 55 -33.20 -31.00 5.23
N PRO D 56 -32.69 -32.04 5.91
CA PRO D 56 -31.25 -32.32 5.82
C PRO D 56 -30.74 -32.59 4.41
N ARG D 57 -31.53 -33.23 3.55
CA ARG D 57 -31.07 -33.47 2.18
C ARG D 57 -30.84 -32.17 1.44
N LEU D 58 -31.77 -31.22 1.56
CA LEU D 58 -31.58 -29.91 0.95
C LEU D 58 -30.40 -29.18 1.55
N VAL D 59 -30.24 -29.27 2.87
CA VAL D 59 -29.10 -28.60 3.51
C VAL D 59 -27.79 -29.13 2.96
N LEU D 60 -27.64 -30.45 2.88
CA LEU D 60 -26.41 -31.05 2.37
C LEU D 60 -26.19 -30.67 0.91
N LEU D 61 -27.23 -30.79 0.08
CA LEU D 61 -27.09 -30.49 -1.34
C LEU D 61 -26.62 -29.06 -1.56
N PHE D 62 -27.32 -28.10 -0.95
CA PHE D 62 -26.96 -26.70 -1.16
C PHE D 62 -25.66 -26.32 -0.50
N GLY D 63 -25.29 -26.96 0.63
CA GLY D 63 -23.99 -26.68 1.22
C GLY D 63 -22.85 -27.12 0.33
N LEU D 64 -22.97 -28.33 -0.23
CA LEU D 64 -21.93 -28.79 -1.16
C LEU D 64 -21.90 -27.92 -2.41
N ILE D 65 -23.07 -27.53 -2.92
CA ILE D 65 -23.12 -26.66 -4.09
C ILE D 65 -22.43 -25.33 -3.79
N GLY D 66 -22.67 -24.78 -2.61
CA GLY D 66 -22.06 -23.51 -2.26
C GLY D 66 -20.56 -23.59 -2.10
N ALA D 67 -20.07 -24.66 -1.46
CA ALA D 67 -18.63 -24.83 -1.32
C ALA D 67 -17.96 -24.98 -2.68
N ALA D 68 -18.55 -25.80 -3.56
CA ALA D 68 -18.00 -25.96 -4.89
C ALA D 68 -18.03 -24.64 -5.67
N SER D 69 -19.13 -23.90 -5.53
CA SER D 69 -19.24 -22.62 -6.23
C SER D 69 -18.19 -21.63 -5.75
N GLY D 70 -17.94 -21.57 -4.45
CA GLY D 70 -16.91 -20.67 -3.94
C GLY D 70 -15.53 -21.04 -4.44
N PHE D 71 -15.21 -22.34 -4.40
CA PHE D 71 -13.90 -22.77 -4.90
C PHE D 71 -13.74 -22.46 -6.38
N ILE D 72 -14.76 -22.78 -7.19
CA ILE D 72 -14.68 -22.52 -8.62
C ILE D 72 -14.61 -21.02 -8.89
N LEU D 73 -15.31 -20.22 -8.10
CA LEU D 73 -15.26 -18.78 -8.26
C LEU D 73 -13.85 -18.26 -8.05
N GLN D 74 -13.21 -18.67 -6.94
CA GLN D 74 -11.84 -18.22 -6.70
C GLN D 74 -10.90 -18.69 -7.79
N TYR D 75 -11.02 -19.95 -8.21
CA TYR D 75 -10.13 -20.50 -9.22
C TYR D 75 -10.26 -19.74 -10.54
N ILE D 76 -11.48 -19.62 -11.04
CA ILE D 76 -11.71 -18.95 -12.32
C ILE D 76 -11.31 -17.49 -12.23
N GLY D 77 -11.59 -16.82 -11.11
CA GLY D 77 -11.30 -15.41 -11.00
C GLY D 77 -9.81 -15.11 -10.98
N ASN D 78 -9.05 -15.84 -10.17
CA ASN D 78 -7.68 -15.42 -9.92
C ASN D 78 -6.62 -16.29 -10.56
N LEU D 79 -6.97 -17.44 -11.15
CA LEU D 79 -5.97 -18.28 -11.76
C LEU D 79 -6.21 -18.56 -13.24
N VAL D 80 -7.37 -18.12 -13.74
CA VAL D 80 -7.74 -18.38 -15.17
C VAL D 80 -8.09 -17.07 -15.89
N ASP D 81 -9.17 -16.39 -15.48
CA ASP D 81 -9.61 -15.15 -16.17
C ASP D 81 -8.52 -14.08 -16.22
N TYR D 82 -8.17 -13.51 -15.06
CA TYR D 82 -6.99 -12.60 -15.01
C TYR D 82 -5.90 -13.26 -14.15
N PRO D 83 -4.79 -13.74 -14.74
CA PRO D 83 -3.69 -14.30 -13.96
C PRO D 83 -2.80 -13.14 -13.50
N LEU D 84 -2.73 -12.90 -12.19
CA LEU D 84 -1.98 -11.71 -11.69
C LEU D 84 -0.97 -12.17 -10.65
N ASN D 85 0.32 -12.02 -10.95
CA ASN D 85 1.34 -12.37 -9.96
C ASN D 85 1.25 -11.43 -8.78
N VAL D 86 0.87 -11.94 -7.62
CA VAL D 86 0.76 -11.15 -6.39
C VAL D 86 1.65 -11.83 -5.35
N GLY D 87 2.74 -11.15 -4.99
CA GLY D 87 3.62 -11.66 -3.96
C GLY D 87 4.32 -12.95 -4.30
N GLY D 88 4.35 -13.33 -5.57
CA GLY D 88 4.99 -14.58 -5.95
C GLY D 88 4.20 -15.82 -5.61
N ARG D 89 2.95 -15.67 -5.19
CA ARG D 89 2.15 -16.82 -4.82
C ARG D 89 1.83 -17.66 -6.07
N PRO D 90 1.68 -18.97 -5.91
CA PRO D 90 1.49 -19.83 -7.08
C PRO D 90 0.18 -19.56 -7.82
N LEU D 91 0.20 -19.83 -9.12
CA LEU D 91 -0.97 -19.70 -9.97
C LEU D 91 -1.57 -21.07 -10.31
N ASP D 92 -1.38 -22.05 -9.44
CA ASP D 92 -1.82 -23.42 -9.70
C ASP D 92 -2.70 -23.93 -8.56
N ILE D 93 -3.00 -25.23 -8.59
CA ILE D 93 -3.75 -25.84 -7.50
C ILE D 93 -2.97 -25.88 -6.20
N THR D 94 -1.65 -25.67 -6.25
CA THR D 94 -0.85 -25.55 -5.04
C THR D 94 -1.17 -24.29 -4.26
N ASN D 95 -2.01 -23.41 -4.81
CA ASN D 95 -2.54 -22.26 -4.09
C ASN D 95 -3.79 -22.62 -3.30
N TRP D 96 -3.94 -23.89 -2.93
CA TRP D 96 -5.13 -24.29 -2.17
C TRP D 96 -5.20 -23.66 -0.78
N PRO D 97 -4.12 -23.34 -0.08
CA PRO D 97 -4.24 -22.42 1.05
C PRO D 97 -4.59 -21.04 0.53
N ALA D 98 -5.29 -20.27 1.37
CA ALA D 98 -5.87 -18.97 1.05
C ALA D 98 -7.05 -19.11 0.09
N MET D 99 -7.49 -20.33 -0.20
CA MET D 99 -8.73 -20.55 -0.95
C MET D 99 -9.82 -21.22 -0.12
N ILE D 100 -9.46 -21.79 1.03
CA ILE D 100 -10.40 -22.49 1.91
C ILE D 100 -11.46 -21.55 2.50
N PRO D 101 -11.10 -20.40 3.08
CA PRO D 101 -12.11 -19.61 3.80
C PRO D 101 -13.33 -19.20 2.98
N ILE D 102 -13.13 -18.79 1.72
CA ILE D 102 -14.26 -18.40 0.88
C ILE D 102 -15.14 -19.61 0.60
N THR D 103 -14.53 -20.75 0.33
CA THR D 103 -15.28 -21.98 0.11
C THR D 103 -16.14 -22.32 1.33
N PHE D 104 -15.54 -22.27 2.51
CA PHE D 104 -16.27 -22.59 3.73
C PHE D 104 -17.42 -21.62 3.96
N GLU D 105 -17.16 -20.32 3.78
CA GLU D 105 -18.20 -19.32 4.03
C GLU D 105 -19.35 -19.47 3.05
N SER D 106 -19.04 -19.72 1.77
CA SER D 106 -20.10 -19.92 0.78
C SER D 106 -20.94 -21.15 1.11
N GLY D 107 -20.26 -22.25 1.47
CA GLY D 107 -21.00 -23.45 1.83
C GLY D 107 -21.92 -23.22 3.02
N ILE D 108 -21.41 -22.58 4.07
CA ILE D 108 -22.23 -22.31 5.25
C ILE D 108 -23.41 -21.42 4.90
N LEU D 109 -23.17 -20.38 4.10
CA LEU D 109 -24.23 -19.44 3.75
C LEU D 109 -25.36 -20.14 3.00
N LEU D 110 -25.00 -20.87 1.95
CA LEU D 110 -26.05 -21.53 1.16
C LEU D 110 -26.74 -22.62 1.94
N ALA D 111 -26.00 -23.34 2.79
CA ALA D 111 -26.63 -24.36 3.64
C ALA D 111 -27.64 -23.74 4.58
N SER D 112 -27.31 -22.60 5.19
CA SER D 112 -28.22 -21.95 6.11
C SER D 112 -29.48 -21.46 5.40
N PHE D 113 -29.31 -20.80 4.25
CA PHE D 113 -30.49 -20.38 3.49
C PHE D 113 -31.34 -21.56 3.07
N ALA D 114 -30.70 -22.65 2.64
CA ALA D 114 -31.46 -23.84 2.27
C ALA D 114 -32.24 -24.38 3.46
N ALA D 115 -31.62 -24.46 4.63
CA ALA D 115 -32.33 -24.97 5.81
C ALA D 115 -33.55 -24.10 6.13
N ALA D 116 -33.37 -22.79 6.21
CA ALA D 116 -34.47 -21.91 6.60
C ALA D 116 -35.59 -21.95 5.57
N ILE D 117 -35.25 -21.75 4.29
CA ILE D 117 -36.28 -21.69 3.25
C ILE D 117 -36.95 -23.04 3.07
N GLY D 118 -36.20 -24.13 3.21
CA GLY D 118 -36.81 -25.45 3.10
C GLY D 118 -37.76 -25.74 4.23
N MET D 119 -37.41 -25.32 5.45
CA MET D 119 -38.33 -25.46 6.56
C MET D 119 -39.61 -24.67 6.31
N ILE D 120 -39.47 -23.44 5.80
CA ILE D 120 -40.65 -22.61 5.57
C ILE D 120 -41.52 -23.19 4.46
N VAL D 121 -40.89 -23.69 3.40
CA VAL D 121 -41.64 -24.13 2.21
C VAL D 121 -42.28 -25.50 2.45
N LEU D 122 -41.52 -26.44 2.99
CA LEU D 122 -42.04 -27.79 3.21
C LEU D 122 -43.23 -27.78 4.17
N ASN D 123 -43.28 -26.79 5.06
CA ASN D 123 -44.41 -26.68 6.01
C ASN D 123 -45.58 -25.99 5.32
N GLY D 124 -45.38 -25.51 4.09
CA GLY D 124 -46.45 -24.69 3.47
C GLY D 124 -46.70 -23.54 4.41
N LEU D 125 -45.62 -22.99 4.99
CA LEU D 125 -45.77 -21.96 6.04
C LEU D 125 -46.46 -20.67 5.60
N PRO D 126 -46.25 -20.07 4.40
CA PRO D 126 -46.84 -18.76 4.10
C PRO D 126 -48.34 -18.91 3.85
N SER D 127 -49.11 -19.11 4.92
CA SER D 127 -50.58 -19.25 4.82
C SER D 127 -51.26 -18.36 5.87
N PRO D 128 -51.31 -17.02 5.68
CA PRO D 128 -51.98 -16.13 6.62
C PRO D 128 -53.42 -16.62 6.87
N TYR D 129 -54.04 -17.21 5.85
CA TYR D 129 -55.39 -17.72 5.96
C TYR D 129 -55.37 -19.25 5.96
N HIS D 130 -56.19 -19.83 6.81
CA HIS D 130 -56.35 -21.27 6.91
C HIS D 130 -57.79 -21.57 7.28
N PRO D 131 -58.31 -22.75 6.93
CA PRO D 131 -59.61 -23.16 7.46
C PRO D 131 -59.67 -23.17 8.98
N VAL D 132 -58.54 -23.41 9.66
CA VAL D 132 -58.43 -23.26 11.10
C VAL D 132 -58.50 -21.76 11.40
N PHE D 133 -58.65 -21.40 12.67
CA PHE D 133 -58.93 -20.07 13.21
C PHE D 133 -60.40 -19.73 13.04
N ASN D 134 -61.18 -20.57 12.37
CA ASN D 134 -62.63 -20.42 12.40
C ASN D 134 -63.20 -20.94 13.72
N VAL D 135 -62.45 -21.80 14.40
CA VAL D 135 -62.85 -22.26 15.74
C VAL D 135 -62.82 -21.08 16.71
N PRO D 136 -63.89 -20.85 17.48
CA PRO D 136 -63.92 -19.63 18.32
C PRO D 136 -62.79 -19.56 19.35
N ARG D 137 -62.38 -20.69 19.90
CA ARG D 137 -61.39 -20.70 20.96
C ARG D 137 -59.97 -20.96 20.47
N PHE D 138 -59.76 -21.07 19.16
CA PHE D 138 -58.40 -21.24 18.66
C PHE D 138 -57.55 -19.99 18.85
N GLN D 139 -58.16 -18.86 19.20
CA GLN D 139 -57.39 -17.65 19.47
C GLN D 139 -56.40 -17.88 20.60
N TYR D 140 -56.78 -18.71 21.57
CA TYR D 140 -55.91 -18.97 22.74
C TYR D 140 -55.03 -20.22 22.52
N ALA D 141 -54.84 -20.66 21.28
CA ALA D 141 -54.09 -21.92 21.03
C ALA D 141 -52.58 -21.69 21.18
N SER D 142 -52.14 -20.44 21.09
CA SER D 142 -50.69 -20.12 21.24
C SER D 142 -50.43 -19.71 22.68
N GLN D 143 -51.48 -19.67 23.51
CA GLN D 143 -51.35 -19.23 24.92
C GLN D 143 -52.09 -20.23 25.83
N ASP D 144 -51.54 -21.44 26.01
CA ASP D 144 -52.12 -22.45 26.95
C ASP D 144 -53.30 -23.32 26.51
N ALA D 145 -53.66 -23.30 25.23
CA ALA D 145 -54.69 -24.25 24.71
C ALA D 145 -54.21 -25.34 23.75
N PHE D 146 -54.68 -26.58 23.95
CA PHE D 146 -54.20 -27.73 23.13
C PHE D 146 -55.37 -28.24 22.30
N PHE D 147 -55.12 -28.62 21.04
CA PHE D 147 -56.24 -29.05 20.15
C PHE D 147 -55.90 -30.33 19.38
N LEU D 148 -56.92 -31.06 18.89
CA LEU D 148 -56.73 -32.24 18.06
C LEU D 148 -57.74 -32.19 16.92
N CYS D 149 -57.26 -32.16 15.69
CA CYS D 149 -58.12 -32.00 14.52
C CYS D 149 -57.92 -33.17 13.57
N ILE D 150 -59.01 -33.84 13.23
CA ILE D 150 -58.99 -34.93 12.26
C ILE D 150 -59.52 -34.38 10.93
N GLU D 151 -58.67 -34.41 9.92
CA GLU D 151 -59.00 -33.75 8.65
C GLU D 151 -60.05 -34.54 7.87
N ALA D 152 -60.70 -33.87 6.91
CA ALA D 152 -61.73 -34.54 6.09
C ALA D 152 -61.03 -35.50 5.10
N THR D 153 -59.72 -35.35 4.94
CA THR D 153 -58.94 -36.23 4.02
C THR D 153 -58.95 -37.67 4.54
N ASP D 154 -59.19 -37.87 5.84
CA ASP D 154 -59.14 -39.23 6.44
C ASP D 154 -60.08 -40.16 5.67
N PRO D 155 -59.69 -41.40 5.26
CA PRO D 155 -60.61 -42.25 4.49
C PRO D 155 -61.90 -42.56 5.25
N LEU D 156 -61.84 -42.64 6.58
CA LEU D 156 -63.03 -42.97 7.39
C LEU D 156 -63.50 -41.73 8.16
N PHE D 157 -63.93 -40.69 7.44
CA PHE D 157 -64.33 -39.42 8.10
C PHE D 157 -65.79 -39.09 7.77
N ASP D 158 -66.66 -39.01 8.79
CA ASP D 158 -68.06 -38.58 8.56
C ASP D 158 -68.34 -37.64 9.73
N ARG D 159 -69.04 -36.55 9.49
CA ARG D 159 -69.15 -35.54 10.57
C ARG D 159 -69.70 -36.21 11.84
N SER D 160 -70.81 -36.95 11.74
CA SER D 160 -71.42 -37.51 12.97
C SER D 160 -70.48 -38.47 13.69
N ARG D 161 -69.90 -39.43 12.97
CA ARG D 161 -69.08 -40.43 13.67
C ARG D 161 -67.84 -39.76 14.25
N THR D 162 -67.21 -38.83 13.51
CA THR D 162 -65.95 -38.27 14.04
C THR D 162 -66.29 -37.50 15.32
N SER D 163 -67.40 -36.75 15.28
CA SER D 163 -67.75 -35.94 16.48
C SER D 163 -68.00 -36.89 17.65
N GLN D 164 -68.72 -37.98 17.39
CA GLN D 164 -69.05 -38.94 18.48
C GLN D 164 -67.77 -39.58 19.04
N PHE D 165 -66.81 -39.94 18.18
CA PHE D 165 -65.54 -40.55 18.65
C PHE D 165 -64.77 -39.55 19.49
N LEU D 166 -64.79 -38.27 19.09
CA LEU D 166 -64.14 -37.22 19.90
C LEU D 166 -64.85 -37.11 21.26
N ARG D 167 -66.18 -37.19 21.29
CA ARG D 167 -66.93 -37.16 22.58
C ARG D 167 -66.67 -38.43 23.41
N SER D 168 -66.27 -39.53 22.79
CA SER D 168 -65.87 -40.75 23.55
C SER D 168 -64.69 -40.37 24.45
N LEU D 169 -63.86 -39.42 24.06
CA LEU D 169 -62.82 -38.82 24.95
C LEU D 169 -63.50 -37.67 25.69
N ASN D 170 -62.92 -37.14 26.77
CA ASN D 170 -63.55 -35.95 27.41
C ASN D 170 -62.87 -34.67 26.93
N PRO D 171 -63.45 -33.91 25.97
CA PRO D 171 -62.88 -32.66 25.46
C PRO D 171 -63.67 -31.46 26.01
N MET D 172 -63.00 -30.31 26.13
CA MET D 172 -63.65 -29.10 26.73
C MET D 172 -64.67 -28.61 25.69
N GLN D 173 -64.41 -28.82 24.39
CA GLN D 173 -65.28 -28.27 23.35
C GLN D 173 -64.97 -28.94 22.02
N VAL D 174 -65.94 -29.67 21.48
CA VAL D 174 -65.82 -30.31 20.18
C VAL D 174 -66.43 -29.39 19.15
N SER D 175 -65.64 -28.98 18.15
CA SER D 175 -66.07 -28.02 17.16
C SER D 175 -65.96 -28.62 15.76
N GLU D 176 -66.69 -28.04 14.82
CA GLU D 176 -66.66 -28.46 13.42
C GLU D 176 -65.98 -27.35 12.61
N VAL D 177 -64.68 -27.50 12.38
CA VAL D 177 -63.95 -26.48 11.66
C VAL D 177 -64.24 -26.62 10.17
N ALA D 178 -64.64 -25.51 9.55
CA ALA D 178 -65.04 -25.51 8.15
C ALA D 178 -64.00 -24.79 7.30
N TYR D 179 -64.31 -24.67 6.01
CA TYR D 179 -63.39 -24.06 5.05
C TYR D 179 -63.40 -22.54 5.20
N CYS E 26 -20.40 7.30 -9.40
CA CYS E 26 -19.80 8.07 -10.47
C CYS E 26 -18.79 8.99 -9.89
N HIS E 27 -17.63 8.46 -9.59
CA HIS E 27 -16.70 9.30 -8.91
C HIS E 27 -16.11 10.48 -9.60
N GLN E 28 -15.78 10.38 -10.86
CA GLN E 28 -15.09 11.49 -11.50
C GLN E 28 -13.89 11.88 -10.66
N ASP E 29 -13.13 10.91 -10.14
CA ASP E 29 -12.02 11.17 -9.23
C ASP E 29 -10.77 11.72 -9.83
N MET E 30 -10.13 10.95 -10.66
CA MET E 30 -8.89 11.38 -11.36
C MET E 30 -9.19 11.47 -12.85
N TYR E 31 -10.47 11.54 -13.21
CA TYR E 31 -10.87 11.58 -14.65
C TYR E 31 -10.29 12.82 -15.31
N ASP E 32 -10.36 13.99 -14.65
CA ASP E 32 -9.79 15.23 -15.17
C ASP E 32 -8.87 15.79 -14.09
N GLN E 33 -7.57 15.54 -14.23
CA GLN E 33 -6.63 15.96 -13.21
C GLN E 33 -6.23 17.42 -13.39
N GLN E 34 -5.51 17.94 -12.39
CA GLN E 34 -5.08 19.33 -12.39
C GLN E 34 -3.97 19.62 -13.39
N LYS E 35 -3.20 18.61 -13.77
CA LYS E 35 -2.08 18.83 -14.68
C LYS E 35 -2.60 19.26 -16.05
N TYR E 36 -1.75 19.98 -16.78
CA TYR E 36 -2.10 20.47 -18.10
C TYR E 36 -1.59 19.51 -19.15
N THR E 37 -2.50 18.93 -19.93
CA THR E 37 -2.15 17.99 -20.99
C THR E 37 -1.72 18.77 -22.23
N THR E 38 -1.62 18.07 -23.37
CA THR E 38 -0.99 18.65 -24.54
C THR E 38 -1.74 19.87 -25.06
N TYR E 39 -3.04 19.74 -25.29
CA TYR E 39 -3.83 20.84 -25.84
C TYR E 39 -4.93 21.31 -24.89
N GLU E 40 -4.81 21.05 -23.60
CA GLU E 40 -5.81 21.49 -22.65
C GLU E 40 -5.82 23.02 -22.60
N PRO E 41 -6.98 23.66 -22.75
CA PRO E 41 -7.03 25.12 -22.64
C PRO E 41 -6.67 25.59 -21.25
N SER E 42 -6.03 26.76 -21.18
CA SER E 42 -5.56 27.33 -19.92
C SER E 42 -6.09 28.76 -19.81
N SER E 43 -6.67 29.09 -18.65
CA SER E 43 -7.12 30.45 -18.41
C SER E 43 -6.00 31.34 -17.88
N PHE E 44 -4.86 30.75 -17.50
CA PHE E 44 -3.75 31.55 -16.97
C PHE E 44 -3.13 32.41 -18.06
N PHE E 45 -3.09 31.91 -19.28
CA PHE E 45 -2.51 32.65 -20.39
C PHE E 45 -3.57 33.47 -21.11
N ALA E 46 -3.13 34.52 -21.80
CA ALA E 46 -4.05 35.47 -22.42
C ALA E 46 -4.82 34.83 -23.56
N ASP E 47 -4.14 34.06 -24.41
CA ASP E 47 -4.76 33.49 -25.60
C ASP E 47 -5.44 32.15 -25.34
N GLY E 48 -5.57 31.74 -24.08
CA GLY E 48 -6.29 30.51 -23.77
C GLY E 48 -5.65 29.25 -24.29
N ARG E 49 -4.34 29.11 -24.12
CA ARG E 49 -3.61 27.94 -24.60
C ARG E 49 -2.49 27.62 -23.62
N SER E 50 -2.51 26.41 -23.06
CA SER E 50 -1.41 25.99 -22.20
C SER E 50 -0.17 25.66 -23.03
N SER E 51 -0.36 25.27 -24.29
CA SER E 51 0.77 25.04 -25.19
C SER E 51 1.35 26.38 -25.62
N ARG E 52 2.68 26.47 -25.62
CA ARG E 52 3.30 27.78 -25.82
C ARG E 52 4.08 27.83 -27.12
N PRO E 53 4.13 28.99 -27.78
CA PRO E 53 4.94 29.10 -29.00
C PRO E 53 6.43 29.08 -28.70
N ASN E 54 7.23 28.78 -29.73
CA ASN E 54 8.71 28.69 -29.55
C ASN E 54 9.29 30.07 -29.25
N VAL E 55 10.15 30.15 -28.23
CA VAL E 55 10.84 31.44 -27.93
C VAL E 55 11.82 31.72 -29.07
N PRO E 56 11.85 32.95 -29.64
CA PRO E 56 12.73 33.23 -30.77
C PRO E 56 14.23 33.14 -30.41
N GLY E 57 15.05 32.60 -31.31
CA GLY E 57 16.51 32.52 -31.08
C GLY E 57 16.89 31.38 -30.16
N THR E 58 15.98 30.44 -29.90
CA THR E 58 16.26 29.33 -28.94
C THR E 58 16.45 28.03 -29.73
N THR E 59 17.56 27.32 -29.50
CA THR E 59 17.85 26.07 -30.24
C THR E 59 17.70 24.85 -29.31
N PRO E 60 17.11 23.69 -29.72
CA PRO E 60 17.07 22.51 -28.85
C PRO E 60 18.46 21.94 -28.55
N PHE E 61 18.59 21.08 -27.54
CA PHE E 61 19.93 20.58 -27.13
C PHE E 61 20.54 19.68 -28.21
N GLU E 62 21.83 19.87 -28.51
CA GLU E 62 22.56 19.01 -29.50
C GLU E 62 22.00 19.21 -30.90
N VAL E 63 21.19 20.26 -31.13
CA VAL E 63 20.70 20.55 -32.51
C VAL E 63 21.42 21.80 -33.02
N VAL E 64 22.55 21.62 -33.72
CA VAL E 64 23.31 22.78 -34.26
C VAL E 64 22.66 23.26 -35.56
N LYS E 65 22.60 24.57 -35.77
CA LYS E 65 21.96 25.16 -36.99
C LYS E 65 23.05 25.74 -37.90
N THR E 66 24.30 25.31 -37.73
CA THR E 66 25.43 25.91 -38.48
C THR E 66 25.27 25.75 -40.00
N ASP E 67 24.83 24.58 -40.49
CA ASP E 67 24.82 24.41 -41.97
C ASP E 67 23.71 25.25 -42.59
N GLU E 68 24.07 26.21 -43.45
CA GLU E 68 23.06 27.09 -44.09
C GLU E 68 22.26 26.29 -45.11
N PHE E 69 22.92 25.47 -45.93
CA PHE E 69 22.20 24.73 -47.01
C PHE E 69 21.03 23.94 -46.44
N LEU E 70 21.24 23.24 -45.31
CA LEU E 70 20.17 22.37 -44.74
C LEU E 70 18.94 23.20 -44.38
N TYR E 71 19.11 24.41 -43.85
CA TYR E 71 17.94 25.20 -43.37
C TYR E 71 17.57 26.33 -44.35
N THR E 72 18.36 26.55 -45.40
CA THR E 72 18.03 27.59 -46.42
C THR E 72 18.74 27.28 -47.75
N GLY E 73 18.00 27.27 -48.86
CA GLY E 73 18.59 26.97 -50.15
C GLY E 73 19.56 28.03 -50.64
N LEU E 74 19.76 29.09 -49.87
CA LEU E 74 20.58 30.21 -50.29
C LEU E 74 22.00 30.03 -49.77
N ILE E 75 22.99 30.32 -50.62
CA ILE E 75 24.39 30.22 -50.22
C ILE E 75 24.98 31.63 -50.15
N ASP E 76 24.52 32.51 -51.05
CA ASP E 76 24.88 33.91 -51.06
C ASP E 76 23.67 34.78 -51.38
N GLY E 77 22.48 34.33 -50.96
CA GLY E 77 21.26 34.94 -51.40
C GLY E 77 20.79 34.49 -52.77
N GLN E 78 21.36 33.41 -53.31
CA GLN E 78 21.01 32.92 -54.63
C GLN E 78 20.83 31.42 -54.59
N GLU E 79 20.07 30.90 -55.56
CA GLU E 79 19.86 29.47 -55.69
C GLU E 79 21.12 28.79 -56.22
N VAL E 80 21.21 27.48 -56.01
CA VAL E 80 22.44 26.75 -56.26
C VAL E 80 22.28 25.58 -57.22
N ASP E 81 21.08 25.02 -57.38
CA ASP E 81 20.86 23.79 -58.17
C ASP E 81 21.74 22.66 -57.66
N ALA E 82 21.87 22.58 -56.33
CA ALA E 82 22.64 21.54 -55.68
C ALA E 82 21.89 21.06 -54.45
N MET E 83 22.25 19.86 -53.98
CA MET E 83 21.54 19.27 -52.86
C MET E 83 22.54 18.94 -51.74
N PRO E 84 22.23 19.30 -50.50
CA PRO E 84 23.24 19.20 -49.42
C PRO E 84 23.80 17.80 -49.20
N PHE E 85 23.00 16.75 -49.39
CA PHE E 85 23.50 15.40 -49.19
C PHE E 85 23.13 14.52 -50.37
N PRO E 86 23.91 13.46 -50.63
CA PRO E 86 23.70 12.67 -51.85
C PRO E 86 22.34 11.97 -51.87
N VAL E 87 21.85 11.73 -53.08
CA VAL E 87 20.55 11.10 -53.27
C VAL E 87 20.67 9.60 -53.01
N THR E 88 19.75 9.07 -52.21
CA THR E 88 19.70 7.66 -51.87
C THR E 88 18.32 7.12 -52.18
N LYS E 89 18.24 5.81 -52.45
CA LYS E 89 16.96 5.19 -52.79
C LYS E 89 15.96 5.33 -51.64
N ASP E 90 16.41 5.10 -50.40
CA ASP E 90 15.53 5.30 -49.25
C ASP E 90 15.13 6.77 -49.12
N LEU E 91 16.05 7.68 -49.42
CA LEU E 91 15.73 9.11 -49.41
C LEU E 91 14.63 9.42 -50.42
N LEU E 92 14.72 8.83 -51.61
CA LEU E 92 13.71 9.07 -52.62
C LEU E 92 12.37 8.45 -52.23
N LEU E 93 12.40 7.29 -51.59
CA LEU E 93 11.16 6.69 -51.10
C LEU E 93 10.49 7.57 -50.04
N ARG E 94 11.29 8.10 -49.12
CA ARG E 94 10.75 9.02 -48.11
C ARG E 94 10.18 10.27 -48.76
N GLY E 95 10.88 10.78 -49.77
CA GLY E 95 10.35 11.94 -50.50
C GLY E 95 9.05 11.63 -51.20
N GLN E 96 8.92 10.44 -51.78
CA GLN E 96 7.68 10.04 -52.42
C GLN E 96 6.54 9.96 -51.41
N LEU E 97 6.82 9.38 -50.25
CA LEU E 97 5.80 9.30 -49.21
C LEU E 97 5.34 10.69 -48.78
N LYS E 98 6.30 11.59 -48.52
CA LYS E 98 5.95 12.93 -48.08
C LYS E 98 5.20 13.69 -49.17
N TYR E 99 5.59 13.51 -50.43
CA TYR E 99 4.88 14.14 -51.54
C TYR E 99 3.45 13.65 -51.60
N ASN E 100 3.24 12.34 -51.44
CA ASN E 100 1.89 11.80 -51.51
C ASN E 100 1.03 12.30 -50.36
N ILE E 101 1.61 12.42 -49.16
CA ILE E 101 0.83 12.86 -48.01
C ILE E 101 0.44 14.33 -48.16
N TYR E 102 1.42 15.20 -48.39
CA TYR E 102 1.20 16.64 -48.38
C TYR E 102 1.06 17.23 -49.78
N CYS E 103 2.03 16.95 -50.65
CA CYS E 103 2.12 17.65 -51.92
C CYS E 103 1.12 17.15 -52.96
N ALA E 104 0.77 15.85 -52.90
CA ALA E 104 -0.03 15.25 -53.97
C ALA E 104 -1.40 15.89 -54.08
N VAL E 105 -2.05 16.14 -52.94
CA VAL E 105 -3.35 16.81 -52.96
C VAL E 105 -3.15 18.24 -53.42
N CYS E 106 -4.09 18.80 -54.19
CA CYS E 106 -3.97 20.25 -54.58
C CYS E 106 -2.74 20.50 -55.48
N HIS E 107 -2.20 19.48 -56.18
CA HIS E 107 -1.09 19.68 -57.16
C HIS E 107 -0.98 18.48 -58.10
N GLY E 108 -1.76 17.42 -57.85
CA GLY E 108 -1.67 16.21 -58.69
C GLY E 108 -0.68 15.19 -58.14
N GLU E 109 -1.01 13.90 -58.24
CA GLU E 109 -0.09 12.83 -57.77
C GLU E 109 1.04 12.68 -58.79
N ALA E 110 0.76 12.98 -60.06
CA ALA E 110 1.79 12.86 -61.12
C ALA E 110 2.57 14.17 -61.25
N GLY E 111 2.08 15.27 -60.67
CA GLY E 111 2.76 16.53 -60.85
C GLY E 111 2.25 17.38 -61.99
N TYR E 112 1.08 17.05 -62.54
CA TYR E 112 0.50 17.81 -63.63
C TYR E 112 -0.46 18.89 -63.17
N GLY E 113 -0.67 19.03 -61.85
CA GLY E 113 -1.59 20.03 -61.36
C GLY E 113 -3.05 19.66 -61.45
N ALA E 114 -3.36 18.43 -61.87
CA ALA E 114 -4.74 17.97 -61.98
C ALA E 114 -5.15 17.33 -60.66
N SER E 115 -5.93 18.05 -59.87
CA SER E 115 -6.33 17.59 -58.55
C SER E 115 -7.79 17.97 -58.33
N MET E 116 -8.43 17.26 -57.40
CA MET E 116 -9.85 17.51 -57.14
C MET E 116 -10.04 18.86 -56.47
N VAL E 117 -8.99 19.36 -55.79
CA VAL E 117 -9.04 20.68 -55.16
C VAL E 117 -9.18 21.77 -56.22
N ALA E 118 -8.44 21.64 -57.32
CA ALA E 118 -8.48 22.67 -58.36
C ALA E 118 -9.87 22.80 -58.98
N GLU E 119 -10.59 21.69 -59.11
CA GLU E 119 -11.93 21.73 -59.65
C GLU E 119 -12.87 22.55 -58.76
N ARG E 120 -12.81 22.30 -57.45
CA ARG E 120 -13.67 23.00 -56.50
C ARG E 120 -12.90 24.18 -55.91
N GLY E 121 -12.84 25.26 -56.68
CA GLY E 121 -12.20 26.47 -56.20
C GLY E 121 -11.39 27.22 -57.24
N GLY E 122 -11.08 26.56 -58.35
CA GLY E 122 -10.28 27.18 -59.38
C GLY E 122 -8.89 27.56 -58.88
N ILE E 123 -8.25 26.63 -58.16
CA ILE E 123 -6.94 26.90 -57.58
C ILE E 123 -5.91 27.19 -58.66
N VAL E 124 -5.90 26.39 -59.72
CA VAL E 124 -4.90 26.44 -60.79
C VAL E 124 -3.52 26.32 -60.15
N PRO E 125 -3.13 25.13 -59.70
CA PRO E 125 -1.75 24.94 -59.21
C PRO E 125 -0.77 24.86 -60.37
N ALA E 126 0.51 25.01 -60.03
CA ALA E 126 1.56 25.00 -61.04
C ALA E 126 1.80 23.59 -61.56
N ASN E 127 2.32 23.53 -62.78
CA ASN E 127 2.67 22.26 -63.44
C ASN E 127 4.17 22.06 -63.34
N PHE E 128 4.58 20.91 -62.79
CA PHE E 128 6.00 20.63 -62.64
C PHE E 128 6.69 20.45 -63.99
N HIS E 129 5.98 19.88 -64.96
CA HIS E 129 6.61 19.49 -66.21
C HIS E 129 6.72 20.64 -67.21
N GLN E 130 6.29 21.84 -66.85
CA GLN E 130 6.56 23.00 -67.69
C GLN E 130 8.05 23.28 -67.71
N GLN E 131 8.55 23.82 -68.83
CA GLN E 131 10.02 24.02 -69.00
C GLN E 131 10.61 24.90 -67.90
N ARG E 132 9.85 25.87 -67.39
CA ARG E 132 10.42 26.79 -66.40
C ARG E 132 10.87 26.05 -65.15
N LEU E 133 10.04 25.11 -64.68
CA LEU E 133 10.39 24.38 -63.47
C LEU E 133 11.44 23.31 -63.74
N ARG E 134 11.61 22.90 -64.99
CA ARG E 134 12.69 21.97 -65.33
C ARG E 134 14.05 22.59 -65.09
N GLU E 135 14.24 23.86 -65.45
CA GLU E 135 15.50 24.55 -65.26
C GLU E 135 15.62 25.20 -63.88
N ALA E 136 14.57 25.15 -63.06
CA ALA E 136 14.64 25.73 -61.74
C ALA E 136 15.57 24.90 -60.85
N PRO E 137 16.34 25.55 -59.97
CA PRO E 137 17.24 24.81 -59.10
C PRO E 137 16.49 24.01 -58.04
N LEU E 138 17.21 23.03 -57.47
CA LEU E 138 16.66 22.26 -56.36
C LEU E 138 16.38 23.16 -55.16
N SER E 139 17.32 24.06 -54.86
CA SER E 139 17.11 24.99 -53.76
C SER E 139 15.92 25.91 -54.00
N HIS E 140 15.55 26.14 -55.27
CA HIS E 140 14.32 26.85 -55.56
C HIS E 140 13.11 26.06 -55.05
N PHE E 141 13.11 24.75 -55.29
CA PHE E 141 12.04 23.91 -54.75
C PHE E 141 12.03 23.94 -53.24
N PHE E 142 13.20 23.90 -52.62
CA PHE E 142 13.26 23.97 -51.15
C PHE E 142 12.68 25.27 -50.65
N VAL E 143 13.02 26.39 -51.30
CA VAL E 143 12.49 27.69 -50.92
C VAL E 143 10.98 27.72 -51.08
N VAL E 144 10.47 27.16 -52.19
CA VAL E 144 9.03 27.17 -52.42
C VAL E 144 8.29 26.38 -51.35
N ILE E 145 8.82 25.21 -50.99
CA ILE E 145 8.17 24.41 -49.95
C ILE E 145 8.25 25.12 -48.60
N THR E 146 9.36 25.81 -48.34
CA THR E 146 9.55 26.44 -47.04
C THR E 146 8.66 27.66 -46.88
N ASN E 147 8.57 28.50 -47.91
CA ASN E 147 7.90 29.80 -47.79
C ASN E 147 6.62 29.89 -48.62
N GLY E 148 6.69 29.60 -49.90
CA GLY E 148 5.53 29.74 -50.77
C GLY E 148 5.95 30.28 -52.11
N VAL E 149 4.95 30.48 -52.97
CA VAL E 149 5.23 30.95 -54.33
C VAL E 149 5.70 32.40 -54.30
N TYR E 150 4.97 33.29 -53.63
CA TYR E 150 5.37 34.68 -53.48
C TYR E 150 4.44 35.35 -52.48
N ARG E 151 5.02 36.14 -51.59
CA ARG E 151 4.21 36.96 -50.70
C ARG E 151 3.54 38.08 -51.49
N GLY E 152 2.40 38.53 -50.99
CA GLY E 152 1.62 39.51 -51.72
C GLY E 152 2.38 40.82 -51.89
N ASP E 153 2.15 41.47 -53.03
CA ASP E 153 2.79 42.74 -53.29
C ASP E 153 2.28 43.80 -52.30
N PRO E 154 3.14 44.68 -51.79
CA PRO E 154 2.67 45.70 -50.84
C PRO E 154 1.62 46.62 -51.44
N GLU E 155 1.70 46.90 -52.74
CA GLU E 155 0.78 47.80 -53.40
C GLU E 155 -0.25 47.00 -54.19
N ASN E 156 -1.48 47.50 -54.21
CA ASN E 156 -2.62 46.94 -54.94
C ASN E 156 -3.04 45.59 -54.39
N GLY E 157 -2.60 45.22 -53.19
CA GLY E 157 -2.96 43.94 -52.61
C GLY E 157 -2.07 42.81 -53.11
N GLY E 158 -2.32 41.63 -52.57
CA GLY E 158 -1.57 40.44 -52.93
C GLY E 158 -1.82 39.29 -51.99
N TYR E 159 -1.90 38.08 -52.52
CA TYR E 159 -2.24 36.90 -51.74
C TYR E 159 -1.19 35.81 -51.96
N GLN E 160 -0.93 35.05 -50.91
CA GLN E 160 0.00 33.92 -50.98
C GLN E 160 -0.75 32.70 -51.48
N SER E 161 -0.35 32.19 -52.65
CA SER E 161 -1.04 31.05 -53.24
C SER E 161 -0.51 29.73 -52.70
N MET E 162 0.77 29.46 -52.94
CA MET E 162 1.38 28.22 -52.48
C MET E 162 1.32 28.09 -50.96
N TYR E 163 1.54 29.19 -50.25
CA TYR E 163 1.22 29.38 -48.84
C TYR E 163 2.21 28.68 -47.89
N GLY E 164 3.16 27.91 -48.40
CA GLY E 164 4.25 27.40 -47.58
C GLY E 164 3.93 26.25 -46.64
N TYR E 165 4.94 25.42 -46.35
CA TYR E 165 4.82 24.26 -45.48
C TYR E 165 6.03 24.13 -44.55
N ALA E 166 6.47 25.23 -43.95
CA ALA E 166 7.70 25.20 -43.17
C ALA E 166 7.54 24.38 -41.89
N SER E 167 6.45 24.60 -41.15
CA SER E 167 6.34 24.00 -39.83
C SER E 167 6.00 22.52 -39.90
N ARG E 168 5.24 22.11 -40.92
CA ARG E 168 4.74 20.74 -40.96
C ARG E 168 5.81 19.72 -41.35
N ILE E 169 6.81 20.14 -42.13
CA ILE E 169 7.74 19.21 -42.76
C ILE E 169 9.17 19.54 -42.34
N THR E 170 9.92 18.51 -41.98
CA THR E 170 11.31 18.64 -41.59
C THR E 170 12.19 18.98 -42.80
N PRO E 171 13.23 19.87 -42.67
CA PRO E 171 14.15 20.18 -43.77
C PRO E 171 14.67 19.00 -44.59
N GLU E 172 15.13 17.94 -43.92
CA GLU E 172 15.63 16.74 -44.65
C GLU E 172 14.49 16.15 -45.47
N ASP E 173 13.29 16.10 -44.90
CA ASP E 173 12.10 15.61 -45.64
C ASP E 173 11.82 16.55 -46.81
N ARG E 174 11.97 17.85 -46.61
CA ARG E 174 11.74 18.85 -47.69
C ARG E 174 12.75 18.62 -48.83
N TRP E 175 14.00 18.30 -48.51
CA TRP E 175 15.01 17.99 -49.56
C TRP E 175 14.62 16.69 -50.27
N ALA E 176 14.17 15.68 -49.53
CA ALA E 176 13.69 14.44 -50.14
C ALA E 176 12.56 14.71 -51.12
N ILE E 177 11.66 15.63 -50.78
CA ILE E 177 10.57 15.99 -51.67
C ILE E 177 11.11 16.63 -52.94
N ALA E 178 12.13 17.48 -52.81
CA ALA E 178 12.75 18.08 -53.98
C ALA E 178 13.37 17.03 -54.89
N ALA E 179 14.06 16.05 -54.29
CA ALA E 179 14.62 14.96 -55.07
C ALA E 179 13.53 14.16 -55.77
N TYR E 180 12.40 13.92 -55.09
CA TYR E 180 11.29 13.22 -55.73
C TYR E 180 10.68 14.03 -56.86
N ILE E 181 10.65 15.36 -56.73
CA ILE E 181 10.17 16.20 -57.83
C ILE E 181 11.10 16.09 -59.03
N ARG E 182 12.41 16.04 -58.78
CA ARG E 182 13.35 15.81 -59.88
C ARG E 182 13.09 14.46 -60.54
N ALA E 183 12.86 13.42 -59.73
CA ALA E 183 12.56 12.10 -60.27
C ALA E 183 11.28 12.12 -61.10
N LEU E 184 10.25 12.84 -60.62
CA LEU E 184 9.01 12.94 -61.36
C LEU E 184 9.20 13.66 -62.68
N GLN E 185 10.00 14.73 -62.69
CA GLN E 185 10.28 15.43 -63.94
C GLN E 185 11.00 14.53 -64.93
N LEU E 186 11.96 13.73 -64.43
CA LEU E 186 12.61 12.78 -65.32
C LEU E 186 11.63 11.72 -65.82
N SER E 187 10.66 11.32 -64.99
CA SER E 187 9.78 10.22 -65.33
C SER E 187 8.99 10.48 -66.61
N GLN E 188 8.74 11.75 -66.94
CA GLN E 188 8.03 12.12 -68.15
C GLN E 188 8.96 12.63 -69.23
N ASN E 189 10.17 12.10 -69.31
CA ASN E 189 11.14 12.50 -70.33
C ASN E 189 11.85 11.29 -70.91
N ILE F 11 -16.97 -58.65 30.81
CA ILE F 11 -15.73 -58.86 31.55
C ILE F 11 -14.80 -59.88 30.86
N PRO F 12 -15.32 -61.03 30.40
CA PRO F 12 -14.46 -61.90 29.58
C PRO F 12 -13.95 -61.21 28.32
N GLN F 13 -14.78 -60.38 27.70
CA GLN F 13 -14.32 -59.58 26.57
C GLN F 13 -13.21 -58.62 27.01
N LEU F 14 -13.33 -58.05 28.21
CA LEU F 14 -12.29 -57.18 28.73
C LEU F 14 -10.99 -57.93 28.93
N GLY F 15 -11.06 -59.17 29.43
CA GLY F 15 -9.87 -59.98 29.57
C GLY F 15 -9.25 -60.34 28.23
N GLN F 16 -10.09 -60.60 27.22
CA GLN F 16 -9.57 -60.84 25.88
C GLN F 16 -8.85 -59.62 25.34
N VAL F 17 -9.42 -58.42 25.57
CA VAL F 17 -8.77 -57.19 25.15
C VAL F 17 -7.43 -57.02 25.85
N GLN F 18 -7.40 -57.31 27.15
CA GLN F 18 -6.14 -57.22 27.90
C GLN F 18 -5.09 -58.18 27.34
N MET F 19 -5.50 -59.41 27.02
CA MET F 19 -4.57 -60.38 26.46
C MET F 19 -4.04 -59.93 25.10
N LEU F 20 -4.92 -59.40 24.26
CA LEU F 20 -4.49 -58.90 22.95
C LEU F 20 -3.51 -57.73 23.11
N GLY F 21 -3.79 -56.84 24.05
CA GLY F 21 -2.88 -55.74 24.30
C GLY F 21 -1.53 -56.21 24.79
N LEU F 22 -1.53 -57.21 25.67
CA LEU F 22 -0.27 -57.77 26.17
C LEU F 22 0.53 -58.40 25.04
N ALA F 23 -0.15 -59.14 24.15
CA ALA F 23 0.54 -59.76 23.03
C ALA F 23 1.14 -58.70 22.10
N ALA F 24 0.37 -57.65 21.81
CA ALA F 24 0.90 -56.57 20.98
C ALA F 24 2.10 -55.91 21.63
N ALA F 25 2.03 -55.75 22.95
CA ALA F 25 3.15 -55.13 23.71
C ALA F 25 4.41 -56.00 23.61
N VAL F 26 4.31 -57.29 23.94
CA VAL F 26 5.53 -58.15 23.97
C VAL F 26 6.14 -58.23 22.57
N ILE F 27 5.31 -58.39 21.53
CA ILE F 27 5.83 -58.46 20.14
C ILE F 27 6.51 -57.14 19.80
N GLY F 28 5.88 -56.01 20.13
CA GLY F 28 6.44 -54.69 19.79
C GLY F 28 7.76 -54.43 20.50
N ILE F 29 7.82 -54.73 21.81
CA ILE F 29 9.08 -54.54 22.58
C ILE F 29 10.15 -55.48 22.01
N GLY F 30 9.78 -56.70 21.66
CA GLY F 30 10.76 -57.68 21.16
C GLY F 30 11.40 -57.23 19.86
N VAL F 31 10.60 -56.73 18.89
CA VAL F 31 11.16 -56.21 17.61
C VAL F 31 11.97 -54.93 17.89
N LEU F 32 11.50 -54.10 18.83
CA LEU F 32 12.23 -52.85 19.20
C LEU F 32 13.59 -53.24 19.77
N ALA F 33 13.64 -54.29 20.60
CA ALA F 33 14.93 -54.76 21.18
C ALA F 33 15.86 -55.27 20.07
N ALA F 34 15.32 -55.98 19.09
CA ALA F 34 16.13 -56.48 17.96
C ALA F 34 16.70 -55.28 17.20
N GLY F 35 15.88 -54.25 16.97
CA GLY F 35 16.36 -53.03 16.29
C GLY F 35 17.43 -52.34 17.10
N TYR F 36 17.28 -52.33 18.43
CA TYR F 36 18.28 -51.67 19.32
C TYR F 36 19.62 -52.38 19.14
N PHE F 37 19.60 -53.71 19.04
CA PHE F 37 20.88 -54.45 18.95
C PHE F 37 21.62 -54.02 17.67
N LEU F 38 20.91 -53.93 16.54
CA LEU F 38 21.55 -53.50 15.28
C LEU F 38 22.00 -52.04 15.39
N SER F 39 21.11 -51.15 15.87
CA SER F 39 21.48 -49.73 16.10
C SER F 39 20.79 -49.19 17.35
N PRO F 40 21.54 -48.75 18.39
CA PRO F 40 20.92 -48.10 19.54
C PRO F 40 20.23 -46.77 19.17
N THR F 41 20.85 -46.00 18.28
CA THR F 41 20.29 -44.65 17.94
C THR F 41 18.89 -44.81 17.33
N SER F 42 18.71 -45.79 16.45
CA SER F 42 17.39 -45.98 15.79
C SER F 42 16.35 -46.32 16.86
N PHE F 43 16.71 -47.16 17.84
CA PHE F 43 15.75 -47.56 18.90
C PHE F 43 15.31 -46.32 19.68
N PHE F 44 16.26 -45.46 20.04
CA PHE F 44 15.92 -44.27 20.86
C PHE F 44 15.01 -43.30 20.09
N GLU F 45 15.31 -43.05 18.82
CA GLU F 45 14.47 -42.12 18.02
C GLU F 45 13.06 -42.72 17.90
N SER F 46 12.97 -44.03 17.66
CA SER F 46 11.66 -44.71 17.54
C SER F 46 10.93 -44.63 18.88
N TYR F 47 11.66 -44.79 19.99
CA TYR F 47 11.04 -44.76 21.33
C TYR F 47 10.41 -43.39 21.57
N ILE F 48 11.08 -42.31 21.16
CA ILE F 48 10.54 -40.94 21.45
C ILE F 48 9.18 -40.83 20.74
N TYR F 49 9.11 -41.26 19.48
CA TYR F 49 7.83 -41.20 18.73
C TYR F 49 6.80 -42.11 19.42
N GLY F 50 7.22 -43.31 19.82
CA GLY F 50 6.28 -44.27 20.43
C GLY F 50 5.72 -43.73 21.73
N TYR F 51 6.56 -43.11 22.56
CA TYR F 51 6.10 -42.55 23.84
C TYR F 51 5.11 -41.41 23.58
N TYR F 52 5.40 -40.55 22.60
CA TYR F 52 4.54 -39.39 22.32
C TYR F 52 3.14 -39.84 21.88
N VAL F 53 3.06 -40.83 20.98
CA VAL F 53 1.75 -41.37 20.51
C VAL F 53 1.02 -42.10 21.64
N ALA F 54 1.74 -42.91 22.44
CA ALA F 54 1.12 -43.69 23.55
C ALA F 54 0.58 -42.76 24.63
N MET F 55 1.28 -41.66 24.93
CA MET F 55 0.91 -40.78 26.06
C MET F 55 -0.48 -40.16 25.84
N THR F 56 -0.95 -40.10 24.59
CA THR F 56 -2.24 -39.43 24.30
C THR F 56 -3.41 -40.09 25.04
N ILE F 57 -3.48 -41.43 25.10
CA ILE F 57 -4.67 -42.07 25.72
C ILE F 57 -4.79 -41.71 27.21
N PRO F 58 -3.74 -41.82 28.06
CA PRO F 58 -3.87 -41.40 29.47
C PRO F 58 -4.13 -39.90 29.70
N LEU F 59 -3.41 -39.03 28.99
CA LEU F 59 -3.61 -37.56 29.15
C LEU F 59 -5.03 -37.19 28.67
N GLY F 60 -5.47 -37.76 27.56
CA GLY F 60 -6.83 -37.49 27.07
C GLY F 60 -7.87 -37.95 28.06
N CYS F 61 -7.66 -39.13 28.65
CA CYS F 61 -8.63 -39.68 29.62
C CYS F 61 -8.74 -38.76 30.83
N LEU F 62 -7.60 -38.25 31.33
CA LEU F 62 -7.62 -37.32 32.49
C LEU F 62 -8.37 -36.03 32.10
N GLY F 63 -8.08 -35.49 30.92
CA GLY F 63 -8.71 -34.23 30.52
C GLY F 63 -10.21 -34.36 30.38
N PHE F 64 -10.67 -35.44 29.74
CA PHE F 64 -12.13 -35.67 29.56
C PHE F 64 -12.78 -35.89 30.92
N LEU F 65 -12.12 -36.61 31.82
CA LEU F 65 -12.71 -36.92 33.15
C LEU F 65 -12.96 -35.60 33.91
N MET F 66 -11.97 -34.71 33.91
CA MET F 66 -12.13 -33.40 34.60
C MET F 66 -13.18 -32.55 33.89
N VAL F 67 -13.18 -32.53 32.55
CA VAL F 67 -14.15 -31.70 31.78
C VAL F 67 -15.57 -32.22 32.04
N GLN F 68 -15.76 -33.54 32.06
CA GLN F 68 -17.11 -34.11 32.35
C GLN F 68 -17.54 -33.79 33.79
N HIS F 69 -16.62 -33.81 34.76
CA HIS F 69 -17.02 -33.41 36.14
C HIS F 69 -17.49 -31.95 36.13
N LEU F 70 -16.79 -31.06 35.42
CA LEU F 70 -17.19 -29.64 35.34
C LEU F 70 -18.56 -29.50 34.65
N THR F 71 -18.77 -30.23 33.55
CA THR F 71 -20.06 -30.15 32.81
C THR F 71 -20.73 -31.53 32.81
N GLY F 72 -21.75 -31.72 33.67
CA GLY F 72 -22.38 -33.05 33.79
C GLY F 72 -23.07 -33.44 32.50
N GLY F 73 -22.88 -34.70 32.06
CA GLY F 73 -23.52 -35.18 30.83
C GLY F 73 -23.81 -36.67 30.89
N ALA F 74 -24.76 -37.15 30.08
CA ALA F 74 -25.07 -38.59 30.04
C ALA F 74 -23.83 -39.34 29.57
N TRP F 75 -23.13 -38.80 28.56
CA TRP F 75 -21.89 -39.43 28.06
C TRP F 75 -20.86 -39.50 29.18
N GLY F 76 -20.75 -38.42 29.98
CA GLY F 76 -19.76 -38.38 31.06
C GLY F 76 -19.98 -39.45 32.11
N VAL F 77 -21.24 -39.67 32.51
CA VAL F 77 -21.57 -40.73 33.50
C VAL F 77 -21.25 -42.10 32.90
N THR F 78 -21.56 -42.30 31.61
CA THR F 78 -21.35 -43.63 30.96
C THR F 78 -19.87 -44.00 30.92
N VAL F 79 -18.99 -43.05 30.60
CA VAL F 79 -17.54 -43.40 30.44
C VAL F 79 -16.72 -42.94 31.65
N ARG F 80 -17.36 -42.51 32.74
CA ARG F 80 -16.57 -41.94 33.87
C ARG F 80 -15.60 -42.98 34.41
N ARG F 81 -16.05 -44.21 34.63
CA ARG F 81 -15.16 -45.26 35.22
C ARG F 81 -14.01 -45.58 34.25
N MET F 82 -14.31 -45.69 32.95
CA MET F 82 -13.28 -46.00 31.93
C MET F 82 -12.26 -44.86 31.85
N LEU F 83 -12.72 -43.61 31.91
CA LEU F 83 -11.78 -42.45 31.89
C LEU F 83 -10.88 -42.53 33.12
N GLU F 84 -11.46 -42.88 34.28
CA GLU F 84 -10.66 -42.95 35.54
C GLU F 84 -9.58 -44.02 35.39
N ALA F 85 -9.91 -45.17 34.81
CA ALA F 85 -8.93 -46.27 34.67
C ALA F 85 -7.79 -45.82 33.76
N GLY F 86 -8.11 -45.17 32.63
CA GLY F 86 -7.07 -44.69 31.70
C GLY F 86 -6.20 -43.64 32.35
N ALA F 87 -6.81 -42.72 33.12
CA ALA F 87 -6.05 -41.66 33.82
C ALA F 87 -5.13 -42.31 34.87
N ALA F 88 -5.57 -43.38 35.52
CA ALA F 88 -4.79 -44.02 36.61
C ALA F 88 -3.45 -44.59 36.12
N THR F 89 -3.30 -44.81 34.81
CA THR F 89 -2.05 -45.40 34.24
C THR F 89 -0.94 -44.34 34.15
N LEU F 90 -1.23 -43.08 34.49
CA LEU F 90 -0.24 -41.97 34.32
C LEU F 90 1.05 -42.17 35.14
N PRO F 91 1.07 -42.66 36.40
CA PRO F 91 2.34 -42.87 37.11
C PRO F 91 3.27 -43.87 36.39
N ILE F 92 2.72 -44.95 35.84
CA ILE F 92 3.55 -45.94 35.08
C ILE F 92 4.13 -45.25 33.83
N MET F 93 3.35 -44.35 33.21
CA MET F 93 3.83 -43.63 32.00
C MET F 93 5.05 -42.78 32.37
N GLY F 94 5.08 -42.21 33.57
CA GLY F 94 6.25 -41.43 34.01
C GLY F 94 7.49 -42.30 34.07
N LEU F 95 7.34 -43.54 34.54
CA LEU F 95 8.49 -44.49 34.57
C LEU F 95 8.99 -44.74 33.14
N LEU F 96 8.07 -44.82 32.18
CA LEU F 96 8.45 -45.07 30.76
C LEU F 96 9.28 -43.92 30.20
N PHE F 97 9.14 -42.71 30.74
CA PHE F 97 9.95 -41.54 30.29
C PHE F 97 11.43 -41.71 30.66
N ILE F 98 11.76 -42.57 31.63
CA ILE F 98 13.17 -42.66 32.11
C ILE F 98 14.17 -43.00 30.98
N PRO F 99 13.92 -43.93 30.03
CA PRO F 99 14.89 -44.16 28.94
C PRO F 99 15.19 -42.92 28.10
N ILE F 100 14.17 -42.09 27.81
CA ILE F 100 14.39 -40.83 27.04
C ILE F 100 15.33 -39.93 27.84
N ALA F 101 15.15 -39.86 29.16
CA ALA F 101 16.00 -38.99 30.02
C ALA F 101 17.46 -39.47 29.94
N LEU F 102 17.68 -40.78 29.93
CA LEU F 102 19.07 -41.33 29.87
C LEU F 102 19.71 -40.87 28.57
N GLY F 103 18.95 -40.83 27.48
CA GLY F 103 19.52 -40.44 26.18
C GLY F 103 20.08 -39.03 26.18
N TYR F 104 19.39 -38.07 26.81
CA TYR F 104 19.85 -36.66 26.79
C TYR F 104 20.77 -36.34 27.97
N PHE F 105 20.98 -37.30 28.88
CA PHE F 105 21.89 -37.07 30.03
C PHE F 105 23.30 -37.55 29.64
N ASP F 106 24.17 -37.69 30.64
CA ASP F 106 25.57 -38.15 30.38
C ASP F 106 25.62 -39.66 30.13
N THR F 107 24.45 -40.31 30.09
CA THR F 107 24.42 -41.76 29.76
C THR F 107 24.78 -41.92 28.28
N TYR F 108 24.94 -40.81 27.55
CA TYR F 108 25.40 -40.88 26.14
C TYR F 108 26.90 -41.23 26.18
N LYS F 109 27.47 -41.79 25.12
CA LYS F 109 28.87 -42.30 25.12
C LYS F 109 28.81 -43.69 25.77
N ALA F 110 27.60 -44.12 26.12
CA ALA F 110 27.38 -45.45 26.71
C ALA F 110 26.05 -45.93 26.11
N LEU F 111 25.73 -47.22 26.21
CA LEU F 111 24.52 -47.76 25.55
C LEU F 111 24.69 -47.66 24.03
N GLY F 112 25.82 -47.13 23.56
CA GLY F 112 26.10 -47.09 22.11
C GLY F 112 25.69 -45.80 21.42
N LEU F 113 25.24 -44.79 22.17
CA LEU F 113 24.74 -43.56 21.49
C LEU F 113 25.94 -42.70 21.08
N GLU F 114 26.10 -42.44 19.78
CA GLU F 114 27.23 -41.63 19.27
C GLU F 114 27.10 -40.20 19.80
N HIS F 115 25.88 -39.64 19.77
CA HIS F 115 25.66 -38.23 20.20
C HIS F 115 24.39 -38.18 21.06
N PRO F 116 24.19 -37.14 21.89
CA PRO F 116 23.01 -37.07 22.77
C PRO F 116 21.72 -37.01 21.96
N LEU F 117 20.62 -37.52 22.51
CA LEU F 117 19.34 -37.61 21.76
C LEU F 117 18.87 -36.21 21.34
N TYR F 118 19.08 -35.21 22.19
CA TYR F 118 18.59 -33.83 21.88
C TYR F 118 19.76 -32.91 21.57
N GLU F 119 19.58 -31.98 20.63
CA GLU F 119 20.66 -31.05 20.20
C GLU F 119 21.11 -30.18 21.38
N TRP F 120 20.15 -29.72 22.19
CA TRP F 120 20.49 -28.86 23.36
C TRP F 120 21.39 -29.63 24.33
N ALA F 121 21.15 -30.94 24.49
CA ALA F 121 21.96 -31.77 25.39
C ALA F 121 23.43 -31.79 24.94
N ASN F 122 23.69 -31.82 23.63
CA ASN F 122 25.08 -31.96 23.14
C ASN F 122 25.91 -30.78 23.67
N PRO F 123 27.08 -31.02 24.29
CA PRO F 123 27.89 -29.95 24.88
C PRO F 123 28.46 -28.95 23.86
N GLU F 124 28.96 -29.42 22.72
CA GLU F 124 29.63 -28.51 21.75
C GLU F 124 28.64 -27.46 21.23
N VAL F 125 27.41 -27.86 20.94
CA VAL F 125 26.40 -26.91 20.38
C VAL F 125 26.08 -25.81 21.40
N VAL F 126 25.95 -26.16 22.69
CA VAL F 126 25.52 -25.14 23.69
C VAL F 126 26.69 -24.43 24.37
N THR F 127 27.93 -24.81 24.08
CA THR F 127 29.09 -24.19 24.79
C THR F 127 29.84 -23.25 23.85
N PRO F 128 30.19 -22.01 24.28
CA PRO F 128 30.97 -21.10 23.44
C PRO F 128 32.33 -21.70 23.13
N GLY F 129 32.81 -21.53 21.90
CA GLY F 129 34.09 -22.17 21.49
C GLY F 129 33.85 -23.61 21.09
N GLY F 130 32.58 -24.03 21.06
CA GLY F 130 32.23 -25.41 20.65
C GLY F 130 32.40 -25.59 19.16
N ALA F 131 32.55 -26.84 18.69
CA ALA F 131 32.81 -27.08 17.25
C ALA F 131 31.62 -26.57 16.42
N GLU F 132 30.39 -26.80 16.85
CA GLU F 132 29.22 -26.25 16.12
C GLU F 132 28.77 -24.91 16.74
N PHE F 133 28.59 -24.88 18.06
CA PHE F 133 28.20 -23.61 18.75
C PHE F 133 27.06 -22.90 18.01
N ASP F 134 25.93 -23.56 17.81
CA ASP F 134 24.79 -22.82 17.20
C ASP F 134 24.31 -21.80 18.24
N PRO F 135 24.25 -20.50 17.91
CA PRO F 135 23.88 -19.46 18.88
C PRO F 135 22.43 -19.57 19.40
N ILE F 136 21.47 -19.87 18.52
CA ILE F 136 20.05 -19.90 18.94
C ILE F 136 19.83 -20.98 20.00
N ILE F 137 20.40 -22.17 19.79
CA ILE F 137 20.29 -23.28 20.79
C ILE F 137 21.02 -22.86 22.06
N ALA F 138 22.18 -22.21 21.93
CA ALA F 138 22.95 -21.73 23.10
C ALA F 138 22.14 -20.70 23.88
N HIS F 139 21.35 -19.86 23.19
CA HIS F 139 20.56 -18.79 23.84
C HIS F 139 19.58 -19.42 24.83
N LYS F 140 19.03 -20.58 24.50
CA LYS F 140 17.99 -21.23 25.35
C LYS F 140 18.63 -22.27 26.27
N VAL F 141 19.95 -22.23 26.49
CA VAL F 141 20.63 -23.31 27.28
C VAL F 141 20.10 -23.46 28.72
N PRO F 142 19.82 -22.42 29.54
CA PRO F 142 19.34 -22.68 30.90
C PRO F 142 17.97 -23.39 30.88
N TRP F 143 17.04 -22.90 30.08
CA TRP F 143 15.69 -23.51 29.97
C TRP F 143 15.79 -24.90 29.33
N LEU F 144 16.53 -25.01 28.23
CA LEU F 144 16.74 -26.33 27.57
C LEU F 144 18.03 -26.97 28.08
N SER F 145 18.02 -27.49 29.30
CA SER F 145 19.22 -28.20 29.84
C SER F 145 18.73 -29.53 30.39
N PRO F 146 19.56 -30.59 30.46
CA PRO F 146 19.04 -31.90 30.87
C PRO F 146 18.40 -31.86 32.26
N LEU F 147 19.04 -31.20 33.23
CA LEU F 147 18.50 -31.17 34.61
C LEU F 147 17.16 -30.43 34.63
N TRP F 148 17.08 -29.28 33.97
CA TRP F 148 15.82 -28.47 33.97
C TRP F 148 14.70 -29.24 33.26
N VAL F 149 15.00 -29.88 32.12
CA VAL F 149 13.93 -30.58 31.36
C VAL F 149 13.39 -31.71 32.23
N THR F 150 14.27 -32.47 32.86
CA THR F 150 13.82 -33.64 33.66
C THR F 150 12.97 -33.13 34.83
N ALA F 151 13.40 -32.04 35.48
CA ALA F 151 12.67 -31.56 36.66
C ALA F 151 11.24 -31.13 36.28
N ARG F 152 11.09 -30.40 35.17
CA ARG F 152 9.74 -29.93 34.75
C ARG F 152 8.84 -31.12 34.39
N ILE F 153 9.37 -32.08 33.64
CA ILE F 153 8.56 -33.27 33.22
C ILE F 153 8.17 -34.05 34.49
N ALA F 154 9.09 -34.19 35.44
CA ALA F 154 8.80 -34.89 36.71
C ALA F 154 7.72 -34.13 37.49
N ILE F 155 7.81 -32.79 37.53
CA ILE F 155 6.79 -31.96 38.25
C ILE F 155 5.43 -32.18 37.58
N PHE F 156 5.40 -32.22 36.24
CA PHE F 156 4.13 -32.43 35.52
C PHE F 156 3.57 -33.80 35.89
N PHE F 157 4.44 -34.81 35.99
CA PHE F 157 3.99 -36.18 36.34
C PHE F 157 3.36 -36.19 37.73
N ILE F 158 3.97 -35.47 38.67
CA ILE F 158 3.44 -35.43 40.07
C ILE F 158 2.05 -34.77 40.03
N ILE F 159 1.90 -33.67 39.28
CA ILE F 159 0.60 -32.96 39.21
C ILE F 159 -0.44 -33.91 38.58
N TRP F 160 -0.07 -34.57 37.47
CA TRP F 160 -1.01 -35.47 36.77
C TRP F 160 -1.38 -36.64 37.68
N SER F 161 -0.39 -37.24 38.34
CA SER F 161 -0.65 -38.42 39.20
C SER F 161 -1.55 -38.02 40.36
N ALA F 162 -1.27 -36.87 40.99
CA ALA F 162 -2.07 -36.46 42.17
C ALA F 162 -3.51 -36.23 41.74
N LEU F 163 -3.73 -35.53 40.62
CA LEU F 163 -5.11 -35.22 40.19
C LEU F 163 -5.84 -36.53 39.85
N ALA F 164 -5.20 -37.42 39.09
CA ALA F 164 -5.86 -38.67 38.66
C ALA F 164 -6.17 -39.57 39.85
N LEU F 165 -5.20 -39.76 40.75
CA LEU F 165 -5.41 -40.69 41.89
C LEU F 165 -6.45 -40.12 42.85
N THR F 166 -6.39 -38.81 43.13
CA THR F 166 -7.33 -38.20 44.09
C THR F 166 -8.76 -38.32 43.56
N LEU F 167 -8.95 -38.02 42.26
CA LEU F 167 -10.31 -38.08 41.67
C LEU F 167 -10.83 -39.51 41.71
N ARG F 168 -9.98 -40.48 41.37
CA ARG F 168 -10.41 -41.90 41.38
C ARG F 168 -10.78 -42.30 42.81
N ALA F 169 -9.98 -41.90 43.80
CA ALA F 169 -10.24 -42.28 45.20
C ALA F 169 -11.58 -41.70 45.67
N TRP F 170 -11.86 -40.45 45.31
CA TRP F 170 -13.15 -39.81 45.70
C TRP F 170 -14.32 -40.55 45.06
N SER F 171 -14.17 -40.96 43.79
CA SER F 171 -15.24 -41.71 43.08
C SER F 171 -15.48 -43.07 43.75
N ARG F 172 -14.41 -43.77 44.14
CA ARG F 172 -14.57 -45.05 44.87
C ARG F 172 -15.27 -44.77 46.20
N GLN F 173 -14.92 -43.68 46.87
CA GLN F 173 -15.56 -43.29 48.16
C GLN F 173 -17.05 -42.98 47.92
N GLN F 174 -17.39 -42.49 46.73
CA GLN F 174 -18.79 -42.09 46.43
C GLN F 174 -19.68 -43.34 46.59
N ASP F 175 -19.16 -44.51 46.21
CA ASP F 175 -19.95 -45.75 46.36
C ASP F 175 -20.29 -45.97 47.84
N ALA F 176 -19.34 -45.77 48.75
CA ALA F 176 -19.57 -46.04 50.19
C ALA F 176 -20.60 -45.08 50.83
N GLY F 177 -20.50 -43.77 50.61
CA GLY F 177 -21.44 -42.88 51.32
C GLY F 177 -21.37 -41.38 51.00
N GLY F 178 -22.34 -40.60 51.49
CA GLY F 178 -22.32 -39.12 51.34
C GLY F 178 -22.16 -38.61 49.92
N ASP F 179 -22.89 -39.18 48.96
CA ASP F 179 -22.67 -38.80 47.54
C ASP F 179 -23.70 -37.76 47.06
N ALA F 180 -24.69 -37.39 47.85
CA ALA F 180 -25.78 -36.52 47.32
C ALA F 180 -25.27 -35.16 46.85
N LYS F 181 -24.47 -34.47 47.67
CA LYS F 181 -23.86 -33.18 47.25
C LYS F 181 -22.36 -33.24 47.55
N LYS F 182 -22.01 -33.93 48.63
CA LYS F 182 -20.59 -34.06 49.03
C LYS F 182 -19.90 -34.99 48.03
N LEU F 183 -18.58 -34.90 47.90
CA LEU F 183 -17.80 -35.71 46.92
C LEU F 183 -18.03 -35.18 45.49
N ALA F 184 -19.28 -35.13 45.04
CA ALA F 184 -19.56 -34.64 43.67
C ALA F 184 -19.12 -33.18 43.55
N THR F 185 -19.46 -32.35 44.55
CA THR F 185 -19.02 -30.93 44.55
C THR F 185 -17.49 -30.88 44.68
N ARG F 186 -16.92 -31.73 45.53
CA ARG F 186 -15.44 -31.70 45.75
C ARG F 186 -14.73 -32.05 44.44
N MET F 187 -15.19 -33.08 43.72
CA MET F 187 -14.56 -33.50 42.45
C MET F 187 -14.70 -32.37 41.44
N ARG F 188 -15.86 -31.72 41.41
CA ARG F 188 -16.11 -30.62 40.44
C ARG F 188 -15.11 -29.49 40.71
N ARG F 189 -14.90 -29.17 42.00
CA ARG F 189 -13.93 -28.09 42.38
C ARG F 189 -12.51 -28.47 41.99
N LEU F 190 -12.09 -29.71 42.28
CA LEU F 190 -10.72 -30.16 41.93
C LEU F 190 -10.57 -30.14 40.41
N SER F 191 -11.63 -30.55 39.70
CA SER F 191 -11.60 -30.56 38.22
C SER F 191 -11.41 -29.14 37.67
N GLY F 192 -12.09 -28.14 38.24
CA GLY F 192 -11.99 -26.78 37.72
C GLY F 192 -10.59 -26.21 37.83
N ILE F 193 -9.96 -26.34 39.00
CA ILE F 193 -8.54 -25.89 39.15
C ILE F 193 -7.66 -26.82 38.30
N GLY F 194 -7.99 -28.11 38.25
CA GLY F 194 -7.20 -29.09 37.50
C GLY F 194 -7.14 -28.81 36.02
N VAL F 195 -8.26 -28.37 35.41
CA VAL F 195 -8.29 -28.17 33.94
C VAL F 195 -7.23 -27.11 33.57
N ALA F 196 -7.14 -26.03 34.35
CA ALA F 196 -6.12 -24.99 34.07
C ALA F 196 -4.71 -25.58 34.22
N LEU F 197 -4.47 -26.35 35.29
CA LEU F 197 -3.13 -26.97 35.51
C LEU F 197 -2.85 -27.96 34.37
N PHE F 198 -3.84 -28.74 33.97
CA PHE F 198 -3.65 -29.78 32.93
C PHE F 198 -3.25 -29.10 31.61
N VAL F 199 -3.94 -28.02 31.24
CA VAL F 199 -3.66 -27.36 29.93
C VAL F 199 -2.23 -26.84 29.95
N ILE F 200 -1.82 -26.17 31.03
CA ILE F 200 -0.45 -25.58 31.09
C ILE F 200 0.59 -26.71 31.07
N THR F 201 0.37 -27.76 31.87
CA THR F 201 1.38 -28.85 31.97
C THR F 201 1.49 -29.57 30.62
N VAL F 202 0.37 -29.88 29.97
CA VAL F 202 0.41 -30.64 28.69
C VAL F 202 1.11 -29.81 27.62
N THR F 203 0.81 -28.50 27.56
CA THR F 203 1.41 -27.64 26.51
C THR F 203 2.93 -27.62 26.68
N PHE F 204 3.42 -27.44 27.91
CA PHE F 204 4.88 -27.44 28.18
C PHE F 204 5.48 -28.83 27.93
N PHE F 205 4.77 -29.90 28.30
CA PHE F 205 5.26 -31.28 28.07
C PHE F 205 5.43 -31.50 26.55
N SER F 206 4.45 -31.05 25.75
CA SER F 206 4.53 -31.18 24.28
C SER F 206 5.72 -30.38 23.75
N PHE F 207 5.92 -29.15 24.26
CA PHE F 207 7.03 -28.28 23.80
C PHE F 207 8.38 -28.93 24.11
N ASP F 208 8.53 -29.45 25.34
CA ASP F 208 9.83 -30.05 25.74
C ASP F 208 10.09 -31.36 24.98
N VAL F 209 9.09 -32.25 24.90
CA VAL F 209 9.31 -33.58 24.27
C VAL F 209 9.45 -33.50 22.75
N ALA F 210 8.62 -32.71 22.07
CA ALA F 210 8.63 -32.72 20.58
C ALA F 210 9.15 -31.44 19.94
N MET F 211 8.68 -30.26 20.39
CA MET F 211 9.08 -29.00 19.72
C MET F 211 10.59 -28.77 19.89
N SER F 212 11.17 -29.27 20.99
CA SER F 212 12.61 -29.08 21.28
C SER F 212 13.50 -29.96 20.38
N LEU F 213 12.92 -30.89 19.61
CA LEU F 213 13.75 -31.70 18.69
C LEU F 213 14.47 -30.77 17.71
N ASP F 214 13.78 -29.76 17.18
CA ASP F 214 14.49 -28.74 16.36
C ASP F 214 14.37 -27.41 17.11
N PRO F 215 15.43 -26.95 17.81
CA PRO F 215 15.35 -25.72 18.62
C PRO F 215 15.12 -24.47 17.75
N HIS F 216 15.55 -24.51 16.49
CA HIS F 216 15.41 -23.33 15.58
C HIS F 216 13.94 -22.95 15.38
N TRP F 217 13.00 -23.89 15.48
CA TRP F 217 11.57 -23.60 15.16
C TRP F 217 10.72 -23.63 16.42
N PHE F 218 9.77 -22.71 16.53
CA PHE F 218 8.79 -22.73 17.66
C PHE F 218 7.40 -22.37 17.13
N SER F 219 6.35 -23.02 17.64
CA SER F 219 4.96 -22.64 17.27
C SER F 219 4.11 -22.44 18.54
N THR F 220 3.46 -21.29 18.66
CA THR F 220 2.60 -21.01 19.84
C THR F 220 1.40 -21.97 19.88
N ILE F 221 0.80 -22.25 18.72
CA ILE F 221 -0.41 -23.13 18.65
C ILE F 221 -0.02 -24.58 19.00
N TYR F 222 1.26 -24.91 18.88
CA TYR F 222 1.73 -26.29 19.20
C TYR F 222 1.40 -26.56 20.67
N GLY F 223 1.04 -27.79 21.00
CA GLY F 223 0.59 -28.09 22.37
C GLY F 223 -0.92 -28.04 22.43
N ALA F 224 -1.54 -26.97 21.92
CA ALA F 224 -3.01 -26.94 21.81
C ALA F 224 -3.40 -27.99 20.76
N HIS F 225 -2.62 -28.08 19.67
CA HIS F 225 -2.86 -29.08 18.61
C HIS F 225 -2.68 -30.49 19.19
N TYR F 226 -1.67 -30.68 20.04
CA TYR F 226 -1.45 -31.99 20.70
C TYR F 226 -2.65 -32.33 21.58
N MET F 227 -3.19 -31.34 22.30
CA MET F 227 -4.37 -31.58 23.17
C MET F 227 -5.56 -32.02 22.31
N ALA F 228 -5.77 -31.38 21.16
CA ALA F 228 -6.87 -31.81 20.24
C ALA F 228 -6.57 -33.22 19.72
N ASN F 229 -5.31 -33.50 19.38
CA ASN F 229 -4.91 -34.83 18.87
C ASN F 229 -5.13 -35.88 19.97
N ALA F 230 -4.76 -35.55 21.20
CA ALA F 230 -4.95 -36.48 22.34
C ALA F 230 -6.44 -36.72 22.56
N GLY F 231 -7.25 -35.65 22.46
CA GLY F 231 -8.70 -35.78 22.70
C GLY F 231 -9.36 -36.68 21.67
N LEU F 232 -8.99 -36.52 20.39
CA LEU F 232 -9.57 -37.38 19.32
C LEU F 232 -9.14 -38.83 19.57
N MET F 233 -7.87 -39.05 19.92
CA MET F 233 -7.38 -40.44 20.10
C MET F 233 -8.13 -41.10 21.25
N THR F 234 -8.29 -40.39 22.37
CA THR F 234 -8.96 -40.99 23.55
C THR F 234 -10.44 -41.25 23.24
N LEU F 235 -11.12 -40.31 22.56
CA LEU F 235 -12.56 -40.48 22.25
C LEU F 235 -12.75 -41.68 21.33
N ALA F 236 -11.86 -41.82 20.33
CA ALA F 236 -11.93 -42.97 19.41
C ALA F 236 -11.68 -44.25 20.23
N PHE F 237 -10.73 -44.21 21.16
CA PHE F 237 -10.43 -45.38 22.01
C PHE F 237 -11.65 -45.73 22.87
N LEU F 238 -12.33 -44.71 23.40
CA LEU F 238 -13.51 -44.95 24.27
C LEU F 238 -14.60 -45.66 23.46
N ALA F 239 -14.80 -45.24 22.22
CA ALA F 239 -15.84 -45.87 21.35
C ALA F 239 -15.49 -47.34 21.09
N LEU F 240 -14.21 -47.63 20.83
CA LEU F 240 -13.79 -49.03 20.57
C LEU F 240 -14.05 -49.87 21.81
N MET F 241 -13.70 -49.35 23.00
CA MET F 241 -13.89 -50.08 24.27
C MET F 241 -15.38 -50.30 24.54
N MET F 242 -16.21 -49.29 24.25
CA MET F 242 -17.67 -49.40 24.55
C MET F 242 -18.29 -50.53 23.75
N SER F 243 -17.87 -50.71 22.50
CA SER F 243 -18.40 -51.84 21.68
C SER F 243 -18.04 -53.15 22.39
N ARG F 244 -16.83 -53.24 22.96
CA ARG F 244 -16.39 -54.49 23.62
C ARG F 244 -17.16 -54.71 24.92
N VAL F 245 -17.53 -53.63 25.62
CA VAL F 245 -18.20 -53.77 26.95
C VAL F 245 -19.70 -53.50 26.81
N ARG F 246 -20.24 -53.56 25.58
CA ARG F 246 -21.68 -53.21 25.38
C ARG F 246 -22.53 -54.14 26.24
N ASP F 247 -22.13 -55.41 26.35
CA ASP F 247 -22.84 -56.33 27.29
C ASP F 247 -21.97 -56.42 28.56
N ALA F 248 -22.50 -55.93 29.68
CA ALA F 248 -21.76 -56.00 30.96
C ALA F 248 -22.76 -55.81 32.10
N ALA F 249 -24.04 -55.95 31.83
CA ALA F 249 -25.09 -55.88 32.86
C ALA F 249 -25.33 -54.44 33.35
N LEU F 250 -24.31 -53.75 33.86
CA LEU F 250 -24.54 -52.33 34.24
C LEU F 250 -24.64 -51.48 32.98
N PHE F 251 -24.14 -52.02 31.87
CA PHE F 251 -24.21 -51.34 30.55
C PHE F 251 -25.40 -51.94 29.80
N ARG F 252 -26.35 -52.53 30.53
CA ARG F 252 -27.55 -53.13 29.89
C ARG F 252 -28.84 -52.50 30.43
N GLU F 253 -28.97 -52.35 31.75
CA GLU F 253 -30.17 -51.68 32.33
C GLU F 253 -29.95 -50.17 32.51
N TYR F 254 -28.72 -49.69 32.38
CA TYR F 254 -28.48 -48.26 32.69
C TYR F 254 -28.04 -47.45 31.47
N VAL F 255 -28.15 -47.98 30.24
CA VAL F 255 -27.61 -47.22 29.07
C VAL F 255 -28.66 -47.08 27.96
N SER F 256 -28.45 -46.13 27.04
CA SER F 256 -29.39 -45.88 25.92
C SER F 256 -28.58 -45.44 24.70
N VAL F 257 -29.24 -45.26 23.54
CA VAL F 257 -28.54 -44.78 22.32
C VAL F 257 -28.01 -43.36 22.54
N LYS F 258 -28.63 -42.59 23.44
CA LYS F 258 -28.23 -41.15 23.60
C LYS F 258 -26.76 -40.97 24.01
N PRO F 259 -26.16 -41.70 24.98
CA PRO F 259 -24.73 -41.53 25.26
C PRO F 259 -23.86 -41.85 24.03
N ILE F 260 -24.20 -42.92 23.30
CA ILE F 260 -23.41 -43.33 22.11
C ILE F 260 -23.49 -42.21 21.07
N HIS F 261 -24.68 -41.64 20.87
CA HIS F 261 -24.87 -40.55 19.89
C HIS F 261 -24.05 -39.32 20.31
N ASP F 262 -24.05 -39.00 21.61
CA ASP F 262 -23.30 -37.82 22.11
C ASP F 262 -21.80 -38.02 21.89
N ILE F 263 -21.28 -39.21 22.16
CA ILE F 263 -19.83 -39.51 21.96
C ILE F 263 -19.51 -39.40 20.46
N GLY F 264 -20.42 -39.87 19.59
CA GLY F 264 -20.20 -39.73 18.14
C GLY F 264 -20.14 -38.27 17.72
N LYS F 265 -21.01 -37.43 18.29
CA LYS F 265 -20.98 -35.98 17.99
C LYS F 265 -19.67 -35.37 18.49
N LEU F 266 -19.21 -35.80 19.68
CA LEU F 266 -17.94 -35.28 20.24
C LEU F 266 -16.78 -35.67 19.32
N ILE F 267 -16.77 -36.90 18.80
CA ILE F 267 -15.67 -37.36 17.91
C ILE F 267 -15.68 -36.49 16.66
N PHE F 268 -16.86 -36.21 16.12
CA PHE F 268 -16.98 -35.37 14.90
C PHE F 268 -16.46 -33.96 15.19
N ALA F 269 -16.82 -33.39 16.35
CA ALA F 269 -16.37 -32.04 16.73
C ALA F 269 -14.85 -32.03 16.90
N PHE F 270 -14.29 -33.06 17.54
CA PHE F 270 -12.82 -33.12 17.75
C PHE F 270 -12.09 -33.27 16.41
N THR F 271 -12.65 -34.04 15.47
CA THR F 271 -12.01 -34.20 14.14
C THR F 271 -11.96 -32.86 13.41
N VAL F 272 -13.06 -32.11 13.41
CA VAL F 272 -13.09 -30.77 12.76
C VAL F 272 -12.18 -29.79 13.53
N LEU F 273 -12.17 -29.87 14.86
CA LEU F 273 -11.33 -28.95 15.68
C LEU F 273 -9.86 -29.19 15.37
N TRP F 274 -9.44 -30.46 15.28
CA TRP F 274 -8.02 -30.78 14.99
C TRP F 274 -7.66 -30.25 13.60
N THR F 275 -8.55 -30.42 12.63
CA THR F 275 -8.30 -29.92 11.25
C THR F 275 -8.16 -28.40 11.27
N TYR F 276 -9.01 -27.72 12.05
CA TYR F 276 -8.97 -26.24 12.13
C TYR F 276 -7.64 -25.78 12.71
N MET F 277 -7.17 -26.44 13.77
CA MET F 277 -5.88 -26.04 14.41
C MET F 277 -4.73 -26.28 13.44
N SER F 278 -4.74 -27.42 12.74
CA SER F 278 -3.66 -27.74 11.77
C SER F 278 -3.69 -26.77 10.57
N TYR F 279 -4.88 -26.49 10.03
CA TYR F 279 -5.00 -25.53 8.90
C TYR F 279 -4.58 -24.14 9.36
N GLY F 280 -4.98 -23.77 10.58
CA GLY F 280 -4.67 -22.42 11.09
C GLY F 280 -3.16 -22.22 11.17
N GLN F 281 -2.44 -23.22 11.68
CA GLN F 281 -0.96 -23.13 11.74
C GLN F 281 -0.40 -23.04 10.31
N LEU F 282 -0.92 -23.87 9.40
CA LEU F 282 -0.37 -23.90 8.01
C LEU F 282 -0.58 -22.56 7.33
N VAL F 283 -1.79 -21.99 7.39
CA VAL F 283 -2.06 -20.74 6.64
C VAL F 283 -1.20 -19.61 7.21
N ILE F 284 -1.07 -19.53 8.53
CA ILE F 284 -0.29 -18.41 9.14
C ILE F 284 1.16 -18.51 8.69
N ILE F 285 1.75 -19.71 8.78
CA ILE F 285 3.18 -19.91 8.37
C ILE F 285 3.33 -19.73 6.86
N TRP F 286 2.41 -20.28 6.06
CA TRP F 286 2.53 -20.22 4.59
C TRP F 286 2.35 -18.77 4.10
N SER F 287 1.32 -18.08 4.58
CA SER F 287 1.03 -16.69 4.13
C SER F 287 2.12 -15.73 4.61
N GLY F 288 2.55 -15.88 5.86
CA GLY F 288 3.68 -15.06 6.35
C GLY F 288 4.94 -15.81 6.03
N ASP F 289 5.54 -15.54 4.87
CA ASP F 289 6.70 -16.35 4.42
C ASP F 289 7.96 -15.85 5.12
N VAL F 290 8.15 -16.21 6.38
CA VAL F 290 9.35 -15.78 7.15
C VAL F 290 10.30 -16.97 7.20
N ALA F 291 11.59 -16.74 6.98
CA ALA F 291 12.57 -17.86 6.90
C ALA F 291 12.56 -18.67 8.19
N GLU F 292 12.31 -18.03 9.33
CA GLU F 292 12.38 -18.75 10.64
C GLU F 292 11.37 -19.90 10.72
N PHE F 293 10.14 -19.71 10.24
CA PHE F 293 9.08 -20.76 10.40
C PHE F 293 8.91 -21.62 9.15
N THR F 294 9.50 -21.22 8.02
CA THR F 294 9.36 -21.98 6.75
C THR F 294 9.98 -23.40 6.80
N PRO F 295 11.13 -23.68 7.45
CA PRO F 295 11.76 -25.00 7.38
C PRO F 295 10.87 -26.17 7.81
N TRP F 296 10.05 -26.00 8.86
CA TRP F 296 9.26 -27.15 9.36
C TRP F 296 8.35 -27.66 8.24
N TYR F 297 7.67 -26.76 7.54
CA TYR F 297 6.79 -27.16 6.42
C TYR F 297 7.63 -27.73 5.27
N VAL F 298 8.81 -27.16 5.00
CA VAL F 298 9.70 -27.64 3.89
C VAL F 298 10.09 -29.09 4.17
N HIS F 299 10.44 -29.41 5.42
CA HIS F 299 10.84 -30.80 5.79
C HIS F 299 9.65 -31.73 5.61
N ARG F 300 8.43 -31.28 5.93
CA ARG F 300 7.23 -32.15 5.87
C ARG F 300 6.62 -32.19 4.47
N THR F 301 7.16 -31.43 3.51
CA THR F 301 6.66 -31.53 2.11
C THR F 301 7.73 -32.05 1.14
N GLN F 302 8.79 -32.68 1.63
CA GLN F 302 9.88 -33.09 0.71
C GLN F 302 10.21 -34.58 0.90
N HIS F 303 10.80 -35.22 -0.12
CA HIS F 303 11.20 -36.65 -0.02
C HIS F 303 10.01 -37.55 0.30
N GLY F 304 8.83 -37.27 -0.26
CA GLY F 304 7.66 -38.16 -0.09
C GLY F 304 6.82 -37.84 1.13
N TRP F 305 7.25 -36.88 1.95
CA TRP F 305 6.43 -36.45 3.13
C TRP F 305 5.16 -35.75 2.66
N VAL F 306 5.17 -35.17 1.45
CA VAL F 306 3.97 -34.49 0.90
C VAL F 306 2.84 -35.51 0.77
N PHE F 307 3.16 -36.74 0.37
CA PHE F 307 2.11 -37.78 0.17
C PHE F 307 1.42 -38.08 1.51
N VAL F 308 2.18 -38.14 2.60
CA VAL F 308 1.59 -38.39 3.95
C VAL F 308 0.68 -37.21 4.32
N ALA F 309 1.10 -35.98 4.00
CA ALA F 309 0.27 -34.79 4.30
C ALA F 309 -1.03 -34.86 3.50
N LEU F 310 -0.97 -35.24 2.22
CA LEU F 310 -2.19 -35.38 1.38
C LEU F 310 -3.10 -36.47 1.95
N ALA F 311 -2.51 -37.58 2.40
CA ALA F 311 -3.31 -38.69 2.98
C ALA F 311 -4.04 -38.21 4.24
N LEU F 312 -3.37 -37.42 5.07
CA LEU F 312 -4.04 -36.86 6.29
C LEU F 312 -5.18 -35.94 5.87
N MET F 313 -4.97 -35.13 4.84
CA MET F 313 -6.02 -34.18 4.39
C MET F 313 -7.23 -34.98 3.89
N LEU F 314 -7.00 -36.09 3.19
CA LEU F 314 -8.13 -36.83 2.58
C LEU F 314 -8.70 -37.86 3.56
N PHE F 315 -7.88 -38.86 3.94
CA PHE F 315 -8.41 -39.94 4.82
C PHE F 315 -8.69 -39.46 6.24
N ALA F 316 -7.78 -38.69 6.85
CA ALA F 316 -7.95 -38.26 8.25
C ALA F 316 -9.10 -37.26 8.41
N PHE F 317 -9.28 -36.34 7.45
CA PHE F 317 -10.32 -35.29 7.65
C PHE F 317 -11.58 -35.53 6.81
N ALA F 318 -11.47 -35.55 5.48
CA ALA F 318 -12.69 -35.63 4.63
C ALA F 318 -13.47 -36.92 4.85
N LEU F 319 -12.79 -38.07 4.90
CA LEU F 319 -13.56 -39.35 4.99
C LEU F 319 -14.36 -39.45 6.31
N PRO F 320 -13.81 -39.16 7.51
CA PRO F 320 -14.60 -39.16 8.74
C PRO F 320 -15.68 -38.08 8.74
N PHE F 321 -15.36 -36.89 8.23
CA PHE F 321 -16.32 -35.76 8.30
C PHE F 321 -17.59 -36.15 7.51
N PHE F 322 -17.43 -36.69 6.30
CA PHE F 322 -18.59 -37.12 5.49
C PHE F 322 -19.31 -38.31 6.14
N VAL F 323 -18.57 -39.31 6.64
CA VAL F 323 -19.19 -40.53 7.23
C VAL F 323 -19.98 -40.17 8.50
N LEU F 324 -19.48 -39.23 9.31
CA LEU F 324 -20.13 -38.89 10.60
C LEU F 324 -21.09 -37.71 10.44
N LEU F 325 -21.42 -37.37 9.19
CA LEU F 325 -22.35 -36.24 8.90
C LEU F 325 -23.80 -36.76 8.95
N PHE F 326 -23.99 -38.04 9.30
CA PHE F 326 -25.35 -38.65 9.31
C PHE F 326 -25.77 -39.00 10.75
N ARG F 327 -27.08 -38.96 11.03
CA ARG F 327 -27.57 -39.34 12.38
C ARG F 327 -27.23 -40.81 12.58
N GLY F 328 -27.42 -41.65 11.56
CA GLY F 328 -26.97 -43.07 11.66
C GLY F 328 -25.44 -43.03 11.45
N THR F 329 -24.70 -44.05 11.88
CA THR F 329 -23.21 -44.11 11.81
C THR F 329 -22.66 -43.35 13.01
N LYS F 330 -23.52 -42.93 13.94
CA LYS F 330 -23.03 -42.33 15.21
C LYS F 330 -23.99 -42.98 16.21
N ARG F 331 -25.27 -43.11 15.85
CA ARG F 331 -26.25 -43.79 16.73
C ARG F 331 -25.88 -45.28 16.81
N ASN F 332 -25.48 -45.88 15.68
CA ASN F 332 -25.16 -47.34 15.66
C ASN F 332 -23.76 -47.57 16.24
N LEU F 333 -23.64 -48.43 17.26
CA LEU F 333 -22.33 -48.68 17.91
C LEU F 333 -21.34 -49.33 16.94
N ASN F 334 -21.78 -50.28 16.13
CA ASN F 334 -20.84 -51.01 15.24
C ASN F 334 -20.20 -50.05 14.22
N THR F 335 -21.02 -49.22 13.59
CA THR F 335 -20.51 -48.24 12.62
C THR F 335 -19.62 -47.23 13.35
N LEU F 336 -20.01 -46.78 14.55
CA LEU F 336 -19.13 -45.86 15.32
C LEU F 336 -17.81 -46.56 15.64
N ALA F 337 -17.81 -47.85 15.96
CA ALA F 337 -16.54 -48.57 16.21
C ALA F 337 -15.65 -48.64 14.97
N THR F 338 -16.21 -48.91 13.79
CA THR F 338 -15.35 -49.07 12.59
C THR F 338 -14.71 -47.74 12.24
N ILE F 339 -15.46 -46.65 12.34
CA ILE F 339 -14.88 -45.30 12.11
C ILE F 339 -13.83 -45.04 13.20
N ALA F 340 -14.12 -45.42 14.43
CA ALA F 340 -13.19 -45.15 15.55
C ALA F 340 -11.85 -45.87 15.34
N GLY F 341 -11.88 -47.10 14.86
CA GLY F 341 -10.61 -47.80 14.57
C GLY F 341 -9.85 -47.11 13.46
N TRP F 342 -10.55 -46.61 12.45
CA TRP F 342 -9.91 -45.90 11.31
C TRP F 342 -9.28 -44.60 11.81
N ILE F 343 -9.98 -43.88 12.69
CA ILE F 343 -9.47 -42.58 13.22
C ILE F 343 -8.19 -42.84 14.01
N VAL F 344 -8.14 -43.92 14.80
CA VAL F 344 -6.93 -44.25 15.60
C VAL F 344 -5.74 -44.50 14.67
N VAL F 345 -5.96 -45.25 13.57
CA VAL F 345 -4.87 -45.52 12.59
C VAL F 345 -4.42 -44.18 11.98
N MET F 346 -5.37 -43.30 11.67
CA MET F 346 -5.03 -41.96 11.11
C MET F 346 -4.26 -41.11 12.13
N ARG F 347 -4.60 -41.21 13.41
CA ARG F 347 -3.86 -40.46 14.48
C ARG F 347 -2.41 -40.96 14.53
N PHE F 348 -2.21 -42.27 14.40
CA PHE F 348 -0.83 -42.82 14.38
C PHE F 348 -0.07 -42.24 13.18
N VAL F 349 -0.72 -42.19 12.01
CA VAL F 349 -0.06 -41.64 10.78
C VAL F 349 0.22 -40.15 10.99
N ASP F 350 -0.72 -39.42 11.59
CA ASP F 350 -0.56 -37.95 11.78
C ASP F 350 0.65 -37.67 12.66
N MET F 351 0.77 -38.40 13.77
CA MET F 351 1.91 -38.20 14.71
C MET F 351 3.23 -38.63 14.05
N ALA F 352 3.20 -39.69 13.25
CA ALA F 352 4.43 -40.11 12.53
C ALA F 352 4.87 -38.96 11.61
N TRP F 353 3.92 -38.32 10.94
CA TRP F 353 4.24 -37.16 10.06
C TRP F 353 4.77 -35.99 10.92
N ILE F 354 4.22 -35.80 12.12
CA ILE F 354 4.70 -34.73 13.04
C ILE F 354 6.11 -35.03 13.60
N ILE F 355 6.41 -36.28 13.99
CA ILE F 355 7.69 -36.57 14.70
C ILE F 355 8.78 -37.19 13.81
N LEU F 356 8.44 -38.15 12.94
CA LEU F 356 9.47 -38.89 12.15
C LEU F 356 10.29 -38.00 11.19
N PRO F 357 9.77 -36.97 10.48
CA PRO F 357 10.59 -36.19 9.54
C PRO F 357 11.79 -35.53 10.22
N GLU F 358 11.70 -35.28 11.52
CA GLU F 358 12.85 -34.69 12.25
C GLU F 358 14.06 -35.62 12.09
N PHE F 359 13.86 -36.93 12.15
CA PHE F 359 15.02 -37.87 12.09
C PHE F 359 15.15 -38.55 10.72
N ARG F 360 14.08 -39.13 10.17
CA ARG F 360 14.22 -39.94 8.92
C ARG F 360 14.72 -39.13 7.72
N GLU F 361 14.13 -37.96 7.45
CA GLU F 361 14.54 -37.06 6.33
C GLU F 361 13.99 -37.59 5.00
N HIS F 362 13.54 -38.85 4.97
CA HIS F 362 12.96 -39.46 3.73
C HIS F 362 11.84 -40.41 4.16
N LEU F 363 10.77 -40.49 3.36
CA LEU F 363 9.64 -41.40 3.68
C LEU F 363 10.10 -42.86 3.65
N TRP F 364 10.93 -43.24 2.67
CA TRP F 364 11.35 -44.65 2.51
C TRP F 364 12.36 -45.04 3.60
N ASP F 365 12.90 -44.06 4.33
CA ASP F 365 13.91 -44.33 5.37
C ASP F 365 13.25 -44.82 6.67
N ILE F 366 11.92 -44.83 6.75
CA ILE F 366 11.23 -45.20 8.01
C ILE F 366 11.66 -46.63 8.39
N ALA F 367 12.06 -46.83 9.64
CA ALA F 367 12.56 -48.15 10.10
C ALA F 367 11.41 -49.00 10.65
N ILE F 368 11.63 -50.31 10.78
CA ILE F 368 10.59 -51.19 11.39
C ILE F 368 10.38 -50.73 12.84
N THR F 369 11.44 -50.28 13.50
CA THR F 369 11.35 -49.85 14.92
C THR F 369 10.34 -48.71 15.03
N ASP F 370 10.27 -47.83 14.03
CA ASP F 370 9.31 -46.70 14.09
C ASP F 370 7.90 -47.26 14.21
N VAL F 371 7.55 -48.29 13.43
CA VAL F 371 6.21 -48.95 13.59
C VAL F 371 6.17 -49.72 14.91
N ALA F 372 7.26 -50.38 15.30
CA ALA F 372 7.27 -51.25 16.50
C ALA F 372 7.01 -50.49 17.81
N ALA F 373 7.64 -49.32 18.00
CA ALA F 373 7.53 -48.61 19.30
C ALA F 373 6.09 -48.17 19.64
N PRO F 374 5.29 -47.58 18.73
CA PRO F 374 3.91 -47.21 19.07
C PRO F 374 3.03 -48.41 19.41
N ILE F 375 3.13 -49.50 18.64
CA ILE F 375 2.28 -50.71 18.89
C ILE F 375 2.65 -51.31 20.26
N GLY F 376 3.94 -51.36 20.60
CA GLY F 376 4.36 -51.97 21.88
C GLY F 376 3.95 -51.14 23.07
N LEU F 377 4.13 -49.82 23.00
CA LEU F 377 3.79 -48.92 24.10
C LEU F 377 2.28 -48.82 24.28
N ILE F 378 1.54 -48.72 23.17
CA ILE F 378 0.09 -48.65 23.30
C ILE F 378 -0.47 -49.98 23.77
N GLY F 379 0.19 -51.10 23.47
CA GLY F 379 -0.24 -52.38 24.01
C GLY F 379 -0.07 -52.44 25.51
N LEU F 380 1.04 -51.93 26.01
CA LEU F 380 1.22 -51.80 27.46
C LEU F 380 0.12 -50.92 28.06
N VAL F 381 -0.19 -49.81 27.40
CA VAL F 381 -1.23 -48.91 27.89
C VAL F 381 -2.58 -49.63 27.95
N ILE F 382 -2.92 -50.38 26.90
CA ILE F 382 -4.19 -51.08 26.86
C ILE F 382 -4.25 -52.15 27.95
N ALA F 383 -3.16 -52.89 28.14
CA ALA F 383 -3.13 -53.91 29.17
C ALA F 383 -3.34 -53.31 30.55
N LEU F 384 -2.66 -52.20 30.84
CA LEU F 384 -2.82 -51.54 32.13
C LEU F 384 -4.23 -50.99 32.30
N PHE F 385 -4.79 -50.43 31.22
CA PHE F 385 -6.15 -49.89 31.28
C PHE F 385 -7.16 -50.98 31.60
N ALA F 386 -7.04 -52.12 30.92
CA ALA F 386 -7.94 -53.24 31.17
C ALA F 386 -7.73 -53.86 32.54
N ALA F 387 -6.51 -53.83 33.07
CA ALA F 387 -6.29 -54.28 34.44
C ALA F 387 -6.95 -53.35 35.43
N ASN F 388 -6.85 -52.04 35.22
CA ASN F 388 -7.42 -51.08 36.16
C ASN F 388 -8.94 -51.06 36.12
N VAL F 389 -9.54 -51.16 34.93
CA VAL F 389 -10.98 -50.98 34.81
C VAL F 389 -11.76 -52.10 35.51
N GLN F 390 -11.15 -53.27 35.72
CA GLN F 390 -11.82 -54.35 36.42
C GLN F 390 -11.74 -54.24 37.93
N GLN F 391 -11.05 -53.22 38.45
CA GLN F 391 -10.95 -53.06 39.90
C GLN F 391 -12.27 -52.61 40.51
N ALA F 392 -13.05 -51.82 39.79
CA ALA F 392 -14.28 -51.25 40.32
C ALA F 392 -15.40 -51.41 39.31
N PRO F 393 -16.66 -51.44 39.76
CA PRO F 393 -17.78 -51.56 38.82
C PRO F 393 -17.91 -50.34 37.93
N LEU F 394 -18.43 -50.55 36.73
CA LEU F 394 -18.68 -49.46 35.81
C LEU F 394 -19.99 -48.77 36.15
N LEU F 395 -20.14 -47.52 35.67
CA LEU F 395 -21.35 -46.73 35.89
C LEU F 395 -21.71 -46.65 37.37
N PRO F 396 -20.99 -45.85 38.15
CA PRO F 396 -21.24 -45.81 39.61
C PRO F 396 -22.69 -45.51 39.91
N LEU F 397 -23.38 -46.49 40.50
CA LEU F 397 -24.82 -46.38 40.71
C LEU F 397 -25.16 -45.19 41.60
N ARG F 398 -24.33 -44.92 42.59
CA ARG F 398 -24.59 -43.82 43.53
C ARG F 398 -23.96 -42.55 42.96
N ASP F 399 -24.80 -41.73 42.32
CA ASP F 399 -24.35 -40.51 41.68
C ASP F 399 -25.56 -39.62 41.43
N PRO F 400 -25.49 -38.33 41.80
CA PRO F 400 -26.59 -37.42 41.48
C PRO F 400 -26.78 -37.15 40.00
N ASN F 401 -25.90 -37.66 39.14
CA ASN F 401 -26.06 -37.54 37.70
C ASN F 401 -26.63 -38.80 37.06
N MET F 402 -26.94 -39.82 37.87
CA MET F 402 -27.45 -41.10 37.33
C MET F 402 -28.82 -40.86 36.71
N GLU F 403 -29.42 -39.70 37.01
CA GLU F 403 -30.78 -39.38 36.50
C GLU F 403 -30.70 -38.97 35.03
N GLN F 404 -29.53 -38.51 34.58
CA GLN F 404 -29.35 -38.11 33.15
C GLN F 404 -29.35 -39.36 32.27
N LEU F 405 -28.96 -40.50 32.81
CA LEU F 405 -28.96 -41.77 32.05
C LEU F 405 -30.41 -42.27 31.93
N GLN F 406 -31.25 -41.95 32.92
CA GLN F 406 -32.68 -42.35 32.87
C GLN F 406 -33.45 -41.24 32.16
N ASN F 407 -32.75 -40.20 31.71
CA ASN F 407 -33.38 -39.06 30.98
C ASN F 407 -34.60 -38.56 31.78
N LEU G 32 -50.79 -19.21 -7.56
CA LEU G 32 -51.34 -19.70 -8.82
C LEU G 32 -50.31 -19.54 -9.94
N SER G 33 -50.23 -20.56 -10.80
CA SER G 33 -49.22 -20.56 -11.86
C SER G 33 -49.52 -19.51 -12.91
N ARG G 34 -50.79 -19.27 -13.21
CA ARG G 34 -51.14 -18.32 -14.27
C ARG G 34 -50.66 -16.93 -13.93
N LEU G 35 -50.86 -16.50 -12.69
CA LEU G 35 -50.41 -15.17 -12.28
C LEU G 35 -48.89 -15.08 -12.25
N MET G 36 -48.21 -16.15 -11.85
CA MET G 36 -46.75 -16.17 -11.91
C MET G 36 -46.25 -16.01 -13.33
N ILE G 37 -46.88 -16.70 -14.28
CA ILE G 37 -46.47 -16.60 -15.68
C ILE G 37 -46.76 -15.20 -16.23
N ALA G 38 -47.91 -14.63 -15.85
CA ALA G 38 -48.23 -13.28 -16.29
C ALA G 38 -47.22 -12.27 -15.78
N GLY G 39 -46.86 -12.38 -14.49
CA GLY G 39 -45.83 -11.50 -13.95
C GLY G 39 -44.48 -11.70 -14.62
N LEU G 40 -44.14 -12.94 -14.92
CA LEU G 40 -42.89 -13.21 -15.63
C LEU G 40 -42.89 -12.56 -17.01
N MET G 41 -44.02 -12.64 -17.72
CA MET G 41 -44.09 -12.03 -19.05
C MET G 41 -44.00 -10.52 -18.97
N VAL G 42 -44.65 -9.92 -17.97
CA VAL G 42 -44.56 -8.47 -17.80
C VAL G 42 -43.12 -8.06 -17.49
N PHE G 43 -42.45 -8.81 -16.62
CA PHE G 43 -41.06 -8.52 -16.28
C PHE G 43 -40.17 -8.69 -17.50
N LEU G 44 -40.42 -9.71 -18.31
CA LEU G 44 -39.64 -9.92 -19.52
C LEU G 44 -39.80 -8.75 -20.49
N VAL G 45 -41.04 -8.29 -20.68
CA VAL G 45 -41.28 -7.16 -21.58
C VAL G 45 -40.57 -5.92 -21.06
N LEU G 46 -40.65 -5.67 -19.76
CA LEU G 46 -39.98 -4.51 -19.18
C LEU G 46 -38.47 -4.61 -19.36
N SER G 47 -37.90 -5.80 -19.15
CA SER G 47 -36.46 -5.98 -19.29
C SER G 47 -36.02 -5.77 -20.73
N LEU G 48 -36.78 -6.29 -21.70
CA LEU G 48 -36.44 -6.06 -23.10
C LEU G 48 -36.53 -4.57 -23.45
N VAL G 49 -37.54 -3.87 -22.94
CA VAL G 49 -37.64 -2.45 -23.20
C VAL G 49 -36.44 -1.71 -22.62
N VAL G 50 -36.03 -2.06 -21.41
CA VAL G 50 -34.87 -1.41 -20.78
C VAL G 50 -33.61 -1.69 -21.59
N LEU G 51 -33.43 -2.94 -22.02
CA LEU G 51 -32.25 -3.29 -22.80
C LEU G 51 -32.20 -2.53 -24.11
N LEU G 52 -33.35 -2.39 -24.78
CA LEU G 52 -33.40 -1.62 -26.01
C LEU G 52 -33.12 -0.14 -25.74
N ALA G 53 -33.61 0.37 -24.60
CA ALA G 53 -33.39 1.80 -24.26
C ALA G 53 -31.90 2.10 -24.13
N GLY G 54 -31.13 1.14 -23.61
CA GLY G 54 -29.67 1.33 -23.43
C GLY G 54 -28.95 1.51 -24.76
N ARG G 55 -29.36 0.77 -25.79
CA ARG G 55 -28.68 0.82 -27.11
C ARG G 55 -29.51 1.67 -28.09
N LEU G 56 -30.41 2.51 -27.59
CA LEU G 56 -31.32 3.28 -28.49
C LEU G 56 -30.57 4.19 -29.47
N PRO G 57 -29.52 4.97 -29.10
CA PRO G 57 -28.78 5.75 -30.10
C PRO G 57 -28.29 4.67 -31.06
N PHE G 58 -28.80 4.66 -32.30
CA PHE G 58 -28.43 3.62 -33.26
C PHE G 58 -27.31 4.26 -34.07
N THR G 59 -26.39 3.43 -34.55
CA THR G 59 -25.26 3.95 -35.30
C THR G 59 -25.75 4.70 -36.53
N PRO G 60 -25.31 5.93 -36.73
CA PRO G 60 -25.81 6.73 -37.86
C PRO G 60 -25.42 6.11 -39.19
N GLN G 61 -26.27 6.32 -40.19
CA GLN G 61 -25.97 5.89 -41.55
C GLN G 61 -25.85 7.13 -42.43
N PRO G 62 -24.65 7.67 -42.63
CA PRO G 62 -24.51 8.91 -43.41
C PRO G 62 -24.89 8.72 -44.86
N ALA G 63 -25.38 9.79 -45.47
CA ALA G 63 -25.71 9.76 -46.88
C ALA G 63 -24.45 9.58 -47.71
N PRO G 64 -24.49 8.76 -48.75
CA PRO G 64 -23.29 8.55 -49.58
C PRO G 64 -22.91 9.83 -50.33
N VAL G 65 -21.64 9.86 -50.75
CA VAL G 65 -21.06 11.02 -51.42
C VAL G 65 -21.66 11.17 -52.82
N THR G 66 -21.42 12.32 -53.44
CA THR G 66 -21.96 12.62 -54.76
C THR G 66 -21.20 11.85 -55.85
N GLY G 67 -21.57 12.15 -57.10
CA GLY G 67 -20.98 11.42 -58.21
C GLY G 67 -19.50 11.70 -58.39
N ASN G 68 -19.11 12.97 -58.30
CA ASN G 68 -17.73 13.36 -58.58
C ASN G 68 -16.91 13.30 -57.31
N THR G 69 -15.76 12.61 -57.37
CA THR G 69 -14.88 12.44 -56.23
C THR G 69 -13.43 12.49 -56.69
N TYR G 70 -12.52 12.35 -55.73
CA TYR G 70 -11.09 12.40 -56.03
C TYR G 70 -10.56 11.10 -56.61
N ARG G 71 -11.33 10.01 -56.52
CA ARG G 71 -10.80 8.71 -56.89
C ARG G 71 -10.43 8.64 -58.36
N THR G 72 -11.21 9.31 -59.22
CA THR G 72 -10.91 9.27 -60.65
C THR G 72 -9.55 9.88 -60.96
N TYR G 73 -9.24 11.04 -60.36
CA TYR G 73 -7.96 11.68 -60.60
C TYR G 73 -6.80 10.82 -60.12
N VAL G 74 -6.92 10.28 -58.92
CA VAL G 74 -5.84 9.48 -58.34
C VAL G 74 -5.63 8.20 -59.14
N ASN G 75 -6.72 7.55 -59.53
CA ASN G 75 -6.60 6.32 -60.31
C ASN G 75 -5.98 6.59 -61.67
N ASP G 76 -6.41 7.66 -62.35
CA ASP G 76 -5.82 8.00 -63.64
C ASP G 76 -4.34 8.32 -63.51
N ALA G 77 -3.97 9.10 -62.50
CA ALA G 77 -2.56 9.45 -62.32
C ALA G 77 -1.72 8.24 -61.97
N ARG G 78 -2.25 7.35 -61.13
CA ARG G 78 -1.51 6.14 -60.76
C ARG G 78 -1.33 5.22 -61.96
N THR G 79 -2.34 5.13 -62.82
CA THR G 79 -2.17 4.38 -64.07
C THR G 79 -1.13 5.03 -64.96
N LEU G 80 -1.10 6.37 -65.00
CA LEU G 80 -0.14 7.07 -65.85
C LEU G 80 1.29 6.92 -65.34
N LEU G 81 1.47 6.82 -64.02
CA LEU G 81 2.82 6.84 -63.45
C LEU G 81 3.65 5.62 -63.86
N ASN G 82 3.02 4.57 -64.39
CA ASN G 82 3.74 3.42 -64.88
C ASN G 82 3.24 3.06 -66.28
N SER G 83 3.66 1.89 -66.76
CA SER G 83 3.25 1.33 -68.05
C SER G 83 3.73 2.18 -69.24
N TYR G 84 4.78 2.96 -69.05
CA TYR G 84 5.46 3.69 -70.14
C TYR G 84 4.45 4.64 -70.79
N GLY G 85 4.36 4.68 -72.12
CA GLY G 85 3.45 5.59 -72.78
C GLY G 85 4.16 6.70 -73.54
N TYR G 86 3.35 7.50 -74.23
CA TYR G 86 3.84 8.62 -75.03
C TYR G 86 3.05 9.87 -74.66
N THR G 87 3.73 10.83 -74.04
CA THR G 87 3.11 12.10 -73.74
C THR G 87 2.98 12.94 -75.02
N MET G 88 2.01 13.86 -75.01
CA MET G 88 1.69 14.60 -76.23
C MET G 88 2.83 15.54 -76.61
N GLU G 89 3.33 16.34 -75.67
CA GLU G 89 4.35 17.33 -76.00
C GLU G 89 5.71 16.68 -76.15
N GLY G 90 6.03 15.69 -75.32
CA GLY G 90 7.33 15.06 -75.33
C GLY G 90 7.32 13.71 -76.03
N LYS G 91 8.35 12.90 -75.78
CA LYS G 91 8.47 11.62 -76.45
C LYS G 91 7.92 10.45 -75.64
N VAL G 92 8.48 10.18 -74.47
CA VAL G 92 8.21 8.90 -73.81
C VAL G 92 8.11 9.10 -72.29
N HIS G 93 7.25 8.30 -71.67
CA HIS G 93 7.18 8.22 -70.22
C HIS G 93 8.21 7.22 -69.69
N ILE G 94 8.33 7.16 -68.36
CA ILE G 94 9.22 6.17 -67.70
C ILE G 94 8.44 5.72 -66.46
N PRO G 95 8.29 4.42 -66.11
CA PRO G 95 7.51 4.05 -64.93
C PRO G 95 8.10 4.63 -63.65
N ILE G 96 7.27 4.93 -62.66
CA ILE G 96 7.80 5.40 -61.35
C ILE G 96 8.56 4.22 -60.73
N ASP G 97 9.63 4.50 -59.96
CA ASP G 97 10.51 3.45 -59.36
C ASP G 97 11.59 3.06 -60.40
N ARG G 98 11.37 3.41 -61.67
CA ARG G 98 12.41 3.18 -62.71
C ARG G 98 13.14 4.52 -62.86
N ALA G 99 12.39 5.62 -62.93
CA ALA G 99 12.99 6.98 -62.98
C ALA G 99 13.75 7.24 -61.68
N MET G 100 13.19 6.81 -60.54
CA MET G 100 13.86 7.00 -59.23
C MET G 100 15.18 6.22 -59.23
N ASP G 101 15.17 5.00 -59.76
CA ASP G 101 16.42 4.19 -59.86
C ASP G 101 17.40 4.91 -60.78
N LEU G 102 16.92 5.49 -61.88
CA LEU G 102 17.80 6.24 -62.81
C LEU G 102 18.38 7.45 -62.08
N ILE G 103 17.57 8.13 -61.27
CA ILE G 103 18.04 9.35 -60.54
C ILE G 103 19.20 8.99 -59.61
N VAL G 104 19.09 7.87 -58.88
CA VAL G 104 20.22 7.44 -58.00
C VAL G 104 21.44 7.05 -58.85
N GLU G 105 21.23 6.40 -60.00
CA GLU G 105 22.36 5.91 -60.83
C GLU G 105 23.18 7.11 -61.32
N ARG G 106 22.52 8.16 -61.81
CA ARG G 106 23.23 9.34 -62.37
C ARG G 106 23.59 10.28 -61.23
N GLY G 107 22.78 10.29 -60.17
CA GLY G 107 23.04 11.12 -59.01
C GLY G 107 22.71 12.58 -59.24
N LEU G 108 22.84 13.36 -58.17
CA LEU G 108 22.59 14.79 -58.18
C LEU G 108 23.80 15.51 -57.59
N PRO G 109 24.04 16.76 -57.99
CA PRO G 109 25.17 17.51 -57.44
C PRO G 109 25.04 17.69 -55.93
N VAL G 110 26.17 17.70 -55.24
CA VAL G 110 26.23 17.84 -53.79
C VAL G 110 27.04 19.08 -53.46
N ARG G 111 26.54 19.89 -52.53
CA ARG G 111 27.21 21.10 -52.05
C ARG G 111 27.48 22.08 -53.20
N MET H 1 -42.26 -38.28 6.32
CA MET H 1 -43.26 -37.25 6.42
C MET H 1 -43.45 -36.55 5.08
N GLN H 2 -44.65 -36.58 4.54
CA GLN H 2 -44.95 -35.97 3.25
C GLN H 2 -44.93 -34.46 3.32
N PRO H 3 -44.61 -33.79 2.22
CA PRO H 3 -44.70 -32.35 2.27
C PRO H 3 -46.13 -31.93 2.41
N GLU H 4 -46.40 -30.74 2.95
CA GLU H 4 -47.77 -30.30 3.19
C GLU H 4 -48.53 -30.22 1.91
N TRP H 5 -47.88 -29.83 0.84
CA TRP H 5 -48.52 -29.67 -0.45
C TRP H 5 -48.61 -30.94 -1.31
N SER H 6 -48.17 -32.07 -0.78
CA SER H 6 -48.17 -33.30 -1.54
C SER H 6 -49.56 -33.67 -1.95
N GLY H 7 -49.72 -34.11 -3.20
CA GLY H 7 -51.05 -34.41 -3.70
C GLY H 7 -51.81 -33.21 -4.20
N ASP H 8 -51.13 -32.32 -4.91
CA ASP H 8 -51.78 -31.08 -5.37
C ASP H 8 -51.58 -30.90 -6.86
N PRO H 9 -52.63 -30.47 -7.56
CA PRO H 9 -52.43 -30.21 -8.98
C PRO H 9 -51.42 -29.12 -9.21
N GLU H 10 -51.44 -28.08 -8.40
CA GLU H 10 -50.57 -26.93 -8.57
C GLU H 10 -49.07 -27.13 -8.31
N VAL H 11 -48.63 -28.25 -7.74
CA VAL H 11 -47.22 -28.40 -7.42
C VAL H 11 -46.29 -28.39 -8.62
N LYS H 12 -46.58 -29.22 -9.60
CA LYS H 12 -45.76 -29.19 -10.79
C LYS H 12 -45.86 -27.85 -11.48
N PRO H 13 -47.08 -27.29 -11.60
CA PRO H 13 -47.05 -26.00 -12.27
C PRO H 13 -46.20 -24.94 -11.54
N VAL H 14 -46.27 -24.84 -10.22
CA VAL H 14 -45.50 -23.82 -9.54
C VAL H 14 -44.01 -24.07 -9.64
N PHE H 15 -43.60 -25.34 -9.57
CA PHE H 15 -42.19 -25.62 -9.73
C PHE H 15 -41.75 -25.18 -11.11
N LEU H 16 -42.56 -25.47 -12.13
CA LEU H 16 -42.20 -25.11 -13.46
C LEU H 16 -42.07 -23.61 -13.59
N ALA H 17 -42.99 -22.87 -13.00
CA ALA H 17 -42.95 -21.43 -13.13
C ALA H 17 -41.72 -20.88 -12.50
N VAL H 18 -41.38 -21.40 -11.33
CA VAL H 18 -40.15 -20.93 -10.68
C VAL H 18 -38.92 -21.23 -11.54
N THR H 19 -38.84 -22.43 -12.11
CA THR H 19 -37.71 -22.71 -12.97
C THR H 19 -37.65 -21.80 -14.21
N LEU H 20 -38.78 -21.53 -14.86
CA LEU H 20 -38.79 -20.69 -16.03
C LEU H 20 -38.37 -19.27 -15.66
N THR H 21 -38.88 -18.75 -14.55
CA THR H 21 -38.48 -17.43 -14.09
C THR H 21 -37.00 -17.40 -13.94
N GLY H 22 -36.48 -18.40 -13.27
CA GLY H 22 -35.05 -18.43 -13.02
C GLY H 22 -34.28 -18.47 -14.31
N MET H 23 -34.68 -19.25 -15.27
CA MET H 23 -33.89 -19.34 -16.48
C MET H 23 -33.89 -18.03 -17.20
N VAL H 24 -35.04 -17.37 -17.25
CA VAL H 24 -35.13 -16.10 -17.95
C VAL H 24 -34.22 -15.12 -17.27
N ALA H 25 -34.23 -15.10 -15.94
CA ALA H 25 -33.44 -14.11 -15.25
C ALA H 25 -32.01 -14.38 -15.57
N PHE H 26 -31.63 -15.65 -15.54
CA PHE H 26 -30.25 -15.97 -15.75
C PHE H 26 -29.83 -15.56 -17.12
N LEU H 27 -30.59 -15.85 -18.15
CA LEU H 27 -30.14 -15.50 -19.46
C LEU H 27 -30.04 -14.02 -19.57
N LEU H 28 -30.99 -13.27 -19.04
CA LEU H 28 -30.91 -11.83 -19.24
C LEU H 28 -29.70 -11.26 -18.54
N MET H 29 -29.42 -11.74 -17.34
CA MET H 29 -28.28 -11.24 -16.61
C MET H 29 -27.04 -11.57 -17.35
N VAL H 30 -26.95 -12.78 -17.87
CA VAL H 30 -25.77 -13.21 -18.56
C VAL H 30 -25.61 -12.28 -19.73
N TRP H 31 -26.65 -11.97 -20.49
CA TRP H 31 -26.50 -11.15 -21.68
C TRP H 31 -25.99 -9.81 -21.27
N LEU H 32 -26.59 -9.21 -20.28
CA LEU H 32 -26.17 -7.85 -19.96
C LEU H 32 -24.74 -7.83 -19.51
N PHE H 33 -24.33 -8.79 -18.71
CA PHE H 33 -22.99 -8.70 -18.17
C PHE H 33 -21.89 -9.30 -19.00
N ALA H 34 -22.26 -10.00 -20.06
CA ALA H 34 -21.26 -10.70 -20.85
C ALA H 34 -21.33 -10.32 -22.28
N PHE H 35 -22.54 -10.28 -22.83
CA PHE H 35 -22.60 -9.98 -24.27
C PHE H 35 -23.07 -8.62 -24.79
N TYR H 36 -23.73 -7.83 -23.98
CA TYR H 36 -24.28 -6.55 -24.43
C TYR H 36 -23.20 -5.56 -24.83
N TRP H 37 -22.17 -5.44 -24.02
CA TRP H 37 -21.09 -4.49 -24.29
C TRP H 37 -21.63 -3.16 -24.78
FE HEC I . -7.32 -0.47 -16.32
CHA HEC I . -9.83 1.76 -16.11
CHB HEC I . -7.72 -1.20 -13.02
CHC HEC I . -4.84 -2.75 -16.48
CHD HEC I . -6.83 0.25 -19.60
NA HEC I . -8.46 0.15 -14.92
C1A HEC I . -9.50 1.05 -15.01
C2A HEC I . -10.22 1.15 -13.76
C3A HEC I . -9.65 0.32 -12.91
C4A HEC I . -8.55 -0.29 -13.60
CMA HEC I . -10.05 0.07 -11.44
CAA HEC I . -11.46 2.04 -13.49
CBA HEC I . -11.01 3.24 -12.66
CGA HEC I . -12.21 4.04 -12.24
O1A HEC I . -13.30 3.83 -12.82
O2A HEC I . -12.06 4.90 -11.33
NB HEC I . -6.54 -1.70 -15.09
C1B HEC I . -6.75 -1.81 -13.73
C2B HEC I . -5.77 -2.66 -13.10
C3B HEC I . -4.97 -3.10 -14.05
C4B HEC I . -5.43 -2.52 -15.29
CMB HEC I . -5.72 -2.97 -11.59
CAB HEC I . -3.75 -4.04 -13.92
CBB HEC I . -4.17 -5.45 -13.46
NC HEC I . -6.11 -1.06 -17.67
C1C HEC I . -5.18 -2.09 -17.60
C2C HEC I . -4.76 -2.50 -18.92
C3C HEC I . -5.13 -1.54 -19.74
C4C HEC I . -6.08 -0.72 -19.03
CMC HEC I . -3.56 -3.43 -19.18
CAC HEC I . -4.81 -1.51 -21.25
CBC HEC I . -3.77 -2.38 -21.83
ND HEC I . -8.11 0.76 -17.56
C1D HEC I . -7.84 0.88 -18.93
C2D HEC I . -8.78 1.75 -19.59
C3D HEC I . -9.71 2.22 -18.50
C4D HEC I . -9.23 1.57 -17.30
CMD HEC I . -8.84 2.13 -21.08
CAD HEC I . -10.91 3.17 -18.64
CBD HEC I . -12.21 2.40 -18.48
CGD HEC I . -13.36 3.30 -18.89
O1D HEC I . -13.09 4.46 -19.26
O2D HEC I . -14.53 2.83 -18.85
FE HEC J . -3.00 -1.12 -27.38
CHA HEC J . 0.30 -1.80 -27.40
CHB HEC J . -2.49 1.14 -24.89
CHC HEC J . -6.35 -0.65 -27.07
CHD HEC J . -3.56 -3.15 -30.00
NA HEC J . -1.49 -0.51 -26.39
C1A HEC J . -0.16 -0.87 -26.53
C2A HEC J . 0.70 -0.11 -25.66
C3A HEC J . -0.08 0.70 -24.96
C4A HEC J . -1.44 0.47 -25.40
CMA HEC J . 0.38 1.71 -23.89
CAA HEC J . 2.24 -0.21 -25.52
CBA HEC J . 2.61 -1.57 -24.95
CGA HEC J . 3.92 -1.47 -24.24
O1A HEC J . 4.52 -2.53 -23.91
O2A HEC J . 4.38 -0.33 -23.99
NB HEC J . -4.13 -0.02 -26.30
C1B HEC J . -3.76 0.82 -25.27
C2B HEC J . -4.91 1.37 -24.59
C3B HEC J . -5.98 0.89 -25.18
C4B HEC J . -5.52 0.02 -26.24
CMB HEC J . -4.85 2.35 -23.40
CAB HEC J . -7.46 1.17 -24.83
CBB HEC J . -7.86 2.63 -25.16
NC HEC J . -4.56 -1.72 -28.31
C1C HEC J . -5.89 -1.47 -28.04
C2C HEC J . -6.74 -2.03 -29.06
C3C HEC J . -5.99 -2.88 -29.74
C4C HEC J . -4.62 -2.61 -29.38
CMC HEC J . -8.28 -2.14 -28.92
CAC HEC J . -6.46 -3.81 -30.88
CBC HEC J . -6.95 -2.98 -32.09
ND HEC J . -1.89 -2.24 -28.45
C1D HEC J . -2.28 -3.01 -29.55
C2D HEC J . -1.16 -3.63 -30.21
C3D HEC J . 0.05 -3.20 -29.40
C4D HEC J . -0.49 -2.37 -28.35
CMD HEC J . -1.18 -4.53 -31.46
CAD HEC J . 1.53 -3.58 -29.64
CBD HEC J . 2.02 -4.50 -28.55
CGD HEC J . 3.51 -4.63 -28.64
O1D HEC J . 4.13 -5.28 -27.75
O2D HEC J . 4.10 -4.10 -29.62
FE HEC K . -6.85 7.55 -32.55
CHA HEC K . -7.72 9.74 -30.14
CHB HEC K . -6.95 10.03 -34.84
CHC HEC K . -5.50 5.48 -34.86
CHD HEC K . -7.60 4.93 -30.63
NA HEC K . -7.28 9.42 -32.51
C1A HEC K . -7.55 10.21 -31.40
C2A HEC K . -7.61 11.60 -31.77
C3A HEC K . -7.41 11.68 -33.07
C4A HEC K . -7.21 10.33 -33.55
CMA HEC K . -7.38 12.96 -33.93
CAA HEC K . -7.89 12.77 -30.80
CBA HEC K . -6.61 13.56 -30.53
CGA HEC K . -5.74 12.76 -29.61
O1A HEC K . -6.27 12.08 -28.70
O2A HEC K . -4.49 12.79 -29.78
NB HEC K . -6.41 7.69 -34.41
C1B HEC K . -6.41 8.84 -35.19
C2B HEC K . -5.72 8.64 -36.43
C3B HEC K . -5.33 7.37 -36.47
C4B HEC K . -5.74 6.78 -35.21
CMB HEC K . -5.52 9.68 -37.54
CAB HEC K . -4.53 6.72 -37.63
CBB HEC K . -5.37 5.80 -38.52
NC HEC K . -6.69 5.67 -32.74
C1C HEC K . -5.95 4.98 -33.70
C2C HEC K . -5.78 3.60 -33.33
C3C HEC K . -6.29 3.44 -32.12
C4C HEC K . -6.90 4.71 -31.76
CMC HEC K . -4.93 2.56 -34.10
CAC HEC K . -6.26 2.10 -31.33
CBC HEC K . -7.67 1.54 -31.06
ND HEC K . -7.57 7.38 -30.79
C1D HEC K . -7.74 6.18 -30.09
C2D HEC K . -8.04 6.40 -28.70
C3D HEC K . -8.07 7.91 -28.55
C4D HEC K . -7.78 8.41 -29.86
CMD HEC K . -8.27 5.33 -27.61
CAD HEC K . -8.36 8.70 -27.26
CBD HEC K . -7.07 9.38 -26.79
CGD HEC K . -7.31 10.07 -25.48
O1D HEC K . -6.34 10.65 -24.93
O2D HEC K . -8.47 10.05 -24.98
FE HEC L . -9.59 14.07 -38.53
CHA HEC L . -11.18 15.05 -35.74
CHB HEC L . -9.58 10.88 -37.40
CHC HEC L . -8.62 12.98 -41.58
CHD HEC L . -9.01 17.22 -39.47
NA HEC L . -10.22 13.18 -36.96
C1A HEC L . -10.88 13.74 -35.88
C2A HEC L . -11.21 12.72 -34.89
C3A HEC L . -10.75 11.58 -35.36
C4A HEC L . -10.14 11.84 -36.64
CMA HEC L . -10.87 10.20 -34.66
CAA HEC L . -11.93 12.90 -33.54
CBA HEC L . -11.17 13.85 -32.63
CGA HEC L . -11.47 13.52 -31.20
O1A HEC L . -11.23 14.38 -30.32
O2A HEC L . -11.95 12.39 -30.92
NB HEC L . -9.15 12.37 -39.29
C1B HEC L . -9.27 11.11 -38.70
C2B HEC L . -9.03 10.05 -39.66
C3B HEC L . -8.76 10.64 -40.81
C4B HEC L . -8.84 12.07 -40.60
CMB HEC L . -9.08 8.55 -39.35
CAB HEC L . -8.44 9.95 -42.16
CBB HEC L . -9.70 9.30 -42.74
NC HEC L . -8.91 14.89 -40.11
C1C HEC L . -8.65 14.31 -41.34
C2C HEC L . -8.56 15.30 -42.38
C3C HEC L . -8.52 16.47 -41.79
C4C HEC L . -8.82 16.25 -40.39
CMC HEC L . -8.12 15.03 -43.84
CAC HEC L . -8.37 17.84 -42.52
CBC HEC L . -7.08 18.57 -42.14
ND HEC L . -9.99 15.76 -37.76
C1D HEC L . -9.69 17.02 -38.31
C2D HEC L . -10.21 18.09 -37.52
C3D HEC L . -10.89 17.41 -36.34
C4D HEC L . -10.70 16.00 -36.58
CMD HEC L . -10.10 19.61 -37.77
CAD HEC L . -11.63 18.08 -35.16
CBD HEC L . -13.00 18.51 -35.66
CGD HEC L . -13.98 17.40 -35.42
O1D HEC L . -13.70 16.54 -34.55
O2D HEC L . -15.04 17.38 -36.10
FE HEC M . -12.05 22.70 -46.18
CHA HEC M . -15.01 22.88 -47.78
CHB HEC M . -13.62 23.53 -43.26
CHC HEC M . -9.15 22.38 -44.47
CHD HEC M . -10.41 22.08 -49.06
NA HEC M . -13.84 23.09 -45.65
C1A HEC M . -14.98 23.15 -46.45
C2A HEC M . -16.15 23.53 -45.70
C3A HEC M . -15.76 23.71 -44.45
C4A HEC M . -14.35 23.44 -44.40
CMA HEC M . -16.67 24.12 -43.26
CAA HEC M . -17.58 23.71 -46.24
CBA HEC M . -17.72 25.10 -46.84
CGA HEC M . -18.99 25.18 -47.64
O1A HEC M . -19.72 24.15 -47.72
O2A HEC M . -19.28 26.27 -48.20
NB HEC M . -11.53 22.89 -44.34
C1B HEC M . -12.30 23.27 -43.25
C2B HEC M . -11.51 23.34 -42.04
C3B HEC M . -10.27 23.03 -42.38
C4B HEC M . -10.27 22.75 -43.79
CMB HEC M . -12.05 23.74 -40.65
CAB HEC M . -9.02 22.97 -41.46
CBB HEC M . -9.12 21.79 -40.47
NC HEC M . -10.24 22.36 -46.64
C1C HEC M . -9.15 22.19 -45.81
C2C HEC M . -8.00 21.68 -46.51
C3C HEC M . -8.30 21.70 -47.79
C4C HEC M . -9.70 22.05 -47.90
CMC HEC M . -6.60 21.50 -45.90
CAC HEC M . -7.34 21.28 -48.93
CBC HEC M . -7.08 22.40 -49.96
ND HEC M . -12.57 22.55 -48.00
C1D HEC M . -11.75 22.23 -49.09
C2D HEC M . -12.50 22.09 -50.31
C3D HEC M . -13.95 22.34 -49.91
C4D HEC M . -13.89 22.61 -48.49
CMD HEC M . -11.97 21.74 -51.72
CAD HEC M . -15.23 22.32 -50.78
CBD HEC M . -15.19 23.43 -51.82
CGD HEC M . -16.61 23.80 -52.18
O1D HEC M . -17.54 23.34 -51.47
O2D HEC M . -16.80 24.56 -53.16
FE1 SF4 N . 22.79 12.74 -2.39
FE2 SF4 N . 23.14 10.62 -4.08
FE3 SF4 N . 20.75 10.96 -2.80
FE4 SF4 N . 22.96 10.20 -1.38
S1 SF4 N . 21.91 9.01 -3.03
S2 SF4 N . 21.46 11.81 -0.80
S3 SF4 N . 24.59 11.35 -2.49
S4 SF4 N . 21.69 12.36 -4.34
FE1 SF4 O . 12.12 7.47 -9.53
FE2 SF4 O . 11.95 5.80 -7.36
FE3 SF4 O . 11.82 8.52 -7.03
FE4 SF4 O . 14.19 7.34 -7.75
S1 SF4 O . 13.04 7.05 -5.79
S2 SF4 O . 13.27 9.22 -8.65
S3 SF4 O . 13.44 5.66 -9.08
S4 SF4 O . 10.34 7.21 -8.16
FE1 SF4 P . 8.12 -2.04 -2.07
FE2 SF4 P . 6.12 -3.74 -1.34
FE3 SF4 P . 7.59 -2.45 0.58
FE4 SF4 P . 8.74 -4.44 -0.91
S1 SF4 P . 7.00 -4.66 0.55
S2 SF4 P . 9.64 -2.41 -0.40
S3 SF4 P . 7.71 -4.11 -2.92
S4 SF4 P . 6.21 -1.49 -0.97
FE1 F3S Q . -4.38 -2.05 -1.27
FE3 F3S Q . -2.93 -0.67 0.04
FE4 F3S Q . -4.64 0.50 -1.48
S1 F3S Q . -3.96 -2.50 0.86
S2 F3S Q . -6.35 -0.95 -1.28
S3 F3S Q . -2.88 -0.68 -2.21
S4 F3S Q . -4.02 1.24 0.54
C1 EL6 R . -24.87 14.33 -12.26
C2 EL6 R . -25.32 13.91 -10.84
C3 EL6 R . -24.86 14.93 -9.80
O31 EL6 R . -23.75 14.39 -9.15
O32 EL6 R . -24.76 13.69 -7.30
C31 EL6 R . -24.07 13.40 -8.21
C32 EL6 R . -23.53 11.98 -8.39
C33 EL6 R . -23.59 11.21 -7.07
C34 EL6 R . -24.93 10.50 -6.93
C35 EL6 R . -24.79 9.42 -5.85
C36 EL6 R . -26.15 9.10 -5.25
C37 EL6 R . -25.98 7.85 -4.40
C38 EL6 R . -27.04 7.79 -3.31
C39 EL6 R . -26.85 6.52 -2.50
C3A EL6 R . -27.41 5.32 -3.27
C3B EL6 R . -28.94 5.36 -3.19
C3C EL6 R . -29.51 4.07 -3.78
O21 EL6 R . -26.71 13.72 -10.78
O22 EL6 R . -26.80 11.55 -11.37
C21 EL6 R . -27.11 12.39 -10.60
C22 EL6 R . -27.97 11.98 -9.41
C23 EL6 R . -28.01 10.45 -9.36
C24 EL6 R . -28.99 9.98 -8.29
C25 EL6 R . -28.86 8.48 -8.13
C26 EL6 R . -29.99 7.94 -7.25
C27 EL6 R . -29.83 6.43 -7.14
C28 EL6 R . -31.16 5.79 -6.73
P23 JLQ S . -24.43 -26.97 35.22
C01 JLQ S . -7.67 -33.48 25.10
C02 JLQ S . -8.53 -33.56 26.36
C03 JLQ S . -9.59 -32.46 26.44
C04 JLQ S . -9.06 -31.15 27.04
C05 JLQ S . -10.07 -30.02 26.91
C06 JLQ S . -9.57 -28.72 27.54
C07 JLQ S . -10.48 -27.52 27.27
C08 JLQ S . -11.84 -27.64 27.96
C09 JLQ S . -12.53 -26.29 28.11
C10 JLQ S . -13.88 -26.44 28.83
C11 JLQ S . -14.39 -25.12 29.41
C12 JLQ S . -15.56 -25.31 30.35
C13 JLQ S . -15.84 -24.07 31.20
C14 JLQ S . -16.80 -24.31 32.37
C15 JLQ S . -18.27 -24.17 31.98
C16 JLQ S . -19.17 -24.55 33.15
O17 JLQ S . -19.11 -23.96 34.18
O18 JLQ S . -20.09 -25.59 32.99
C19 JLQ S . -21.41 -25.21 33.16
C20 JLQ S . -22.30 -26.12 32.31
C21 JLQ S . -23.76 -26.32 32.74
O22 JLQ S . -23.77 -27.29 33.74
O24 JLQ S . -23.96 -25.71 35.77
O25 JLQ S . -25.86 -26.71 35.10
O26 JLQ S . -24.14 -28.22 36.25
C27 JLQ S . -23.78 -29.46 35.71
C28 JLQ S . -23.85 -30.49 36.82
N29 JLQ S . -25.23 -30.70 37.23
O30 JLQ S . -21.71 -27.09 31.45
C31 JLQ S . -21.18 -26.59 30.26
O32 JLQ S . -20.12 -26.97 29.90
C33 JLQ S . -21.96 -25.59 29.40
C34 JLQ S . -21.54 -24.15 29.68
C35 JLQ S . -20.94 -23.40 28.50
C36 JLQ S . -19.56 -23.89 28.07
C37 JLQ S . -18.52 -22.78 28.17
C38 JLQ S . -17.14 -23.21 27.64
C39 JLQ S . -16.92 -22.91 26.16
C40 JLQ S . -15.45 -22.79 25.78
C41 JLQ S . -15.25 -22.01 24.48
C42 JLQ S . -13.81 -21.57 24.23
C43 JLQ S . -12.98 -22.63 23.52
C44 JLQ S . -11.61 -22.13 23.07
C45 JLQ S . -11.12 -22.80 21.79
FE HEC T . 2.38 23.91 -54.71
CHA HEC T . 3.07 26.27 -56.99
CHB HEC T . 5.50 22.62 -55.14
CHC HEC T . 1.69 21.46 -52.48
CHD HEC T . -0.73 25.16 -54.23
NA HEC T . 3.89 24.32 -55.80
C1A HEC T . 4.03 25.38 -56.69
C2A HEC T . 5.35 25.41 -57.27
C3A HEC T . 6.03 24.39 -56.75
C4A HEC T . 5.15 23.71 -55.84
CMA HEC T . 7.49 24.02 -57.06
CAA HEC T . 5.86 26.45 -58.28
CBA HEC T . 6.54 27.60 -57.54
CGA HEC T . 7.00 28.64 -58.53
O1A HEC T . 7.65 29.62 -58.10
O2A HEC T . 6.71 28.48 -59.74
NB HEC T . 3.31 22.38 -54.06
C1B HEC T . 4.66 22.06 -54.24
C2B HEC T . 5.09 21.02 -53.32
C3B HEC T . 4.03 20.71 -52.59
C4B HEC T . 2.93 21.51 -53.04
CMB HEC T . 6.50 20.43 -53.24
CAB HEC T . 3.94 19.67 -51.45
CBB HEC T . 4.72 20.15 -50.22
NC HEC T . 0.89 23.46 -53.60
C1C HEC T . 0.73 22.36 -52.77
C2C HEC T . -0.54 22.39 -52.09
C3C HEC T . -1.27 23.27 -52.74
C4C HEC T . -0.37 24.04 -53.57
CMC HEC T . -1.11 21.17 -51.32
CAC HEC T . -2.76 23.60 -52.47
CBC HEC T . -2.91 24.25 -51.08
ND HEC T . 1.41 25.40 -55.41
C1D HEC T . 0.07 25.74 -55.15
C2D HEC T . -0.39 26.81 -56.01
C3D HEC T . 0.80 27.15 -56.87
C4D HEC T . 1.84 26.25 -56.43
CMD HEC T . -1.80 27.44 -56.03
CAD HEC T . 0.91 28.22 -57.98
CBD HEC T . 1.00 29.60 -57.36
CGD HEC T . 0.99 30.64 -58.46
O1D HEC T . 1.20 31.84 -58.15
O2D HEC T . 0.77 30.26 -59.64
C1 EL6 U . -24.05 7.66 -11.78
C2 EL6 U . -25.28 6.98 -11.21
C3 EL6 U . -25.14 6.88 -9.68
O31 EL6 U . -26.04 5.93 -9.21
O32 EL6 U . -24.68 5.73 -7.43
C31 EL6 U . -25.60 5.30 -8.04
C32 EL6 U . -26.31 4.03 -7.58
C33 EL6 U . -25.33 3.23 -6.73
C34 EL6 U . -26.12 2.36 -5.77
C35 EL6 U . -27.25 1.67 -6.51
C36 EL6 U . -27.87 0.66 -5.56
C37 EL6 U . -26.85 -0.44 -5.28
C38 EL6 U . -27.31 -1.26 -4.08
C39 EL6 U . -27.14 -0.42 -2.82
O21 EL6 U . -26.44 7.71 -11.52
O22 EL6 U . -26.78 6.50 -13.38
C21 EL6 U . -27.26 7.09 -12.46
C22 EL6 U . -28.79 7.18 -12.35
C23 EL6 U . -29.29 5.91 -11.66
C24 EL6 U . -30.47 5.32 -12.42
C25 EL6 U . -31.16 4.26 -11.58
C26 EL6 U . -30.14 3.23 -11.10
C27 EL6 U . -30.62 2.57 -9.80
C28 EL6 U . -31.98 1.93 -10.01
C29 EL6 U . -32.34 1.10 -8.77
C2A EL6 U . -31.16 0.19 -8.44
C2B EL6 U . -31.57 -0.85 -7.40
C2C EL6 U . -30.46 -1.88 -7.25
P22 JL3 V . -27.17 -34.04 28.49
C01 JL3 V . -16.96 -22.73 21.85
C02 JL3 V . -16.39 -23.37 20.60
C03 JL3 V . -15.95 -24.77 20.16
C04 JL3 V . -16.78 -25.93 20.72
C05 JL3 V . -16.03 -27.25 20.65
C06 JL3 V . -16.82 -28.44 21.20
C07 JL3 V . -17.91 -28.94 20.24
C08 JL3 V . -19.33 -28.74 20.78
C09 JL3 V . -20.39 -29.40 19.93
C10 JL3 V . -20.51 -30.91 20.10
C11 JL3 V . -21.67 -31.34 20.98
C12 JL3 V . -21.73 -32.85 21.18
C13 JL3 V . -23.14 -33.43 21.24
C14 JL3 V . -23.88 -33.15 22.55
C15 JL3 V . -23.27 -33.82 23.77
O16 JL3 V . -23.05 -34.99 23.76
O17 JL3 V . -22.97 -33.06 24.90
C18 JL3 V . -24.09 -32.79 25.68
C19 JL3 V . -23.66 -32.93 27.14
C20 JL3 V . -24.63 -33.81 27.93
O21 JL3 V . -25.87 -33.16 28.01
O23 JL3 V . -26.79 -35.13 29.37
O24 JL3 V . -27.75 -34.77 27.37
O25 JL3 V . -28.27 -33.05 29.21
C26 JL3 V . -27.91 -32.40 30.40
C27 JL3 V . -28.93 -31.29 30.64
N28 JL3 V . -30.27 -31.79 30.44
O29 JL3 V . -23.63 -31.65 27.70
C30 JL3 V . -22.37 -31.29 28.19
O31 JL3 V . -22.11 -31.46 29.33
C32 JL3 V . -21.33 -30.70 27.23
C33 JL3 V . -20.22 -31.71 26.93
C34 JL3 V . -18.81 -31.15 27.09
C35 JL3 V . -18.34 -30.30 25.92
C36 JL3 V . -16.86 -30.55 25.59
C37 JL3 V . -16.20 -29.45 24.75
C38 JL3 V . -14.94 -28.92 25.39
C39 JL3 V . -14.24 -27.85 24.54
C40 JL3 V . -12.72 -27.97 24.63
C41 JL3 V . -12.00 -26.85 23.89
C42 JL3 V . -10.51 -27.13 23.77
C43 JL3 V . -9.74 -25.93 23.22
C44 JL3 V . -8.25 -26.23 23.05
C45 JL3 V . -7.47 -25.04 22.49
C10 JM9 W . -21.87 -28.26 10.26
C11 JM9 W . -22.90 -29.00 11.11
C12 JM9 W . -23.56 -30.15 10.38
C13 JM9 W . -24.56 -30.93 11.26
C14 JM9 W . -25.48 -31.83 10.43
C15 JM9 W . -26.64 -32.39 11.25
C01 JM9 W . -11.42 -26.60 8.42
C02 JM9 W . -12.89 -26.47 8.00
C03 JM9 W . -13.84 -27.05 9.05
C04 JM9 W . -15.21 -27.42 8.46
C05 JM9 W . -16.19 -27.79 9.56
C06 JM9 W . -17.19 -28.83 9.12
C07 JM9 W . -18.12 -29.27 10.23
C08 JM9 W . -19.34 -28.37 10.41
C09 JM9 W . -20.61 -29.07 9.96
O16 JM9 W . -27.58 -31.70 11.46
O17 JM9 W . -26.52 -33.72 11.73
C18 JM9 W . -27.50 -34.28 12.56
C19 JM9 W . -26.83 -34.53 13.92
O20 JM9 W . -25.55 -33.96 13.86
C21 JM9 W . -25.32 -32.71 14.50
O22 JM9 W . -26.12 -31.83 14.44
C23 JM9 W . -24.01 -32.49 15.27
C24 JM9 W . -23.47 -31.03 15.19
C25 JM9 W . -22.00 -30.92 15.67
C26 JM9 W . -21.39 -29.53 15.39
C27 JM9 W . -19.99 -29.59 14.77
C28 JM9 W . -19.20 -28.31 15.03
C29 JM9 W . -17.99 -28.14 14.13
C30 JM9 W . -16.71 -27.87 14.91
C31 JM9 W . -15.49 -27.64 14.01
C32 JM9 W . -15.52 -26.32 13.25
C33 JM9 W . -14.12 -25.79 12.90
C34 JM9 W . -14.07 -24.37 12.33
C35 JM9 W . -15.13 -24.07 11.28
C36 JM9 W . -12.67 -24.05 11.79
C37 JM9 W . -27.97 -35.58 11.84
O38 JM9 W . -28.82 -35.22 10.80
C39 JM9 W . -28.58 -35.90 9.60
O40 JM9 W . -28.87 -37.05 9.51
C41 JM9 W . -27.99 -35.18 8.39
C42 JM9 W . -28.16 -33.66 8.47
C43 JM9 W . -27.67 -32.94 7.18
C44 JM9 W . -26.27 -32.32 7.35
C45 JM9 W . -25.82 -31.57 6.09
C46 JM9 W . -24.86 -30.44 6.38
C47 JM9 W . -24.44 -29.72 5.12
C48 JM9 W . -23.03 -30.07 4.67
C49 JM9 W . -21.95 -29.24 5.35
C50 JM9 W . -21.41 -28.13 4.46
C51 JM9 W . -20.23 -27.42 5.11
C52 JM9 W . -19.72 -26.21 4.36
C53 JM9 W . -19.47 -26.47 2.86
C54 JM9 W . -18.45 -25.68 5.03
#